data_8ESI
#
_entry.id   8ESI
#
_cell.length_a   93.072
_cell.length_b   166.801
_cell.length_c   103.077
_cell.angle_alpha   90.000
_cell.angle_beta   116.600
_cell.angle_gamma   90.000
#
_symmetry.space_group_name_H-M   'P 1 21 1'
#
loop_
_entity.id
_entity.type
_entity.pdbx_description
1 polymer 'Conjugated bile acid hydrolase'
2 non-polymer '(1R,3aS,3bR,5aR,7R,9aS,9bS,11aR)-1-[(2R)-6-fluoro-5-oxohexan-2-yl]-9a,11a-dimethylhexadecahydro-1H-cyclopenta[a]phenanthren-7-yl hydrogen sulfate (non-preferred name)'
3 water water
#
_entity_poly.entity_id   1
_entity_poly.type   'polypeptide(L)'
_entity_poly.pdbx_seq_one_letter_code
;MCTGVRFSDDEGNTYFGRNLDWSFSYGETILVTPRGYHYDTVFGAGGKAKPNAVIGVGVVMADRPMYFDCANEHGLAIAG
LNFPGYASFVHEPVEGTENVATFEFPLWVARNFDSVDEVEETLRNVTLVSQIVPGQQESLLHWFIGDGKRSIVVEQMADG
MHVHHDDVDVLTNQPTFDFHMENLRNYMCVSNEMAEPTSWGKASLTAWGAGVGMHGIPGDVSSPSRFVRVAYTNAHYPQQ
NDEAANVSRLFHTLGSVQMVDGMAKMGDGQFERTLFTSGYSSKTNTYYMNTYDDPAIRSYAMADYDMDSSELISVAR
;
_entity_poly.pdbx_strand_id   A,B,C,D,E,F,G,H
#
loop_
_chem_comp.id
_chem_comp.type
_chem_comp.name
_chem_comp.formula
WSR non-polymer '(1R,3aS,3bR,5aR,7R,9aS,9bS,11aR)-1-[(2R)-6-fluoro-5-oxohexan-2-yl]-9a,11a-dimethylhexadecahydro-1H-cyclopenta[a]phenanthren-7-yl hydrogen sulfate (non-preferred name)' 'C25 H41 F O5 S'
#
# COMPACT_ATOMS: atom_id res chain seq x y z
N CYS A 2 10.43 -17.00 30.97
CA CYS A 2 11.62 -16.22 30.68
C CYS A 2 11.68 -15.86 29.20
N THR A 3 12.58 -14.93 28.87
CA THR A 3 12.70 -14.42 27.52
C THR A 3 14.15 -14.10 27.23
N GLY A 4 14.67 -14.63 26.11
CA GLY A 4 16.00 -14.30 25.64
C GLY A 4 15.92 -13.35 24.46
N VAL A 5 16.97 -12.53 24.31
CA VAL A 5 16.98 -11.47 23.31
C VAL A 5 18.42 -11.24 22.86
N ARG A 6 18.62 -11.13 21.55
CA ARG A 6 19.92 -10.80 20.98
C ARG A 6 19.75 -9.78 19.88
N PHE A 7 20.72 -8.87 19.77
CA PHE A 7 20.80 -7.94 18.65
C PHE A 7 22.22 -7.39 18.61
N SER A 8 22.49 -6.55 17.61
CA SER A 8 23.83 -6.03 17.38
C SER A 8 23.72 -4.57 16.99
N ASP A 9 24.88 -3.95 16.75
CA ASP A 9 24.96 -2.57 16.29
C ASP A 9 25.60 -2.54 14.91
N ASP A 10 25.95 -1.33 14.46
CA ASP A 10 26.58 -1.17 13.15
C ASP A 10 27.98 -1.76 13.11
N GLU A 11 28.67 -1.86 14.25
CA GLU A 11 30.02 -2.38 14.31
C GLU A 11 30.08 -3.87 14.59
N GLY A 12 28.93 -4.53 14.72
CA GLY A 12 28.91 -5.97 14.91
C GLY A 12 29.11 -6.44 16.33
N ASN A 13 28.93 -5.56 17.31
CA ASN A 13 29.06 -5.94 18.71
C ASN A 13 27.88 -6.82 19.15
N THR A 14 28.08 -7.54 20.24
CA THR A 14 27.05 -8.40 20.80
C THR A 14 26.26 -7.65 21.87
N TYR A 15 24.94 -7.74 21.78
CA TYR A 15 24.05 -7.29 22.86
C TYR A 15 23.06 -8.41 23.14
N PHE A 16 23.12 -8.94 24.36
CA PHE A 16 22.47 -10.19 24.73
C PHE A 16 21.92 -10.04 26.14
N GLY A 17 20.72 -10.54 26.36
CA GLY A 17 20.12 -10.44 27.68
C GLY A 17 18.96 -11.40 27.84
N ARG A 18 18.44 -11.46 29.07
CA ARG A 18 17.30 -12.31 29.35
C ARG A 18 16.57 -11.79 30.58
N ASN A 19 15.27 -12.07 30.63
CA ASN A 19 14.47 -11.91 31.83
C ASN A 19 14.42 -13.22 32.60
N LEU A 20 14.38 -13.12 33.91
CA LEU A 20 14.17 -14.29 34.76
C LEU A 20 12.79 -14.18 35.40
N ASP A 21 11.88 -15.05 34.97
CA ASP A 21 10.52 -15.09 35.48
C ASP A 21 10.35 -16.33 36.35
N TRP A 22 10.04 -16.13 37.62
CA TRP A 22 9.87 -17.22 38.56
C TRP A 22 9.09 -16.71 39.76
N SER A 23 8.74 -17.64 40.65
CA SER A 23 8.01 -17.31 41.86
C SER A 23 8.92 -17.06 43.06
N PHE A 24 10.21 -17.38 42.94
CA PHE A 24 11.15 -17.18 44.04
C PHE A 24 12.56 -17.15 43.45
N SER A 25 13.52 -16.73 44.26
CA SER A 25 14.91 -16.64 43.85
C SER A 25 15.71 -17.79 44.44
N TYR A 26 16.83 -18.11 43.79
CA TYR A 26 17.75 -19.15 44.24
C TYR A 26 18.99 -18.58 44.91
N GLY A 27 19.03 -17.27 45.14
CA GLY A 27 20.21 -16.64 45.69
C GLY A 27 21.30 -16.34 44.68
N GLU A 28 21.01 -16.45 43.39
CA GLU A 28 22.00 -16.25 42.34
C GLU A 28 22.56 -14.84 42.39
N THR A 29 23.80 -14.69 41.92
CA THR A 29 24.51 -13.43 41.94
C THR A 29 25.34 -13.29 40.68
N ILE A 30 25.92 -12.11 40.50
CA ILE A 30 26.96 -11.94 39.49
C ILE A 30 28.12 -12.86 39.86
N LEU A 31 28.62 -13.58 38.85
CA LEU A 31 29.59 -14.65 39.07
C LEU A 31 30.68 -14.57 38.02
N VAL A 32 31.92 -14.34 38.45
CA VAL A 32 33.05 -14.23 37.55
C VAL A 32 33.85 -15.52 37.60
N THR A 33 34.09 -16.12 36.43
CA THR A 33 34.95 -17.30 36.34
C THR A 33 36.22 -16.93 35.59
N PRO A 34 37.33 -16.72 36.28
CA PRO A 34 38.57 -16.30 35.61
C PRO A 34 39.23 -17.45 34.86
N ARG A 35 40.19 -17.06 34.00
CA ARG A 35 40.85 -18.04 33.13
C ARG A 35 41.65 -19.06 33.93
N GLY A 36 42.35 -18.61 34.98
CA GLY A 36 43.16 -19.51 35.79
C GLY A 36 42.36 -20.51 36.60
N TYR A 37 41.04 -20.34 36.71
CA TYR A 37 40.21 -21.29 37.42
C TYR A 37 40.26 -22.65 36.72
N HIS A 38 40.47 -23.70 37.49
CA HIS A 38 40.56 -25.05 36.95
C HIS A 38 39.19 -25.72 37.05
N TYR A 39 38.73 -26.29 35.95
CA TYR A 39 37.44 -26.98 35.91
C TYR A 39 37.63 -28.35 35.29
N ASP A 40 37.21 -29.39 36.02
CA ASP A 40 37.20 -30.75 35.52
C ASP A 40 35.79 -31.10 35.10
N THR A 41 35.56 -31.17 33.79
CA THR A 41 34.23 -31.46 33.28
C THR A 41 33.73 -32.81 33.79
N VAL A 42 32.43 -32.89 34.05
CA VAL A 42 31.88 -34.06 34.73
C VAL A 42 32.15 -35.34 33.94
N PHE A 43 31.95 -35.31 32.63
CA PHE A 43 32.07 -36.49 31.79
C PHE A 43 33.27 -36.42 30.84
N GLY A 44 34.31 -35.69 31.24
CA GLY A 44 35.53 -35.65 30.46
C GLY A 44 35.43 -34.92 29.14
N ALA A 45 34.51 -33.95 29.03
CA ALA A 45 34.42 -33.15 27.82
C ALA A 45 35.64 -32.24 27.70
N GLY A 46 36.31 -32.30 26.55
CA GLY A 46 37.50 -31.51 26.35
C GLY A 46 37.20 -30.04 26.15
N GLY A 47 38.27 -29.24 26.16
CA GLY A 47 38.13 -27.81 26.00
C GLY A 47 39.47 -27.16 25.71
N LYS A 48 39.44 -25.84 25.60
CA LYS A 48 40.64 -25.07 25.30
C LYS A 48 41.70 -25.26 26.38
N ALA A 49 42.96 -25.13 25.97
CA ALA A 49 44.05 -25.11 26.95
C ALA A 49 44.04 -23.81 27.73
N LYS A 50 43.89 -22.68 27.03
CA LYS A 50 43.73 -21.38 27.66
C LYS A 50 42.26 -20.99 27.60
N PRO A 51 41.48 -21.22 28.64
CA PRO A 51 40.04 -20.94 28.57
C PRO A 51 39.74 -19.46 28.53
N ASN A 52 38.57 -19.14 28.00
CA ASN A 52 38.11 -17.75 27.96
C ASN A 52 37.61 -17.32 29.33
N ALA A 53 37.74 -16.02 29.61
CA ALA A 53 37.15 -15.46 30.82
C ALA A 53 35.64 -15.40 30.68
N VAL A 54 34.94 -15.73 31.77
CA VAL A 54 33.49 -15.84 31.77
C VAL A 54 32.91 -15.01 32.90
N ILE A 55 31.77 -14.37 32.63
CA ILE A 55 31.02 -13.63 33.63
C ILE A 55 29.53 -13.84 33.35
N GLY A 56 28.73 -13.82 34.42
CA GLY A 56 27.30 -14.00 34.27
C GLY A 56 26.61 -14.04 35.61
N VAL A 57 25.35 -14.48 35.58
CA VAL A 57 24.53 -14.64 36.78
C VAL A 57 24.31 -16.13 37.00
N GLY A 58 24.57 -16.59 38.22
CA GLY A 58 24.38 -17.99 38.54
C GLY A 58 24.63 -18.26 40.00
N VAL A 59 24.74 -19.55 40.33
CA VAL A 59 25.00 -20.01 41.69
C VAL A 59 26.21 -20.93 41.67
N VAL A 60 26.80 -21.13 42.85
CA VAL A 60 27.95 -22.00 43.04
C VAL A 60 27.50 -23.21 43.83
N MET A 61 27.65 -24.40 43.23
CA MET A 61 27.30 -25.66 43.88
C MET A 61 28.45 -26.63 43.71
N ALA A 62 28.98 -27.13 44.82
CA ALA A 62 30.12 -28.06 44.83
C ALA A 62 31.34 -27.44 44.14
N ASP A 63 31.58 -26.16 44.43
CA ASP A 63 32.68 -25.38 43.85
C ASP A 63 32.61 -25.32 42.33
N ARG A 64 31.43 -25.56 41.74
CA ARG A 64 31.25 -25.42 40.31
C ARG A 64 30.38 -24.21 40.01
N PRO A 65 30.73 -23.39 39.02
CA PRO A 65 29.87 -22.27 38.66
C PRO A 65 28.74 -22.74 37.75
N MET A 66 27.51 -22.62 38.23
CA MET A 66 26.32 -23.07 37.50
C MET A 66 25.53 -21.84 37.08
N TYR A 67 25.79 -21.38 35.86
CA TYR A 67 25.26 -20.12 35.38
C TYR A 67 23.82 -20.26 34.90
N PHE A 68 23.01 -19.24 35.20
CA PHE A 68 21.73 -19.07 34.52
C PHE A 68 21.95 -18.52 33.12
N ASP A 69 22.95 -17.67 32.97
CA ASP A 69 23.32 -17.04 31.71
C ASP A 69 24.72 -16.46 31.88
N CYS A 70 25.54 -16.58 30.84
CA CYS A 70 26.91 -16.09 30.94
C CYS A 70 27.44 -15.74 29.55
N ALA A 71 28.55 -15.00 29.53
CA ALA A 71 29.19 -14.59 28.30
C ALA A 71 30.69 -14.55 28.51
N ASN A 72 31.44 -14.71 27.42
CA ASN A 72 32.89 -14.70 27.49
C ASN A 72 33.45 -13.41 26.91
N GLU A 73 34.78 -13.28 26.95
CA GLU A 73 35.46 -12.05 26.54
C GLU A 73 35.45 -11.84 25.04
N HIS A 74 35.12 -12.85 24.25
CA HIS A 74 35.11 -12.73 22.79
C HIS A 74 33.74 -12.39 22.22
N GLY A 75 32.74 -12.17 23.06
CA GLY A 75 31.43 -11.76 22.61
C GLY A 75 30.40 -12.85 22.46
N LEU A 76 30.67 -14.06 22.95
CA LEU A 76 29.75 -15.19 22.86
C LEU A 76 28.99 -15.32 24.17
N ALA A 77 27.65 -15.38 24.07
CA ALA A 77 26.80 -15.47 25.25
C ALA A 77 25.87 -16.66 25.12
N ILE A 78 25.27 -17.03 26.25
CA ILE A 78 24.38 -18.19 26.31
C ILE A 78 23.49 -18.03 27.54
N ALA A 79 22.23 -18.46 27.41
CA ALA A 79 21.29 -18.47 28.51
C ALA A 79 20.50 -19.76 28.50
N GLY A 80 20.04 -20.17 29.67
CA GLY A 80 19.23 -21.37 29.82
C GLY A 80 17.82 -21.00 30.27
N LEU A 81 16.83 -21.52 29.54
CA LEU A 81 15.43 -21.20 29.78
C LEU A 81 14.66 -22.50 29.98
N ASN A 82 13.60 -22.43 30.78
CA ASN A 82 12.88 -23.63 31.17
C ASN A 82 12.19 -24.28 29.97
N PHE A 83 12.20 -25.62 29.94
CA PHE A 83 11.61 -26.36 28.84
C PHE A 83 11.02 -27.71 29.28
N PRO A 84 10.29 -27.79 30.40
CA PRO A 84 9.73 -29.09 30.78
C PRO A 84 8.59 -29.49 29.85
N GLY A 85 8.38 -30.79 29.74
CA GLY A 85 7.40 -31.33 28.81
C GLY A 85 7.90 -31.49 27.39
N TYR A 86 9.12 -31.06 27.09
CA TYR A 86 9.70 -31.20 25.76
C TYR A 86 11.17 -31.58 25.88
N ALA A 87 11.86 -30.98 26.83
CA ALA A 87 13.26 -31.32 27.07
C ALA A 87 13.37 -32.77 27.55
N SER A 88 14.27 -33.53 26.94
CA SER A 88 14.49 -34.92 27.31
C SER A 88 15.95 -35.27 27.05
N PHE A 89 16.65 -35.73 28.09
CA PHE A 89 18.07 -36.02 28.00
C PHE A 89 18.35 -37.47 28.39
N VAL A 90 19.45 -38.00 27.87
CA VAL A 90 19.95 -39.28 28.39
C VAL A 90 20.60 -39.06 29.75
N HIS A 91 20.72 -40.15 30.51
CA HIS A 91 21.32 -40.11 31.84
C HIS A 91 22.66 -40.85 31.89
N GLU A 92 23.25 -41.14 30.74
CA GLU A 92 24.51 -41.86 30.66
C GLU A 92 25.35 -41.28 29.54
N PRO A 93 26.67 -41.27 29.70
CA PRO A 93 27.54 -40.77 28.62
C PRO A 93 27.53 -41.71 27.43
N VAL A 94 27.99 -41.18 26.29
CA VAL A 94 28.01 -41.90 25.03
C VAL A 94 29.44 -41.90 24.50
N GLU A 95 30.00 -43.09 24.31
CA GLU A 95 31.37 -43.20 23.81
C GLU A 95 31.49 -42.59 22.41
N GLY A 96 32.56 -41.84 22.20
CA GLY A 96 32.84 -41.22 20.93
C GLY A 96 32.44 -39.75 20.84
N THR A 97 31.59 -39.28 21.76
CA THR A 97 31.10 -37.91 21.75
C THR A 97 31.69 -37.12 22.90
N GLU A 98 31.44 -35.82 22.88
CA GLU A 98 31.77 -34.93 24.00
C GLU A 98 30.56 -34.91 24.93
N ASN A 99 30.64 -35.65 26.04
CA ASN A 99 29.54 -35.74 26.99
C ASN A 99 29.61 -34.55 27.93
N VAL A 100 28.61 -33.67 27.87
CA VAL A 100 28.54 -32.47 28.68
C VAL A 100 27.30 -32.55 29.55
N ALA A 101 27.47 -32.34 30.86
CA ALA A 101 26.33 -32.31 31.75
C ALA A 101 25.50 -31.04 31.54
N THR A 102 24.22 -31.13 31.85
CA THR A 102 23.31 -30.02 31.56
C THR A 102 23.66 -28.78 32.36
N PHE A 103 24.01 -28.94 33.64
CA PHE A 103 24.30 -27.78 34.48
C PHE A 103 25.61 -27.11 34.12
N GLU A 104 26.53 -27.81 33.44
CA GLU A 104 27.80 -27.23 33.03
C GLU A 104 27.80 -26.81 31.56
N PHE A 105 26.67 -26.95 30.86
CA PHE A 105 26.62 -26.56 29.45
C PHE A 105 26.92 -25.08 29.23
N PRO A 106 26.32 -24.13 29.96
CA PRO A 106 26.65 -22.71 29.70
C PRO A 106 28.12 -22.39 29.94
N LEU A 107 28.68 -22.86 31.05
CA LEU A 107 30.10 -22.58 31.32
C LEU A 107 30.99 -23.24 30.27
N TRP A 108 30.65 -24.47 29.87
CA TRP A 108 31.45 -25.17 28.87
C TRP A 108 31.46 -24.42 27.53
N VAL A 109 30.31 -23.90 27.13
CA VAL A 109 30.22 -23.17 25.86
C VAL A 109 31.03 -21.87 25.94
N ALA A 110 30.91 -21.14 27.05
CA ALA A 110 31.54 -19.83 27.14
C ALA A 110 33.06 -19.95 27.31
N ARG A 111 33.52 -20.97 28.04
CA ARG A 111 34.95 -21.11 28.28
C ARG A 111 35.73 -21.61 27.07
N ASN A 112 35.08 -22.30 26.14
CA ASN A 112 35.81 -23.05 25.13
C ASN A 112 35.59 -22.58 23.69
N PHE A 113 34.59 -21.76 23.43
CA PHE A 113 34.26 -21.37 22.06
C PHE A 113 34.20 -19.86 21.93
N ASP A 114 34.48 -19.37 20.72
CA ASP A 114 34.61 -17.94 20.47
C ASP A 114 33.53 -17.40 19.55
N SER A 115 32.64 -18.25 19.03
CA SER A 115 31.63 -17.80 18.09
C SER A 115 30.50 -18.81 18.04
N VAL A 116 29.34 -18.35 17.55
CA VAL A 116 28.21 -19.26 17.35
C VAL A 116 28.57 -20.31 16.29
N ASP A 117 29.30 -19.89 15.25
CA ASP A 117 29.76 -20.82 14.21
C ASP A 117 30.50 -22.01 14.81
N GLU A 118 31.35 -21.76 15.81
CA GLU A 118 32.13 -22.84 16.40
C GLU A 118 31.26 -23.76 17.25
N VAL A 119 30.32 -23.17 18.01
CA VAL A 119 29.44 -23.99 18.84
C VAL A 119 28.55 -24.86 17.98
N GLU A 120 28.12 -24.35 16.82
CA GLU A 120 27.29 -25.13 15.91
C GLU A 120 28.05 -26.36 15.40
N GLU A 121 29.31 -26.18 15.02
CA GLU A 121 30.09 -27.29 14.50
C GLU A 121 30.37 -28.34 15.57
N THR A 122 30.67 -27.91 16.79
CA THR A 122 30.98 -28.84 17.86
C THR A 122 29.74 -29.59 18.34
N LEU A 123 28.59 -28.93 18.34
CA LEU A 123 27.36 -29.56 18.85
C LEU A 123 26.97 -30.81 18.06
N ARG A 124 27.54 -31.00 16.87
CA ARG A 124 27.25 -32.20 16.09
C ARG A 124 27.76 -33.47 16.77
N ASN A 125 28.79 -33.37 17.62
CA ASN A 125 29.34 -34.50 18.34
C ASN A 125 29.29 -34.27 19.85
N VAL A 126 28.18 -33.72 20.33
CA VAL A 126 27.99 -33.43 21.75
C VAL A 126 26.78 -34.22 22.24
N THR A 127 26.90 -34.80 23.43
CA THR A 127 25.80 -35.47 24.10
C THR A 127 25.46 -34.69 25.37
N LEU A 128 24.21 -34.24 25.48
CA LEU A 128 23.75 -33.53 26.67
C LEU A 128 23.28 -34.58 27.68
N VAL A 129 24.05 -34.77 28.73
CA VAL A 129 23.76 -35.77 29.77
C VAL A 129 23.18 -35.05 30.98
N SER A 130 22.02 -35.52 31.44
CA SER A 130 21.35 -34.95 32.60
C SER A 130 21.69 -35.79 33.82
N GLN A 131 22.54 -35.25 34.69
CA GLN A 131 22.94 -35.91 35.92
C GLN A 131 22.07 -35.39 37.06
N ILE A 132 21.19 -36.25 37.58
CA ILE A 132 20.20 -35.85 38.56
C ILE A 132 20.72 -36.16 39.96
N VAL A 133 20.29 -35.32 40.92
CA VAL A 133 20.57 -35.53 42.33
C VAL A 133 19.31 -36.10 42.97
N PRO A 134 19.38 -36.79 44.11
CA PRO A 134 18.16 -37.40 44.67
C PRO A 134 17.21 -36.37 45.26
N GLY A 135 17.71 -35.28 45.83
CA GLY A 135 16.85 -34.29 46.44
C GLY A 135 16.10 -33.43 45.44
N GLN A 136 16.83 -32.63 44.68
CA GLN A 136 16.21 -31.71 43.73
C GLN A 136 15.68 -32.45 42.51
N GLN A 137 14.73 -31.82 41.84
CA GLN A 137 14.22 -32.34 40.57
C GLN A 137 15.18 -32.00 39.44
N GLU A 138 15.14 -32.81 38.39
CA GLU A 138 16.07 -32.62 37.28
C GLU A 138 15.66 -31.41 36.45
N SER A 139 16.66 -30.64 36.02
CA SER A 139 16.41 -29.41 35.27
C SER A 139 16.20 -29.76 33.79
N LEU A 140 15.11 -29.26 33.22
CA LEU A 140 14.74 -29.51 31.84
C LEU A 140 14.71 -28.17 31.11
N LEU A 141 15.78 -27.84 30.41
CA LEU A 141 15.94 -26.54 29.79
C LEU A 141 16.26 -26.66 28.31
N HIS A 142 16.15 -25.54 27.61
CA HIS A 142 16.75 -25.34 26.30
C HIS A 142 17.58 -24.05 26.38
N TRP A 143 18.43 -23.84 25.38
CA TRP A 143 19.45 -22.81 25.48
C TRP A 143 19.39 -21.83 24.30
N PHE A 144 19.74 -20.59 24.60
CA PHE A 144 19.74 -19.48 23.65
C PHE A 144 21.17 -18.96 23.56
N ILE A 145 21.81 -19.17 22.42
CA ILE A 145 23.23 -18.85 22.23
C ILE A 145 23.34 -17.80 21.14
N GLY A 146 24.01 -16.69 21.46
CA GLY A 146 24.17 -15.61 20.51
C GLY A 146 25.56 -14.99 20.58
N ASP A 147 25.91 -14.29 19.51
CA ASP A 147 27.15 -13.53 19.45
C ASP A 147 26.86 -12.26 18.65
N GLY A 148 27.91 -11.68 18.06
CA GLY A 148 27.75 -10.45 17.31
C GLY A 148 27.13 -10.59 15.94
N LYS A 149 26.89 -11.82 15.49
CA LYS A 149 26.38 -12.09 14.15
C LYS A 149 24.98 -12.64 14.15
N ARG A 150 24.70 -13.67 14.95
CA ARG A 150 23.43 -14.38 14.89
C ARG A 150 23.25 -15.14 16.20
N SER A 151 22.15 -15.88 16.29
CA SER A 151 21.86 -16.70 17.46
C SER A 151 21.31 -18.05 17.02
N ILE A 152 21.40 -19.02 17.93
CA ILE A 152 20.85 -20.36 17.70
C ILE A 152 20.13 -20.82 18.94
N VAL A 153 19.30 -21.85 18.75
CA VAL A 153 18.49 -22.43 19.82
C VAL A 153 18.83 -23.91 19.90
N VAL A 154 19.12 -24.40 21.11
CA VAL A 154 19.51 -25.79 21.32
C VAL A 154 18.39 -26.45 22.11
N GLU A 155 17.66 -27.35 21.46
CA GLU A 155 16.52 -28.02 22.08
C GLU A 155 16.77 -29.53 22.02
N GLN A 156 17.24 -30.09 23.13
CA GLN A 156 17.47 -31.53 23.23
C GLN A 156 16.17 -32.23 23.61
N MET A 157 15.68 -33.08 22.73
CA MET A 157 14.40 -33.76 22.92
C MET A 157 14.58 -35.26 22.77
N ALA A 158 13.49 -36.00 22.97
CA ALA A 158 13.58 -37.46 22.98
C ALA A 158 14.02 -38.01 21.63
N ASP A 159 13.67 -37.34 20.54
CA ASP A 159 14.02 -37.79 19.19
C ASP A 159 15.33 -37.22 18.70
N GLY A 160 16.13 -36.61 19.58
CA GLY A 160 17.43 -36.10 19.22
C GLY A 160 17.60 -34.65 19.62
N MET A 161 18.71 -34.07 19.17
CA MET A 161 19.07 -32.70 19.49
C MET A 161 18.82 -31.81 18.28
N HIS A 162 18.05 -30.75 18.46
CA HIS A 162 17.71 -29.82 17.39
C HIS A 162 18.43 -28.49 17.63
N VAL A 163 19.15 -28.03 16.62
CA VAL A 163 19.84 -26.75 16.65
C VAL A 163 19.23 -25.88 15.57
N HIS A 164 18.41 -24.91 15.97
CA HIS A 164 17.71 -24.04 15.04
C HIS A 164 18.47 -22.72 14.87
N HIS A 165 18.51 -22.23 13.64
CA HIS A 165 18.94 -20.86 13.39
C HIS A 165 17.83 -19.92 13.81
N ASP A 166 18.13 -19.05 14.78
CA ASP A 166 17.13 -18.14 15.35
C ASP A 166 17.11 -16.87 14.52
N ASP A 167 16.20 -16.82 13.55
CA ASP A 167 16.11 -15.67 12.66
C ASP A 167 15.52 -14.45 13.35
N VAL A 168 14.71 -14.64 14.40
CA VAL A 168 14.17 -13.51 15.16
C VAL A 168 15.02 -13.14 16.36
N ASP A 169 16.10 -13.89 16.65
CA ASP A 169 17.05 -13.54 17.71
C ASP A 169 16.37 -13.44 19.06
N VAL A 170 15.47 -14.38 19.35
CA VAL A 170 14.58 -14.29 20.50
C VAL A 170 14.18 -15.71 20.93
N LEU A 171 14.04 -15.91 22.24
CA LEU A 171 13.58 -17.20 22.74
C LEU A 171 12.77 -17.00 24.01
N THR A 172 11.76 -17.86 24.20
CA THR A 172 11.02 -17.92 25.47
C THR A 172 10.99 -19.36 25.97
N ASN A 173 9.79 -19.87 26.24
CA ASN A 173 9.66 -21.23 26.77
C ASN A 173 8.94 -22.16 25.81
N GLN A 174 8.06 -23.01 26.32
CA GLN A 174 7.35 -23.99 25.51
C GLN A 174 6.39 -23.31 24.54
N PRO A 175 6.03 -23.99 23.44
CA PRO A 175 6.45 -25.33 22.99
C PRO A 175 7.74 -25.28 22.17
N THR A 176 7.87 -26.09 21.12
CA THR A 176 9.11 -26.17 20.37
C THR A 176 9.33 -24.90 19.55
N PHE A 177 10.58 -24.70 19.13
CA PHE A 177 10.93 -23.47 18.44
C PHE A 177 10.24 -23.36 17.09
N ASP A 178 10.03 -24.48 16.40
CA ASP A 178 9.35 -24.41 15.11
C ASP A 178 7.88 -24.05 15.26
N PHE A 179 7.27 -24.36 16.39
CA PHE A 179 5.91 -23.87 16.65
C PHE A 179 5.89 -22.36 16.69
N HIS A 180 6.85 -21.74 17.39
CA HIS A 180 6.86 -20.30 17.53
C HIS A 180 7.09 -19.62 16.19
N MET A 181 7.97 -20.19 15.35
CA MET A 181 8.23 -19.58 14.05
C MET A 181 7.03 -19.73 13.12
N GLU A 182 6.32 -20.86 13.20
CA GLU A 182 5.07 -20.97 12.47
C GLU A 182 4.05 -19.98 13.01
N ASN A 183 3.96 -19.84 14.34
CA ASN A 183 2.96 -18.99 14.95
C ASN A 183 3.11 -17.54 14.54
N LEU A 184 4.36 -17.08 14.33
CA LEU A 184 4.58 -15.69 13.93
C LEU A 184 3.86 -15.34 12.64
N ARG A 185 3.63 -16.32 11.76
CA ARG A 185 2.98 -16.05 10.49
C ARG A 185 1.55 -15.56 10.67
N ASN A 186 0.91 -15.87 11.80
CA ASN A 186 -0.42 -15.34 12.09
C ASN A 186 -0.41 -13.83 12.16
N TYR A 187 0.72 -13.23 12.55
CA TYR A 187 0.83 -11.81 12.84
C TYR A 187 1.62 -11.06 11.79
N MET A 188 1.89 -11.68 10.63
CA MET A 188 2.76 -11.08 9.63
C MET A 188 2.22 -9.77 9.06
N CYS A 189 0.96 -9.43 9.34
CA CYS A 189 0.34 -8.22 8.80
C CYS A 189 0.39 -7.04 9.76
N VAL A 190 0.82 -7.23 11.01
CA VAL A 190 0.95 -6.09 11.91
C VAL A 190 2.05 -5.16 11.41
N SER A 191 1.98 -3.90 11.84
CA SER A 191 2.90 -2.89 11.36
C SER A 191 3.12 -1.83 12.42
N ASN A 192 4.32 -1.28 12.46
CA ASN A 192 4.61 -0.13 13.30
C ASN A 192 4.32 1.19 12.59
N GLU A 193 3.82 1.14 11.36
CA GLU A 193 3.44 2.34 10.64
C GLU A 193 2.09 2.85 11.13
N MET A 194 1.89 4.16 11.03
CA MET A 194 0.58 4.73 11.30
C MET A 194 -0.46 4.07 10.40
N ALA A 195 -1.54 3.58 11.00
CA ALA A 195 -2.58 2.92 10.24
C ALA A 195 -3.14 3.87 9.19
N GLU A 196 -3.23 3.39 7.96
CA GLU A 196 -3.66 4.22 6.86
C GLU A 196 -5.19 4.30 6.81
N PRO A 197 -5.76 5.50 6.63
CA PRO A 197 -7.22 5.62 6.53
C PRO A 197 -7.76 4.78 5.38
N THR A 198 -8.83 4.04 5.67
CA THR A 198 -9.46 3.15 4.70
C THR A 198 -10.97 3.30 4.83
N SER A 199 -11.71 2.41 4.17
CA SER A 199 -13.16 2.47 4.20
C SER A 199 -13.75 1.08 4.10
N TRP A 200 -14.74 0.80 4.94
CA TRP A 200 -15.59 -0.38 4.80
C TRP A 200 -16.92 0.10 4.26
N GLY A 201 -17.13 -0.07 2.95
CA GLY A 201 -18.32 0.46 2.33
C GLY A 201 -18.31 1.97 2.35
N LYS A 202 -19.37 2.56 2.90
CA LYS A 202 -19.49 4.01 3.01
C LYS A 202 -18.93 4.55 4.32
N ALA A 203 -18.38 3.69 5.18
CA ALA A 203 -17.86 4.10 6.48
C ALA A 203 -16.36 4.34 6.40
N SER A 204 -15.93 5.52 6.88
CA SER A 204 -14.53 5.91 6.85
C SER A 204 -13.88 5.58 8.19
N LEU A 205 -12.85 4.75 8.16
CA LEU A 205 -12.14 4.32 9.37
C LEU A 205 -10.79 5.02 9.45
N THR A 206 -10.52 5.62 10.61
CA THR A 206 -9.22 6.23 10.90
C THR A 206 -8.76 5.77 12.28
N ALA A 207 -7.46 5.92 12.51
CA ALA A 207 -6.87 5.56 13.79
C ALA A 207 -6.98 6.72 14.77
N TRP A 208 -7.26 6.39 16.03
CA TRP A 208 -7.25 7.42 17.08
C TRP A 208 -5.87 8.06 17.20
N GLY A 209 -4.82 7.27 17.02
CA GLY A 209 -3.46 7.73 17.13
C GLY A 209 -2.48 6.62 16.80
N ALA A 210 -1.34 6.59 17.48
CA ALA A 210 -0.34 5.58 17.23
C ALA A 210 -0.77 4.24 17.82
N GLY A 211 -0.31 3.16 17.21
CA GLY A 211 -0.47 1.82 17.75
C GLY A 211 -1.58 1.00 17.15
N VAL A 212 -2.44 1.58 16.31
CA VAL A 212 -3.52 0.79 15.73
C VAL A 212 -2.97 -0.22 14.72
N GLY A 213 -1.92 0.16 13.98
CA GLY A 213 -1.27 -0.80 13.10
C GLY A 213 -0.71 -2.01 13.82
N MET A 214 -0.39 -1.87 15.10
CA MET A 214 0.13 -2.97 15.91
C MET A 214 -0.96 -3.90 16.43
N HIS A 215 -2.23 -3.60 16.15
CA HIS A 215 -3.32 -4.39 16.70
C HIS A 215 -3.28 -5.82 16.18
N GLY A 216 -3.31 -6.77 17.11
CA GLY A 216 -3.17 -8.17 16.78
C GLY A 216 -2.17 -8.86 17.68
N ILE A 217 -1.14 -8.13 18.08
CA ILE A 217 -0.11 -8.70 18.97
C ILE A 217 -0.75 -9.06 20.31
N PRO A 218 -0.54 -10.27 20.83
CA PRO A 218 -1.16 -10.63 22.10
C PRO A 218 -0.48 -9.95 23.28
N GLY A 219 -1.23 -9.78 24.35
CA GLY A 219 -0.72 -9.05 25.51
C GLY A 219 -0.62 -9.87 26.78
N ASP A 220 -0.87 -11.17 26.70
CA ASP A 220 -0.73 -12.00 27.88
C ASP A 220 0.73 -12.42 28.05
N VAL A 221 1.02 -13.00 29.22
CA VAL A 221 2.39 -13.36 29.58
C VAL A 221 2.68 -14.83 29.35
N SER A 222 1.82 -15.53 28.62
CA SER A 222 2.12 -16.91 28.26
C SER A 222 3.38 -16.97 27.40
N SER A 223 4.01 -18.14 27.37
CA SER A 223 5.23 -18.31 26.59
C SER A 223 5.02 -18.05 25.10
N PRO A 224 3.98 -18.57 24.43
CA PRO A 224 3.81 -18.24 23.01
C PRO A 224 3.52 -16.77 22.76
N SER A 225 2.68 -16.15 23.58
CA SER A 225 2.38 -14.73 23.38
C SER A 225 3.61 -13.87 23.62
N ARG A 226 4.41 -14.22 24.63
CA ARG A 226 5.63 -13.47 24.89
C ARG A 226 6.60 -13.60 23.72
N PHE A 227 6.68 -14.78 23.10
CA PHE A 227 7.52 -14.95 21.92
C PHE A 227 7.12 -13.98 20.81
N VAL A 228 5.82 -13.92 20.50
CA VAL A 228 5.37 -13.06 19.40
C VAL A 228 5.65 -11.59 19.72
N ARG A 229 5.38 -11.18 20.96
CA ARG A 229 5.47 -9.77 21.31
C ARG A 229 6.91 -9.29 21.38
N VAL A 230 7.83 -10.12 21.88
CA VAL A 230 9.22 -9.66 21.96
C VAL A 230 9.92 -9.82 20.62
N ALA A 231 9.54 -10.83 19.82
CA ALA A 231 10.09 -10.92 18.47
C ALA A 231 9.69 -9.71 17.64
N TYR A 232 8.44 -9.26 17.80
CA TYR A 232 8.00 -8.05 17.13
C TYR A 232 8.84 -6.85 17.59
N THR A 233 8.98 -6.68 18.91
CA THR A 233 9.69 -5.53 19.46
C THR A 233 11.17 -5.55 19.09
N ASN A 234 11.80 -6.73 19.15
CA ASN A 234 13.20 -6.84 18.79
C ASN A 234 13.43 -6.54 17.31
N ALA A 235 12.45 -6.85 16.45
CA ALA A 235 12.62 -6.71 15.01
C ALA A 235 12.41 -5.28 14.52
N HIS A 236 11.67 -4.45 15.25
CA HIS A 236 11.34 -3.11 14.80
C HIS A 236 12.08 -2.01 15.54
N TYR A 237 12.87 -2.36 16.56
CA TYR A 237 13.66 -1.35 17.26
C TYR A 237 14.69 -0.76 16.31
N PRO A 238 14.74 0.56 16.15
CA PRO A 238 15.76 1.15 15.28
C PRO A 238 17.16 0.90 15.84
N GLN A 239 18.10 0.63 14.94
CA GLN A 239 19.46 0.32 15.36
C GLN A 239 20.11 1.52 16.02
N GLN A 240 20.93 1.26 17.04
CA GLN A 240 21.67 2.28 17.76
C GLN A 240 23.16 2.02 17.61
N ASN A 241 23.95 3.08 17.81
CA ASN A 241 25.39 3.02 17.57
C ASN A 241 26.17 3.60 18.74
N ASP A 242 25.75 3.30 19.96
CA ASP A 242 26.55 3.63 21.13
C ASP A 242 26.11 2.73 22.29
N GLU A 243 27.02 2.58 23.25
CA GLU A 243 26.80 1.63 24.35
C GLU A 243 25.55 1.97 25.14
N ALA A 244 25.40 3.25 25.51
CA ALA A 244 24.26 3.64 26.35
C ALA A 244 22.94 3.43 25.62
N ALA A 245 22.88 3.76 24.33
CA ALA A 245 21.64 3.61 23.58
C ALA A 245 21.28 2.14 23.36
N ASN A 246 22.28 1.25 23.36
CA ASN A 246 22.00 -0.16 23.13
C ASN A 246 21.69 -0.92 24.41
N VAL A 247 22.29 -0.52 25.54
CA VAL A 247 21.86 -1.07 26.82
C VAL A 247 20.43 -0.66 27.12
N SER A 248 20.09 0.59 26.82
CA SER A 248 18.71 1.04 26.94
C SER A 248 17.78 0.20 26.07
N ARG A 249 18.20 -0.09 24.83
CA ARG A 249 17.38 -0.90 23.95
C ARG A 249 17.20 -2.31 24.50
N LEU A 250 18.28 -2.90 25.02
CA LEU A 250 18.23 -4.27 25.51
C LEU A 250 17.23 -4.42 26.65
N PHE A 251 17.22 -3.47 27.59
CA PHE A 251 16.32 -3.58 28.74
C PHE A 251 14.91 -3.14 28.41
N HIS A 252 14.74 -2.15 27.52
CA HIS A 252 13.42 -1.77 27.09
C HIS A 252 12.74 -2.88 26.29
N THR A 253 13.51 -3.57 25.44
CA THR A 253 12.95 -4.66 24.65
C THR A 253 12.51 -5.82 25.55
N LEU A 254 13.36 -6.19 26.52
CA LEU A 254 12.96 -7.23 27.45
C LEU A 254 11.82 -6.77 28.35
N GLY A 255 11.74 -5.47 28.63
CA GLY A 255 10.66 -4.95 29.43
C GLY A 255 9.30 -5.05 28.77
N SER A 256 9.27 -5.27 27.44
CA SER A 256 8.02 -5.43 26.73
C SER A 256 7.33 -6.75 27.03
N VAL A 257 8.01 -7.68 27.70
CA VAL A 257 7.40 -8.96 28.07
C VAL A 257 7.66 -9.23 29.54
N GLN A 258 7.83 -8.16 30.33
CA GLN A 258 8.00 -8.31 31.77
C GLN A 258 6.74 -8.90 32.40
N MET A 259 6.93 -9.71 33.43
CA MET A 259 5.85 -10.29 34.20
C MET A 259 5.64 -9.45 35.45
N VAL A 260 4.50 -8.77 35.53
CA VAL A 260 4.17 -7.90 36.65
C VAL A 260 3.42 -8.70 37.69
N ASP A 261 3.63 -8.34 38.96
CA ASP A 261 2.98 -9.03 40.08
C ASP A 261 1.47 -9.01 39.91
N GLY A 262 0.86 -10.20 40.01
CA GLY A 262 -0.57 -10.34 39.91
C GLY A 262 -1.09 -10.76 38.56
N MET A 263 -0.24 -10.78 37.52
CA MET A 263 -0.74 -11.09 36.19
C MET A 263 -1.10 -12.56 36.03
N ALA A 264 -0.32 -13.46 36.63
CA ALA A 264 -0.51 -14.89 36.38
C ALA A 264 0.11 -15.70 37.51
N LYS A 265 -0.67 -16.64 38.04
CA LYS A 265 -0.17 -17.61 39.01
C LYS A 265 0.38 -18.83 38.29
N MET A 266 1.39 -19.45 38.91
CA MET A 266 1.92 -20.69 38.39
C MET A 266 1.22 -21.87 39.08
N GLY A 267 1.78 -23.07 38.93
CA GLY A 267 1.08 -24.27 39.37
C GLY A 267 0.85 -24.34 40.86
N ASP A 268 1.72 -23.74 41.66
CA ASP A 268 1.67 -23.84 43.11
C ASP A 268 0.97 -22.66 43.77
N GLY A 269 0.31 -21.80 43.00
CA GLY A 269 -0.50 -20.74 43.57
C GLY A 269 0.19 -19.41 43.76
N GLN A 270 1.47 -19.31 43.44
CA GLN A 270 2.20 -18.06 43.58
C GLN A 270 2.28 -17.34 42.25
N PHE A 271 2.37 -16.01 42.30
CA PHE A 271 2.53 -15.22 41.10
C PHE A 271 3.96 -15.30 40.60
N GLU A 272 4.12 -15.37 39.28
CA GLU A 272 5.43 -15.33 38.64
C GLU A 272 5.73 -13.91 38.17
N ARG A 273 6.98 -13.50 38.35
CA ARG A 273 7.38 -12.13 38.09
C ARG A 273 8.79 -12.10 37.51
N THR A 274 9.10 -11.04 36.77
CA THR A 274 10.46 -10.80 36.32
C THR A 274 11.33 -10.39 37.51
N LEU A 275 12.00 -11.37 38.12
CA LEU A 275 12.78 -11.09 39.32
C LEU A 275 14.01 -10.24 38.99
N PHE A 276 14.76 -10.62 37.96
CA PHE A 276 15.85 -9.78 37.50
C PHE A 276 15.92 -9.82 35.98
N THR A 277 16.58 -8.80 35.42
CA THR A 277 16.87 -8.72 33.99
C THR A 277 18.38 -8.47 33.85
N SER A 278 19.08 -9.43 33.27
CA SER A 278 20.52 -9.31 33.06
C SER A 278 20.82 -9.13 31.58
N GLY A 279 21.95 -8.46 31.30
CA GLY A 279 22.37 -8.21 29.94
C GLY A 279 23.88 -8.30 29.80
N TYR A 280 24.33 -8.23 28.55
CA TYR A 280 25.76 -8.31 28.24
C TYR A 280 26.06 -7.48 27.00
N SER A 281 27.23 -6.86 26.99
CA SER A 281 27.69 -6.07 25.85
C SER A 281 29.12 -6.48 25.51
N SER A 282 29.35 -6.90 24.27
CA SER A 282 30.68 -7.27 23.82
C SER A 282 31.57 -6.05 23.55
N LYS A 283 30.98 -4.89 23.28
CA LYS A 283 31.76 -3.70 23.00
C LYS A 283 32.61 -3.29 24.20
N THR A 284 32.11 -3.53 25.41
CA THR A 284 32.82 -3.17 26.63
C THR A 284 33.07 -4.36 27.54
N ASN A 285 32.66 -5.56 27.14
CA ASN A 285 32.79 -6.77 27.96
C ASN A 285 32.26 -6.52 29.36
N THR A 286 30.98 -6.13 29.42
CA THR A 286 30.35 -5.72 30.66
C THR A 286 29.01 -6.40 30.81
N TYR A 287 28.73 -6.89 32.02
CA TYR A 287 27.43 -7.47 32.36
C TYR A 287 26.59 -6.42 33.05
N TYR A 288 25.29 -6.43 32.76
CA TYR A 288 24.35 -5.50 33.37
C TYR A 288 23.23 -6.28 34.04
N MET A 289 22.55 -5.62 34.97
CA MET A 289 21.52 -6.28 35.77
C MET A 289 20.69 -5.28 36.56
N ASN A 290 19.37 -5.41 36.49
CA ASN A 290 18.47 -4.77 37.44
C ASN A 290 17.52 -5.84 37.98
N THR A 291 16.63 -5.43 38.89
CA THR A 291 15.73 -6.37 39.55
C THR A 291 14.32 -5.79 39.59
N TYR A 292 13.38 -6.64 40.00
CA TYR A 292 12.00 -6.17 40.18
C TYR A 292 11.91 -5.06 41.19
N ASP A 293 12.80 -5.04 42.19
CA ASP A 293 12.73 -4.07 43.27
C ASP A 293 13.52 -2.80 42.99
N ASP A 294 14.56 -2.88 42.16
CA ASP A 294 15.41 -1.74 41.86
C ASP A 294 15.63 -1.67 40.35
N PRO A 295 14.90 -0.80 39.64
CA PRO A 295 15.05 -0.73 38.18
C PRO A 295 16.36 -0.11 37.73
N ALA A 296 17.17 0.41 38.65
CA ALA A 296 18.48 0.94 38.27
C ALA A 296 19.35 -0.17 37.71
N ILE A 297 20.04 0.12 36.61
CA ILE A 297 20.82 -0.87 35.90
C ILE A 297 22.25 -0.85 36.44
N ARG A 298 22.63 -1.91 37.15
CA ARG A 298 23.98 -2.04 37.67
C ARG A 298 24.90 -2.67 36.63
N SER A 299 26.14 -2.18 36.56
CA SER A 299 27.11 -2.64 35.59
C SER A 299 28.24 -3.38 36.29
N TYR A 300 28.74 -4.43 35.62
CA TYR A 300 29.84 -5.25 36.15
C TYR A 300 30.79 -5.50 34.98
N ALA A 301 31.85 -4.69 34.90
CA ALA A 301 32.79 -4.78 33.80
C ALA A 301 33.81 -5.88 34.02
N MET A 302 34.13 -6.60 32.94
CA MET A 302 35.09 -7.69 33.03
C MET A 302 36.48 -7.19 33.45
N ALA A 303 36.82 -5.96 33.08
CA ALA A 303 38.12 -5.38 33.38
C ALA A 303 38.26 -4.96 34.85
N ASP A 304 37.25 -5.19 35.67
CA ASP A 304 37.30 -4.86 37.09
C ASP A 304 37.52 -6.09 37.96
N TYR A 305 37.95 -7.20 37.36
CA TYR A 305 38.18 -8.43 38.10
C TYR A 305 39.46 -9.08 37.58
N ASP A 306 40.17 -9.76 38.48
CA ASP A 306 41.40 -10.44 38.11
C ASP A 306 41.11 -11.65 37.25
N MET A 307 41.12 -11.46 35.92
CA MET A 307 40.80 -12.54 35.00
C MET A 307 41.91 -13.58 34.89
N ASP A 308 43.07 -13.32 35.49
CA ASP A 308 44.14 -14.30 35.54
C ASP A 308 44.14 -15.10 36.84
N SER A 309 43.31 -14.73 37.81
CA SER A 309 43.23 -15.46 39.08
C SER A 309 42.63 -16.84 38.84
N SER A 310 42.52 -17.62 39.92
CA SER A 310 42.16 -19.03 39.82
C SER A 310 40.97 -19.42 40.69
N GLU A 311 40.21 -18.45 41.20
CA GLU A 311 39.07 -18.77 42.05
C GLU A 311 37.87 -17.93 41.64
N LEU A 312 36.68 -18.50 41.82
CA LEU A 312 35.45 -17.83 41.43
C LEU A 312 35.25 -16.58 42.27
N ILE A 313 34.85 -15.49 41.60
CA ILE A 313 34.54 -14.22 42.24
C ILE A 313 33.03 -14.01 42.16
N SER A 314 32.42 -13.62 43.28
CA SER A 314 30.98 -13.44 43.35
C SER A 314 30.66 -12.11 44.03
N VAL A 315 29.56 -11.51 43.58
CA VAL A 315 29.12 -10.20 44.07
C VAL A 315 27.84 -10.41 44.86
N ALA A 316 27.91 -10.22 46.17
CA ALA A 316 26.78 -10.52 47.05
C ALA A 316 25.60 -9.60 46.76
N ARG A 317 24.41 -10.20 46.68
CA ARG A 317 23.16 -9.47 46.46
C ARG A 317 23.24 -8.50 45.27
N CYS B 2 -9.91 -25.78 3.31
CA CYS B 2 -10.86 -26.88 3.48
C CYS B 2 -10.86 -27.36 4.91
N THR B 3 -11.92 -28.05 5.29
CA THR B 3 -12.12 -28.47 6.66
C THR B 3 -12.80 -29.82 6.67
N GLY B 4 -12.30 -30.74 7.48
CA GLY B 4 -12.93 -32.04 7.69
C GLY B 4 -13.48 -32.13 9.10
N VAL B 5 -14.63 -32.77 9.24
CA VAL B 5 -15.31 -32.89 10.53
C VAL B 5 -15.88 -34.30 10.65
N ARG B 6 -15.75 -34.88 11.84
CA ARG B 6 -16.29 -36.20 12.13
C ARG B 6 -16.85 -36.21 13.53
N PHE B 7 -17.93 -36.96 13.72
CA PHE B 7 -18.49 -37.20 15.05
C PHE B 7 -19.41 -38.42 14.94
N SER B 8 -19.94 -38.84 16.08
CA SER B 8 -20.80 -40.02 16.14
C SER B 8 -22.06 -39.69 16.94
N ASP B 9 -22.99 -40.65 16.94
CA ASP B 9 -24.22 -40.56 17.71
C ASP B 9 -24.13 -41.50 18.90
N ASP B 10 -25.27 -41.74 19.56
CA ASP B 10 -25.30 -42.68 20.67
C ASP B 10 -25.12 -44.12 20.20
N GLU B 11 -25.54 -44.42 18.97
CA GLU B 11 -25.49 -45.78 18.44
C GLU B 11 -24.17 -46.12 17.76
N GLY B 12 -23.20 -45.19 17.75
CA GLY B 12 -21.91 -45.47 17.15
C GLY B 12 -21.85 -45.31 15.64
N ASN B 13 -22.73 -44.52 15.05
CA ASN B 13 -22.77 -44.34 13.61
C ASN B 13 -21.82 -43.23 13.18
N THR B 14 -21.25 -43.40 11.98
CA THR B 14 -20.32 -42.43 11.43
C THR B 14 -21.05 -41.21 10.88
N TYR B 15 -20.52 -40.03 11.19
CA TYR B 15 -20.96 -38.78 10.58
C TYR B 15 -19.72 -38.00 10.18
N PHE B 16 -19.55 -37.80 8.87
CA PHE B 16 -18.31 -37.35 8.26
C PHE B 16 -18.64 -36.36 7.18
N GLY B 17 -17.80 -35.33 7.03
CA GLY B 17 -18.05 -34.33 6.01
C GLY B 17 -16.86 -33.42 5.82
N ARG B 18 -16.95 -32.59 4.79
CA ARG B 18 -15.89 -31.63 4.51
C ARG B 18 -16.45 -30.43 3.75
N ASN B 19 -15.84 -29.27 3.99
CA ASN B 19 -15.99 -28.12 3.11
C ASN B 19 -14.91 -28.21 2.04
N LEU B 20 -15.26 -27.85 0.81
CA LEU B 20 -14.27 -27.64 -0.23
C LEU B 20 -14.22 -26.14 -0.51
N ASP B 21 -13.09 -25.52 -0.15
CA ASP B 21 -12.89 -24.08 -0.30
C ASP B 21 -11.83 -23.87 -1.37
N TRP B 22 -12.24 -23.34 -2.53
CA TRP B 22 -11.34 -23.11 -3.64
C TRP B 22 -11.83 -21.88 -4.40
N SER B 23 -11.12 -21.53 -5.46
CA SER B 23 -11.51 -20.39 -6.29
C SER B 23 -12.22 -20.81 -7.57
N PHE B 24 -12.18 -22.10 -7.94
CA PHE B 24 -12.86 -22.59 -9.12
C PHE B 24 -13.20 -24.06 -8.91
N SER B 25 -14.04 -24.59 -9.79
CA SER B 25 -14.49 -25.97 -9.72
C SER B 25 -13.77 -26.81 -10.77
N TYR B 26 -13.52 -28.08 -10.41
CA TYR B 26 -12.95 -29.05 -11.34
C TYR B 26 -14.00 -29.88 -12.04
N GLY B 27 -15.28 -29.51 -11.93
CA GLY B 27 -16.35 -30.34 -12.46
C GLY B 27 -16.67 -31.55 -11.62
N GLU B 28 -16.24 -31.57 -10.36
CA GLU B 28 -16.50 -32.69 -9.46
C GLU B 28 -18.00 -32.93 -9.30
N THR B 29 -18.33 -34.13 -8.87
CA THR B 29 -19.70 -34.61 -8.93
C THR B 29 -19.83 -35.82 -8.01
N ILE B 30 -21.04 -36.02 -7.48
CA ILE B 30 -21.36 -37.24 -6.75
C ILE B 30 -21.02 -38.44 -7.63
N LEU B 31 -20.14 -39.30 -7.15
CA LEU B 31 -19.59 -40.38 -7.96
C LEU B 31 -19.76 -41.70 -7.22
N VAL B 32 -20.34 -42.70 -7.90
CA VAL B 32 -20.61 -44.00 -7.32
C VAL B 32 -19.68 -45.02 -7.96
N THR B 33 -18.89 -45.71 -7.13
CA THR B 33 -18.05 -46.80 -7.59
C THR B 33 -18.66 -48.11 -7.11
N PRO B 34 -19.30 -48.88 -7.98
CA PRO B 34 -19.95 -50.11 -7.55
C PRO B 34 -18.94 -51.25 -7.37
N ARG B 35 -19.40 -52.29 -6.66
CA ARG B 35 -18.53 -53.41 -6.34
C ARG B 35 -18.03 -54.12 -7.59
N GLY B 36 -18.84 -54.17 -8.64
CA GLY B 36 -18.46 -54.86 -9.86
C GLY B 36 -17.48 -54.11 -10.75
N TYR B 37 -17.24 -52.83 -10.47
CA TYR B 37 -16.27 -52.07 -11.26
C TYR B 37 -14.86 -52.58 -10.98
N HIS B 38 -14.15 -52.93 -12.04
CA HIS B 38 -12.80 -53.50 -11.92
C HIS B 38 -11.78 -52.37 -11.94
N TYR B 39 -10.96 -52.29 -10.89
CA TYR B 39 -9.93 -51.29 -10.78
C TYR B 39 -8.56 -51.95 -10.67
N ASP B 40 -7.59 -51.39 -11.40
CA ASP B 40 -6.20 -51.86 -11.37
C ASP B 40 -5.36 -50.80 -10.67
N THR B 41 -4.83 -51.15 -9.50
CA THR B 41 -3.98 -50.23 -8.76
C THR B 41 -2.72 -49.91 -9.57
N VAL B 42 -2.23 -48.68 -9.42
CA VAL B 42 -1.16 -48.19 -10.27
C VAL B 42 0.12 -49.01 -10.07
N PHE B 43 0.47 -49.29 -8.82
CA PHE B 43 1.70 -50.02 -8.51
C PHE B 43 1.42 -51.39 -7.91
N GLY B 44 0.24 -51.95 -8.14
CA GLY B 44 -0.03 -53.33 -7.77
C GLY B 44 -0.33 -53.57 -6.31
N ALA B 45 -0.88 -52.59 -5.61
CA ALA B 45 -1.28 -52.80 -4.22
C ALA B 45 -2.53 -53.69 -4.18
N GLY B 46 -2.53 -54.64 -3.25
CA GLY B 46 -3.64 -55.58 -3.14
C GLY B 46 -4.79 -55.03 -2.34
N GLY B 47 -5.87 -55.81 -2.34
CA GLY B 47 -7.04 -55.41 -1.58
C GLY B 47 -8.04 -56.54 -1.46
N LYS B 48 -9.30 -56.16 -1.22
CA LYS B 48 -10.37 -57.15 -1.12
C LYS B 48 -10.65 -57.77 -2.48
N ALA B 49 -10.86 -59.09 -2.48
CA ALA B 49 -11.35 -59.74 -3.69
C ALA B 49 -12.76 -59.28 -4.01
N LYS B 50 -13.59 -59.07 -2.98
CA LYS B 50 -14.92 -58.49 -3.10
C LYS B 50 -14.87 -57.08 -2.51
N PRO B 51 -14.63 -56.06 -3.31
CA PRO B 51 -14.48 -54.70 -2.76
C PRO B 51 -15.81 -54.17 -2.24
N ASN B 52 -15.70 -53.14 -1.41
CA ASN B 52 -16.88 -52.49 -0.84
C ASN B 52 -17.48 -51.51 -1.84
N ALA B 53 -18.78 -51.29 -1.72
CA ALA B 53 -19.42 -50.22 -2.47
C ALA B 53 -18.97 -48.87 -1.94
N VAL B 54 -18.71 -47.93 -2.85
CA VAL B 54 -18.14 -46.64 -2.50
C VAL B 54 -18.96 -45.53 -3.16
N ILE B 55 -19.28 -44.49 -2.39
CA ILE B 55 -19.91 -43.29 -2.90
C ILE B 55 -19.13 -42.08 -2.37
N GLY B 56 -19.08 -41.03 -3.17
CA GLY B 56 -18.35 -39.84 -2.77
C GLY B 56 -18.46 -38.76 -3.81
N VAL B 57 -17.55 -37.79 -3.72
CA VAL B 57 -17.49 -36.66 -4.63
C VAL B 57 -16.12 -36.66 -5.29
N GLY B 58 -16.10 -36.60 -6.62
CA GLY B 58 -14.84 -36.57 -7.33
C GLY B 58 -15.05 -36.45 -8.82
N VAL B 59 -14.00 -36.76 -9.58
CA VAL B 59 -14.02 -36.71 -11.03
C VAL B 59 -13.55 -38.05 -11.57
N VAL B 60 -13.78 -38.25 -12.86
CA VAL B 60 -13.32 -39.45 -13.57
C VAL B 60 -12.22 -39.01 -14.54
N MET B 61 -11.03 -39.58 -14.35
CA MET B 61 -9.88 -39.28 -15.20
C MET B 61 -9.27 -40.59 -15.66
N ALA B 62 -9.14 -40.75 -16.99
CA ALA B 62 -8.63 -41.98 -17.59
C ALA B 62 -9.40 -43.20 -17.11
N ASP B 63 -10.73 -43.06 -17.06
CA ASP B 63 -11.67 -44.09 -16.61
C ASP B 63 -11.47 -44.46 -15.15
N ARG B 64 -10.64 -43.73 -14.41
CA ARG B 64 -10.44 -44.01 -13.00
C ARG B 64 -11.18 -43.00 -12.13
N PRO B 65 -11.84 -43.43 -11.06
CA PRO B 65 -12.53 -42.49 -10.16
C PRO B 65 -11.53 -41.79 -9.24
N MET B 66 -11.48 -40.46 -9.33
CA MET B 66 -10.57 -39.62 -8.55
C MET B 66 -11.40 -38.89 -7.51
N TYR B 67 -11.41 -39.41 -6.29
CA TYR B 67 -12.31 -38.91 -5.24
C TYR B 67 -11.68 -37.76 -4.47
N PHE B 68 -12.46 -36.69 -4.27
CA PHE B 68 -12.08 -35.65 -3.32
C PHE B 68 -12.32 -36.11 -1.90
N ASP B 69 -13.37 -36.91 -1.69
CA ASP B 69 -13.76 -37.50 -0.43
C ASP B 69 -14.77 -38.59 -0.71
N CYS B 70 -14.66 -39.71 -0.02
CA CYS B 70 -15.55 -40.83 -0.27
C CYS B 70 -15.71 -41.67 0.99
N ALA B 71 -16.74 -42.52 0.98
CA ALA B 71 -17.02 -43.43 2.07
C ALA B 71 -17.49 -44.76 1.50
N ASN B 72 -17.48 -45.79 2.34
CA ASN B 72 -17.91 -47.12 1.92
C ASN B 72 -19.17 -47.53 2.69
N GLU B 73 -19.67 -48.72 2.38
CA GLU B 73 -20.88 -49.24 2.98
C GLU B 73 -20.71 -49.66 4.43
N HIS B 74 -19.50 -49.61 4.98
CA HIS B 74 -19.24 -50.07 6.33
C HIS B 74 -18.92 -48.93 7.30
N GLY B 75 -19.11 -47.69 6.89
CA GLY B 75 -18.94 -46.56 7.79
C GLY B 75 -17.58 -45.92 7.80
N LEU B 76 -16.71 -46.26 6.86
CA LEU B 76 -15.37 -45.68 6.78
C LEU B 76 -15.35 -44.60 5.70
N ALA B 77 -14.81 -43.43 6.04
CA ALA B 77 -14.77 -42.30 5.13
C ALA B 77 -13.38 -41.66 5.16
N ILE B 78 -13.06 -40.94 4.09
CA ILE B 78 -11.75 -40.32 3.94
C ILE B 78 -11.91 -39.06 3.09
N ALA B 79 -11.11 -38.05 3.40
CA ALA B 79 -11.13 -36.79 2.65
C ALA B 79 -9.69 -36.33 2.39
N GLY B 80 -9.47 -35.73 1.22
CA GLY B 80 -8.18 -35.18 0.85
C GLY B 80 -8.20 -33.65 0.93
N LEU B 81 -7.25 -33.10 1.67
CA LEU B 81 -7.15 -31.66 1.90
C LEU B 81 -5.77 -31.16 1.47
N ASN B 82 -5.74 -29.95 0.91
CA ASN B 82 -4.49 -29.41 0.38
C ASN B 82 -3.46 -29.25 1.49
N PHE B 83 -2.25 -29.72 1.22
CA PHE B 83 -1.16 -29.64 2.19
C PHE B 83 0.16 -29.20 1.55
N PRO B 84 0.18 -28.24 0.63
CA PRO B 84 1.44 -27.88 -0.03
C PRO B 84 2.39 -27.19 0.93
N GLY B 85 3.68 -27.33 0.65
CA GLY B 85 4.71 -26.83 1.53
C GLY B 85 5.03 -27.72 2.71
N TYR B 86 4.28 -28.81 2.89
CA TYR B 86 4.51 -29.72 4.00
C TYR B 86 4.43 -31.16 3.52
N ALA B 87 3.50 -31.44 2.62
CA ALA B 87 3.38 -32.77 2.04
C ALA B 87 4.56 -33.03 1.10
N SER B 88 5.13 -34.23 1.22
CA SER B 88 6.24 -34.65 0.38
C SER B 88 6.18 -36.16 0.22
N PHE B 89 6.27 -36.64 -1.02
CA PHE B 89 6.17 -38.05 -1.33
C PHE B 89 7.37 -38.47 -2.18
N VAL B 90 7.58 -39.78 -2.26
CA VAL B 90 8.53 -40.33 -3.22
C VAL B 90 7.85 -40.46 -4.58
N HIS B 91 8.66 -40.48 -5.63
CA HIS B 91 8.16 -40.55 -7.00
C HIS B 91 8.27 -41.94 -7.62
N GLU B 92 8.95 -42.87 -6.97
CA GLU B 92 9.09 -44.24 -7.44
C GLU B 92 8.60 -45.21 -6.36
N PRO B 93 8.04 -46.35 -6.75
CA PRO B 93 7.53 -47.30 -5.76
C PRO B 93 8.66 -47.93 -4.95
N VAL B 94 8.26 -48.65 -3.90
CA VAL B 94 9.18 -49.26 -2.95
C VAL B 94 8.84 -50.74 -2.85
N GLU B 95 9.82 -51.59 -3.14
CA GLU B 95 9.58 -53.03 -3.13
C GLU B 95 9.38 -53.54 -1.70
N GLY B 96 8.40 -54.43 -1.54
CA GLY B 96 8.07 -55.00 -0.26
C GLY B 96 6.95 -54.30 0.49
N THR B 97 6.50 -53.14 0.00
CA THR B 97 5.42 -52.39 0.63
C THR B 97 4.26 -52.24 -0.34
N GLU B 98 3.10 -51.89 0.21
CA GLU B 98 1.91 -51.63 -0.61
C GLU B 98 2.02 -50.21 -1.15
N ASN B 99 2.53 -50.10 -2.38
CA ASN B 99 2.70 -48.81 -3.02
C ASN B 99 1.37 -48.34 -3.59
N VAL B 100 0.90 -47.20 -3.11
CA VAL B 100 -0.38 -46.63 -3.52
C VAL B 100 -0.10 -45.23 -4.09
N ALA B 101 -0.70 -44.93 -5.24
CA ALA B 101 -0.61 -43.60 -5.78
C ALA B 101 -1.44 -42.63 -4.94
N THR B 102 -1.05 -41.35 -4.96
CA THR B 102 -1.72 -40.37 -4.12
C THR B 102 -3.17 -40.15 -4.57
N PHE B 103 -3.42 -40.10 -5.87
CA PHE B 103 -4.78 -39.88 -6.35
C PHE B 103 -5.68 -41.09 -6.11
N GLU B 104 -5.12 -42.30 -6.01
CA GLU B 104 -5.92 -43.49 -5.77
C GLU B 104 -6.04 -43.84 -4.30
N PHE B 105 -5.36 -43.11 -3.42
CA PHE B 105 -5.41 -43.39 -1.99
C PHE B 105 -6.83 -43.36 -1.43
N PRO B 106 -7.67 -42.35 -1.71
CA PRO B 106 -9.05 -42.39 -1.17
C PRO B 106 -9.85 -43.59 -1.65
N LEU B 107 -9.79 -43.90 -2.94
CA LEU B 107 -10.50 -45.07 -3.46
C LEU B 107 -9.96 -46.35 -2.85
N TRP B 108 -8.62 -46.49 -2.79
CA TRP B 108 -8.02 -47.71 -2.27
C TRP B 108 -8.37 -47.94 -0.80
N VAL B 109 -8.50 -46.86 -0.02
CA VAL B 109 -8.87 -47.02 1.38
C VAL B 109 -10.33 -47.42 1.51
N ALA B 110 -11.22 -46.76 0.75
CA ALA B 110 -12.65 -47.01 0.89
C ALA B 110 -13.04 -48.40 0.40
N ARG B 111 -12.31 -48.96 -0.57
CA ARG B 111 -12.71 -50.24 -1.14
C ARG B 111 -12.26 -51.43 -0.30
N ASN B 112 -11.12 -51.33 0.37
CA ASN B 112 -10.44 -52.49 0.93
C ASN B 112 -10.43 -52.54 2.45
N PHE B 113 -10.94 -51.53 3.14
CA PHE B 113 -10.86 -51.49 4.59
C PHE B 113 -12.18 -51.08 5.19
N ASP B 114 -12.51 -51.67 6.35
CA ASP B 114 -13.81 -51.49 6.97
C ASP B 114 -13.77 -50.66 8.25
N SER B 115 -12.59 -50.32 8.76
CA SER B 115 -12.48 -49.58 10.01
C SER B 115 -11.20 -48.76 9.99
N VAL B 116 -11.12 -47.81 10.92
CA VAL B 116 -9.91 -47.00 11.04
C VAL B 116 -8.77 -47.83 11.63
N ASP B 117 -9.09 -48.75 12.54
CA ASP B 117 -8.07 -49.66 13.06
C ASP B 117 -7.42 -50.45 11.92
N GLU B 118 -8.22 -50.87 10.93
CA GLU B 118 -7.67 -51.60 9.79
C GLU B 118 -6.75 -50.72 8.96
N VAL B 119 -7.13 -49.47 8.72
CA VAL B 119 -6.32 -48.57 7.92
C VAL B 119 -5.02 -48.24 8.63
N GLU B 120 -5.09 -47.97 9.94
CA GLU B 120 -3.89 -47.65 10.70
C GLU B 120 -2.91 -48.82 10.72
N GLU B 121 -3.44 -50.04 10.82
CA GLU B 121 -2.56 -51.22 10.86
C GLU B 121 -1.82 -51.39 9.55
N THR B 122 -2.54 -51.39 8.42
CA THR B 122 -1.90 -51.61 7.13
C THR B 122 -1.12 -50.41 6.63
N LEU B 123 -1.26 -49.25 7.26
CA LEU B 123 -0.47 -48.08 6.83
C LEU B 123 1.00 -48.22 7.24
N ARG B 124 1.33 -49.12 8.17
CA ARG B 124 2.72 -49.32 8.56
C ARG B 124 3.56 -49.95 7.46
N ASN B 125 2.96 -50.35 6.34
CA ASN B 125 3.68 -50.94 5.22
C ASN B 125 3.14 -50.39 3.90
N VAL B 126 2.76 -49.12 3.89
CA VAL B 126 2.20 -48.45 2.72
C VAL B 126 3.17 -47.38 2.26
N THR B 127 3.44 -47.32 0.96
CA THR B 127 4.26 -46.27 0.37
C THR B 127 3.36 -45.43 -0.54
N LEU B 128 3.14 -44.17 -0.15
CA LEU B 128 2.36 -43.25 -0.96
C LEU B 128 3.26 -42.65 -2.03
N VAL B 129 3.05 -43.05 -3.28
CA VAL B 129 3.85 -42.60 -4.41
C VAL B 129 3.14 -41.44 -5.10
N SER B 130 3.90 -40.40 -5.43
CA SER B 130 3.39 -39.25 -6.15
C SER B 130 3.84 -39.38 -7.61
N GLN B 131 2.91 -39.80 -8.45
CA GLN B 131 3.22 -39.99 -9.87
C GLN B 131 3.38 -38.63 -10.56
N ILE B 132 4.46 -38.49 -11.31
CA ILE B 132 4.82 -37.21 -11.93
C ILE B 132 4.13 -37.12 -13.28
N VAL B 133 3.13 -36.26 -13.37
CA VAL B 133 2.49 -35.90 -14.64
C VAL B 133 3.15 -34.62 -15.14
N PRO B 134 3.67 -34.60 -16.37
CA PRO B 134 4.46 -33.45 -16.83
C PRO B 134 3.71 -32.13 -16.89
N GLY B 135 2.59 -32.11 -17.61
CA GLY B 135 1.85 -30.87 -17.81
C GLY B 135 0.85 -30.56 -16.71
N GLN B 136 1.19 -30.87 -15.47
CA GLN B 136 0.29 -30.61 -14.34
C GLN B 136 1.10 -30.66 -13.05
N GLN B 137 0.78 -29.73 -12.13
CA GLN B 137 1.42 -29.76 -10.82
C GLN B 137 0.98 -30.99 -10.04
N GLU B 138 1.82 -31.44 -9.11
CA GLU B 138 1.50 -32.62 -8.34
C GLU B 138 0.59 -32.28 -7.18
N SER B 139 -0.40 -33.14 -6.95
CA SER B 139 -1.33 -32.96 -5.84
C SER B 139 -0.62 -33.22 -4.53
N LEU B 140 -0.62 -32.23 -3.65
CA LEU B 140 0.11 -32.29 -2.37
C LEU B 140 -0.92 -32.21 -1.24
N LEU B 141 -1.38 -33.37 -0.79
CA LEU B 141 -2.48 -33.46 0.16
C LEU B 141 -2.05 -34.18 1.44
N HIS B 142 -2.80 -33.91 2.51
CA HIS B 142 -2.90 -34.81 3.65
C HIS B 142 -4.35 -35.26 3.76
N TRP B 143 -4.59 -36.32 4.51
CA TRP B 143 -5.88 -36.99 4.50
C TRP B 143 -6.48 -37.08 5.90
N PHE B 144 -7.81 -37.05 5.94
CA PHE B 144 -8.60 -37.14 7.16
C PHE B 144 -9.49 -38.37 7.03
N ILE B 145 -9.21 -39.39 7.84
CA ILE B 145 -9.89 -40.68 7.76
C ILE B 145 -10.60 -40.92 9.09
N GLY B 146 -11.87 -41.29 9.03
CA GLY B 146 -12.65 -41.52 10.23
C GLY B 146 -13.75 -42.54 10.02
N ASP B 147 -14.13 -43.20 11.11
CA ASP B 147 -15.30 -44.07 11.09
C ASP B 147 -16.24 -43.73 12.24
N GLY B 148 -16.92 -44.74 12.79
CA GLY B 148 -17.85 -44.46 13.88
C GLY B 148 -17.20 -44.22 15.23
N LYS B 149 -15.94 -44.61 15.38
CA LYS B 149 -15.27 -44.56 16.68
C LYS B 149 -14.29 -43.41 16.80
N ARG B 150 -13.45 -43.16 15.79
CA ARG B 150 -12.40 -42.18 15.89
C ARG B 150 -11.98 -41.76 14.48
N SER B 151 -10.98 -40.88 14.41
CA SER B 151 -10.43 -40.43 13.16
C SER B 151 -8.91 -40.34 13.27
N ILE B 152 -8.24 -40.38 12.13
CA ILE B 152 -6.79 -40.23 12.07
C ILE B 152 -6.42 -39.26 10.96
N VAL B 153 -5.20 -38.74 11.05
CA VAL B 153 -4.67 -37.80 10.09
C VAL B 153 -3.40 -38.42 9.49
N VAL B 154 -3.39 -38.58 8.17
CA VAL B 154 -2.24 -39.12 7.47
C VAL B 154 -1.50 -37.96 6.83
N GLU B 155 -0.33 -37.63 7.36
CA GLU B 155 0.50 -36.54 6.86
C GLU B 155 1.84 -37.13 6.42
N GLN B 156 2.00 -37.33 5.13
CA GLN B 156 3.24 -37.83 4.54
C GLN B 156 4.14 -36.64 4.23
N MET B 157 5.31 -36.61 4.88
CA MET B 157 6.25 -35.51 4.73
C MET B 157 7.63 -36.06 4.38
N ALA B 158 8.58 -35.15 4.21
CA ALA B 158 9.92 -35.54 3.78
C ALA B 158 10.62 -36.44 4.79
N ASP B 159 10.17 -36.43 6.05
CA ASP B 159 10.81 -37.21 7.10
C ASP B 159 10.00 -38.45 7.48
N GLY B 160 9.04 -38.86 6.66
CA GLY B 160 8.30 -40.07 6.88
C GLY B 160 6.81 -39.83 6.88
N MET B 161 6.06 -40.87 7.20
CA MET B 161 4.61 -40.80 7.23
C MET B 161 4.14 -40.70 8.68
N HIS B 162 3.51 -39.57 9.01
CA HIS B 162 2.96 -39.34 10.34
C HIS B 162 1.48 -39.70 10.33
N VAL B 163 1.09 -40.62 11.21
CA VAL B 163 -0.30 -40.99 11.41
C VAL B 163 -0.69 -40.53 12.80
N HIS B 164 -1.54 -39.51 12.88
CA HIS B 164 -1.92 -38.89 14.14
C HIS B 164 -3.28 -39.40 14.58
N HIS B 165 -3.43 -39.60 15.89
CA HIS B 165 -4.74 -39.86 16.47
C HIS B 165 -5.46 -38.52 16.65
N ASP B 166 -6.54 -38.32 15.92
CA ASP B 166 -7.23 -37.03 15.86
C ASP B 166 -8.32 -37.00 16.93
N ASP B 167 -7.97 -36.48 18.10
CA ASP B 167 -8.90 -36.45 19.23
C ASP B 167 -9.93 -35.33 19.12
N VAL B 168 -9.67 -34.29 18.32
CA VAL B 168 -10.67 -33.25 18.08
C VAL B 168 -11.56 -33.58 16.88
N ASP B 169 -11.25 -34.64 16.13
CA ASP B 169 -12.09 -35.09 15.01
C ASP B 169 -12.26 -33.98 13.97
N VAL B 170 -11.14 -33.35 13.60
CA VAL B 170 -11.19 -32.12 12.82
C VAL B 170 -9.85 -31.94 12.12
N LEU B 171 -9.88 -31.38 10.92
CA LEU B 171 -8.66 -31.12 10.16
C LEU B 171 -8.90 -29.96 9.21
N THR B 172 -7.85 -29.17 8.99
CA THR B 172 -7.87 -28.14 7.96
C THR B 172 -6.66 -28.28 7.05
N ASN B 173 -5.89 -27.21 6.88
CA ASN B 173 -4.74 -27.24 5.99
C ASN B 173 -3.44 -27.05 6.76
N GLN B 174 -2.52 -26.26 6.20
CA GLN B 174 -1.22 -26.04 6.84
C GLN B 174 -1.38 -25.30 8.17
N PRO B 175 -0.41 -25.47 9.09
CA PRO B 175 0.76 -26.34 9.00
C PRO B 175 0.48 -27.73 9.58
N THR B 176 1.49 -28.35 10.20
CA THR B 176 1.38 -29.74 10.62
C THR B 176 0.31 -29.89 11.70
N PHE B 177 -0.21 -31.12 11.82
CA PHE B 177 -1.26 -31.40 12.78
C PHE B 177 -0.80 -31.11 14.21
N ASP B 178 0.47 -31.41 14.51
CA ASP B 178 0.97 -31.16 15.86
C ASP B 178 0.95 -29.68 16.21
N PHE B 179 1.19 -28.81 15.23
CA PHE B 179 1.07 -27.37 15.49
C PHE B 179 -0.36 -27.02 15.90
N HIS B 180 -1.35 -27.52 15.16
CA HIS B 180 -2.74 -27.20 15.45
C HIS B 180 -3.14 -27.68 16.84
N MET B 181 -2.70 -28.87 17.24
CA MET B 181 -3.02 -29.37 18.57
C MET B 181 -2.38 -28.53 19.66
N GLU B 182 -1.16 -28.05 19.42
CA GLU B 182 -0.52 -27.14 20.38
C GLU B 182 -1.23 -25.80 20.42
N ASN B 183 -1.75 -25.33 19.28
CA ASN B 183 -2.37 -24.01 19.22
C ASN B 183 -3.69 -23.97 19.98
N LEU B 184 -4.39 -25.10 20.09
CA LEU B 184 -5.65 -25.12 20.83
C LEU B 184 -5.44 -24.78 22.29
N ARG B 185 -4.24 -25.03 22.83
CA ARG B 185 -4.01 -24.75 24.24
C ARG B 185 -4.09 -23.26 24.55
N ASN B 186 -3.83 -22.41 23.55
CA ASN B 186 -4.01 -20.97 23.75
C ASN B 186 -5.45 -20.63 24.11
N TYR B 187 -6.41 -21.42 23.66
CA TYR B 187 -7.83 -21.12 23.80
C TYR B 187 -8.53 -22.05 24.78
N MET B 188 -7.76 -22.71 25.66
CA MET B 188 -8.35 -23.68 26.58
C MET B 188 -9.28 -23.04 27.60
N CYS B 189 -9.22 -21.72 27.78
CA CYS B 189 -10.09 -21.05 28.74
C CYS B 189 -11.41 -20.60 28.14
N VAL B 190 -11.57 -20.69 26.83
CA VAL B 190 -12.83 -20.33 26.18
C VAL B 190 -13.91 -21.31 26.60
N SER B 191 -15.12 -20.79 26.85
CA SER B 191 -16.22 -21.61 27.34
C SER B 191 -17.52 -21.18 26.67
N ASN B 192 -18.43 -22.12 26.51
CA ASN B 192 -19.76 -21.83 25.96
C ASN B 192 -20.77 -21.46 27.02
N GLU B 193 -20.35 -21.35 28.29
CA GLU B 193 -21.25 -20.97 29.36
C GLU B 193 -21.45 -19.46 29.38
N MET B 194 -22.58 -19.04 29.97
CA MET B 194 -22.81 -17.62 30.21
C MET B 194 -21.70 -17.05 31.07
N ALA B 195 -21.09 -15.97 30.60
CA ALA B 195 -19.96 -15.36 31.30
C ALA B 195 -20.38 -14.93 32.71
N GLU B 196 -19.66 -15.42 33.71
CA GLU B 196 -20.04 -15.15 35.10
C GLU B 196 -19.68 -13.71 35.46
N PRO B 197 -20.60 -12.97 36.08
CA PRO B 197 -20.26 -11.59 36.50
C PRO B 197 -19.07 -11.57 37.44
N THR B 198 -18.25 -10.54 37.30
CA THR B 198 -17.02 -10.41 38.07
C THR B 198 -16.72 -8.92 38.27
N SER B 199 -15.60 -8.65 38.93
CA SER B 199 -15.20 -7.27 39.22
C SER B 199 -13.71 -7.11 38.96
N TRP B 200 -13.35 -5.98 38.34
CA TRP B 200 -11.97 -5.53 38.23
C TRP B 200 -11.85 -4.30 39.11
N GLY B 201 -11.23 -4.46 40.28
CA GLY B 201 -11.24 -3.39 41.26
C GLY B 201 -12.66 -3.08 41.72
N LYS B 202 -13.09 -1.85 41.53
CA LYS B 202 -14.45 -1.44 41.87
C LYS B 202 -15.43 -1.58 40.72
N ALA B 203 -14.96 -1.96 39.52
CA ALA B 203 -15.80 -1.97 38.33
C ALA B 203 -16.43 -3.34 38.15
N SER B 204 -17.76 -3.38 38.20
CA SER B 204 -18.49 -4.63 37.98
C SER B 204 -18.60 -4.91 36.48
N LEU B 205 -18.27 -6.13 36.09
CA LEU B 205 -18.25 -6.54 34.68
C LEU B 205 -19.32 -7.60 34.46
N THR B 206 -20.26 -7.32 33.56
CA THR B 206 -21.28 -8.26 33.15
C THR B 206 -21.34 -8.32 31.64
N ALA B 207 -21.75 -9.48 31.12
CA ALA B 207 -21.87 -9.67 29.69
C ALA B 207 -23.16 -9.05 29.16
N TRP B 208 -23.09 -8.51 27.95
CA TRP B 208 -24.30 -8.03 27.29
C TRP B 208 -25.27 -9.19 27.04
N GLY B 209 -24.74 -10.39 26.87
CA GLY B 209 -25.56 -11.55 26.53
C GLY B 209 -24.67 -12.73 26.20
N ALA B 210 -25.18 -13.57 25.30
CA ALA B 210 -24.45 -14.79 24.95
C ALA B 210 -23.21 -14.45 24.11
N GLY B 211 -22.22 -15.33 24.20
CA GLY B 211 -21.05 -15.28 23.35
C GLY B 211 -19.80 -14.71 24.00
N VAL B 212 -19.92 -14.02 25.14
CA VAL B 212 -18.75 -13.38 25.72
C VAL B 212 -17.76 -14.40 26.25
N GLY B 213 -18.24 -15.53 26.78
CA GLY B 213 -17.34 -16.60 27.17
C GLY B 213 -16.56 -17.19 26.00
N MET B 214 -17.09 -17.07 24.78
CA MET B 214 -16.43 -17.55 23.59
C MET B 214 -15.36 -16.59 23.08
N HIS B 215 -15.28 -15.40 23.66
CA HIS B 215 -14.32 -14.39 23.20
C HIS B 215 -12.90 -14.94 23.29
N GLY B 216 -12.10 -14.65 22.26
CA GLY B 216 -10.79 -15.22 22.07
C GLY B 216 -10.69 -16.11 20.85
N ILE B 217 -11.80 -16.72 20.44
CA ILE B 217 -11.79 -17.56 19.23
C ILE B 217 -11.58 -16.66 18.00
N PRO B 218 -10.66 -17.00 17.10
CA PRO B 218 -10.47 -16.18 15.90
C PRO B 218 -11.59 -16.40 14.89
N GLY B 219 -11.78 -15.38 14.04
CA GLY B 219 -12.85 -15.41 13.06
C GLY B 219 -12.40 -15.31 11.62
N ASP B 220 -11.09 -15.28 11.40
CA ASP B 220 -10.59 -15.23 10.04
C ASP B 220 -10.63 -16.63 9.41
N VAL B 221 -10.45 -16.68 8.09
CA VAL B 221 -10.60 -17.92 7.35
C VAL B 221 -9.26 -18.56 7.00
N SER B 222 -8.18 -18.14 7.66
CA SER B 222 -6.91 -18.84 7.52
C SER B 222 -7.01 -20.25 8.08
N SER B 223 -6.10 -21.11 7.63
CA SER B 223 -6.13 -22.50 8.05
C SER B 223 -5.97 -22.70 9.55
N PRO B 224 -5.06 -22.01 10.26
CA PRO B 224 -5.00 -22.23 11.72
C PRO B 224 -6.22 -21.74 12.47
N SER B 225 -6.78 -20.59 12.08
CA SER B 225 -7.96 -20.09 12.79
C SER B 225 -9.16 -20.99 12.54
N ARG B 226 -9.30 -21.51 11.31
CA ARG B 226 -10.42 -22.41 11.03
C ARG B 226 -10.33 -23.69 11.86
N PHE B 227 -9.11 -24.17 12.11
CA PHE B 227 -8.94 -25.36 12.94
C PHE B 227 -9.47 -25.12 14.36
N VAL B 228 -9.14 -23.96 14.95
CA VAL B 228 -9.57 -23.66 16.30
C VAL B 228 -11.09 -23.50 16.35
N ARG B 229 -11.65 -22.70 15.42
CA ARG B 229 -13.08 -22.43 15.45
C ARG B 229 -13.91 -23.69 15.24
N VAL B 230 -13.49 -24.56 14.32
CA VAL B 230 -14.27 -25.76 14.04
C VAL B 230 -14.03 -26.83 15.10
N ALA B 231 -12.83 -26.87 15.70
CA ALA B 231 -12.62 -27.80 16.81
C ALA B 231 -13.42 -27.38 18.04
N TYR B 232 -13.57 -26.07 18.26
CA TYR B 232 -14.43 -25.60 19.33
C TYR B 232 -15.89 -25.99 19.08
N THR B 233 -16.36 -25.79 17.85
CA THR B 233 -17.78 -26.03 17.56
C THR B 233 -18.10 -27.52 17.58
N ASN B 234 -17.21 -28.35 17.03
CA ASN B 234 -17.45 -29.79 17.03
C ASN B 234 -17.47 -30.36 18.44
N ALA B 235 -16.59 -29.85 19.32
CA ALA B 235 -16.49 -30.39 20.67
C ALA B 235 -17.64 -29.93 21.55
N HIS B 236 -18.20 -28.75 21.30
CA HIS B 236 -19.25 -28.19 22.13
C HIS B 236 -20.65 -28.40 21.58
N TYR B 237 -20.78 -29.05 20.42
CA TYR B 237 -22.10 -29.29 19.85
C TYR B 237 -22.80 -30.41 20.62
N PRO B 238 -24.02 -30.21 21.09
CA PRO B 238 -24.71 -31.27 21.83
C PRO B 238 -24.98 -32.49 20.96
N GLN B 239 -24.81 -33.67 21.57
CA GLN B 239 -25.01 -34.92 20.85
C GLN B 239 -26.45 -35.06 20.39
N GLN B 240 -26.63 -35.60 19.18
CA GLN B 240 -27.93 -35.71 18.56
C GLN B 240 -28.35 -37.16 18.38
N ASN B 241 -29.66 -37.37 18.22
CA ASN B 241 -30.27 -38.69 18.31
C ASN B 241 -30.71 -39.26 16.97
N ASP B 242 -31.10 -38.43 16.01
CA ASP B 242 -31.68 -38.91 14.77
C ASP B 242 -30.84 -38.48 13.57
N GLU B 243 -31.19 -39.02 12.42
CA GLU B 243 -30.45 -38.74 11.19
C GLU B 243 -30.58 -37.28 10.78
N ALA B 244 -31.79 -36.73 10.85
CA ALA B 244 -31.99 -35.34 10.42
C ALA B 244 -31.23 -34.38 11.32
N ALA B 245 -31.25 -34.61 12.63
CA ALA B 245 -30.54 -33.71 13.55
C ALA B 245 -29.03 -33.85 13.39
N ASN B 246 -28.55 -35.07 13.15
CA ASN B 246 -27.11 -35.26 13.00
C ASN B 246 -26.61 -34.70 11.68
N VAL B 247 -27.38 -34.88 10.60
CA VAL B 247 -26.99 -34.30 9.32
C VAL B 247 -27.01 -32.78 9.40
N SER B 248 -27.98 -32.22 10.13
CA SER B 248 -28.02 -30.77 10.31
C SER B 248 -26.91 -30.29 11.24
N ARG B 249 -26.50 -31.11 12.21
CA ARG B 249 -25.35 -30.77 13.02
C ARG B 249 -24.08 -30.74 12.18
N LEU B 250 -23.90 -31.72 11.30
CA LEU B 250 -22.68 -31.81 10.51
C LEU B 250 -22.52 -30.61 9.58
N PHE B 251 -23.60 -30.22 8.90
CA PHE B 251 -23.51 -29.09 7.99
C PHE B 251 -23.38 -27.77 8.73
N HIS B 252 -24.02 -27.64 9.90
CA HIS B 252 -23.87 -26.42 10.68
C HIS B 252 -22.48 -26.32 11.29
N THR B 253 -21.88 -27.45 11.68
CA THR B 253 -20.51 -27.42 12.18
C THR B 253 -19.55 -26.94 11.09
N LEU B 254 -19.66 -27.52 9.90
CA LEU B 254 -18.80 -27.08 8.79
C LEU B 254 -19.12 -25.65 8.38
N GLY B 255 -20.35 -25.19 8.61
CA GLY B 255 -20.71 -23.83 8.26
C GLY B 255 -20.07 -22.78 9.13
N SER B 256 -19.55 -23.16 10.29
CA SER B 256 -18.89 -22.19 11.17
C SER B 256 -17.56 -21.71 10.61
N VAL B 257 -16.94 -22.48 9.71
CA VAL B 257 -15.66 -22.07 9.12
C VAL B 257 -15.84 -21.95 7.61
N GLN B 258 -17.03 -21.52 7.18
CA GLN B 258 -17.29 -21.33 5.77
C GLN B 258 -16.54 -20.10 5.25
N MET B 259 -16.15 -20.16 3.98
CA MET B 259 -15.49 -19.05 3.32
C MET B 259 -16.49 -18.34 2.41
N VAL B 260 -16.79 -17.09 2.73
CA VAL B 260 -17.75 -16.28 1.99
C VAL B 260 -17.01 -15.45 0.95
N ASP B 261 -17.66 -15.23 -0.19
CA ASP B 261 -17.09 -14.43 -1.26
C ASP B 261 -16.68 -13.06 -0.74
N GLY B 262 -15.42 -12.68 -1.03
CA GLY B 262 -14.89 -11.40 -0.64
C GLY B 262 -14.01 -11.43 0.58
N MET B 263 -14.01 -12.52 1.35
CA MET B 263 -13.28 -12.51 2.62
C MET B 263 -11.78 -12.59 2.41
N ALA B 264 -11.32 -13.40 1.46
CA ALA B 264 -9.89 -13.65 1.32
C ALA B 264 -9.55 -13.98 -0.12
N LYS B 265 -8.55 -13.29 -0.67
CA LYS B 265 -8.05 -13.56 -2.00
C LYS B 265 -6.92 -14.57 -1.96
N MET B 266 -6.79 -15.32 -3.05
CA MET B 266 -5.71 -16.29 -3.19
C MET B 266 -4.49 -15.63 -3.82
N GLY B 267 -3.44 -16.42 -4.03
CA GLY B 267 -2.22 -15.88 -4.62
C GLY B 267 -2.41 -15.37 -6.03
N ASP B 268 -3.40 -15.90 -6.75
CA ASP B 268 -3.64 -15.53 -8.14
C ASP B 268 -4.72 -14.45 -8.29
N GLY B 269 -5.26 -13.94 -7.18
CA GLY B 269 -6.14 -12.79 -7.21
C GLY B 269 -7.61 -13.10 -7.03
N GLN B 270 -8.01 -14.36 -7.17
CA GLN B 270 -9.42 -14.72 -7.03
C GLN B 270 -9.76 -15.02 -5.59
N PHE B 271 -11.01 -14.77 -5.23
CA PHE B 271 -11.48 -15.05 -3.87
C PHE B 271 -11.65 -16.55 -3.67
N GLU B 272 -11.43 -16.97 -2.43
CA GLU B 272 -11.64 -18.36 -2.03
C GLU B 272 -13.01 -18.49 -1.39
N ARG B 273 -13.79 -19.46 -1.87
CA ARG B 273 -15.16 -19.64 -1.41
C ARG B 273 -15.40 -21.12 -1.14
N THR B 274 -16.32 -21.39 -0.21
CA THR B 274 -16.81 -22.75 0.00
C THR B 274 -17.71 -23.15 -1.17
N LEU B 275 -17.12 -23.78 -2.19
CA LEU B 275 -17.91 -24.14 -3.36
C LEU B 275 -18.98 -25.16 -3.02
N PHE B 276 -18.65 -26.16 -2.20
CA PHE B 276 -19.63 -27.15 -1.79
C PHE B 276 -19.26 -27.71 -0.43
N THR B 277 -20.23 -28.42 0.16
CA THR B 277 -20.04 -29.12 1.44
C THR B 277 -20.66 -30.49 1.29
N SER B 278 -19.88 -31.54 1.55
CA SER B 278 -20.37 -32.89 1.45
C SER B 278 -20.46 -33.52 2.84
N GLY B 279 -21.30 -34.55 2.94
CA GLY B 279 -21.48 -35.26 4.20
C GLY B 279 -21.76 -36.73 3.94
N TYR B 280 -21.62 -37.52 5.00
CA TYR B 280 -21.87 -38.95 4.92
C TYR B 280 -22.37 -39.45 6.27
N SER B 281 -23.31 -40.38 6.24
CA SER B 281 -23.87 -41.00 7.43
C SER B 281 -23.86 -42.51 7.26
N SER B 282 -23.20 -43.21 8.17
CA SER B 282 -23.18 -44.67 8.12
C SER B 282 -24.51 -45.28 8.57
N LYS B 283 -25.34 -44.51 9.27
CA LYS B 283 -26.62 -45.04 9.74
C LYS B 283 -27.54 -45.38 8.57
N THR B 284 -27.43 -44.65 7.46
CA THR B 284 -28.24 -44.90 6.28
C THR B 284 -27.40 -45.10 5.02
N ASN B 285 -26.07 -45.08 5.12
CA ASN B 285 -25.16 -45.18 3.98
C ASN B 285 -25.60 -44.22 2.86
N THR B 286 -25.67 -42.95 3.23
CA THR B 286 -26.17 -41.89 2.35
C THR B 286 -25.17 -40.74 2.32
N TYR B 287 -24.87 -40.27 1.12
CA TYR B 287 -24.02 -39.10 0.94
C TYR B 287 -24.90 -37.86 0.83
N TYR B 288 -24.40 -36.75 1.36
CA TYR B 288 -25.11 -35.48 1.33
C TYR B 288 -24.21 -34.43 0.67
N MET B 289 -24.84 -33.36 0.20
CA MET B 289 -24.10 -32.31 -0.47
C MET B 289 -24.98 -31.08 -0.66
N ASN B 290 -24.39 -29.90 -0.48
CA ASN B 290 -24.99 -28.64 -0.92
C ASN B 290 -23.89 -27.77 -1.50
N THR B 291 -24.27 -26.66 -2.11
CA THR B 291 -23.32 -25.83 -2.85
C THR B 291 -23.41 -24.38 -2.41
N TYR B 292 -22.45 -23.58 -2.88
CA TYR B 292 -22.46 -22.15 -2.59
C TYR B 292 -23.69 -21.48 -3.19
N ASP B 293 -24.12 -21.92 -4.37
CA ASP B 293 -25.26 -21.35 -5.06
C ASP B 293 -26.59 -21.94 -4.61
N ASP B 294 -26.58 -23.00 -3.80
CA ASP B 294 -27.82 -23.62 -3.35
C ASP B 294 -27.60 -24.33 -2.02
N PRO B 295 -28.12 -23.80 -0.90
CA PRO B 295 -27.87 -24.39 0.41
C PRO B 295 -28.74 -25.59 0.75
N ALA B 296 -29.69 -25.97 -0.10
CA ALA B 296 -30.50 -27.15 0.16
C ALA B 296 -29.61 -28.40 0.14
N ILE B 297 -29.77 -29.23 1.16
CA ILE B 297 -28.94 -30.42 1.33
C ILE B 297 -29.60 -31.56 0.55
N ARG B 298 -28.92 -32.03 -0.49
CA ARG B 298 -29.36 -33.20 -1.24
C ARG B 298 -28.83 -34.47 -0.61
N SER B 299 -29.49 -35.58 -0.91
CA SER B 299 -29.11 -36.88 -0.36
C SER B 299 -28.93 -37.88 -1.51
N TYR B 300 -28.00 -38.81 -1.31
CA TYR B 300 -27.63 -39.80 -2.32
C TYR B 300 -27.33 -41.11 -1.60
N ALA B 301 -28.38 -41.90 -1.37
CA ALA B 301 -28.24 -43.14 -0.62
C ALA B 301 -27.61 -44.23 -1.49
N MET B 302 -26.81 -45.08 -0.84
CA MET B 302 -26.22 -46.21 -1.55
C MET B 302 -27.29 -47.15 -2.07
N ALA B 303 -28.46 -47.16 -1.42
CA ALA B 303 -29.56 -48.05 -1.81
C ALA B 303 -30.18 -47.68 -3.14
N ASP B 304 -29.90 -46.49 -3.68
CA ASP B 304 -30.51 -46.02 -4.92
C ASP B 304 -29.63 -46.26 -6.13
N TYR B 305 -28.63 -47.12 -6.03
CA TYR B 305 -27.72 -47.37 -7.13
C TYR B 305 -27.41 -48.85 -7.23
N ASP B 306 -27.30 -49.34 -8.46
CA ASP B 306 -26.94 -50.74 -8.70
C ASP B 306 -25.52 -51.00 -8.23
N MET B 307 -25.35 -51.31 -6.95
CA MET B 307 -24.02 -51.50 -6.39
C MET B 307 -23.36 -52.79 -6.87
N ASP B 308 -24.10 -53.66 -7.54
CA ASP B 308 -23.53 -54.85 -8.16
C ASP B 308 -23.14 -54.62 -9.61
N SER B 309 -23.42 -53.45 -10.17
CA SER B 309 -23.02 -53.14 -11.53
C SER B 309 -21.52 -52.93 -11.61
N SER B 310 -21.02 -52.63 -12.81
CA SER B 310 -19.58 -52.55 -13.05
C SER B 310 -19.15 -51.25 -13.71
N GLU B 311 -20.00 -50.24 -13.77
CA GLU B 311 -19.67 -48.97 -14.40
C GLU B 311 -19.90 -47.83 -13.42
N LEU B 312 -18.99 -46.86 -13.45
CA LEU B 312 -19.09 -45.71 -12.55
C LEU B 312 -20.35 -44.90 -12.87
N ILE B 313 -21.03 -44.45 -11.82
CA ILE B 313 -22.25 -43.68 -11.93
C ILE B 313 -21.96 -42.26 -11.49
N SER B 314 -22.40 -41.29 -12.29
CA SER B 314 -22.22 -39.88 -11.99
C SER B 314 -23.55 -39.15 -12.12
N VAL B 315 -23.74 -38.15 -11.27
CA VAL B 315 -24.94 -37.32 -11.28
C VAL B 315 -24.47 -35.87 -11.21
N ALA B 316 -24.55 -35.15 -12.33
CA ALA B 316 -23.97 -33.82 -12.45
C ALA B 316 -24.87 -32.78 -11.80
N ARG B 317 -24.36 -31.55 -11.73
CA ARG B 317 -25.07 -30.43 -11.13
C ARG B 317 -25.41 -29.37 -12.16
N CYS C 2 -0.29 7.93 26.53
CA CYS C 2 -0.20 8.27 27.95
C CYS C 2 -1.18 7.45 28.77
N THR C 3 -0.75 7.05 29.96
CA THR C 3 -1.58 6.27 30.85
C THR C 3 -1.47 6.83 32.26
N GLY C 4 -2.61 6.94 32.94
CA GLY C 4 -2.65 7.32 34.34
C GLY C 4 -3.18 6.17 35.17
N VAL C 5 -2.59 5.98 36.35
CA VAL C 5 -2.94 4.88 37.24
C VAL C 5 -3.06 5.42 38.66
N ARG C 6 -4.09 4.98 39.37
CA ARG C 6 -4.25 5.27 40.79
C ARG C 6 -4.57 4.00 41.54
N PHE C 7 -4.04 3.90 42.76
CA PHE C 7 -4.43 2.86 43.70
C PHE C 7 -4.13 3.38 45.10
N SER C 8 -4.42 2.57 46.11
CA SER C 8 -4.21 2.98 47.49
C SER C 8 -3.65 1.83 48.30
N ASP C 9 -2.93 2.17 49.37
CA ASP C 9 -2.44 1.17 50.31
C ASP C 9 -3.55 0.87 51.33
N ASP C 10 -3.23 0.06 52.33
CA ASP C 10 -4.20 -0.29 53.35
C ASP C 10 -4.40 0.80 54.39
N GLU C 11 -3.69 1.93 54.28
CA GLU C 11 -3.82 3.03 55.21
C GLU C 11 -4.47 4.26 54.58
N GLY C 12 -5.00 4.13 53.37
CA GLY C 12 -5.71 5.24 52.74
C GLY C 12 -4.84 6.27 52.07
N ASN C 13 -3.60 5.94 51.74
CA ASN C 13 -2.72 6.88 51.09
C ASN C 13 -2.94 6.88 49.57
N THR C 14 -2.42 7.91 48.91
CA THR C 14 -2.57 8.10 47.48
C THR C 14 -1.32 7.64 46.76
N TYR C 15 -1.50 6.86 45.70
CA TYR C 15 -0.41 6.49 44.80
C TYR C 15 -0.88 6.77 43.38
N PHE C 16 -0.29 7.79 42.76
CA PHE C 16 -0.73 8.34 41.49
C PHE C 16 0.44 8.31 40.51
N GLY C 17 0.20 7.78 39.32
CA GLY C 17 1.27 7.58 38.36
C GLY C 17 0.85 8.00 36.97
N ARG C 18 1.85 8.33 36.16
CA ARG C 18 1.61 8.89 34.83
C ARG C 18 2.71 8.48 33.87
N ASN C 19 2.31 7.88 32.75
CA ASN C 19 3.19 7.70 31.60
C ASN C 19 3.00 8.88 30.64
N LEU C 20 4.11 9.38 30.10
CA LEU C 20 4.06 10.39 29.05
C LEU C 20 4.66 9.80 27.78
N ASP C 21 3.79 9.47 26.82
CA ASP C 21 4.19 8.86 25.56
C ASP C 21 4.16 9.93 24.47
N TRP C 22 5.33 10.29 23.96
CA TRP C 22 5.44 11.29 22.91
C TRP C 22 6.69 10.99 22.07
N SER C 23 6.93 11.84 21.07
CA SER C 23 8.05 11.64 20.16
C SER C 23 9.23 12.55 20.46
N PHE C 24 9.07 13.55 21.32
CA PHE C 24 10.18 14.37 21.76
C PHE C 24 9.76 15.09 23.05
N SER C 25 10.76 15.62 23.75
CA SER C 25 10.53 16.31 25.00
C SER C 25 10.35 17.81 24.76
N TYR C 26 9.67 18.46 25.72
CA TYR C 26 9.42 19.88 25.67
C TYR C 26 10.23 20.66 26.70
N GLY C 27 11.18 20.01 27.37
CA GLY C 27 11.94 20.66 28.42
C GLY C 27 11.31 20.60 29.78
N GLU C 28 10.41 19.65 30.03
CA GLU C 28 9.75 19.54 31.31
C GLU C 28 10.73 19.10 32.39
N THR C 29 10.58 19.67 33.58
CA THR C 29 11.38 19.29 34.75
C THR C 29 10.44 19.15 35.95
N ILE C 30 11.02 18.75 37.08
CA ILE C 30 10.28 18.79 38.33
C ILE C 30 10.04 20.25 38.71
N LEU C 31 8.77 20.61 38.92
CA LEU C 31 8.36 22.00 39.11
C LEU C 31 7.62 22.14 40.43
N VAL C 32 8.18 22.93 41.33
CA VAL C 32 7.62 23.14 42.67
C VAL C 32 6.96 24.52 42.71
N THR C 33 5.69 24.56 43.13
CA THR C 33 4.97 25.81 43.31
C THR C 33 4.67 26.02 44.79
N PRO C 34 5.39 26.91 45.46
CA PRO C 34 5.25 27.04 46.92
C PRO C 34 3.97 27.75 47.32
N ARG C 35 3.65 27.62 48.61
CA ARG C 35 2.42 28.21 49.14
C ARG C 35 2.44 29.73 49.06
N GLY C 36 3.62 30.34 49.19
CA GLY C 36 3.73 31.78 49.10
C GLY C 36 3.86 32.34 47.71
N TYR C 37 3.80 31.49 46.68
CA TYR C 37 3.88 31.95 45.30
C TYR C 37 2.55 32.57 44.90
N HIS C 38 2.58 33.82 44.45
CA HIS C 38 1.35 34.51 44.05
C HIS C 38 0.98 34.14 42.63
N TYR C 39 -0.30 33.82 42.42
CA TYR C 39 -0.81 33.45 41.11
C TYR C 39 -2.18 34.06 40.89
N ASP C 40 -2.34 34.78 39.79
CA ASP C 40 -3.61 35.37 39.42
C ASP C 40 -4.27 34.50 38.35
N THR C 41 -5.42 33.91 38.69
CA THR C 41 -6.16 33.13 37.72
C THR C 41 -6.56 34.00 36.53
N VAL C 42 -6.51 33.41 35.34
CA VAL C 42 -6.69 34.19 34.11
C VAL C 42 -8.07 34.83 34.07
N PHE C 43 -9.11 34.05 34.37
CA PHE C 43 -10.47 34.56 34.35
C PHE C 43 -11.01 34.83 35.75
N GLY C 44 -10.13 35.05 36.73
CA GLY C 44 -10.56 35.41 38.06
C GLY C 44 -11.28 34.31 38.82
N ALA C 45 -10.85 33.07 38.66
CA ALA C 45 -11.47 31.97 39.39
C ALA C 45 -11.09 32.04 40.86
N GLY C 46 -12.05 31.70 41.73
CA GLY C 46 -11.86 31.81 43.16
C GLY C 46 -11.16 30.58 43.73
N GLY C 47 -10.15 30.84 44.57
CA GLY C 47 -9.42 29.77 45.21
C GLY C 47 -9.23 29.96 46.70
N LYS C 48 -8.38 29.14 47.31
CA LYS C 48 -8.12 29.24 48.74
C LYS C 48 -7.39 30.54 49.07
N ALA C 49 -7.51 30.96 50.33
CA ALA C 49 -6.71 32.08 50.81
C ALA C 49 -5.25 31.67 51.00
N LYS C 50 -5.02 30.59 51.74
CA LYS C 50 -3.71 29.98 51.85
C LYS C 50 -3.65 28.79 50.91
N PRO C 51 -3.01 28.89 49.76
CA PRO C 51 -3.04 27.79 48.78
C PRO C 51 -2.23 26.60 49.27
N ASN C 52 -2.48 25.46 48.63
CA ASN C 52 -1.77 24.23 48.96
C ASN C 52 -0.40 24.20 48.29
N ALA C 53 0.56 23.57 48.97
CA ALA C 53 1.84 23.28 48.34
C ALA C 53 1.65 22.26 47.24
N VAL C 54 2.28 22.49 46.08
CA VAL C 54 2.08 21.67 44.90
C VAL C 54 3.43 21.34 44.28
N ILE C 55 3.59 20.08 43.87
CA ILE C 55 4.78 19.62 43.16
C ILE C 55 4.33 18.76 41.98
N GLY C 56 5.13 18.75 40.93
CA GLY C 56 4.81 17.95 39.76
C GLY C 56 5.79 18.18 38.65
N VAL C 57 5.42 17.68 37.47
CA VAL C 57 6.24 17.80 36.26
C VAL C 57 5.55 18.76 35.31
N GLY C 58 6.33 19.67 34.72
CA GLY C 58 5.78 20.62 33.79
C GLY C 58 6.84 21.60 33.31
N VAL C 59 6.38 22.64 32.64
CA VAL C 59 7.25 23.69 32.13
C VAL C 59 6.79 25.02 32.72
N VAL C 60 7.57 26.06 32.43
CA VAL C 60 7.27 27.42 32.88
C VAL C 60 7.12 28.30 31.65
N MET C 61 5.93 28.84 31.45
CA MET C 61 5.64 29.73 30.34
C MET C 61 5.07 31.02 30.89
N ALA C 62 5.77 32.13 30.68
CA ALA C 62 5.38 33.44 31.20
C ALA C 62 5.27 33.42 32.73
N ASP C 63 6.22 32.74 33.37
CA ASP C 63 6.24 32.56 34.82
C ASP C 63 4.91 31.98 35.31
N ARG C 64 4.35 31.06 34.53
CA ARG C 64 3.14 30.35 34.90
C ARG C 64 3.44 28.86 34.91
N PRO C 65 3.19 28.16 36.02
CA PRO C 65 3.46 26.71 36.05
C PRO C 65 2.50 25.92 35.17
N MET C 66 3.00 25.46 34.02
CA MET C 66 2.21 24.65 33.10
C MET C 66 2.50 23.18 33.43
N TYR C 67 1.60 22.57 34.20
CA TYR C 67 1.84 21.23 34.75
C TYR C 67 1.31 20.15 33.81
N PHE C 68 2.19 19.21 33.46
CA PHE C 68 1.72 17.98 32.82
C PHE C 68 0.90 17.16 33.80
N ASP C 69 1.42 17.01 35.02
CA ASP C 69 0.74 16.37 36.13
C ASP C 69 1.33 16.93 37.41
N CYS C 70 0.50 17.01 38.45
CA CYS C 70 0.94 17.60 39.71
C CYS C 70 0.05 17.11 40.84
N ALA C 71 0.59 17.21 42.06
CA ALA C 71 -0.13 16.81 43.27
C ALA C 71 0.09 17.85 44.34
N ASN C 72 -0.75 17.82 45.37
CA ASN C 72 -0.63 18.73 46.50
C ASN C 72 -0.28 17.97 47.77
N GLU C 73 -0.05 18.74 48.84
CA GLU C 73 0.40 18.20 50.11
C GLU C 73 -0.68 17.41 50.85
N HIS C 74 -1.89 17.31 50.31
CA HIS C 74 -2.98 16.63 51.00
C HIS C 74 -3.41 15.35 50.29
N GLY C 75 -2.67 14.92 49.26
CA GLY C 75 -2.95 13.66 48.61
C GLY C 75 -3.81 13.72 47.37
N LEU C 76 -4.05 14.91 46.82
CA LEU C 76 -4.84 15.07 45.61
C LEU C 76 -3.90 15.29 44.43
N ALA C 77 -4.09 14.51 43.36
CA ALA C 77 -3.25 14.59 42.17
C ALA C 77 -4.12 14.65 40.93
N ILE C 78 -3.56 15.24 39.87
CA ILE C 78 -4.27 15.44 38.61
C ILE C 78 -3.26 15.34 37.47
N ALA C 79 -3.67 14.67 36.39
CA ALA C 79 -2.83 14.51 35.21
C ALA C 79 -3.64 14.83 33.96
N GLY C 80 -2.98 15.50 33.01
CA GLY C 80 -3.59 15.84 31.75
C GLY C 80 -3.08 14.93 30.64
N LEU C 81 -4.02 14.37 29.88
CA LEU C 81 -3.71 13.46 28.80
C LEU C 81 -4.40 13.93 27.52
N ASN C 82 -3.79 13.63 26.38
CA ASN C 82 -4.29 14.13 25.10
C ASN C 82 -5.68 13.57 24.79
N PHE C 83 -6.55 14.43 24.29
CA PHE C 83 -7.90 14.04 23.91
C PHE C 83 -8.38 14.67 22.60
N PRO C 84 -7.53 14.84 21.58
CA PRO C 84 -8.01 15.51 20.37
C PRO C 84 -8.99 14.62 19.61
N GLY C 85 -9.91 15.27 18.90
CA GLY C 85 -11.00 14.60 18.23
C GLY C 85 -12.25 14.45 19.08
N TYR C 86 -12.15 14.67 20.39
CA TYR C 86 -13.31 14.54 21.25
C TYR C 86 -13.39 15.72 22.19
N ALA C 87 -12.23 16.27 22.57
CA ALA C 87 -12.20 17.40 23.48
C ALA C 87 -12.60 18.67 22.73
N SER C 88 -13.57 19.40 23.29
CA SER C 88 -14.03 20.64 22.69
C SER C 88 -14.45 21.59 23.81
N PHE C 89 -13.84 22.77 23.85
CA PHE C 89 -14.12 23.75 24.89
C PHE C 89 -14.67 25.03 24.27
N VAL C 90 -15.18 25.90 25.13
CA VAL C 90 -15.57 27.24 24.72
C VAL C 90 -14.36 28.15 24.80
N HIS C 91 -14.41 29.26 24.06
CA HIS C 91 -13.29 30.18 23.96
C HIS C 91 -13.51 31.48 24.71
N GLU C 92 -14.65 31.65 25.38
CA GLU C 92 -14.95 32.87 26.12
C GLU C 92 -15.56 32.48 27.47
N PRO C 93 -15.29 33.26 28.51
CA PRO C 93 -15.82 32.91 29.83
C PRO C 93 -17.33 33.07 29.91
N VAL C 94 -17.91 32.51 30.96
CA VAL C 94 -19.35 32.50 31.18
C VAL C 94 -19.66 33.22 32.48
N GLU C 95 -20.71 34.03 32.47
CA GLU C 95 -21.09 34.80 33.66
C GLU C 95 -21.64 33.88 34.74
N GLY C 96 -21.31 34.19 35.99
CA GLY C 96 -21.80 33.43 37.12
C GLY C 96 -21.16 32.09 37.34
N THR C 97 -20.14 31.73 36.55
CA THR C 97 -19.45 30.46 36.68
C THR C 97 -17.99 30.71 37.05
N GLU C 98 -17.34 29.65 37.52
CA GLU C 98 -15.92 29.70 37.85
C GLU C 98 -15.14 29.31 36.61
N ASN C 99 -14.75 30.32 35.82
CA ASN C 99 -14.06 30.09 34.57
C ASN C 99 -12.59 29.79 34.83
N VAL C 100 -12.12 28.65 34.33
CA VAL C 100 -10.74 28.20 34.48
C VAL C 100 -10.17 27.95 33.09
N ALA C 101 -8.98 28.49 32.84
CA ALA C 101 -8.28 28.20 31.60
C ALA C 101 -7.81 26.75 31.59
N THR C 102 -7.72 26.17 30.38
CA THR C 102 -7.38 24.76 30.27
C THR C 102 -5.97 24.49 30.77
N PHE C 103 -5.04 25.42 30.52
CA PHE C 103 -3.64 25.18 30.90
C PHE C 103 -3.43 25.30 32.42
N GLU C 104 -4.31 26.00 33.13
CA GLU C 104 -4.16 26.20 34.56
C GLU C 104 -5.04 25.27 35.39
N PHE C 105 -5.87 24.46 34.74
CA PHE C 105 -6.74 23.52 35.45
C PHE C 105 -5.99 22.62 36.42
N PRO C 106 -4.85 21.99 36.06
CA PRO C 106 -4.14 21.19 37.06
C PRO C 106 -3.67 22.00 38.27
N LEU C 107 -3.06 23.16 38.04
CA LEU C 107 -2.61 23.99 39.16
C LEU C 107 -3.79 24.48 39.99
N TRP C 108 -4.90 24.85 39.33
CA TRP C 108 -6.07 25.32 40.05
C TRP C 108 -6.67 24.21 40.91
N VAL C 109 -6.68 22.98 40.40
CA VAL C 109 -7.26 21.87 41.15
C VAL C 109 -6.40 21.55 42.38
N ALA C 110 -5.08 21.53 42.20
CA ALA C 110 -4.20 21.10 43.29
C ALA C 110 -4.05 22.14 44.38
N ARG C 111 -4.10 23.43 44.03
CA ARG C 111 -3.87 24.48 45.00
C ARG C 111 -5.06 24.75 45.90
N ASN C 112 -6.28 24.41 45.46
CA ASN C 112 -7.49 24.85 46.13
C ASN C 112 -8.34 23.73 46.70
N PHE C 113 -7.99 22.47 46.48
CA PHE C 113 -8.83 21.36 46.89
C PHE C 113 -8.00 20.28 47.58
N ASP C 114 -8.69 19.49 48.41
CA ASP C 114 -8.04 18.48 49.22
C ASP C 114 -8.55 17.06 48.97
N SER C 115 -9.59 16.89 48.14
CA SER C 115 -10.13 15.56 47.87
C SER C 115 -10.88 15.61 46.55
N VAL C 116 -11.19 14.43 46.02
CA VAL C 116 -11.97 14.37 44.79
C VAL C 116 -13.43 14.69 45.05
N ASP C 117 -13.88 14.58 46.30
CA ASP C 117 -15.24 15.01 46.64
C ASP C 117 -15.37 16.52 46.48
N GLU C 118 -14.38 17.27 46.98
CA GLU C 118 -14.40 18.72 46.80
C GLU C 118 -14.30 19.09 45.33
N VAL C 119 -13.48 18.37 44.57
CA VAL C 119 -13.31 18.68 43.15
C VAL C 119 -14.59 18.40 42.38
N GLU C 120 -15.19 17.23 42.62
CA GLU C 120 -16.42 16.87 41.91
C GLU C 120 -17.56 17.83 42.27
N GLU C 121 -17.55 18.39 43.48
CA GLU C 121 -18.63 19.28 43.88
C GLU C 121 -18.54 20.61 43.14
N THR C 122 -17.38 21.27 43.18
CA THR C 122 -17.27 22.57 42.55
C THR C 122 -17.21 22.49 41.03
N LEU C 123 -16.92 21.31 40.47
CA LEU C 123 -16.89 21.16 39.02
C LEU C 123 -18.27 21.36 38.39
N ARG C 124 -19.34 21.23 39.17
CA ARG C 124 -20.68 21.49 38.67
C ARG C 124 -20.91 22.96 38.30
N ASN C 125 -19.92 23.83 38.50
CA ASN C 125 -20.04 25.24 38.19
C ASN C 125 -18.75 25.80 37.59
N VAL C 126 -17.96 24.94 36.94
CA VAL C 126 -16.70 25.33 36.32
C VAL C 126 -16.86 25.34 34.82
N THR C 127 -16.29 26.35 34.17
CA THR C 127 -16.30 26.46 32.71
C THR C 127 -14.84 26.49 32.24
N LEU C 128 -14.42 25.44 31.55
CA LEU C 128 -13.06 25.36 31.04
C LEU C 128 -12.97 26.11 29.72
N VAL C 129 -12.06 27.08 29.64
CA VAL C 129 -11.93 27.96 28.48
C VAL C 129 -10.61 27.68 27.79
N SER C 130 -10.62 27.68 26.46
CA SER C 130 -9.42 27.51 25.65
C SER C 130 -8.97 28.88 25.14
N GLN C 131 -7.90 29.41 25.74
CA GLN C 131 -7.26 30.63 25.26
C GLN C 131 -6.26 30.23 24.18
N ILE C 132 -6.62 30.48 22.92
CA ILE C 132 -5.77 30.08 21.80
C ILE C 132 -4.67 31.11 21.60
N VAL C 133 -3.43 30.69 21.77
CA VAL C 133 -2.30 31.52 21.37
C VAL C 133 -2.28 31.60 19.85
N PRO C 134 -2.17 32.80 19.25
CA PRO C 134 -2.32 32.91 17.79
C PRO C 134 -1.38 32.02 16.99
N GLY C 135 -0.11 31.93 17.39
CA GLY C 135 0.84 31.15 16.64
C GLY C 135 0.90 29.67 16.99
N GLN C 136 0.24 29.27 18.07
CA GLN C 136 0.26 27.89 18.53
C GLN C 136 -1.05 27.19 18.18
N GLN C 137 -1.01 25.86 18.23
CA GLN C 137 -2.21 25.06 18.05
C GLN C 137 -2.93 24.88 19.39
N GLU C 138 -4.15 24.37 19.32
CA GLU C 138 -5.00 24.29 20.50
C GLU C 138 -4.70 23.04 21.32
N SER C 139 -4.65 23.20 22.63
CA SER C 139 -4.45 22.08 23.55
C SER C 139 -5.80 21.47 23.87
N LEU C 140 -5.96 20.17 23.57
CA LEU C 140 -7.22 19.46 23.75
C LEU C 140 -6.95 18.22 24.60
N LEU C 141 -7.15 18.36 25.90
CA LEU C 141 -6.83 17.31 26.85
C LEU C 141 -8.07 16.86 27.62
N HIS C 142 -7.94 15.71 28.28
CA HIS C 142 -8.85 15.31 29.35
C HIS C 142 -8.00 14.94 30.56
N TRP C 143 -8.62 14.97 31.73
CA TRP C 143 -7.87 14.95 32.99
C TRP C 143 -8.26 13.75 33.85
N PHE C 144 -7.27 13.25 34.58
CA PHE C 144 -7.42 12.14 35.50
C PHE C 144 -7.09 12.67 36.91
N ILE C 145 -8.08 12.68 37.79
CA ILE C 145 -7.95 13.24 39.13
C ILE C 145 -8.23 12.14 40.15
N GLY C 146 -7.31 11.97 41.09
CA GLY C 146 -7.46 10.93 42.09
C GLY C 146 -6.85 11.33 43.41
N ASP C 147 -7.43 10.82 44.50
CA ASP C 147 -6.87 11.00 45.83
C ASP C 147 -6.62 9.64 46.47
N GLY C 148 -6.75 9.56 47.79
CA GLY C 148 -6.55 8.30 48.48
C GLY C 148 -7.75 7.38 48.52
N LYS C 149 -8.89 7.80 48.00
CA LYS C 149 -10.12 7.03 48.08
C LYS C 149 -10.64 6.57 46.73
N ARG C 150 -10.57 7.42 45.70
CA ARG C 150 -11.14 7.10 44.40
C ARG C 150 -10.58 8.09 43.37
N SER C 151 -10.95 7.88 42.12
CA SER C 151 -10.53 8.76 41.04
C SER C 151 -11.73 9.11 40.15
N ILE C 152 -11.60 10.23 39.43
CA ILE C 152 -12.61 10.69 38.50
C ILE C 152 -11.93 11.11 37.20
N VAL C 153 -12.71 11.14 36.12
CA VAL C 153 -12.23 11.50 34.79
C VAL C 153 -13.05 12.68 34.29
N VAL C 154 -12.37 13.74 33.89
CA VAL C 154 -13.01 14.96 33.40
C VAL C 154 -12.81 15.03 31.90
N GLU C 155 -13.90 14.86 31.15
CA GLU C 155 -13.88 14.91 29.69
C GLU C 155 -14.82 16.00 29.23
N GLN C 156 -14.27 17.17 28.90
CA GLN C 156 -15.06 18.30 28.41
C GLN C 156 -15.25 18.15 26.90
N MET C 157 -16.51 18.06 26.48
CA MET C 157 -16.84 17.79 25.08
C MET C 157 -17.88 18.80 24.60
N ALA C 158 -18.31 18.63 23.36
CA ALA C 158 -19.24 19.59 22.75
C ALA C 158 -20.58 19.60 23.46
N ASP C 159 -21.06 18.43 23.91
CA ASP C 159 -22.32 18.33 24.62
C ASP C 159 -22.18 18.52 26.12
N GLY C 160 -21.17 19.25 26.56
CA GLY C 160 -21.00 19.59 27.96
C GLY C 160 -19.80 18.88 28.58
N MET C 161 -19.71 19.03 29.90
CA MET C 161 -18.65 18.41 30.69
C MET C 161 -19.15 17.10 31.27
N HIS C 162 -18.38 16.03 31.08
CA HIS C 162 -18.68 14.73 31.64
C HIS C 162 -17.67 14.41 32.72
N VAL C 163 -18.15 14.07 33.92
CA VAL C 163 -17.31 13.66 35.03
C VAL C 163 -17.70 12.24 35.39
N HIS C 164 -16.77 11.31 35.21
CA HIS C 164 -17.02 9.89 35.38
C HIS C 164 -16.37 9.38 36.65
N HIS C 165 -17.05 8.45 37.33
CA HIS C 165 -16.46 7.78 38.48
C HIS C 165 -15.60 6.63 37.97
N ASP C 166 -14.28 6.84 37.98
CA ASP C 166 -13.33 5.90 37.39
C ASP C 166 -13.14 4.72 38.32
N ASP C 167 -14.00 3.71 38.16
CA ASP C 167 -13.95 2.53 39.02
C ASP C 167 -12.73 1.65 38.76
N VAL C 168 -12.10 1.76 37.58
CA VAL C 168 -10.87 1.03 37.33
C VAL C 168 -9.62 1.84 37.66
N ASP C 169 -9.77 3.11 38.01
CA ASP C 169 -8.65 3.96 38.43
C ASP C 169 -7.56 4.02 37.36
N VAL C 170 -7.98 4.19 36.10
CA VAL C 170 -7.09 4.09 34.97
C VAL C 170 -7.62 4.97 33.85
N LEU C 171 -6.71 5.66 33.16
CA LEU C 171 -7.13 6.48 32.00
C LEU C 171 -6.07 6.43 30.90
N THR C 172 -6.51 6.42 29.64
CA THR C 172 -5.57 6.42 28.49
C THR C 172 -5.91 7.63 27.61
N ASN C 173 -6.24 7.38 26.35
CA ASN C 173 -6.59 8.49 25.44
C ASN C 173 -7.95 8.24 24.79
N GLN C 174 -8.06 8.46 23.48
CA GLN C 174 -9.32 8.37 22.76
C GLN C 174 -9.80 6.92 22.71
N PRO C 175 -11.12 6.70 22.57
CA PRO C 175 -12.20 7.69 22.54
C PRO C 175 -12.75 8.01 23.93
N THR C 176 -14.05 8.23 24.06
CA THR C 176 -14.61 8.67 25.34
C THR C 176 -14.49 7.56 26.37
N PHE C 177 -14.60 7.97 27.65
CA PHE C 177 -14.43 7.03 28.75
C PHE C 177 -15.50 5.97 28.76
N ASP C 178 -16.70 6.30 28.27
CA ASP C 178 -17.78 5.31 28.22
C ASP C 178 -17.44 4.15 27.30
N PHE C 179 -16.73 4.42 26.20
CA PHE C 179 -16.34 3.35 25.29
C PHE C 179 -15.41 2.36 25.98
N HIS C 180 -14.40 2.88 26.70
CA HIS C 180 -13.41 2.01 27.34
C HIS C 180 -14.06 1.10 28.37
N MET C 181 -15.01 1.61 29.15
CA MET C 181 -15.64 0.78 30.17
C MET C 181 -16.53 -0.28 29.54
N GLU C 182 -17.23 0.06 28.46
CA GLU C 182 -17.96 -0.95 27.70
C GLU C 182 -17.00 -1.97 27.12
N ASN C 183 -15.87 -1.51 26.57
CA ASN C 183 -14.92 -2.41 25.95
C ASN C 183 -14.39 -3.46 26.91
N LEU C 184 -14.26 -3.11 28.20
CA LEU C 184 -13.73 -4.06 29.18
C LEU C 184 -14.58 -5.32 29.28
N ARG C 185 -15.87 -5.21 28.97
CA ARG C 185 -16.77 -6.36 29.08
C ARG C 185 -16.44 -7.45 28.08
N ASN C 186 -15.64 -7.16 27.05
CA ASN C 186 -15.15 -8.21 26.16
C ASN C 186 -14.18 -9.14 26.87
N TYR C 187 -13.43 -8.62 27.84
CA TYR C 187 -12.33 -9.35 28.46
C TYR C 187 -12.66 -9.85 29.87
N MET C 188 -13.94 -9.76 30.28
CA MET C 188 -14.33 -10.12 31.64
C MET C 188 -14.04 -11.57 31.99
N CYS C 189 -13.67 -12.40 31.03
CA CYS C 189 -13.45 -13.82 31.28
C CYS C 189 -11.97 -14.18 31.48
N VAL C 190 -11.05 -13.25 31.20
CA VAL C 190 -9.64 -13.54 31.48
C VAL C 190 -9.43 -13.68 32.99
N SER C 191 -8.29 -14.26 33.36
CA SER C 191 -8.05 -14.61 34.75
C SER C 191 -6.56 -14.68 35.00
N ASN C 192 -6.15 -14.23 36.19
CA ASN C 192 -4.77 -14.35 36.62
C ASN C 192 -4.48 -15.67 37.31
N GLU C 193 -5.45 -16.59 37.33
CA GLU C 193 -5.24 -17.91 37.88
C GLU C 193 -4.68 -18.85 36.81
N MET C 194 -4.09 -19.95 37.28
CA MET C 194 -3.57 -20.95 36.37
C MET C 194 -4.73 -21.64 35.64
N ALA C 195 -4.63 -21.72 34.32
CA ALA C 195 -5.71 -22.29 33.53
C ALA C 195 -5.98 -23.73 33.94
N GLU C 196 -7.23 -24.02 34.28
CA GLU C 196 -7.60 -25.35 34.73
C GLU C 196 -7.64 -26.31 33.54
N PRO C 197 -7.08 -27.52 33.68
CA PRO C 197 -7.13 -28.48 32.58
C PRO C 197 -8.56 -28.79 32.18
N THR C 198 -8.77 -28.96 30.88
CA THR C 198 -10.10 -29.20 30.35
C THR C 198 -9.99 -30.09 29.12
N SER C 199 -11.14 -30.40 28.53
CA SER C 199 -11.18 -31.31 27.39
C SER C 199 -12.10 -30.74 26.31
N TRP C 200 -11.65 -30.85 25.06
CA TRP C 200 -12.50 -30.65 23.88
C TRP C 200 -12.68 -32.02 23.25
N GLY C 201 -13.86 -32.60 23.44
CA GLY C 201 -14.06 -33.98 22.99
C GLY C 201 -13.10 -34.91 23.70
N LYS C 202 -12.29 -35.62 22.92
CA LYS C 202 -11.25 -36.48 23.49
C LYS C 202 -9.93 -35.76 23.72
N ALA C 203 -9.80 -34.53 23.25
CA ALA C 203 -8.55 -33.80 23.36
C ALA C 203 -8.42 -33.16 24.75
N SER C 204 -7.38 -33.55 25.49
CA SER C 204 -7.11 -32.97 26.80
C SER C 204 -6.22 -31.74 26.63
N LEU C 205 -6.64 -30.63 27.22
CA LEU C 205 -5.95 -29.36 27.07
C LEU C 205 -5.39 -28.91 28.42
N THR C 206 -4.08 -28.64 28.44
CA THR C 206 -3.40 -28.14 29.63
C THR C 206 -2.52 -26.96 29.23
N ALA C 207 -2.31 -26.05 30.18
CA ALA C 207 -1.48 -24.89 29.94
C ALA C 207 0.00 -25.24 30.01
N TRP C 208 0.81 -24.61 29.15
CA TRP C 208 2.25 -24.79 29.23
C TRP C 208 2.80 -24.28 30.56
N GLY C 209 2.18 -23.24 31.10
CA GLY C 209 2.61 -22.61 32.33
C GLY C 209 1.78 -21.39 32.64
N ALA C 210 2.37 -20.40 33.29
CA ALA C 210 1.64 -19.20 33.66
C ALA C 210 1.27 -18.39 32.42
N GLY C 211 0.18 -17.64 32.53
CA GLY C 211 -0.22 -16.67 31.53
C GLY C 211 -1.34 -17.07 30.61
N VAL C 212 -1.71 -18.36 30.58
CA VAL C 212 -2.69 -18.80 29.59
C VAL C 212 -4.09 -18.33 29.95
N GLY C 213 -4.41 -18.22 31.24
CA GLY C 213 -5.67 -17.62 31.63
C GLY C 213 -5.78 -16.16 31.26
N MET C 214 -4.65 -15.52 30.96
CA MET C 214 -4.60 -14.12 30.57
C MET C 214 -4.74 -13.93 29.05
N HIS C 215 -4.84 -15.03 28.30
CA HIS C 215 -5.02 -14.94 26.86
C HIS C 215 -6.30 -14.19 26.54
N GLY C 216 -6.21 -13.23 25.61
CA GLY C 216 -7.29 -12.32 25.28
C GLY C 216 -6.93 -10.86 25.47
N ILE C 217 -6.09 -10.57 26.46
CA ILE C 217 -5.67 -9.18 26.70
C ILE C 217 -4.88 -8.68 25.50
N PRO C 218 -5.23 -7.52 24.94
CA PRO C 218 -4.49 -7.01 23.78
C PRO C 218 -3.07 -6.58 24.16
N GLY C 219 -2.17 -6.61 23.18
CA GLY C 219 -0.78 -6.32 23.43
C GLY C 219 -0.21 -5.14 22.67
N ASP C 220 -1.04 -4.44 21.91
CA ASP C 220 -0.59 -3.30 21.12
C ASP C 220 -0.68 -2.01 21.94
N VAL C 221 -0.06 -0.96 21.43
CA VAL C 221 0.05 0.29 22.17
C VAL C 221 -1.00 1.31 21.73
N SER C 222 -2.08 0.86 21.10
CA SER C 222 -3.16 1.78 20.80
C SER C 222 -3.85 2.21 22.10
N SER C 223 -4.61 3.29 22.01
CA SER C 223 -5.26 3.85 23.20
C SER C 223 -6.28 2.90 23.83
N PRO C 224 -7.18 2.26 23.09
CA PRO C 224 -8.12 1.32 23.76
C PRO C 224 -7.44 0.05 24.26
N SER C 225 -6.40 -0.43 23.56
CA SER C 225 -5.73 -1.64 24.02
C SER C 225 -4.91 -1.37 25.28
N ARG C 226 -4.30 -0.18 25.37
CA ARG C 226 -3.56 0.15 26.57
C ARG C 226 -4.48 0.27 27.78
N PHE C 227 -5.66 0.85 27.59
CA PHE C 227 -6.63 0.95 28.67
C PHE C 227 -7.00 -0.41 29.23
N VAL C 228 -7.24 -1.38 28.34
CA VAL C 228 -7.63 -2.72 28.77
C VAL C 228 -6.50 -3.38 29.55
N ARG C 229 -5.27 -3.26 29.04
CA ARG C 229 -4.15 -3.99 29.63
C ARG C 229 -3.78 -3.44 31.00
N VAL C 230 -3.77 -2.12 31.15
CA VAL C 230 -3.35 -1.55 32.43
C VAL C 230 -4.49 -1.60 33.45
N ALA C 231 -5.75 -1.57 33.00
CA ALA C 231 -6.86 -1.79 33.93
C ALA C 231 -6.84 -3.20 34.47
N TYR C 232 -6.42 -4.18 33.66
CA TYR C 232 -6.28 -5.54 34.15
C TYR C 232 -5.14 -5.64 35.17
N THR C 233 -4.01 -4.97 34.90
CA THR C 233 -2.86 -5.07 35.78
C THR C 233 -3.10 -4.35 37.11
N ASN C 234 -3.74 -3.18 37.07
CA ASN C 234 -4.03 -2.45 38.29
C ASN C 234 -5.01 -3.21 39.18
N ALA C 235 -6.00 -3.86 38.59
CA ALA C 235 -7.03 -4.56 39.35
C ALA C 235 -6.53 -5.86 39.96
N HIS C 236 -5.46 -6.45 39.42
CA HIS C 236 -4.98 -7.75 39.88
C HIS C 236 -3.65 -7.65 40.62
N TYR C 237 -3.09 -6.47 40.77
CA TYR C 237 -1.86 -6.32 41.54
C TYR C 237 -2.15 -6.57 43.02
N PRO C 238 -1.41 -7.46 43.68
CA PRO C 238 -1.63 -7.69 45.11
C PRO C 238 -1.35 -6.43 45.92
N GLN C 239 -2.13 -6.24 46.98
CA GLN C 239 -1.99 -5.06 47.82
C GLN C 239 -0.63 -5.05 48.51
N GLN C 240 -0.06 -3.85 48.65
CA GLN C 240 1.22 -3.66 49.30
C GLN C 240 1.03 -2.83 50.57
N ASN C 241 1.92 -3.04 51.53
CA ASN C 241 1.81 -2.42 52.85
C ASN C 241 2.75 -1.25 53.05
N ASP C 242 3.97 -1.33 52.51
CA ASP C 242 4.98 -0.29 52.72
C ASP C 242 5.12 0.58 51.48
N GLU C 243 6.04 1.55 51.56
CA GLU C 243 6.14 2.59 50.54
C GLU C 243 6.97 2.13 49.34
N ALA C 244 8.11 1.47 49.59
CA ALA C 244 8.97 1.06 48.50
C ALA C 244 8.27 0.06 47.59
N ALA C 245 7.48 -0.85 48.17
CA ALA C 245 6.77 -1.82 47.36
C ALA C 245 5.63 -1.18 46.60
N ASN C 246 5.02 -0.13 47.15
CA ASN C 246 3.91 0.53 46.47
C ASN C 246 4.41 1.42 45.34
N VAL C 247 5.55 2.08 45.52
CA VAL C 247 6.17 2.80 44.42
C VAL C 247 6.62 1.82 43.33
N SER C 248 7.10 0.65 43.74
CA SER C 248 7.45 -0.39 42.78
C SER C 248 6.21 -0.86 42.03
N ARG C 249 5.09 -1.03 42.74
CA ARG C 249 3.85 -1.41 42.08
C ARG C 249 3.41 -0.36 41.09
N LEU C 250 3.58 0.92 41.43
CA LEU C 250 3.16 2.00 40.54
C LEU C 250 3.92 1.97 39.23
N PHE C 251 5.23 1.79 39.28
CA PHE C 251 6.04 1.86 38.08
C PHE C 251 5.99 0.57 37.26
N HIS C 252 5.67 -0.57 37.89
CA HIS C 252 5.47 -1.80 37.14
C HIS C 252 4.12 -1.82 36.44
N THR C 253 3.08 -1.31 37.10
CA THR C 253 1.77 -1.23 36.48
C THR C 253 1.81 -0.32 35.25
N LEU C 254 2.35 0.89 35.41
CA LEU C 254 2.51 1.78 34.28
C LEU C 254 3.44 1.18 33.23
N GLY C 255 4.48 0.46 33.68
CA GLY C 255 5.41 -0.16 32.76
C GLY C 255 4.80 -1.25 31.91
N SER C 256 3.63 -1.77 32.31
CA SER C 256 2.97 -2.80 31.52
C SER C 256 2.43 -2.27 30.20
N VAL C 257 2.31 -0.95 30.05
CA VAL C 257 1.82 -0.36 28.82
C VAL C 257 2.81 0.67 28.32
N GLN C 258 4.09 0.41 28.53
CA GLN C 258 5.14 1.30 28.03
C GLN C 258 5.19 1.25 26.52
N MET C 259 5.67 2.34 25.92
CA MET C 259 5.84 2.47 24.47
C MET C 259 7.32 2.40 24.15
N VAL C 260 7.76 1.30 23.58
CA VAL C 260 9.16 1.07 23.25
C VAL C 260 9.45 1.65 21.88
N ASP C 261 10.69 2.14 21.71
CA ASP C 261 11.13 2.66 20.43
C ASP C 261 10.92 1.64 19.32
N GLY C 262 10.37 2.10 18.19
CA GLY C 262 10.11 1.25 17.05
C GLY C 262 8.76 0.59 17.03
N MET C 263 7.98 0.70 18.11
CA MET C 263 6.73 -0.04 18.19
C MET C 263 5.63 0.59 17.34
N ALA C 264 5.55 1.93 17.31
CA ALA C 264 4.45 2.58 16.62
C ALA C 264 4.86 3.99 16.20
N LYS C 265 4.63 4.30 14.94
CA LYS C 265 4.90 5.64 14.40
C LYS C 265 3.65 6.51 14.51
N MET C 266 3.87 7.79 14.79
CA MET C 266 2.79 8.76 14.85
C MET C 266 2.51 9.30 13.45
N GLY C 267 1.86 10.45 13.34
CA GLY C 267 1.54 10.98 12.02
C GLY C 267 2.78 11.45 11.26
N ASP C 268 3.66 12.18 11.94
CA ASP C 268 4.86 12.74 11.33
C ASP C 268 5.94 11.69 11.00
N GLY C 269 5.68 10.39 11.13
CA GLY C 269 6.69 9.39 10.86
C GLY C 269 7.69 9.18 11.97
N GLN C 270 7.53 9.84 13.11
CA GLN C 270 8.41 9.62 14.25
C GLN C 270 7.82 8.55 15.17
N PHE C 271 8.70 7.88 15.91
CA PHE C 271 8.27 6.83 16.81
C PHE C 271 7.84 7.43 18.14
N GLU C 272 6.81 6.85 18.75
CA GLU C 272 6.27 7.31 20.02
C GLU C 272 6.84 6.46 21.14
N ARG C 273 7.33 7.11 22.18
CA ARG C 273 7.98 6.43 23.29
C ARG C 273 7.53 7.03 24.61
N THR C 274 7.55 6.21 25.66
CA THR C 274 7.36 6.70 27.02
C THR C 274 8.60 7.46 27.43
N LEU C 275 8.57 8.79 27.26
CA LEU C 275 9.76 9.60 27.55
C LEU C 275 10.05 9.63 29.05
N PHE C 276 9.03 9.71 29.89
CA PHE C 276 9.25 9.63 31.32
C PHE C 276 8.02 9.02 32.00
N THR C 277 8.24 8.54 33.21
CA THR C 277 7.18 8.00 34.06
C THR C 277 7.25 8.71 35.40
N SER C 278 6.18 9.41 35.76
CA SER C 278 6.13 10.18 36.99
C SER C 278 5.16 9.52 37.97
N GLY C 279 5.38 9.81 39.25
CA GLY C 279 4.57 9.22 40.30
C GLY C 279 4.53 10.10 41.54
N TYR C 280 3.56 9.82 42.40
CA TYR C 280 3.38 10.58 43.62
C TYR C 280 2.88 9.65 44.72
N SER C 281 3.38 9.86 45.94
CA SER C 281 2.95 9.12 47.12
C SER C 281 2.54 10.11 48.19
N SER C 282 1.31 9.96 48.69
CA SER C 282 0.82 10.85 49.74
C SER C 282 1.28 10.41 51.14
N LYS C 283 1.77 9.18 51.28
CA LYS C 283 2.32 8.75 52.56
C LYS C 283 3.57 9.55 52.91
N THR C 284 4.35 9.95 51.91
CA THR C 284 5.58 10.69 52.13
C THR C 284 5.61 12.03 51.40
N ASN C 285 4.53 12.40 50.71
CA ASN C 285 4.45 13.64 49.93
C ASN C 285 5.68 13.82 49.06
N THR C 286 5.90 12.83 48.19
CA THR C 286 7.10 12.75 47.36
C THR C 286 6.72 12.45 45.93
N TYR C 287 7.44 13.06 44.99
CA TYR C 287 7.29 12.80 43.57
C TYR C 287 8.43 11.94 43.08
N TYR C 288 8.11 10.94 42.25
CA TYR C 288 9.10 10.04 41.69
C TYR C 288 9.08 10.17 40.16
N MET C 289 10.23 9.91 39.55
CA MET C 289 10.33 10.04 38.10
C MET C 289 11.54 9.28 37.59
N ASN C 290 11.36 8.58 36.47
CA ASN C 290 12.46 8.06 35.67
C ASN C 290 12.15 8.34 34.21
N THR C 291 13.15 8.12 33.35
CA THR C 291 13.03 8.47 31.94
C THR C 291 13.36 7.25 31.07
N TYR C 292 13.13 7.42 29.77
CA TYR C 292 13.44 6.36 28.82
C TYR C 292 14.91 6.02 28.81
N ASP C 293 15.77 7.02 29.02
CA ASP C 293 17.21 6.81 28.99
C ASP C 293 17.80 6.48 30.36
N ASP C 294 17.04 6.63 31.43
CA ASP C 294 17.52 6.35 32.79
C ASP C 294 16.41 5.71 33.59
N PRO C 295 16.39 4.38 33.70
CA PRO C 295 15.28 3.70 34.40
C PRO C 295 15.29 3.90 35.91
N ALA C 296 16.40 4.38 36.48
CA ALA C 296 16.47 4.56 37.93
C ALA C 296 15.45 5.60 38.39
N ILE C 297 14.63 5.21 39.36
CA ILE C 297 13.64 6.12 39.91
C ILE C 297 14.32 7.13 40.82
N ARG C 298 13.98 8.40 40.66
CA ARG C 298 14.52 9.47 41.48
C ARG C 298 13.39 10.15 42.24
N SER C 299 13.64 10.43 43.51
CA SER C 299 12.62 10.98 44.39
C SER C 299 12.84 12.49 44.60
N TYR C 300 11.73 13.20 44.77
CA TYR C 300 11.74 14.64 45.03
C TYR C 300 10.71 14.89 46.12
N ALA C 301 11.18 15.00 47.36
CA ALA C 301 10.31 15.14 48.52
C ALA C 301 9.91 16.59 48.73
N MET C 302 8.63 16.79 49.09
CA MET C 302 8.17 18.14 49.41
C MET C 302 8.90 18.71 50.62
N ALA C 303 9.31 17.86 51.56
CA ALA C 303 10.05 18.30 52.73
C ALA C 303 11.47 18.74 52.41
N ASP C 304 11.88 18.68 51.15
CA ASP C 304 13.19 19.15 50.72
C ASP C 304 13.16 20.56 50.15
N TYR C 305 12.00 21.21 50.14
CA TYR C 305 11.84 22.52 49.53
C TYR C 305 11.11 23.46 50.48
N ASP C 306 11.50 24.72 50.48
CA ASP C 306 10.81 25.74 51.27
C ASP C 306 9.40 25.95 50.73
N MET C 307 8.44 25.21 51.25
CA MET C 307 7.08 25.33 50.75
C MET C 307 6.43 26.67 51.11
N ASP C 308 7.11 27.50 51.90
CA ASP C 308 6.62 28.82 52.26
C ASP C 308 7.24 29.93 51.42
N SER C 309 8.18 29.61 50.53
CA SER C 309 8.78 30.61 49.67
C SER C 309 7.77 31.10 48.63
N SER C 310 8.22 31.98 47.73
CA SER C 310 7.32 32.63 46.79
C SER C 310 7.76 32.49 45.33
N GLU C 311 8.77 31.68 45.05
CA GLU C 311 9.29 31.54 43.70
C GLU C 311 9.11 30.11 43.21
N LEU C 312 8.79 29.98 41.92
CA LEU C 312 8.72 28.66 41.30
C LEU C 312 10.11 28.03 41.31
N ILE C 313 10.16 26.75 41.68
CA ILE C 313 11.41 26.00 41.76
C ILE C 313 11.36 24.90 40.71
N SER C 314 12.18 25.04 39.67
CA SER C 314 12.32 24.03 38.63
C SER C 314 13.61 23.25 38.87
N VAL C 315 13.49 21.95 39.08
CA VAL C 315 14.61 21.08 39.41
C VAL C 315 15.12 20.42 38.15
N ALA C 316 16.38 20.70 37.80
CA ALA C 316 16.99 20.11 36.61
C ALA C 316 17.71 18.82 36.99
N ARG C 317 18.36 18.21 36.00
CA ARG C 317 19.10 16.95 36.17
C ARG C 317 18.21 15.85 36.73
N CYS D 2 -29.16 -11.29 17.32
CA CYS D 2 -29.64 -11.02 15.98
C CYS D 2 -28.68 -10.16 15.18
N THR D 3 -28.74 -10.31 13.86
CA THR D 3 -27.90 -9.53 12.95
C THR D 3 -28.76 -9.09 11.78
N GLY D 4 -28.65 -7.82 11.40
CA GLY D 4 -29.34 -7.28 10.24
C GLY D 4 -28.36 -6.77 9.20
N VAL D 5 -28.65 -7.04 7.93
CA VAL D 5 -27.77 -6.69 6.83
C VAL D 5 -28.59 -6.04 5.72
N ARG D 6 -28.01 -5.01 5.09
CA ARG D 6 -28.60 -4.39 3.91
C ARG D 6 -27.50 -4.15 2.89
N PHE D 7 -27.84 -4.33 1.60
CA PHE D 7 -26.95 -3.94 0.52
C PHE D 7 -27.78 -3.75 -0.73
N SER D 8 -27.17 -3.10 -1.73
CA SER D 8 -27.81 -2.78 -2.99
C SER D 8 -27.11 -3.51 -4.13
N ASP D 9 -27.73 -3.47 -5.30
CA ASP D 9 -27.15 -4.05 -6.50
C ASP D 9 -26.79 -2.93 -7.49
N ASP D 10 -26.58 -3.31 -8.75
CA ASP D 10 -26.18 -2.33 -9.76
C ASP D 10 -27.30 -1.34 -10.06
N GLU D 11 -28.56 -1.74 -9.90
CA GLU D 11 -29.70 -0.93 -10.32
C GLU D 11 -30.48 -0.35 -9.13
N GLY D 12 -29.85 -0.24 -7.97
CA GLY D 12 -30.46 0.45 -6.84
C GLY D 12 -31.53 -0.31 -6.12
N ASN D 13 -31.63 -1.63 -6.31
CA ASN D 13 -32.64 -2.42 -5.63
C ASN D 13 -32.22 -2.68 -4.18
N THR D 14 -33.20 -3.12 -3.39
CA THR D 14 -32.99 -3.38 -1.96
C THR D 14 -32.77 -4.87 -1.73
N TYR D 15 -31.75 -5.19 -0.95
CA TYR D 15 -31.55 -6.53 -0.42
C TYR D 15 -31.28 -6.40 1.08
N PHE D 16 -32.08 -7.11 1.87
CA PHE D 16 -32.26 -6.83 3.28
C PHE D 16 -32.64 -8.12 3.99
N GLY D 17 -32.01 -8.38 5.13
CA GLY D 17 -32.29 -9.61 5.84
C GLY D 17 -31.81 -9.56 7.28
N ARG D 18 -32.19 -10.58 8.03
CA ARG D 18 -31.81 -10.65 9.45
C ARG D 18 -31.72 -12.11 9.90
N ASN D 19 -30.84 -12.34 10.87
CA ASN D 19 -30.83 -13.58 11.63
C ASN D 19 -31.72 -13.40 12.86
N LEU D 20 -32.42 -14.46 13.24
CA LEU D 20 -33.13 -14.51 14.50
C LEU D 20 -32.42 -15.50 15.40
N ASP D 21 -31.68 -14.98 16.38
CA ASP D 21 -30.96 -15.80 17.34
C ASP D 21 -31.72 -15.79 18.67
N TRP D 22 -32.12 -16.98 19.12
CA TRP D 22 -32.86 -17.13 20.36
C TRP D 22 -32.81 -18.59 20.78
N SER D 23 -33.44 -18.90 21.90
CA SER D 23 -33.42 -20.24 22.47
C SER D 23 -34.71 -21.02 22.23
N PHE D 24 -35.76 -20.37 21.73
CA PHE D 24 -37.02 -21.05 21.47
C PHE D 24 -37.77 -20.29 20.38
N SER D 25 -38.66 -20.99 19.70
CA SER D 25 -39.45 -20.39 18.64
C SER D 25 -40.66 -19.67 19.23
N TYR D 26 -41.11 -18.63 18.53
CA TYR D 26 -42.29 -17.88 18.90
C TYR D 26 -43.50 -18.27 18.06
N GLY D 27 -43.40 -19.34 17.27
CA GLY D 27 -44.47 -19.68 16.35
C GLY D 27 -44.67 -18.67 15.25
N GLU D 28 -43.61 -17.92 14.90
CA GLU D 28 -43.69 -16.93 13.85
C GLU D 28 -44.02 -17.57 12.51
N THR D 29 -44.36 -16.72 11.54
CA THR D 29 -44.76 -17.21 10.24
C THR D 29 -44.58 -16.10 9.21
N ILE D 30 -44.59 -16.49 7.94
CA ILE D 30 -44.67 -15.52 6.86
C ILE D 30 -46.03 -14.85 6.94
N LEU D 31 -46.03 -13.52 7.03
CA LEU D 31 -47.24 -12.76 7.29
C LEU D 31 -47.44 -11.72 6.19
N VAL D 32 -48.61 -11.74 5.57
CA VAL D 32 -48.98 -10.78 4.54
C VAL D 32 -50.12 -9.93 5.06
N THR D 33 -49.90 -8.63 5.14
CA THR D 33 -50.98 -7.68 5.45
C THR D 33 -51.28 -6.89 4.19
N PRO D 34 -52.40 -7.15 3.52
CA PRO D 34 -52.69 -6.49 2.25
C PRO D 34 -53.12 -5.03 2.45
N ARG D 35 -53.25 -4.33 1.33
CA ARG D 35 -53.58 -2.91 1.38
C ARG D 35 -54.97 -2.67 1.95
N GLY D 36 -55.93 -3.53 1.60
CA GLY D 36 -57.30 -3.33 2.06
C GLY D 36 -57.54 -3.72 3.51
N TYR D 37 -56.52 -4.27 4.19
CA TYR D 37 -56.65 -4.59 5.60
C TYR D 37 -56.82 -3.31 6.40
N HIS D 38 -57.82 -3.28 7.27
CA HIS D 38 -58.12 -2.11 8.09
C HIS D 38 -57.37 -2.23 9.41
N TYR D 39 -56.53 -1.24 9.71
CA TYR D 39 -55.74 -1.23 10.93
C TYR D 39 -55.95 0.10 11.65
N ASP D 40 -56.28 0.03 12.93
CA ASP D 40 -56.42 1.21 13.78
C ASP D 40 -55.19 1.29 14.68
N THR D 41 -54.41 2.35 14.50
CA THR D 41 -53.19 2.52 15.30
C THR D 41 -53.56 2.69 16.77
N VAL D 42 -52.67 2.19 17.64
CA VAL D 42 -53.00 2.10 19.06
C VAL D 42 -53.21 3.49 19.66
N PHE D 43 -52.37 4.44 19.29
CA PHE D 43 -52.44 5.79 19.84
C PHE D 43 -52.87 6.81 18.78
N GLY D 44 -53.63 6.36 17.79
CA GLY D 44 -54.11 7.27 16.76
C GLY D 44 -53.03 7.86 15.89
N ALA D 45 -51.96 7.11 15.62
CA ALA D 45 -50.88 7.62 14.79
C ALA D 45 -51.36 7.78 13.35
N GLY D 46 -50.85 8.82 12.70
CA GLY D 46 -51.23 9.09 11.33
C GLY D 46 -50.78 7.99 10.37
N GLY D 47 -51.30 8.08 9.16
CA GLY D 47 -50.97 7.11 8.14
C GLY D 47 -51.22 7.66 6.76
N LYS D 48 -51.18 6.76 5.78
CA LYS D 48 -51.45 7.11 4.39
C LYS D 48 -52.86 6.68 4.01
N ALA D 49 -53.47 7.44 3.10
CA ALA D 49 -54.82 7.13 2.65
C ALA D 49 -54.87 5.74 2.01
N LYS D 50 -54.04 5.52 1.00
CA LYS D 50 -53.88 4.21 0.40
C LYS D 50 -52.60 3.58 0.94
N PRO D 51 -52.67 2.70 1.93
CA PRO D 51 -51.45 2.13 2.52
C PRO D 51 -50.74 1.22 1.54
N ASN D 52 -49.54 0.80 1.93
CA ASN D 52 -48.71 -0.06 1.11
C ASN D 52 -48.93 -1.53 1.46
N ALA D 53 -48.72 -2.39 0.47
CA ALA D 53 -48.69 -3.82 0.73
C ALA D 53 -47.45 -4.18 1.56
N VAL D 54 -47.59 -5.16 2.45
CA VAL D 54 -46.56 -5.48 3.43
C VAL D 54 -46.46 -7.00 3.56
N ILE D 55 -45.22 -7.51 3.55
CA ILE D 55 -44.96 -8.91 3.82
C ILE D 55 -43.77 -8.99 4.78
N GLY D 56 -43.71 -10.07 5.55
CA GLY D 56 -42.62 -10.24 6.49
C GLY D 56 -42.85 -11.47 7.36
N VAL D 57 -42.09 -11.52 8.47
CA VAL D 57 -42.16 -12.61 9.43
C VAL D 57 -42.63 -12.05 10.77
N GLY D 58 -43.57 -12.73 11.40
CA GLY D 58 -44.05 -12.29 12.69
C GLY D 58 -45.16 -13.17 13.21
N VAL D 59 -45.87 -12.65 14.23
CA VAL D 59 -46.99 -13.34 14.84
C VAL D 59 -48.19 -12.41 14.84
N VAL D 60 -49.37 -13.00 15.07
CA VAL D 60 -50.62 -12.26 15.15
C VAL D 60 -51.11 -12.32 16.60
N MET D 61 -51.40 -11.16 17.18
CA MET D 61 -51.96 -11.07 18.52
C MET D 61 -53.04 -10.00 18.53
N ALA D 62 -54.26 -10.38 18.91
CA ALA D 62 -55.42 -9.49 18.91
C ALA D 62 -55.73 -9.00 17.49
N ASP D 63 -55.58 -9.89 16.51
CA ASP D 63 -55.82 -9.59 15.10
C ASP D 63 -54.93 -8.47 14.58
N ARG D 64 -53.78 -8.25 15.23
CA ARG D 64 -52.78 -7.29 14.79
C ARG D 64 -51.50 -8.02 14.41
N PRO D 65 -50.85 -7.62 13.30
CA PRO D 65 -49.61 -8.27 12.88
C PRO D 65 -48.41 -7.74 13.65
N MET D 66 -47.85 -8.57 14.51
CA MET D 66 -46.63 -8.24 15.25
C MET D 66 -45.45 -8.73 14.42
N TYR D 67 -44.81 -7.83 13.70
CA TYR D 67 -43.78 -8.19 12.73
C TYR D 67 -42.41 -8.22 13.42
N PHE D 68 -41.73 -9.36 13.33
CA PHE D 68 -40.32 -9.40 13.70
C PHE D 68 -39.50 -8.57 12.73
N ASP D 69 -39.89 -8.57 11.46
CA ASP D 69 -39.29 -7.80 10.39
C ASP D 69 -40.24 -7.88 9.19
N CYS D 70 -40.29 -6.80 8.41
CA CYS D 70 -41.21 -6.75 7.28
C CYS D 70 -40.70 -5.75 6.26
N ALA D 71 -41.29 -5.82 5.06
CA ALA D 71 -40.95 -4.93 3.96
C ALA D 71 -42.24 -4.59 3.21
N ASN D 72 -42.17 -3.54 2.39
CA ASN D 72 -43.32 -3.12 1.60
C ASN D 72 -43.05 -3.32 0.11
N GLU D 73 -43.99 -2.86 -0.71
CA GLU D 73 -43.91 -3.04 -2.15
C GLU D 73 -43.03 -2.01 -2.85
N HIS D 74 -42.40 -1.11 -2.09
CA HIS D 74 -41.57 -0.06 -2.68
C HIS D 74 -40.11 -0.14 -2.25
N GLY D 75 -39.68 -1.26 -1.68
CA GLY D 75 -38.28 -1.47 -1.37
C GLY D 75 -37.83 -1.01 0.00
N LEU D 76 -38.75 -0.70 0.91
CA LEU D 76 -38.41 -0.31 2.26
C LEU D 76 -38.62 -1.50 3.20
N ALA D 77 -37.64 -1.73 4.07
CA ALA D 77 -37.69 -2.86 5.00
C ALA D 77 -37.18 -2.41 6.36
N ILE D 78 -37.55 -3.16 7.39
CA ILE D 78 -37.25 -2.81 8.77
C ILE D 78 -37.24 -4.08 9.60
N ALA D 79 -36.33 -4.14 10.56
CA ALA D 79 -36.23 -5.27 11.48
C ALA D 79 -36.06 -4.77 12.90
N GLY D 80 -36.53 -5.57 13.86
CA GLY D 80 -36.42 -5.26 15.28
C GLY D 80 -35.43 -6.20 15.95
N LEU D 81 -34.46 -5.61 16.65
CA LEU D 81 -33.38 -6.36 17.27
C LEU D 81 -33.31 -6.03 18.76
N ASN D 82 -32.84 -6.99 19.54
CA ASN D 82 -32.81 -6.83 20.99
C ASN D 82 -31.87 -5.71 21.41
N PHE D 83 -32.30 -4.92 22.39
CA PHE D 83 -31.51 -3.82 22.91
C PHE D 83 -31.74 -3.59 24.40
N PRO D 84 -31.85 -4.64 25.23
CA PRO D 84 -32.12 -4.38 26.65
C PRO D 84 -30.89 -3.83 27.36
N GLY D 85 -31.14 -3.14 28.47
CA GLY D 85 -30.12 -2.40 29.15
C GLY D 85 -29.77 -1.07 28.51
N TYR D 86 -30.39 -0.74 27.39
CA TYR D 86 -30.08 0.49 26.67
C TYR D 86 -31.36 1.11 26.12
N ALA D 87 -32.27 0.27 25.62
CA ALA D 87 -33.55 0.78 25.15
C ALA D 87 -34.41 1.24 26.32
N SER D 88 -35.10 2.36 26.14
CA SER D 88 -35.94 2.93 27.19
C SER D 88 -37.08 3.70 26.53
N PHE D 89 -38.31 3.31 26.83
CA PHE D 89 -39.48 3.94 26.25
C PHE D 89 -40.39 4.49 27.33
N VAL D 90 -41.20 5.47 26.95
CA VAL D 90 -42.26 5.98 27.81
C VAL D 90 -43.49 5.12 27.62
N HIS D 91 -44.32 5.03 28.66
CA HIS D 91 -45.55 4.25 28.60
C HIS D 91 -46.78 5.11 28.38
N GLU D 92 -46.61 6.43 28.29
CA GLU D 92 -47.72 7.36 28.12
C GLU D 92 -47.53 8.15 26.84
N PRO D 93 -48.57 8.28 26.02
CA PRO D 93 -48.46 9.09 24.79
C PRO D 93 -48.15 10.54 25.09
N VAL D 94 -47.52 11.20 24.13
CA VAL D 94 -47.17 12.61 24.21
C VAL D 94 -47.88 13.32 23.08
N GLU D 95 -48.63 14.37 23.42
CA GLU D 95 -49.45 15.05 22.41
C GLU D 95 -48.61 16.01 21.59
N GLY D 96 -49.08 16.27 20.37
CA GLY D 96 -48.34 17.02 19.38
C GLY D 96 -47.39 16.18 18.54
N THR D 97 -47.22 14.91 18.87
CA THR D 97 -46.31 14.01 18.17
C THR D 97 -47.09 12.80 17.64
N GLU D 98 -46.46 12.07 16.73
CA GLU D 98 -47.02 10.83 16.21
C GLU D 98 -46.65 9.70 17.17
N ASN D 99 -47.62 9.27 17.96
CA ASN D 99 -47.39 8.27 18.99
C ASN D 99 -47.60 6.88 18.40
N VAL D 100 -46.55 6.07 18.41
CA VAL D 100 -46.56 4.74 17.82
C VAL D 100 -46.16 3.73 18.89
N ALA D 101 -46.94 2.67 19.04
CA ALA D 101 -46.56 1.60 19.93
C ALA D 101 -45.34 0.86 19.39
N THR D 102 -44.50 0.36 20.31
CA THR D 102 -43.26 -0.29 19.89
C THR D 102 -43.54 -1.52 19.04
N PHE D 103 -44.57 -2.30 19.38
CA PHE D 103 -44.86 -3.50 18.60
C PHE D 103 -45.36 -3.17 17.21
N GLU D 104 -45.98 -2.00 17.03
CA GLU D 104 -46.56 -1.62 15.75
C GLU D 104 -45.65 -0.72 14.93
N PHE D 105 -44.47 -0.37 15.46
CA PHE D 105 -43.52 0.42 14.70
C PHE D 105 -43.12 -0.21 13.37
N PRO D 106 -42.81 -1.52 13.29
CA PRO D 106 -42.47 -2.08 11.96
C PRO D 106 -43.62 -2.00 10.96
N LEU D 107 -44.84 -2.35 11.36
CA LEU D 107 -45.97 -2.29 10.44
C LEU D 107 -46.28 -0.84 10.05
N TRP D 108 -46.14 0.09 11.00
CA TRP D 108 -46.40 1.49 10.70
C TRP D 108 -45.42 2.04 9.67
N VAL D 109 -44.13 1.68 9.79
CA VAL D 109 -43.13 2.17 8.87
C VAL D 109 -43.38 1.62 7.47
N ALA D 110 -43.61 0.31 7.37
CA ALA D 110 -43.76 -0.32 6.05
C ALA D 110 -45.05 0.11 5.37
N ARG D 111 -46.07 0.50 6.13
CA ARG D 111 -47.36 0.82 5.52
C ARG D 111 -47.42 2.23 4.96
N ASN D 112 -46.73 3.19 5.57
CA ASN D 112 -46.95 4.60 5.29
C ASN D 112 -45.76 5.30 4.65
N PHE D 113 -44.66 4.61 4.40
CA PHE D 113 -43.46 5.27 3.90
C PHE D 113 -42.84 4.48 2.77
N ASP D 114 -42.20 5.20 1.84
CA ASP D 114 -41.62 4.61 0.65
C ASP D 114 -40.11 4.72 0.59
N SER D 115 -39.45 5.29 1.59
CA SER D 115 -38.02 5.51 1.55
C SER D 115 -37.50 5.80 2.94
N VAL D 116 -36.21 5.50 3.15
CA VAL D 116 -35.55 5.87 4.40
C VAL D 116 -35.58 7.37 4.60
N ASP D 117 -35.51 8.13 3.49
CA ASP D 117 -35.59 9.59 3.57
C ASP D 117 -36.88 10.03 4.27
N GLU D 118 -38.02 9.46 3.88
CA GLU D 118 -39.28 9.82 4.50
C GLU D 118 -39.31 9.43 5.97
N VAL D 119 -38.82 8.23 6.29
CA VAL D 119 -38.85 7.75 7.66
C VAL D 119 -38.01 8.64 8.57
N GLU D 120 -36.87 9.11 8.07
CA GLU D 120 -35.98 9.92 8.89
C GLU D 120 -36.63 11.24 9.28
N GLU D 121 -37.36 11.86 8.35
CA GLU D 121 -37.99 13.14 8.66
C GLU D 121 -39.22 12.97 9.53
N THR D 122 -40.02 11.94 9.27
CA THR D 122 -41.21 11.69 10.09
C THR D 122 -40.82 11.35 11.52
N LEU D 123 -39.74 10.60 11.71
CA LEU D 123 -39.28 10.26 13.05
C LEU D 123 -38.95 11.48 13.88
N ARG D 124 -38.62 12.61 13.23
CA ARG D 124 -38.30 13.83 13.96
C ARG D 124 -39.44 14.31 14.86
N ASN D 125 -40.63 13.76 14.71
CA ASN D 125 -41.77 14.08 15.58
C ASN D 125 -42.56 12.81 15.89
N VAL D 126 -41.87 11.79 16.39
CA VAL D 126 -42.48 10.52 16.75
C VAL D 126 -42.12 10.20 18.19
N THR D 127 -43.11 9.73 18.95
CA THR D 127 -42.90 9.23 20.30
C THR D 127 -43.12 7.73 20.28
N LEU D 128 -42.07 6.96 20.59
CA LEU D 128 -42.15 5.51 20.67
C LEU D 128 -42.63 5.14 22.07
N VAL D 129 -43.86 4.61 22.15
CA VAL D 129 -44.49 4.31 23.42
C VAL D 129 -44.53 2.80 23.61
N SER D 130 -44.13 2.35 24.80
CA SER D 130 -44.11 0.94 25.15
C SER D 130 -45.42 0.60 25.87
N GLN D 131 -46.25 -0.22 25.23
CA GLN D 131 -47.48 -0.74 25.83
C GLN D 131 -47.32 -2.24 26.00
N ILE D 132 -47.46 -2.72 27.24
CA ILE D 132 -47.24 -4.13 27.53
C ILE D 132 -48.30 -4.97 26.82
N VAL D 133 -47.86 -6.05 26.17
CA VAL D 133 -48.76 -6.96 25.48
C VAL D 133 -49.14 -8.08 26.45
N PRO D 134 -50.42 -8.49 26.48
CA PRO D 134 -50.84 -9.57 27.39
C PRO D 134 -49.93 -10.78 27.42
N GLY D 135 -49.36 -11.07 28.58
CA GLY D 135 -48.62 -12.29 28.81
C GLY D 135 -47.14 -12.24 28.46
N GLN D 136 -46.68 -11.21 27.76
CA GLN D 136 -45.30 -11.12 27.32
C GLN D 136 -44.61 -9.95 28.01
N GLN D 137 -43.41 -10.19 28.52
CA GLN D 137 -42.62 -9.11 29.09
C GLN D 137 -42.31 -8.08 28.01
N GLU D 138 -42.09 -6.83 28.44
CA GLU D 138 -41.90 -5.75 27.48
C GLU D 138 -40.62 -5.96 26.68
N SER D 139 -40.71 -5.69 25.37
CA SER D 139 -39.56 -5.83 24.48
C SER D 139 -38.78 -4.52 24.45
N LEU D 140 -37.47 -4.62 24.60
CA LEU D 140 -36.57 -3.49 24.53
C LEU D 140 -35.74 -3.67 23.27
N LEU D 141 -36.19 -3.04 22.18
CA LEU D 141 -35.59 -3.23 20.87
C LEU D 141 -35.04 -1.92 20.32
N HIS D 142 -34.13 -2.05 19.36
CA HIS D 142 -33.81 -1.00 18.43
C HIS D 142 -34.04 -1.54 17.02
N TRP D 143 -34.14 -0.63 16.06
CA TRP D 143 -34.63 -1.00 14.74
C TRP D 143 -33.61 -0.66 13.65
N PHE D 144 -33.60 -1.49 12.62
CA PHE D 144 -32.71 -1.37 11.47
C PHE D 144 -33.57 -1.18 10.23
N ILE D 145 -33.57 0.03 9.69
CA ILE D 145 -34.42 0.38 8.55
C ILE D 145 -33.51 0.67 7.36
N GLY D 146 -33.87 0.14 6.20
CA GLY D 146 -33.08 0.35 5.00
C GLY D 146 -33.92 0.26 3.75
N ASP D 147 -33.50 1.00 2.72
CA ASP D 147 -34.13 0.90 1.42
C ASP D 147 -33.08 0.54 0.36
N GLY D 148 -33.29 0.99 -0.87
CA GLY D 148 -32.34 0.70 -1.93
C GLY D 148 -31.08 1.53 -1.92
N LYS D 149 -31.04 2.61 -1.14
CA LYS D 149 -29.91 3.52 -1.13
C LYS D 149 -29.09 3.50 0.15
N ARG D 150 -29.72 3.33 1.31
CA ARG D 150 -29.02 3.48 2.57
C ARG D 150 -29.84 2.84 3.68
N SER D 151 -29.29 2.87 4.89
CA SER D 151 -29.96 2.35 6.07
C SER D 151 -29.73 3.29 7.24
N ILE D 152 -30.63 3.20 8.23
CA ILE D 152 -30.53 3.97 9.46
C ILE D 152 -30.79 3.05 10.64
N VAL D 153 -30.36 3.49 11.82
CA VAL D 153 -30.56 2.78 13.08
C VAL D 153 -31.37 3.68 14.00
N VAL D 154 -32.44 3.14 14.57
CA VAL D 154 -33.30 3.88 15.49
C VAL D 154 -33.12 3.28 16.88
N GLU D 155 -32.49 4.04 17.77
CA GLU D 155 -32.19 3.58 19.12
C GLU D 155 -32.84 4.55 20.11
N GLN D 156 -34.02 4.19 20.61
CA GLN D 156 -34.73 5.00 21.59
C GLN D 156 -34.21 4.67 22.98
N MET D 157 -33.60 5.64 23.62
CA MET D 157 -32.95 5.44 24.92
C MET D 157 -33.51 6.42 25.92
N ALA D 158 -32.94 6.41 27.13
CA ALA D 158 -33.46 7.25 28.22
C ALA D 158 -33.31 8.73 27.91
N ASP D 159 -32.22 9.12 27.24
CA ASP D 159 -31.95 10.51 26.92
C ASP D 159 -32.54 10.94 25.59
N GLY D 160 -33.44 10.16 25.02
CA GLY D 160 -34.12 10.52 23.79
C GLY D 160 -33.94 9.48 22.71
N MET D 161 -34.31 9.87 21.49
CA MET D 161 -34.26 8.98 20.34
C MET D 161 -33.08 9.37 19.45
N HIS D 162 -32.21 8.41 19.18
CA HIS D 162 -31.05 8.60 18.31
C HIS D 162 -31.30 7.88 16.99
N VAL D 163 -31.15 8.60 15.89
CA VAL D 163 -31.25 8.05 14.54
C VAL D 163 -29.88 8.18 13.91
N HIS D 164 -29.21 7.05 13.68
CA HIS D 164 -27.86 7.03 13.14
C HIS D 164 -27.89 6.67 11.66
N HIS D 165 -26.99 7.30 10.89
CA HIS D 165 -26.74 6.88 9.52
C HIS D 165 -25.86 5.64 9.56
N ASP D 166 -26.38 4.52 9.04
CA ASP D 166 -25.67 3.23 9.12
C ASP D 166 -24.75 3.11 7.92
N ASP D 167 -23.53 3.63 8.07
CA ASP D 167 -22.58 3.60 6.96
C ASP D 167 -22.02 2.21 6.68
N VAL D 168 -22.18 1.25 7.60
CA VAL D 168 -21.77 -0.12 7.35
C VAL D 168 -22.95 -1.01 6.99
N ASP D 169 -24.17 -0.47 6.97
CA ASP D 169 -25.35 -1.19 6.51
C ASP D 169 -25.60 -2.48 7.30
N VAL D 170 -25.35 -2.43 8.61
CA VAL D 170 -25.37 -3.63 9.44
C VAL D 170 -25.72 -3.23 10.87
N LEU D 171 -26.28 -4.18 11.63
CA LEU D 171 -26.67 -3.92 13.01
C LEU D 171 -26.75 -5.25 13.76
N THR D 172 -26.45 -5.19 15.05
CA THR D 172 -26.61 -6.34 15.94
C THR D 172 -27.36 -5.95 17.21
N ASN D 173 -26.77 -6.22 18.37
CA ASN D 173 -27.43 -5.91 19.63
C ASN D 173 -26.64 -4.88 20.44
N GLN D 174 -26.47 -5.13 21.73
CA GLN D 174 -25.80 -4.19 22.62
C GLN D 174 -24.30 -4.16 22.34
N PRO D 175 -23.62 -3.06 22.66
CA PRO D 175 -24.12 -1.82 23.27
C PRO D 175 -24.61 -0.81 22.23
N THR D 176 -24.37 0.48 22.47
CA THR D 176 -24.85 1.53 21.60
C THR D 176 -24.21 1.44 20.21
N PHE D 177 -24.90 1.99 19.22
CA PHE D 177 -24.38 2.00 17.86
C PHE D 177 -23.08 2.80 17.75
N ASP D 178 -22.94 3.85 18.56
CA ASP D 178 -21.71 4.63 18.54
C ASP D 178 -20.52 3.80 19.00
N PHE D 179 -20.73 2.92 19.98
CA PHE D 179 -19.66 2.03 20.41
C PHE D 179 -19.20 1.13 19.27
N HIS D 180 -20.14 0.59 18.50
CA HIS D 180 -19.79 -0.36 17.45
C HIS D 180 -19.01 0.33 16.33
N MET D 181 -19.38 1.57 16.00
CA MET D 181 -18.66 2.29 14.96
C MET D 181 -17.25 2.64 15.40
N GLU D 182 -17.07 2.96 16.68
CA GLU D 182 -15.73 3.20 17.20
C GLU D 182 -14.93 1.92 17.27
N ASN D 183 -15.58 0.82 17.68
CA ASN D 183 -14.89 -0.46 17.79
C ASN D 183 -14.33 -0.92 16.46
N LEU D 184 -14.99 -0.57 15.35
CA LEU D 184 -14.51 -0.96 14.03
C LEU D 184 -13.09 -0.47 13.77
N ARG D 185 -12.70 0.65 14.40
CA ARG D 185 -11.40 1.24 14.13
C ARG D 185 -10.25 0.36 14.60
N ASN D 186 -10.50 -0.58 15.53
CA ASN D 186 -9.45 -1.50 15.94
C ASN D 186 -9.05 -2.44 14.81
N TYR D 187 -9.99 -2.75 13.92
CA TYR D 187 -9.79 -3.73 12.87
C TYR D 187 -9.55 -3.09 11.51
N MET D 188 -9.26 -1.79 11.48
CA MET D 188 -9.12 -1.05 10.24
C MET D 188 -7.95 -1.52 9.39
N CYS D 189 -7.06 -2.36 9.91
CA CYS D 189 -5.91 -2.83 9.16
C CYS D 189 -6.11 -4.21 8.54
N VAL D 190 -7.16 -4.93 8.91
CA VAL D 190 -7.42 -6.22 8.28
C VAL D 190 -7.73 -5.99 6.81
N SER D 191 -7.42 -6.99 5.98
CA SER D 191 -7.57 -6.88 4.54
C SER D 191 -7.98 -8.23 3.98
N ASN D 192 -8.72 -8.20 2.87
CA ASN D 192 -9.05 -9.42 2.16
C ASN D 192 -8.03 -9.77 1.09
N GLU D 193 -7.01 -8.93 0.91
CA GLU D 193 -5.92 -9.24 0.00
C GLU D 193 -5.04 -10.34 0.56
N MET D 194 -4.29 -10.98 -0.33
CA MET D 194 -3.25 -11.92 0.08
C MET D 194 -2.24 -11.22 0.98
N ALA D 195 -1.90 -11.86 2.09
CA ALA D 195 -0.91 -11.29 3.01
C ALA D 195 0.42 -11.12 2.29
N GLU D 196 0.92 -9.89 2.25
CA GLU D 196 2.15 -9.60 1.54
C GLU D 196 3.35 -10.19 2.29
N PRO D 197 4.24 -10.89 1.60
CA PRO D 197 5.44 -11.41 2.28
C PRO D 197 6.26 -10.29 2.89
N THR D 198 6.87 -10.58 4.04
CA THR D 198 7.60 -9.58 4.79
C THR D 198 8.63 -10.29 5.67
N SER D 199 9.44 -9.51 6.38
CA SER D 199 10.43 -10.07 7.28
C SER D 199 10.43 -9.34 8.62
N TRP D 200 10.60 -10.09 9.70
CA TRP D 200 10.91 -9.57 11.03
C TRP D 200 12.38 -9.89 11.28
N GLY D 201 13.24 -8.88 11.13
CA GLY D 201 14.67 -9.12 11.20
C GLY D 201 15.09 -10.06 10.08
N LYS D 202 15.71 -11.18 10.44
CA LYS D 202 16.12 -12.18 9.47
C LYS D 202 15.02 -13.18 9.14
N ALA D 203 13.92 -13.17 9.88
CA ALA D 203 12.87 -14.16 9.70
C ALA D 203 11.95 -13.73 8.56
N SER D 204 11.85 -14.57 7.53
CA SER D 204 10.96 -14.32 6.41
C SER D 204 9.56 -14.87 6.73
N LEU D 205 8.55 -14.04 6.57
CA LEU D 205 7.17 -14.39 6.89
C LEU D 205 6.33 -14.44 5.62
N THR D 206 5.72 -15.58 5.36
CA THR D 206 4.76 -15.75 4.28
C THR D 206 3.52 -16.43 4.82
N ALA D 207 2.38 -16.15 4.20
CA ALA D 207 1.13 -16.76 4.62
C ALA D 207 1.04 -18.19 4.10
N TRP D 208 0.40 -19.06 4.89
CA TRP D 208 0.14 -20.42 4.43
C TRP D 208 -0.79 -20.42 3.22
N GLY D 209 -1.76 -19.52 3.22
CA GLY D 209 -2.74 -19.41 2.16
C GLY D 209 -3.71 -18.28 2.41
N ALA D 210 -4.93 -18.42 1.90
CA ALA D 210 -5.92 -17.36 2.04
C ALA D 210 -6.35 -17.19 3.50
N GLY D 211 -6.65 -15.94 3.88
CA GLY D 211 -7.25 -15.63 5.16
C GLY D 211 -6.31 -14.98 6.15
N VAL D 212 -5.00 -15.04 5.94
CA VAL D 212 -4.06 -14.52 6.91
C VAL D 212 -4.20 -13.00 7.02
N GLY D 213 -4.45 -12.32 5.91
CA GLY D 213 -4.67 -10.89 5.97
C GLY D 213 -5.90 -10.50 6.77
N MET D 214 -6.84 -11.42 6.94
CA MET D 214 -8.06 -11.19 7.69
C MET D 214 -7.89 -11.47 9.18
N HIS D 215 -6.72 -11.99 9.58
CA HIS D 215 -6.46 -12.28 10.98
C HIS D 215 -6.64 -11.04 11.84
N GLY D 216 -7.34 -11.21 12.97
CA GLY D 216 -7.73 -10.12 13.84
C GLY D 216 -9.23 -10.01 14.01
N ILE D 217 -9.99 -10.47 13.03
CA ILE D 217 -11.45 -10.47 13.11
C ILE D 217 -11.88 -11.45 14.19
N PRO D 218 -12.65 -11.02 15.18
CA PRO D 218 -13.08 -11.94 16.23
C PRO D 218 -14.05 -12.99 15.70
N GLY D 219 -14.05 -14.15 16.34
CA GLY D 219 -14.87 -15.26 15.88
C GLY D 219 -15.99 -15.65 16.83
N ASP D 220 -16.07 -15.00 17.98
CA ASP D 220 -17.11 -15.34 18.94
C ASP D 220 -18.47 -14.80 18.49
N VAL D 221 -19.53 -15.33 19.09
CA VAL D 221 -20.89 -14.99 18.69
C VAL D 221 -21.48 -13.90 19.58
N SER D 222 -20.66 -13.19 20.35
CA SER D 222 -21.18 -12.08 21.12
C SER D 222 -21.61 -10.93 20.19
N SER D 223 -22.37 -10.00 20.75
CA SER D 223 -22.93 -8.92 19.93
C SER D 223 -21.86 -8.01 19.33
N PRO D 224 -20.90 -7.48 20.09
CA PRO D 224 -19.88 -6.62 19.46
C PRO D 224 -19.03 -7.34 18.42
N SER D 225 -18.73 -8.63 18.64
CA SER D 225 -17.87 -9.33 17.69
C SER D 225 -18.62 -9.71 16.42
N ARG D 226 -19.90 -10.07 16.54
CA ARG D 226 -20.70 -10.32 15.35
C ARG D 226 -20.81 -9.06 14.49
N PHE D 227 -20.93 -7.90 15.14
CA PHE D 227 -20.99 -6.63 14.41
C PHE D 227 -19.76 -6.45 13.54
N VAL D 228 -18.58 -6.67 14.11
CA VAL D 228 -17.34 -6.49 13.36
C VAL D 228 -17.25 -7.51 12.23
N ARG D 229 -17.59 -8.78 12.52
CA ARG D 229 -17.46 -9.84 11.52
C ARG D 229 -18.41 -9.61 10.35
N VAL D 230 -19.67 -9.26 10.64
CA VAL D 230 -20.64 -9.10 9.55
C VAL D 230 -20.43 -7.78 8.82
N ALA D 231 -19.90 -6.76 9.50
CA ALA D 231 -19.60 -5.51 8.80
C ALA D 231 -18.46 -5.70 7.82
N TYR D 232 -17.43 -6.47 8.21
CA TYR D 232 -16.34 -6.76 7.29
C TYR D 232 -16.83 -7.59 6.10
N THR D 233 -17.64 -8.62 6.38
CA THR D 233 -18.14 -9.48 5.31
C THR D 233 -19.01 -8.70 4.34
N ASN D 234 -19.93 -7.87 4.87
CA ASN D 234 -20.84 -7.14 4.02
C ASN D 234 -20.13 -6.08 3.18
N ALA D 235 -19.04 -5.52 3.70
CA ALA D 235 -18.34 -4.44 3.00
C ALA D 235 -17.37 -4.94 1.94
N HIS D 236 -16.96 -6.20 2.01
CA HIS D 236 -15.98 -6.75 1.08
C HIS D 236 -16.59 -7.75 0.10
N TYR D 237 -17.87 -8.05 0.22
CA TYR D 237 -18.52 -8.93 -0.74
C TYR D 237 -18.59 -8.24 -2.10
N PRO D 238 -18.13 -8.88 -3.17
CA PRO D 238 -18.25 -8.26 -4.50
C PRO D 238 -19.72 -8.02 -4.85
N GLN D 239 -19.97 -6.87 -5.48
CA GLN D 239 -21.33 -6.53 -5.88
C GLN D 239 -21.83 -7.50 -6.94
N GLN D 240 -23.08 -7.91 -6.80
CA GLN D 240 -23.73 -8.84 -7.73
C GLN D 240 -24.81 -8.10 -8.52
N ASN D 241 -25.29 -8.77 -9.57
CA ASN D 241 -26.12 -8.10 -10.56
C ASN D 241 -27.40 -8.85 -10.92
N ASP D 242 -27.65 -10.03 -10.34
CA ASP D 242 -28.87 -10.78 -10.62
C ASP D 242 -29.48 -11.25 -9.31
N GLU D 243 -30.75 -11.68 -9.39
CA GLU D 243 -31.54 -11.96 -8.20
C GLU D 243 -30.93 -13.12 -7.40
N ALA D 244 -30.66 -14.24 -8.08
CA ALA D 244 -30.18 -15.42 -7.37
C ALA D 244 -28.84 -15.16 -6.69
N ALA D 245 -27.93 -14.46 -7.38
CA ALA D 245 -26.61 -14.20 -6.80
C ALA D 245 -26.72 -13.24 -5.62
N ASN D 246 -27.62 -12.26 -5.70
CA ASN D 246 -27.76 -11.31 -4.60
C ASN D 246 -28.43 -11.96 -3.39
N VAL D 247 -29.46 -12.78 -3.63
CA VAL D 247 -30.06 -13.54 -2.53
C VAL D 247 -29.03 -14.47 -1.91
N SER D 248 -28.19 -15.09 -2.75
CA SER D 248 -27.10 -15.90 -2.22
C SER D 248 -26.13 -15.06 -1.39
N ARG D 249 -25.83 -13.85 -1.85
CA ARG D 249 -24.97 -12.96 -1.07
C ARG D 249 -25.60 -12.66 0.29
N LEU D 250 -26.91 -12.41 0.31
CA LEU D 250 -27.59 -12.04 1.55
C LEU D 250 -27.46 -13.15 2.59
N PHE D 251 -27.85 -14.38 2.23
CA PHE D 251 -27.85 -15.46 3.21
C PHE D 251 -26.43 -15.88 3.59
N HIS D 252 -25.47 -15.77 2.68
CA HIS D 252 -24.08 -16.09 3.02
C HIS D 252 -23.50 -15.05 3.96
N THR D 253 -23.82 -13.77 3.75
CA THR D 253 -23.35 -12.72 4.64
C THR D 253 -23.92 -12.88 6.04
N LEU D 254 -25.22 -13.15 6.13
CA LEU D 254 -25.82 -13.41 7.44
C LEU D 254 -25.32 -14.73 8.02
N GLY D 255 -24.97 -15.70 7.16
CA GLY D 255 -24.39 -16.94 7.63
C GLY D 255 -23.03 -16.77 8.26
N SER D 256 -22.33 -15.68 7.97
CA SER D 256 -21.01 -15.43 8.55
C SER D 256 -21.08 -15.19 10.04
N VAL D 257 -22.25 -14.85 10.57
CA VAL D 257 -22.41 -14.60 12.01
C VAL D 257 -23.51 -15.50 12.55
N GLN D 258 -23.65 -16.70 11.96
CA GLN D 258 -24.64 -17.66 12.41
C GLN D 258 -24.27 -18.22 13.78
N MET D 259 -25.29 -18.55 14.56
CA MET D 259 -25.11 -19.12 15.90
C MET D 259 -25.46 -20.60 15.87
N VAL D 260 -24.47 -21.45 16.10
CA VAL D 260 -24.61 -22.90 16.01
C VAL D 260 -24.89 -23.46 17.39
N ASP D 261 -25.62 -24.57 17.43
CA ASP D 261 -25.97 -25.23 18.69
C ASP D 261 -24.71 -25.58 19.48
N GLY D 262 -24.70 -25.21 20.76
CA GLY D 262 -23.59 -25.50 21.63
C GLY D 262 -22.54 -24.42 21.73
N MET D 263 -22.68 -23.33 20.97
CA MET D 263 -21.65 -22.30 20.96
C MET D 263 -21.75 -21.38 22.18
N ALA D 264 -22.96 -20.94 22.53
CA ALA D 264 -23.11 -19.94 23.58
C ALA D 264 -24.43 -20.16 24.32
N LYS D 265 -24.36 -20.22 25.64
CA LYS D 265 -25.54 -20.31 26.47
C LYS D 265 -26.02 -18.92 26.87
N MET D 266 -27.31 -18.83 27.16
CA MET D 266 -27.92 -17.59 27.64
C MET D 266 -28.06 -17.64 29.16
N GLY D 267 -28.65 -16.59 29.73
CA GLY D 267 -28.87 -16.56 31.16
C GLY D 267 -29.79 -17.66 31.64
N ASP D 268 -30.70 -18.11 30.77
CA ASP D 268 -31.58 -19.23 31.10
C ASP D 268 -30.80 -20.53 31.28
N GLY D 269 -29.68 -20.68 30.57
CA GLY D 269 -28.94 -21.92 30.53
C GLY D 269 -29.12 -22.72 29.27
N GLN D 270 -29.90 -22.23 28.31
CA GLN D 270 -30.11 -22.89 27.03
C GLN D 270 -29.29 -22.21 25.94
N PHE D 271 -28.97 -22.97 24.90
CA PHE D 271 -28.12 -22.48 23.83
C PHE D 271 -28.91 -21.56 22.91
N GLU D 272 -28.33 -20.40 22.58
CA GLU D 272 -28.91 -19.51 21.60
C GLU D 272 -28.46 -19.96 20.20
N ARG D 273 -29.40 -20.00 19.26
CA ARG D 273 -29.13 -20.49 17.92
C ARG D 273 -29.87 -19.64 16.90
N THR D 274 -29.34 -19.60 15.68
CA THR D 274 -30.01 -18.91 14.59
C THR D 274 -31.21 -19.72 14.13
N LEU D 275 -32.39 -19.43 14.70
CA LEU D 275 -33.57 -20.24 14.42
C LEU D 275 -33.99 -20.12 12.95
N PHE D 276 -34.02 -18.89 12.41
CA PHE D 276 -34.31 -18.70 11.01
C PHE D 276 -33.55 -17.50 10.49
N THR D 277 -33.35 -17.48 9.18
CA THR D 277 -32.79 -16.34 8.46
C THR D 277 -33.80 -15.88 7.43
N SER D 278 -34.21 -14.61 7.54
CA SER D 278 -35.19 -14.03 6.64
C SER D 278 -34.52 -13.02 5.72
N GLY D 279 -35.19 -12.73 4.61
CA GLY D 279 -34.63 -11.80 3.63
C GLY D 279 -35.69 -11.28 2.69
N TYR D 280 -35.39 -10.12 2.10
CA TYR D 280 -36.33 -9.45 1.20
C TYR D 280 -35.58 -8.86 0.02
N SER D 281 -36.18 -8.99 -1.16
CA SER D 281 -35.64 -8.41 -2.39
C SER D 281 -36.67 -7.46 -2.99
N SER D 282 -36.25 -6.23 -3.28
CA SER D 282 -37.14 -5.27 -3.89
C SER D 282 -37.19 -5.39 -5.40
N LYS D 283 -36.19 -6.05 -6.00
CA LYS D 283 -36.20 -6.27 -7.44
C LYS D 283 -37.38 -7.13 -7.86
N THR D 284 -37.79 -8.09 -7.02
CA THR D 284 -38.91 -8.95 -7.32
C THR D 284 -39.99 -8.93 -6.25
N ASN D 285 -39.87 -8.07 -5.23
CA ASN D 285 -40.84 -7.96 -4.13
C ASN D 285 -41.14 -9.33 -3.54
N THR D 286 -40.08 -10.01 -3.12
CA THR D 286 -40.16 -11.37 -2.61
C THR D 286 -39.48 -11.46 -1.26
N TYR D 287 -40.12 -12.18 -0.33
CA TYR D 287 -39.53 -12.49 0.95
C TYR D 287 -38.92 -13.88 0.91
N TYR D 288 -37.77 -14.04 1.57
CA TYR D 288 -37.05 -15.31 1.59
C TYR D 288 -36.81 -15.75 3.02
N MET D 289 -36.72 -17.07 3.21
CA MET D 289 -36.57 -17.62 4.56
C MET D 289 -36.07 -19.05 4.50
N ASN D 290 -35.13 -19.38 5.38
CA ASN D 290 -34.79 -20.74 5.74
C ASN D 290 -34.69 -20.85 7.26
N THR D 291 -34.52 -22.07 7.75
CA THR D 291 -34.53 -22.34 9.18
C THR D 291 -33.30 -23.15 9.57
N TYR D 292 -33.12 -23.30 10.89
CA TYR D 292 -32.00 -24.08 11.41
C TYR D 292 -32.10 -25.54 10.98
N ASP D 293 -33.31 -26.08 10.89
CA ASP D 293 -33.49 -27.48 10.51
C ASP D 293 -33.63 -27.68 9.00
N ASP D 294 -33.80 -26.62 8.23
CA ASP D 294 -33.99 -26.72 6.78
C ASP D 294 -33.32 -25.51 6.14
N PRO D 295 -32.10 -25.67 5.62
CA PRO D 295 -31.40 -24.53 4.99
C PRO D 295 -31.93 -24.18 3.61
N ALA D 296 -32.81 -24.99 3.03
CA ALA D 296 -33.38 -24.68 1.72
C ALA D 296 -34.16 -23.38 1.78
N ILE D 297 -33.77 -22.42 0.94
CA ILE D 297 -34.38 -21.10 0.97
C ILE D 297 -35.75 -21.16 0.30
N ARG D 298 -36.79 -20.85 1.06
CA ARG D 298 -38.14 -20.76 0.52
C ARG D 298 -38.46 -19.32 0.15
N SER D 299 -39.24 -19.14 -0.91
CA SER D 299 -39.57 -17.83 -1.44
C SER D 299 -41.06 -17.56 -1.27
N TYR D 300 -41.38 -16.29 -1.04
CA TYR D 300 -42.77 -15.84 -0.84
C TYR D 300 -42.91 -14.50 -1.57
N ALA D 301 -43.42 -14.57 -2.80
CA ALA D 301 -43.55 -13.37 -3.62
C ALA D 301 -44.74 -12.54 -3.16
N MET D 302 -44.71 -11.26 -3.54
CA MET D 302 -45.86 -10.40 -3.30
C MET D 302 -46.90 -10.56 -4.40
N ALA D 303 -46.46 -10.95 -5.60
CA ALA D 303 -47.31 -11.02 -6.77
C ALA D 303 -48.19 -12.27 -6.80
N ASP D 304 -48.16 -13.11 -5.78
CA ASP D 304 -49.06 -14.25 -5.70
C ASP D 304 -49.92 -14.19 -4.44
N TYR D 305 -50.20 -12.97 -3.97
CA TYR D 305 -51.17 -12.72 -2.92
C TYR D 305 -51.98 -11.50 -3.30
N ASP D 306 -53.30 -11.58 -3.09
CA ASP D 306 -54.17 -10.45 -3.38
C ASP D 306 -53.90 -9.31 -2.40
N MET D 307 -53.03 -8.39 -2.79
CA MET D 307 -52.68 -7.27 -1.92
C MET D 307 -53.82 -6.27 -1.75
N ASP D 308 -54.94 -6.48 -2.42
CA ASP D 308 -56.12 -5.66 -2.22
C ASP D 308 -57.10 -6.28 -1.23
N SER D 309 -56.82 -7.49 -0.74
CA SER D 309 -57.68 -8.16 0.22
C SER D 309 -57.70 -7.38 1.54
N SER D 310 -58.50 -7.87 2.49
CA SER D 310 -58.74 -7.15 3.72
C SER D 310 -58.36 -7.91 4.99
N GLU D 311 -57.97 -9.18 4.88
CA GLU D 311 -57.65 -10.00 6.05
C GLU D 311 -56.18 -10.38 6.03
N LEU D 312 -55.63 -10.60 7.23
CA LEU D 312 -54.24 -11.02 7.35
C LEU D 312 -54.07 -12.44 6.84
N ILE D 313 -52.95 -12.68 6.16
CA ILE D 313 -52.63 -13.99 5.60
C ILE D 313 -51.35 -14.50 6.25
N SER D 314 -51.43 -15.70 6.82
CA SER D 314 -50.29 -16.35 7.45
C SER D 314 -49.98 -17.62 6.69
N VAL D 315 -48.78 -17.70 6.10
CA VAL D 315 -48.35 -18.84 5.31
C VAL D 315 -47.51 -19.75 6.19
N ALA D 316 -47.98 -20.97 6.40
CA ALA D 316 -47.28 -21.94 7.22
C ALA D 316 -45.98 -22.39 6.57
N CYS E 2 23.69 -2.59 -17.72
CA CYS E 2 23.38 -3.94 -17.26
C CYS E 2 22.23 -3.93 -16.28
N THR E 3 21.65 -5.09 -16.02
CA THR E 3 20.45 -5.19 -15.20
C THR E 3 20.46 -6.51 -14.46
N GLY E 4 20.39 -6.47 -13.14
CA GLY E 4 20.31 -7.67 -12.31
C GLY E 4 18.92 -7.84 -11.74
N VAL E 5 18.47 -9.09 -11.65
CA VAL E 5 17.10 -9.40 -11.24
C VAL E 5 17.13 -10.64 -10.35
N ARG E 6 16.31 -10.61 -9.29
CA ARG E 6 16.17 -11.75 -8.39
C ARG E 6 14.71 -11.88 -7.97
N PHE E 7 14.24 -13.12 -7.84
CA PHE E 7 12.92 -13.43 -7.30
C PHE E 7 12.93 -14.87 -6.81
N SER E 8 11.82 -15.29 -6.21
CA SER E 8 11.70 -16.62 -5.63
C SER E 8 10.41 -17.28 -6.10
N ASP E 9 10.18 -18.50 -5.62
CA ASP E 9 8.96 -19.24 -5.86
C ASP E 9 8.33 -19.56 -4.50
N ASP E 10 7.37 -20.50 -4.52
CA ASP E 10 6.66 -20.84 -3.29
C ASP E 10 7.56 -21.57 -2.30
N GLU E 11 8.56 -22.31 -2.79
CA GLU E 11 9.44 -23.10 -1.95
C GLU E 11 10.70 -22.36 -1.52
N GLY E 12 10.89 -21.13 -1.99
CA GLY E 12 12.05 -20.36 -1.57
C GLY E 12 13.32 -20.61 -2.35
N ASN E 13 13.21 -21.01 -3.61
CA ASN E 13 14.39 -21.22 -4.43
C ASN E 13 14.89 -19.89 -5.01
N THR E 14 16.19 -19.83 -5.28
CA THR E 14 16.78 -18.65 -5.88
C THR E 14 16.54 -18.63 -7.37
N TYR E 15 16.17 -17.47 -7.90
CA TYR E 15 16.11 -17.23 -9.34
C TYR E 15 16.81 -15.90 -9.59
N PHE E 16 17.98 -15.96 -10.23
CA PHE E 16 18.90 -14.84 -10.34
C PHE E 16 19.36 -14.73 -11.78
N GLY E 17 19.43 -13.50 -12.28
CA GLY E 17 19.83 -13.30 -13.67
C GLY E 17 20.29 -11.89 -13.93
N ARG E 18 20.99 -11.72 -15.05
CA ARG E 18 21.45 -10.39 -15.45
C ARG E 18 21.54 -10.31 -16.96
N ASN E 19 21.44 -9.07 -17.47
CA ASN E 19 21.78 -8.74 -18.84
C ASN E 19 23.19 -8.18 -18.89
N LEU E 20 23.87 -8.38 -20.01
CA LEU E 20 25.16 -7.74 -20.27
C LEU E 20 24.99 -6.81 -21.46
N ASP E 21 25.11 -5.51 -21.22
CA ASP E 21 24.92 -4.48 -22.23
C ASP E 21 26.26 -3.82 -22.50
N TRP E 22 26.79 -4.02 -23.70
CA TRP E 22 28.12 -3.51 -24.06
C TRP E 22 28.24 -3.49 -25.57
N SER E 23 29.22 -2.72 -26.05
CA SER E 23 29.45 -2.62 -27.49
C SER E 23 30.26 -3.79 -28.03
N PHE E 24 31.12 -4.40 -27.20
CA PHE E 24 31.94 -5.53 -27.62
C PHE E 24 31.95 -6.58 -26.52
N SER E 25 32.37 -7.78 -26.90
CA SER E 25 32.49 -8.90 -25.97
C SER E 25 33.94 -9.09 -25.55
N TYR E 26 34.12 -9.80 -24.44
CA TYR E 26 35.44 -10.14 -23.93
C TYR E 26 35.79 -11.61 -24.16
N GLY E 27 34.94 -12.35 -24.86
CA GLY E 27 35.18 -13.77 -25.05
C GLY E 27 34.79 -14.61 -23.86
N GLU E 28 33.69 -14.27 -23.19
CA GLU E 28 33.28 -14.97 -21.98
C GLU E 28 32.53 -16.24 -22.32
N THR E 29 32.57 -17.19 -21.39
CA THR E 29 31.94 -18.49 -21.57
C THR E 29 31.30 -18.94 -20.27
N ILE E 30 30.46 -19.98 -20.36
CA ILE E 30 30.01 -20.68 -19.16
C ILE E 30 31.23 -21.28 -18.47
N LEU E 31 31.49 -20.83 -17.25
CA LEU E 31 32.72 -21.15 -16.54
C LEU E 31 32.38 -21.91 -15.26
N VAL E 32 32.98 -23.09 -15.10
CA VAL E 32 32.75 -23.95 -13.95
C VAL E 32 33.99 -23.95 -13.07
N THR E 33 33.79 -23.78 -11.77
CA THR E 33 34.87 -23.87 -10.79
C THR E 33 34.56 -24.97 -9.79
N PRO E 34 35.23 -26.11 -9.85
CA PRO E 34 34.91 -27.22 -8.95
C PRO E 34 35.49 -26.99 -7.57
N ARG E 35 35.06 -27.85 -6.63
CA ARG E 35 35.49 -27.71 -5.24
C ARG E 35 36.98 -28.01 -5.10
N GLY E 36 37.49 -29.01 -5.84
CA GLY E 36 38.88 -29.39 -5.74
C GLY E 36 39.87 -28.46 -6.41
N TYR E 37 39.38 -27.48 -7.17
CA TYR E 37 40.27 -26.48 -7.75
C TYR E 37 40.91 -25.66 -6.64
N HIS E 38 42.24 -25.57 -6.66
CA HIS E 38 42.97 -24.85 -5.63
C HIS E 38 43.02 -23.36 -5.98
N TYR E 39 42.65 -22.53 -5.01
CA TYR E 39 42.71 -21.09 -5.18
C TYR E 39 43.50 -20.46 -4.04
N ASP E 40 44.37 -19.51 -4.39
CA ASP E 40 45.11 -18.72 -3.41
C ASP E 40 44.70 -17.26 -3.58
N THR E 41 44.01 -16.72 -2.58
CA THR E 41 43.56 -15.34 -2.63
C THR E 41 44.76 -14.41 -2.76
N VAL E 42 44.53 -13.28 -3.44
CA VAL E 42 45.62 -12.35 -3.75
C VAL E 42 46.25 -11.80 -2.48
N PHE E 43 45.42 -11.41 -1.52
CA PHE E 43 45.90 -10.83 -0.27
C PHE E 43 45.64 -11.73 0.93
N GLY E 44 45.66 -13.04 0.72
CA GLY E 44 45.51 -13.98 1.81
C GLY E 44 44.16 -13.93 2.48
N ALA E 45 43.10 -13.66 1.73
CA ALA E 45 41.76 -13.63 2.29
C ALA E 45 41.35 -15.04 2.72
N GLY E 46 40.63 -15.13 3.83
CA GLY E 46 40.22 -16.41 4.34
C GLY E 46 39.25 -17.11 3.40
N GLY E 47 39.19 -18.43 3.56
CA GLY E 47 38.28 -19.24 2.78
C GLY E 47 37.91 -20.49 3.54
N LYS E 48 36.70 -20.99 3.28
CA LYS E 48 36.24 -22.19 3.97
C LYS E 48 37.06 -23.40 3.53
N ALA E 49 37.11 -24.41 4.42
CA ALA E 49 37.95 -25.58 4.17
C ALA E 49 37.52 -26.32 2.92
N LYS E 50 36.26 -26.76 2.87
CA LYS E 50 35.71 -27.45 1.71
C LYS E 50 34.88 -26.45 0.90
N PRO E 51 35.44 -25.82 -0.12
CA PRO E 51 34.72 -24.73 -0.80
C PRO E 51 33.54 -25.25 -1.61
N ASN E 52 32.54 -24.37 -1.77
CA ASN E 52 31.36 -24.70 -2.54
C ASN E 52 31.64 -24.65 -4.04
N ALA E 53 30.97 -25.52 -4.78
CA ALA E 53 31.09 -25.53 -6.22
C ALA E 53 30.47 -24.27 -6.82
N VAL E 54 31.07 -23.78 -7.90
CA VAL E 54 30.67 -22.53 -8.52
C VAL E 54 30.43 -22.76 -10.01
N ILE E 55 29.39 -22.12 -10.55
CA ILE E 55 29.15 -22.07 -11.98
C ILE E 55 28.69 -20.66 -12.32
N GLY E 56 29.04 -20.21 -13.53
CA GLY E 56 28.68 -18.87 -13.94
C GLY E 56 29.21 -18.55 -15.32
N VAL E 57 29.38 -17.26 -15.59
CA VAL E 57 29.84 -16.75 -16.87
C VAL E 57 31.04 -15.85 -16.63
N GLY E 58 32.13 -16.09 -17.34
CA GLY E 58 33.31 -15.27 -17.19
C GLY E 58 34.41 -15.71 -18.12
N VAL E 59 35.61 -15.17 -17.87
CA VAL E 59 36.80 -15.49 -18.64
C VAL E 59 37.88 -15.99 -17.69
N VAL E 60 38.84 -16.71 -18.26
CA VAL E 60 39.98 -17.24 -17.52
C VAL E 60 41.21 -16.41 -17.90
N MET E 61 41.85 -15.81 -16.89
CA MET E 61 43.04 -15.00 -17.12
C MET E 61 44.06 -15.34 -16.02
N ALA E 62 45.18 -15.91 -16.45
CA ALA E 62 46.25 -16.37 -15.54
C ALA E 62 45.73 -17.46 -14.58
N ASP E 63 45.06 -18.46 -15.16
CA ASP E 63 44.47 -19.58 -14.44
C ASP E 63 43.47 -19.15 -13.37
N ARG E 64 43.09 -17.87 -13.35
CA ARG E 64 42.18 -17.25 -12.40
C ARG E 64 40.80 -17.13 -13.02
N PRO E 65 39.75 -17.58 -12.34
CA PRO E 65 38.40 -17.42 -12.91
C PRO E 65 37.81 -16.04 -12.65
N MET E 66 37.84 -15.17 -13.66
CA MET E 66 37.24 -13.85 -13.56
C MET E 66 35.78 -13.95 -13.97
N TYR E 67 34.88 -13.83 -13.00
CA TYR E 67 33.46 -14.08 -13.19
C TYR E 67 32.72 -12.78 -13.43
N PHE E 68 31.95 -12.73 -14.52
CA PHE E 68 30.98 -11.65 -14.68
C PHE E 68 29.84 -11.84 -13.68
N ASP E 69 29.37 -13.07 -13.54
CA ASP E 69 28.32 -13.44 -12.60
C ASP E 69 28.47 -14.92 -12.32
N CYS E 70 28.22 -15.33 -11.09
CA CYS E 70 28.34 -16.74 -10.73
C CYS E 70 27.41 -17.06 -9.57
N ALA E 71 27.21 -18.36 -9.36
CA ALA E 71 26.35 -18.87 -8.30
C ALA E 71 26.93 -20.16 -7.76
N ASN E 72 26.61 -20.47 -6.50
CA ASN E 72 27.09 -21.69 -5.87
C ASN E 72 25.95 -22.67 -5.67
N GLU E 73 26.30 -23.84 -5.11
CA GLU E 73 25.37 -24.95 -4.96
C GLU E 73 24.35 -24.74 -3.87
N HIS E 74 24.46 -23.66 -3.09
CA HIS E 74 23.57 -23.40 -1.96
C HIS E 74 22.58 -22.27 -2.23
N GLY E 75 22.45 -21.84 -3.49
CA GLY E 75 21.48 -20.83 -3.85
C GLY E 75 21.98 -19.41 -3.82
N LEU E 76 23.25 -19.18 -3.54
CA LEU E 76 23.81 -17.84 -3.49
C LEU E 76 24.37 -17.45 -4.86
N ALA E 77 24.14 -16.20 -5.25
CA ALA E 77 24.56 -15.72 -6.56
C ALA E 77 25.02 -14.27 -6.45
N ILE E 78 25.89 -13.87 -7.37
CA ILE E 78 26.47 -12.53 -7.37
C ILE E 78 26.77 -12.13 -8.81
N ALA E 79 26.62 -10.84 -9.09
CA ALA E 79 26.91 -10.30 -10.40
C ALA E 79 27.56 -8.92 -10.25
N GLY E 80 28.50 -8.63 -11.17
CA GLY E 80 29.18 -7.36 -11.20
C GLY E 80 28.62 -6.47 -12.29
N LEU E 81 28.39 -5.20 -11.95
CA LEU E 81 27.83 -4.22 -12.85
C LEU E 81 28.67 -2.97 -12.82
N ASN E 82 28.76 -2.29 -13.97
CA ASN E 82 29.65 -1.14 -14.10
C ASN E 82 29.19 0.00 -13.20
N PHE E 83 30.15 0.65 -12.56
CA PHE E 83 29.89 1.78 -11.68
C PHE E 83 30.92 2.89 -11.81
N PRO E 84 31.37 3.27 -13.01
CA PRO E 84 32.38 4.33 -13.09
C PRO E 84 31.80 5.67 -12.68
N GLY E 85 32.67 6.50 -12.11
CA GLY E 85 32.27 7.79 -11.56
C GLY E 85 31.71 7.72 -10.15
N TYR E 86 31.54 6.52 -9.59
CA TYR E 86 31.00 6.37 -8.24
C TYR E 86 31.80 5.33 -7.46
N ALA E 87 32.17 4.24 -8.10
CA ALA E 87 32.99 3.22 -7.45
C ALA E 87 34.37 3.79 -7.14
N SER E 88 34.84 3.57 -5.92
CA SER E 88 36.15 4.06 -5.48
C SER E 88 36.72 3.09 -4.48
N PHE E 89 37.91 2.56 -4.78
CA PHE E 89 38.55 1.54 -3.96
C PHE E 89 39.90 2.02 -3.46
N VAL E 90 40.31 1.48 -2.30
CA VAL E 90 41.71 1.62 -1.91
C VAL E 90 42.57 0.70 -2.77
N HIS E 91 43.85 1.03 -2.86
CA HIS E 91 44.76 0.31 -3.74
C HIS E 91 45.73 -0.61 -3.00
N GLU E 92 45.75 -0.58 -1.68
CA GLU E 92 46.61 -1.42 -0.88
C GLU E 92 45.81 -2.10 0.23
N PRO E 93 46.17 -3.32 0.61
CA PRO E 93 45.40 -4.03 1.63
C PRO E 93 45.58 -3.41 3.01
N VAL E 94 44.62 -3.72 3.89
CA VAL E 94 44.60 -3.22 5.26
C VAL E 94 44.75 -4.40 6.21
N GLU E 95 45.64 -4.26 7.18
CA GLU E 95 45.88 -5.34 8.14
C GLU E 95 44.72 -5.45 9.12
N GLY E 96 44.29 -6.69 9.37
CA GLY E 96 43.19 -6.98 10.24
C GLY E 96 41.91 -7.33 9.52
N THR E 97 41.71 -6.79 8.32
CA THR E 97 40.51 -7.04 7.54
C THR E 97 40.79 -8.08 6.46
N GLU E 98 39.75 -8.82 6.09
CA GLU E 98 39.82 -9.72 4.95
C GLU E 98 39.96 -8.88 3.68
N ASN E 99 41.11 -8.96 3.03
CA ASN E 99 41.40 -8.16 1.85
C ASN E 99 41.11 -8.98 0.60
N VAL E 100 40.12 -8.54 -0.16
CA VAL E 100 39.66 -9.24 -1.36
C VAL E 100 39.84 -8.32 -2.56
N ALA E 101 40.48 -8.83 -3.61
CA ALA E 101 40.64 -8.06 -4.84
C ALA E 101 39.29 -7.93 -5.55
N THR E 102 39.13 -6.81 -6.27
CA THR E 102 37.85 -6.54 -6.92
C THR E 102 37.51 -7.60 -7.96
N PHE E 103 38.53 -8.19 -8.60
CA PHE E 103 38.25 -9.20 -9.61
C PHE E 103 37.95 -10.56 -8.98
N GLU E 104 38.43 -10.82 -7.77
CA GLU E 104 38.19 -12.08 -7.10
C GLU E 104 36.99 -12.03 -6.14
N PHE E 105 36.29 -10.89 -6.09
CA PHE E 105 35.15 -10.76 -5.19
C PHE E 105 34.01 -11.72 -5.53
N PRO E 106 33.59 -11.89 -6.79
CA PRO E 106 32.51 -12.86 -7.07
C PRO E 106 32.88 -14.29 -6.72
N LEU E 107 34.10 -14.73 -7.05
CA LEU E 107 34.51 -16.09 -6.74
C LEU E 107 34.64 -16.29 -5.23
N TRP E 108 35.19 -15.30 -4.53
CA TRP E 108 35.38 -15.42 -3.09
C TRP E 108 34.05 -15.46 -2.35
N VAL E 109 33.02 -14.81 -2.90
CA VAL E 109 31.70 -14.83 -2.25
C VAL E 109 31.01 -16.17 -2.47
N ALA E 110 30.98 -16.65 -3.71
CA ALA E 110 30.26 -17.88 -4.03
C ALA E 110 30.91 -19.10 -3.39
N ARG E 111 32.24 -19.13 -3.30
CA ARG E 111 32.92 -20.34 -2.86
C ARG E 111 32.90 -20.50 -1.34
N ASN E 112 32.80 -19.40 -0.59
CA ASN E 112 32.97 -19.45 0.86
C ASN E 112 31.72 -19.12 1.67
N PHE E 113 30.64 -18.67 1.03
CA PHE E 113 29.45 -18.26 1.75
C PHE E 113 28.24 -19.01 1.21
N ASP E 114 27.22 -19.14 2.07
CA ASP E 114 26.03 -19.92 1.73
C ASP E 114 24.75 -19.08 1.68
N SER E 115 24.76 -17.86 2.20
CA SER E 115 23.55 -17.06 2.24
C SER E 115 23.91 -15.57 2.20
N VAL E 116 22.92 -14.75 1.89
CA VAL E 116 23.12 -13.30 1.91
C VAL E 116 23.34 -12.81 3.33
N ASP E 117 22.69 -13.45 4.32
CA ASP E 117 22.94 -13.10 5.71
C ASP E 117 24.41 -13.29 6.07
N GLU E 118 25.01 -14.38 5.58
CA GLU E 118 26.43 -14.62 5.83
C GLU E 118 27.30 -13.55 5.19
N VAL E 119 26.99 -13.18 3.94
CA VAL E 119 27.80 -12.20 3.23
C VAL E 119 27.71 -10.84 3.93
N GLU E 120 26.49 -10.37 4.18
CA GLU E 120 26.30 -9.06 4.79
C GLU E 120 26.99 -8.97 6.16
N GLU E 121 27.02 -10.07 6.90
CA GLU E 121 27.64 -10.05 8.23
C GLU E 121 29.16 -10.00 8.14
N THR E 122 29.74 -10.63 7.11
CA THR E 122 31.20 -10.67 6.99
C THR E 122 31.75 -9.44 6.28
N LEU E 123 30.94 -8.78 5.44
CA LEU E 123 31.40 -7.60 4.72
C LEU E 123 31.84 -6.49 5.66
N ARG E 124 31.33 -6.48 6.89
CA ARG E 124 31.71 -5.48 7.89
C ARG E 124 33.21 -5.40 8.10
N ASN E 125 33.95 -6.47 7.79
CA ASN E 125 35.40 -6.50 7.98
C ASN E 125 36.13 -6.91 6.71
N VAL E 126 35.57 -6.56 5.54
CA VAL E 126 36.15 -6.90 4.25
C VAL E 126 36.62 -5.63 3.58
N THR E 127 37.86 -5.64 3.09
CA THR E 127 38.44 -4.51 2.36
C THR E 127 38.53 -4.86 0.90
N LEU E 128 37.79 -4.14 0.05
CA LEU E 128 37.84 -4.34 -1.38
C LEU E 128 39.00 -3.55 -1.96
N VAL E 129 39.99 -4.26 -2.51
CA VAL E 129 41.23 -3.66 -3.01
C VAL E 129 41.24 -3.75 -4.53
N SER E 130 41.57 -2.64 -5.18
CA SER E 130 41.68 -2.57 -6.63
C SER E 130 43.16 -2.42 -6.98
N GLN E 131 43.76 -3.52 -7.46
CA GLN E 131 45.17 -3.49 -7.83
C GLN E 131 45.37 -2.70 -9.12
N ILE E 132 46.44 -1.91 -9.15
CA ILE E 132 46.73 -1.05 -10.29
C ILE E 132 47.60 -1.81 -11.30
N VAL E 133 47.08 -1.99 -12.50
CA VAL E 133 47.82 -2.56 -13.62
C VAL E 133 48.06 -1.43 -14.62
N PRO E 134 49.31 -0.99 -14.80
CA PRO E 134 49.54 0.21 -15.63
C PRO E 134 49.05 0.07 -17.07
N GLY E 135 49.31 -1.05 -17.72
CA GLY E 135 48.88 -1.26 -19.08
C GLY E 135 47.41 -1.57 -19.27
N GLN E 136 46.61 -1.53 -18.21
CA GLN E 136 45.20 -1.87 -18.27
C GLN E 136 44.37 -0.80 -17.57
N GLN E 137 43.06 -0.86 -17.80
CA GLN E 137 42.13 0.07 -17.18
C GLN E 137 41.58 -0.52 -15.89
N GLU E 138 41.43 0.33 -14.87
CA GLU E 138 40.88 -0.11 -13.60
C GLU E 138 39.37 -0.29 -13.73
N SER E 139 38.90 -1.52 -13.52
CA SER E 139 37.47 -1.79 -13.55
C SER E 139 36.82 -1.29 -12.26
N LEU E 140 35.74 -0.55 -12.40
CA LEU E 140 35.03 0.05 -11.27
C LEU E 140 33.61 -0.46 -11.27
N LEU E 141 33.29 -1.37 -10.34
CA LEU E 141 32.03 -2.08 -10.35
C LEU E 141 31.33 -1.97 -9.01
N HIS E 142 30.03 -2.26 -9.03
CA HIS E 142 29.26 -2.55 -7.83
C HIS E 142 28.58 -3.90 -8.05
N TRP E 143 28.14 -4.52 -6.97
CA TRP E 143 27.74 -5.92 -7.01
C TRP E 143 26.31 -6.11 -6.49
N PHE E 144 25.64 -7.10 -7.08
CA PHE E 144 24.28 -7.48 -6.76
C PHE E 144 24.30 -8.93 -6.27
N ILE E 145 24.04 -9.13 -4.99
CA ILE E 145 24.11 -10.44 -4.36
C ILE E 145 22.70 -10.83 -3.92
N GLY E 146 22.27 -12.03 -4.29
CA GLY E 146 20.94 -12.50 -3.92
C GLY E 146 20.92 -13.99 -3.71
N ASP E 147 20.02 -14.44 -2.83
CA ASP E 147 19.78 -15.86 -2.63
C ASP E 147 18.29 -16.16 -2.69
N GLY E 148 17.84 -17.17 -1.95
CA GLY E 148 16.44 -17.54 -1.97
C GLY E 148 15.51 -16.64 -1.18
N LYS E 149 16.05 -15.78 -0.32
CA LYS E 149 15.25 -14.94 0.57
C LYS E 149 15.26 -13.48 0.16
N ARG E 150 16.41 -12.93 -0.22
CA ARG E 150 16.54 -11.49 -0.41
C ARG E 150 17.75 -11.21 -1.28
N SER E 151 18.01 -9.94 -1.52
CA SER E 151 19.19 -9.50 -2.25
C SER E 151 19.74 -8.23 -1.61
N ILE E 152 21.05 -8.05 -1.73
CA ILE E 152 21.72 -6.85 -1.25
C ILE E 152 22.52 -6.24 -2.40
N VAL E 153 22.99 -5.02 -2.19
CA VAL E 153 23.78 -4.28 -3.17
C VAL E 153 25.01 -3.74 -2.46
N VAL E 154 26.19 -4.10 -2.96
CA VAL E 154 27.45 -3.63 -2.40
C VAL E 154 27.99 -2.53 -3.30
N GLU E 155 28.07 -1.32 -2.75
CA GLU E 155 28.57 -0.16 -3.48
C GLU E 155 29.73 0.43 -2.71
N GLN E 156 30.95 0.15 -3.17
CA GLN E 156 32.16 0.65 -2.54
C GLN E 156 32.49 2.01 -3.16
N MET E 157 32.39 3.06 -2.36
CA MET E 157 32.59 4.42 -2.83
C MET E 157 33.76 5.05 -2.07
N ALA E 158 33.99 6.34 -2.33
CA ALA E 158 35.13 7.04 -1.73
C ALA E 158 34.96 7.26 -0.23
N ASP E 159 33.71 7.21 0.27
CA ASP E 159 33.44 7.50 1.67
C ASP E 159 33.09 6.23 2.46
N GLY E 160 33.38 5.05 1.90
CA GLY E 160 33.14 3.80 2.58
C GLY E 160 32.34 2.85 1.73
N MET E 161 32.16 1.64 2.27
CA MET E 161 31.38 0.61 1.60
C MET E 161 29.93 0.69 2.06
N HIS E 162 29.00 0.75 1.12
CA HIS E 162 27.58 0.82 1.40
C HIS E 162 26.93 -0.50 1.01
N VAL E 163 26.33 -1.17 1.99
CA VAL E 163 25.56 -2.40 1.76
C VAL E 163 24.09 -2.03 1.86
N HIS E 164 23.38 -2.12 0.75
CA HIS E 164 21.98 -1.73 0.67
C HIS E 164 21.08 -2.96 0.70
N HIS E 165 20.00 -2.88 1.45
CA HIS E 165 18.95 -3.90 1.40
C HIS E 165 18.11 -3.66 0.16
N ASP E 166 18.21 -4.56 -0.82
CA ASP E 166 17.55 -4.39 -2.12
C ASP E 166 16.13 -4.93 -1.99
N ASP E 167 15.19 -4.03 -1.67
CA ASP E 167 13.80 -4.43 -1.49
C ASP E 167 13.07 -4.63 -2.81
N VAL E 168 13.55 -4.02 -3.91
CA VAL E 168 12.97 -4.28 -5.22
C VAL E 168 13.66 -5.40 -5.98
N ASP E 169 14.78 -5.92 -5.45
CA ASP E 169 15.47 -7.08 -6.02
C ASP E 169 15.95 -6.81 -7.44
N VAL E 170 16.53 -5.63 -7.65
CA VAL E 170 16.85 -5.15 -9.00
C VAL E 170 18.02 -4.19 -8.90
N LEU E 171 18.90 -4.22 -9.91
CA LEU E 171 20.02 -3.30 -9.97
C LEU E 171 20.33 -2.96 -11.42
N THR E 172 20.89 -1.76 -11.61
CA THR E 172 21.42 -1.36 -12.92
C THR E 172 22.80 -0.75 -12.73
N ASN E 173 23.00 0.47 -13.23
CA ASN E 173 24.30 1.12 -13.12
C ASN E 173 24.21 2.38 -12.26
N GLN E 174 24.69 3.51 -12.79
CA GLN E 174 24.70 4.75 -12.04
C GLN E 174 23.30 5.38 -11.99
N PRO E 175 23.03 6.21 -10.98
CA PRO E 175 23.90 6.61 -9.87
C PRO E 175 23.78 5.67 -8.67
N THR E 176 23.80 6.21 -7.46
CA THR E 176 23.77 5.40 -6.25
C THR E 176 22.43 4.69 -6.11
N PHE E 177 22.44 3.60 -5.33
CA PHE E 177 21.23 2.81 -5.15
C PHE E 177 20.13 3.61 -4.47
N ASP E 178 20.51 4.50 -3.55
CA ASP E 178 19.51 5.29 -2.85
C ASP E 178 18.83 6.28 -3.79
N PHE E 179 19.51 6.71 -4.85
CA PHE E 179 18.86 7.53 -5.86
C PHE E 179 17.73 6.77 -6.55
N HIS E 180 18.04 5.58 -7.06
CA HIS E 180 17.02 4.79 -7.75
C HIS E 180 15.84 4.49 -6.83
N MET E 181 16.12 4.24 -5.54
CA MET E 181 15.04 3.98 -4.60
C MET E 181 14.15 5.20 -4.41
N GLU E 182 14.76 6.39 -4.32
CA GLU E 182 13.96 7.61 -4.24
C GLU E 182 13.25 7.90 -5.56
N ASN E 183 13.87 7.54 -6.68
CA ASN E 183 13.27 7.85 -7.98
C ASN E 183 12.02 7.02 -8.23
N LEU E 184 11.96 5.79 -7.70
CA LEU E 184 10.75 4.98 -7.84
C LEU E 184 9.53 5.68 -7.29
N ARG E 185 9.70 6.52 -6.27
CA ARG E 185 8.56 7.23 -5.68
C ARG E 185 7.84 8.10 -6.69
N ASN E 186 8.53 8.52 -7.76
CA ASN E 186 7.87 9.28 -8.82
C ASN E 186 6.82 8.46 -9.54
N TYR E 187 6.97 7.13 -9.53
CA TYR E 187 6.14 6.23 -10.34
C TYR E 187 5.20 5.39 -9.48
N MET E 188 4.97 5.80 -8.23
CA MET E 188 4.16 4.99 -7.33
C MET E 188 2.70 4.88 -7.76
N CYS E 189 2.23 5.77 -8.64
CA CYS E 189 0.82 5.76 -9.04
C CYS E 189 0.55 4.88 -10.26
N VAL E 190 1.58 4.38 -10.94
CA VAL E 190 1.35 3.53 -12.09
C VAL E 190 0.74 2.20 -11.63
N SER E 191 -0.09 1.62 -12.50
CA SER E 191 -0.85 0.43 -12.14
C SER E 191 -0.85 -0.56 -13.30
N ASN E 192 -0.83 -1.84 -12.96
CA ASN E 192 -1.05 -2.89 -13.95
C ASN E 192 -2.53 -3.19 -14.16
N GLU E 193 -3.41 -2.51 -13.43
CA GLU E 193 -4.84 -2.69 -13.58
C GLU E 193 -5.35 -1.91 -14.79
N MET E 194 -6.52 -2.34 -15.29
CA MET E 194 -7.17 -1.63 -16.38
C MET E 194 -7.59 -0.24 -15.92
N ALA E 195 -7.21 0.76 -16.70
CA ALA E 195 -7.50 2.15 -16.34
C ALA E 195 -9.00 2.36 -16.18
N GLU E 196 -9.40 2.80 -14.99
CA GLU E 196 -10.81 2.97 -14.71
C GLU E 196 -11.38 4.15 -15.49
N PRO E 197 -12.56 4.01 -16.08
CA PRO E 197 -13.19 5.14 -16.77
C PRO E 197 -13.40 6.31 -15.82
N THR E 198 -13.04 7.50 -16.29
CA THR E 198 -13.09 8.70 -15.47
C THR E 198 -13.53 9.87 -16.34
N SER E 199 -13.56 11.06 -15.76
CA SER E 199 -14.07 12.23 -16.46
C SER E 199 -13.30 13.48 -16.04
N TRP E 200 -12.88 14.27 -17.03
CA TRP E 200 -12.32 15.60 -16.81
C TRP E 200 -13.39 16.61 -17.20
N GLY E 201 -14.09 17.15 -16.20
CA GLY E 201 -15.21 18.01 -16.51
C GLY E 201 -16.30 17.21 -17.19
N LYS E 202 -16.78 17.71 -18.32
CA LYS E 202 -17.80 17.02 -19.09
C LYS E 202 -17.23 15.96 -20.02
N ALA E 203 -15.91 15.84 -20.09
CA ALA E 203 -15.27 14.94 -21.06
C ALA E 203 -15.03 13.58 -20.43
N SER E 204 -15.56 12.54 -21.06
CA SER E 204 -15.40 11.17 -20.58
C SER E 204 -14.12 10.58 -21.16
N LEU E 205 -13.32 9.95 -20.30
CA LEU E 205 -12.04 9.39 -20.68
C LEU E 205 -12.03 7.89 -20.40
N THR E 206 -11.77 7.11 -21.44
CA THR E 206 -11.63 5.66 -21.32
C THR E 206 -10.35 5.23 -22.03
N ALA E 207 -9.84 4.08 -21.64
CA ALA E 207 -8.62 3.54 -22.23
C ALA E 207 -8.91 2.83 -23.53
N TRP E 208 -7.97 2.95 -24.48
CA TRP E 208 -8.08 2.19 -25.73
C TRP E 208 -8.02 0.69 -25.47
N GLY E 209 -7.25 0.28 -24.48
CA GLY E 209 -7.05 -1.12 -24.15
C GLY E 209 -6.07 -1.27 -23.02
N ALA E 210 -5.34 -2.39 -22.98
CA ALA E 210 -4.39 -2.62 -21.91
C ALA E 210 -3.21 -1.66 -22.00
N GLY E 211 -2.65 -1.32 -20.84
CA GLY E 211 -1.41 -0.58 -20.77
C GLY E 211 -1.54 0.89 -20.40
N VAL E 212 -2.75 1.44 -20.38
CA VAL E 212 -2.90 2.87 -20.10
C VAL E 212 -2.58 3.16 -18.64
N GLY E 213 -2.91 2.24 -17.74
CA GLY E 213 -2.54 2.41 -16.34
C GLY E 213 -1.05 2.35 -16.11
N MET E 214 -0.28 1.81 -17.06
CA MET E 214 1.17 1.76 -16.98
C MET E 214 1.83 3.04 -17.45
N HIS E 215 1.09 3.94 -18.08
CA HIS E 215 1.67 5.15 -18.66
C HIS E 215 2.40 5.96 -17.58
N GLY E 216 3.58 6.45 -17.94
CA GLY E 216 4.49 7.10 -17.00
C GLY E 216 5.81 6.37 -16.86
N ILE E 217 5.81 5.05 -17.02
CA ILE E 217 7.02 4.24 -17.01
C ILE E 217 7.90 4.64 -18.19
N PRO E 218 9.15 5.03 -17.96
CA PRO E 218 10.01 5.45 -19.07
C PRO E 218 10.45 4.25 -19.91
N GLY E 219 10.81 4.55 -21.16
CA GLY E 219 11.13 3.50 -22.11
C GLY E 219 12.48 3.61 -22.78
N ASP E 220 13.33 4.49 -22.28
CA ASP E 220 14.70 4.61 -22.78
C ASP E 220 15.60 3.62 -22.04
N VAL E 221 16.84 3.52 -22.51
CA VAL E 221 17.76 2.50 -22.02
C VAL E 221 18.82 3.09 -21.08
N SER E 222 18.59 4.31 -20.57
CA SER E 222 19.49 4.85 -19.57
C SER E 222 19.40 4.02 -18.28
N SER E 223 20.45 4.13 -17.46
CA SER E 223 20.51 3.34 -16.24
C SER E 223 19.39 3.65 -15.25
N PRO E 224 19.00 4.91 -15.01
CA PRO E 224 17.86 5.13 -14.11
C PRO E 224 16.53 4.65 -14.69
N SER E 225 16.30 4.88 -15.99
CA SER E 225 15.04 4.43 -16.58
C SER E 225 14.93 2.92 -16.58
N ARG E 226 16.04 2.22 -16.89
CA ARG E 226 16.01 0.76 -16.86
C ARG E 226 15.71 0.23 -15.47
N PHE E 227 16.28 0.86 -14.44
CA PHE E 227 15.96 0.50 -13.07
C PHE E 227 14.46 0.58 -12.81
N VAL E 228 13.84 1.70 -13.22
CA VAL E 228 12.41 1.88 -12.99
C VAL E 228 11.60 0.83 -13.74
N ARG E 229 11.94 0.60 -15.01
CA ARG E 229 11.12 -0.29 -15.85
C ARG E 229 11.23 -1.73 -15.39
N VAL E 230 12.40 -2.16 -14.93
CA VAL E 230 12.54 -3.57 -14.54
C VAL E 230 12.09 -3.79 -13.10
N ALA E 231 12.17 -2.77 -12.26
CA ALA E 231 11.61 -2.89 -10.91
C ALA E 231 10.10 -3.03 -10.98
N TYR E 232 9.45 -2.28 -11.87
CA TYR E 232 8.01 -2.42 -12.07
C TYR E 232 7.66 -3.82 -12.59
N THR E 233 8.42 -4.30 -13.58
CA THR E 233 8.11 -5.59 -14.17
C THR E 233 8.35 -6.72 -13.18
N ASN E 234 9.44 -6.64 -12.42
CA ASN E 234 9.75 -7.72 -11.47
C ASN E 234 8.80 -7.75 -10.29
N ALA E 235 8.22 -6.60 -9.92
CA ALA E 235 7.31 -6.56 -8.80
C ALA E 235 5.91 -7.03 -9.15
N HIS E 236 5.48 -6.80 -10.39
CA HIS E 236 4.11 -7.11 -10.81
C HIS E 236 3.99 -8.46 -11.53
N TYR E 237 5.10 -9.13 -11.78
CA TYR E 237 5.05 -10.45 -12.41
C TYR E 237 4.44 -11.46 -11.45
N PRO E 238 3.37 -12.16 -11.84
CA PRO E 238 2.77 -13.15 -10.93
C PRO E 238 3.74 -14.27 -10.59
N GLN E 239 3.63 -14.78 -9.37
CA GLN E 239 4.51 -15.83 -8.90
C GLN E 239 4.26 -17.13 -9.64
N GLN E 240 5.33 -17.89 -9.88
CA GLN E 240 5.29 -19.14 -10.61
C GLN E 240 5.77 -20.27 -9.72
N ASN E 241 5.28 -21.48 -9.98
CA ASN E 241 5.49 -22.62 -9.10
C ASN E 241 6.18 -23.80 -9.80
N ASP E 242 6.97 -23.53 -10.84
CA ASP E 242 7.71 -24.59 -11.50
C ASP E 242 8.92 -24.01 -12.20
N GLU E 243 9.89 -24.88 -12.50
CA GLU E 243 11.16 -24.43 -13.06
C GLU E 243 10.97 -23.77 -14.42
N ALA E 244 10.09 -24.33 -15.27
CA ALA E 244 9.91 -23.79 -16.61
C ALA E 244 9.34 -22.38 -16.57
N ALA E 245 8.25 -22.18 -15.84
CA ALA E 245 7.61 -20.88 -15.78
C ALA E 245 8.49 -19.84 -15.11
N ASN E 246 9.30 -20.24 -14.13
CA ASN E 246 10.16 -19.29 -13.44
C ASN E 246 11.34 -18.87 -14.31
N VAL E 247 11.95 -19.82 -15.02
CA VAL E 247 13.04 -19.47 -15.93
C VAL E 247 12.53 -18.56 -17.04
N SER E 248 11.33 -18.86 -17.55
CA SER E 248 10.72 -17.97 -18.54
C SER E 248 10.42 -16.61 -17.95
N ARG E 249 10.04 -16.56 -16.67
CA ARG E 249 9.82 -15.28 -16.01
C ARG E 249 11.11 -14.49 -15.90
N LEU E 250 12.23 -15.18 -15.61
CA LEU E 250 13.50 -14.49 -15.43
C LEU E 250 13.94 -13.81 -16.73
N PHE E 251 13.86 -14.52 -17.85
CA PHE E 251 14.30 -13.95 -19.12
C PHE E 251 13.31 -12.94 -19.67
N HIS E 252 12.01 -13.15 -19.44
CA HIS E 252 11.03 -12.15 -19.87
C HIS E 252 11.16 -10.87 -19.07
N THR E 253 11.53 -10.97 -17.79
CA THR E 253 11.70 -9.78 -16.96
C THR E 253 12.94 -9.00 -17.40
N LEU E 254 14.06 -9.70 -17.59
CA LEU E 254 15.26 -9.03 -18.08
C LEU E 254 15.07 -8.49 -19.49
N GLY E 255 14.21 -9.12 -20.29
CA GLY E 255 13.95 -8.63 -21.62
C GLY E 255 13.26 -7.27 -21.68
N SER E 256 12.54 -6.90 -20.61
CA SER E 256 11.86 -5.62 -20.58
C SER E 256 12.82 -4.44 -20.63
N VAL E 257 14.10 -4.66 -20.35
CA VAL E 257 15.09 -3.59 -20.37
C VAL E 257 16.26 -3.99 -21.27
N GLN E 258 15.95 -4.72 -22.35
CA GLN E 258 16.97 -5.12 -23.31
C GLN E 258 17.37 -3.95 -24.19
N MET E 259 18.64 -3.90 -24.55
CA MET E 259 19.18 -2.85 -25.41
C MET E 259 19.33 -3.42 -26.82
N VAL E 260 18.57 -2.88 -27.76
CA VAL E 260 18.57 -3.35 -29.15
C VAL E 260 19.57 -2.53 -29.95
N ASP E 261 20.12 -3.17 -30.99
CA ASP E 261 21.06 -2.49 -31.87
C ASP E 261 20.42 -1.24 -32.47
N GLY E 262 21.14 -0.12 -32.41
CA GLY E 262 20.65 1.15 -32.90
C GLY E 262 19.96 2.01 -31.88
N MET E 263 19.78 1.52 -30.65
CA MET E 263 19.04 2.28 -29.64
C MET E 263 19.88 3.40 -29.04
N ALA E 264 21.14 3.14 -28.72
CA ALA E 264 21.97 4.15 -28.07
C ALA E 264 23.44 3.82 -28.30
N LYS E 265 24.24 4.87 -28.49
CA LYS E 265 25.68 4.78 -28.62
C LYS E 265 26.35 5.27 -27.34
N MET E 266 27.56 4.78 -27.09
CA MET E 266 28.39 5.26 -25.99
C MET E 266 29.32 6.40 -26.42
N GLY E 267 29.09 6.98 -27.59
CA GLY E 267 29.93 8.02 -28.14
C GLY E 267 30.97 7.53 -29.13
N ASP E 268 31.25 6.23 -29.14
CA ASP E 268 32.28 5.66 -30.00
C ASP E 268 31.81 5.38 -31.42
N GLY E 269 30.50 5.45 -31.67
CA GLY E 269 29.94 4.97 -32.91
C GLY E 269 29.53 3.52 -32.87
N GLN E 270 29.90 2.78 -31.84
CA GLN E 270 29.51 1.39 -31.66
C GLN E 270 28.29 1.33 -30.75
N PHE E 271 27.24 0.67 -31.22
CA PHE E 271 25.99 0.61 -30.48
C PHE E 271 26.07 -0.40 -29.35
N GLU E 272 25.56 -0.02 -28.18
CA GLU E 272 25.44 -0.94 -27.07
C GLU E 272 24.24 -1.87 -27.28
N ARG E 273 24.46 -3.16 -27.05
CA ARG E 273 23.40 -4.15 -27.17
C ARG E 273 23.47 -5.12 -26.00
N THR E 274 22.36 -5.82 -25.77
CA THR E 274 22.33 -6.90 -24.79
C THR E 274 23.01 -8.10 -25.41
N LEU E 275 24.30 -8.28 -25.11
CA LEU E 275 25.09 -9.32 -25.76
C LEU E 275 24.63 -10.70 -25.31
N PHE E 276 24.44 -10.90 -24.00
CA PHE E 276 23.90 -12.16 -23.51
C PHE E 276 23.05 -11.90 -22.28
N THR E 277 22.33 -12.93 -21.87
CA THR E 277 21.45 -12.88 -20.70
C THR E 277 21.63 -14.19 -19.95
N SER E 278 22.25 -14.13 -18.77
CA SER E 278 22.50 -15.31 -17.97
C SER E 278 21.51 -15.39 -16.81
N GLY E 279 21.14 -16.61 -16.44
CA GLY E 279 20.24 -16.83 -15.34
C GLY E 279 20.67 -18.04 -14.53
N TYR E 280 20.14 -18.12 -13.31
CA TYR E 280 20.48 -19.20 -12.40
C TYR E 280 19.25 -19.61 -11.61
N SER E 281 19.07 -20.92 -11.45
CA SER E 281 17.97 -21.48 -10.66
C SER E 281 18.54 -22.44 -9.63
N SER E 282 18.30 -22.16 -8.35
CA SER E 282 18.77 -23.03 -7.28
C SER E 282 17.91 -24.28 -7.12
N LYS E 283 16.68 -24.27 -7.65
CA LYS E 283 15.83 -25.45 -7.56
C LYS E 283 16.46 -26.63 -8.30
N THR E 284 17.10 -26.36 -9.44
CA THR E 284 17.78 -27.39 -10.21
C THR E 284 19.29 -27.19 -10.26
N ASN E 285 19.79 -26.10 -9.66
CA ASN E 285 21.22 -25.77 -9.68
C ASN E 285 21.77 -25.79 -11.11
N THR E 286 21.13 -24.99 -11.96
CA THR E 286 21.44 -24.94 -13.39
C THR E 286 21.63 -23.49 -13.80
N TYR E 287 22.61 -23.27 -14.68
CA TYR E 287 22.86 -21.95 -15.26
C TYR E 287 22.24 -21.90 -16.65
N TYR E 288 21.64 -20.76 -16.99
CA TYR E 288 20.99 -20.56 -18.27
C TYR E 288 21.63 -19.36 -18.97
N MET E 289 21.49 -19.33 -20.30
CA MET E 289 22.14 -18.30 -21.09
C MET E 289 21.58 -18.31 -22.51
N ASN E 290 21.33 -17.12 -23.05
CA ASN E 290 21.08 -16.93 -24.47
C ASN E 290 21.84 -15.69 -24.91
N THR E 291 21.86 -15.43 -26.21
CA THR E 291 22.67 -14.37 -26.77
C THR E 291 21.83 -13.49 -27.68
N TYR E 292 22.41 -12.34 -28.05
CA TYR E 292 21.75 -11.44 -28.99
C TYR E 292 21.47 -12.14 -30.32
N ASP E 293 22.31 -13.10 -30.70
CA ASP E 293 22.14 -13.81 -31.97
C ASP E 293 21.27 -15.05 -31.85
N ASP E 294 21.31 -15.75 -30.73
CA ASP E 294 20.50 -16.95 -30.52
C ASP E 294 19.60 -16.76 -29.31
N PRO E 295 18.29 -16.61 -29.50
CA PRO E 295 17.40 -16.39 -28.36
C PRO E 295 17.05 -17.64 -27.57
N ALA E 296 17.39 -18.82 -28.07
CA ALA E 296 17.08 -20.05 -27.36
C ALA E 296 17.92 -20.15 -26.09
N ILE E 297 17.27 -20.51 -24.99
CA ILE E 297 17.94 -20.61 -23.70
C ILE E 297 18.61 -21.97 -23.57
N ARG E 298 19.92 -21.96 -23.36
CA ARG E 298 20.67 -23.19 -23.13
C ARG E 298 20.91 -23.38 -21.65
N SER E 299 20.75 -24.61 -21.18
CA SER E 299 20.93 -24.95 -19.77
C SER E 299 22.31 -25.58 -19.55
N TYR E 300 22.86 -25.33 -18.36
CA TYR E 300 24.17 -25.85 -17.97
C TYR E 300 24.06 -26.33 -16.52
N ALA E 301 23.47 -27.50 -16.34
CA ALA E 301 23.24 -28.04 -15.01
C ALA E 301 24.55 -28.35 -14.31
N MET E 302 24.61 -28.07 -13.01
CA MET E 302 25.83 -28.31 -12.25
C MET E 302 26.10 -29.79 -12.04
N ALA E 303 25.09 -30.63 -12.24
CA ALA E 303 25.26 -32.08 -12.10
C ALA E 303 25.84 -32.73 -13.35
N ASP E 304 26.07 -31.97 -14.41
CA ASP E 304 26.71 -32.48 -15.62
C ASP E 304 28.22 -32.24 -15.64
N TYR E 305 28.80 -31.91 -14.49
CA TYR E 305 30.23 -31.67 -14.38
C TYR E 305 30.73 -32.27 -13.08
N ASP E 306 31.84 -33.00 -13.15
CA ASP E 306 32.43 -33.58 -11.94
C ASP E 306 32.93 -32.46 -11.03
N MET E 307 32.13 -32.12 -10.02
CA MET E 307 32.47 -31.02 -9.12
C MET E 307 33.56 -31.37 -8.13
N ASP E 308 34.07 -32.61 -8.15
CA ASP E 308 35.22 -33.00 -7.36
C ASP E 308 36.52 -32.91 -8.16
N SER E 309 36.49 -32.33 -9.35
CA SER E 309 37.69 -32.16 -10.17
C SER E 309 38.49 -30.98 -9.64
N SER E 310 39.55 -30.60 -10.36
CA SER E 310 40.45 -29.55 -9.88
C SER E 310 40.84 -28.53 -10.93
N GLU E 311 40.40 -28.68 -12.18
CA GLU E 311 40.68 -27.71 -13.23
C GLU E 311 39.45 -26.84 -13.46
N LEU E 312 39.67 -25.71 -14.12
CA LEU E 312 38.57 -24.84 -14.52
C LEU E 312 38.02 -25.31 -15.86
N ILE E 313 36.70 -25.42 -15.96
CA ILE E 313 36.03 -25.93 -17.16
C ILE E 313 35.48 -24.75 -17.94
N SER E 314 35.81 -24.69 -19.23
CA SER E 314 35.23 -23.74 -20.17
C SER E 314 34.27 -24.48 -21.09
N VAL E 315 33.05 -23.96 -21.22
CA VAL E 315 32.04 -24.60 -22.06
C VAL E 315 31.72 -23.73 -23.26
N CYS F 2 -1.25 29.34 -28.46
CA CYS F 2 -1.75 29.96 -27.24
C CYS F 2 -2.85 29.10 -26.61
N THR F 3 -3.62 29.69 -25.69
CA THR F 3 -4.57 28.93 -24.90
C THR F 3 -5.83 29.74 -24.65
N GLY F 4 -6.98 29.07 -24.75
CA GLY F 4 -8.24 29.64 -24.35
C GLY F 4 -8.92 28.74 -23.33
N VAL F 5 -9.69 29.34 -22.42
CA VAL F 5 -10.28 28.63 -21.29
C VAL F 5 -11.69 29.16 -21.05
N ARG F 6 -12.62 28.25 -20.77
CA ARG F 6 -13.99 28.60 -20.41
C ARG F 6 -14.43 27.79 -19.19
N PHE F 7 -15.23 28.43 -18.34
CA PHE F 7 -15.87 27.77 -17.21
C PHE F 7 -16.99 28.67 -16.71
N SER F 8 -17.78 28.16 -15.77
CA SER F 8 -18.95 28.87 -15.28
C SER F 8 -19.01 28.79 -13.76
N ASP F 9 -19.82 29.68 -13.18
CA ASP F 9 -20.06 29.68 -11.75
C ASP F 9 -21.32 28.85 -11.45
N ASP F 10 -21.82 28.95 -10.21
CA ASP F 10 -23.03 28.22 -9.86
C ASP F 10 -24.26 28.84 -10.50
N GLU F 11 -24.29 30.15 -10.65
CA GLU F 11 -25.43 30.84 -11.23
C GLU F 11 -25.46 30.76 -12.76
N GLY F 12 -24.43 30.18 -13.38
CA GLY F 12 -24.45 29.95 -14.82
C GLY F 12 -23.89 31.06 -15.67
N ASN F 13 -23.10 31.96 -15.09
CA ASN F 13 -22.51 33.03 -15.88
C ASN F 13 -21.25 32.55 -16.59
N THR F 14 -20.76 33.38 -17.51
CA THR F 14 -19.62 33.02 -18.35
C THR F 14 -18.32 33.55 -17.76
N TYR F 15 -17.26 32.74 -17.88
CA TYR F 15 -15.90 33.18 -17.56
C TYR F 15 -14.99 32.66 -18.66
N PHE F 16 -14.52 33.57 -19.50
CA PHE F 16 -13.81 33.25 -20.73
C PHE F 16 -12.44 33.91 -20.69
N GLY F 17 -11.40 33.18 -21.11
CA GLY F 17 -10.04 33.68 -21.01
C GLY F 17 -9.23 33.35 -22.25
N ARG F 18 -8.05 33.96 -22.33
CA ARG F 18 -7.21 33.82 -23.50
C ARG F 18 -5.79 34.26 -23.18
N ASN F 19 -4.82 33.43 -23.55
CA ASN F 19 -3.41 33.81 -23.61
C ASN F 19 -3.04 34.13 -25.04
N LEU F 20 -2.09 35.03 -25.22
CA LEU F 20 -1.51 35.31 -26.53
C LEU F 20 0.00 35.10 -26.44
N ASP F 21 0.47 34.01 -27.05
CA ASP F 21 1.88 33.67 -27.08
C ASP F 21 2.44 34.02 -28.44
N TRP F 22 3.44 34.92 -28.46
CA TRP F 22 4.01 35.40 -29.70
C TRP F 22 5.36 36.04 -29.39
N SER F 23 6.15 36.27 -30.44
CA SER F 23 7.47 36.86 -30.26
C SER F 23 7.41 38.39 -30.16
N PHE F 24 6.48 39.02 -30.88
CA PHE F 24 6.37 40.47 -30.91
C PHE F 24 4.92 40.89 -30.75
N SER F 25 4.70 42.02 -30.10
CA SER F 25 3.36 42.56 -29.97
C SER F 25 2.85 43.06 -31.33
N TYR F 26 1.53 43.20 -31.42
CA TYR F 26 0.87 43.63 -32.65
C TYR F 26 0.28 45.02 -32.57
N GLY F 27 0.38 45.68 -31.42
CA GLY F 27 -0.32 46.93 -31.19
C GLY F 27 -1.71 46.77 -30.64
N GLU F 28 -2.00 45.63 -30.01
CA GLU F 28 -3.34 45.34 -29.52
C GLU F 28 -3.74 46.31 -28.42
N THR F 29 -5.05 46.47 -28.25
CA THR F 29 -5.60 47.37 -27.26
C THR F 29 -7.01 46.92 -26.93
N ILE F 30 -7.51 47.36 -25.78
CA ILE F 30 -8.90 47.12 -25.40
C ILE F 30 -9.78 47.89 -26.38
N LEU F 31 -10.30 47.19 -27.38
CA LEU F 31 -11.11 47.80 -28.43
C LEU F 31 -12.58 47.61 -28.10
N VAL F 32 -13.35 48.69 -28.18
CA VAL F 32 -14.77 48.70 -27.85
C VAL F 32 -15.55 49.02 -29.11
N THR F 33 -16.50 48.14 -29.45
CA THR F 33 -17.39 48.34 -30.59
C THR F 33 -18.81 48.59 -30.09
N PRO F 34 -19.37 49.76 -30.34
CA PRO F 34 -20.72 50.06 -29.84
C PRO F 34 -21.82 49.62 -30.79
N ARG F 35 -23.05 49.72 -30.29
CA ARG F 35 -24.20 49.24 -31.07
C ARG F 35 -24.51 50.17 -32.24
N GLY F 36 -24.35 51.47 -32.05
CA GLY F 36 -24.62 52.42 -33.11
C GLY F 36 -23.58 52.44 -34.22
N TYR F 37 -22.47 51.71 -34.06
CA TYR F 37 -21.43 51.67 -35.08
C TYR F 37 -21.90 50.79 -36.23
N HIS F 38 -22.16 51.42 -37.37
CA HIS F 38 -22.56 50.67 -38.56
C HIS F 38 -21.34 49.98 -39.16
N TYR F 39 -21.55 48.76 -39.67
CA TYR F 39 -20.47 47.97 -40.25
C TYR F 39 -21.03 47.15 -41.40
N ASP F 40 -20.62 47.46 -42.62
CA ASP F 40 -21.02 46.69 -43.79
C ASP F 40 -20.18 45.42 -43.82
N THR F 41 -20.83 44.27 -43.60
CA THR F 41 -20.12 43.00 -43.63
C THR F 41 -19.48 42.80 -45.00
N VAL F 42 -18.28 42.20 -44.99
CA VAL F 42 -17.43 42.18 -46.18
C VAL F 42 -18.10 41.44 -47.33
N PHE F 43 -18.93 40.45 -47.04
CA PHE F 43 -19.58 39.66 -48.08
C PHE F 43 -21.09 39.65 -47.93
N GLY F 44 -21.65 40.70 -47.34
CA GLY F 44 -23.10 40.83 -47.23
C GLY F 44 -23.77 39.83 -46.31
N ALA F 45 -23.01 39.16 -45.44
CA ALA F 45 -23.60 38.24 -44.48
C ALA F 45 -24.50 39.01 -43.52
N GLY F 46 -25.80 38.70 -43.56
CA GLY F 46 -26.76 39.41 -42.73
C GLY F 46 -26.53 39.17 -41.25
N GLY F 47 -27.18 40.01 -40.45
CA GLY F 47 -27.06 39.91 -39.00
C GLY F 47 -28.28 40.42 -38.27
N LYS F 48 -28.09 40.78 -37.00
CA LYS F 48 -29.19 41.28 -36.18
C LYS F 48 -29.68 42.63 -36.70
N ALA F 49 -30.93 42.95 -36.35
CA ALA F 49 -31.43 44.30 -36.58
C ALA F 49 -30.81 45.27 -35.57
N LYS F 50 -31.05 45.04 -34.29
CA LYS F 50 -30.35 45.73 -33.23
C LYS F 50 -29.15 44.88 -32.81
N PRO F 51 -27.93 45.26 -33.18
CA PRO F 51 -26.78 44.41 -32.91
C PRO F 51 -26.38 44.47 -31.44
N ASN F 52 -25.60 43.49 -31.02
CA ASN F 52 -25.12 43.43 -29.65
C ASN F 52 -23.90 44.32 -29.48
N ALA F 53 -23.72 44.81 -28.26
CA ALA F 53 -22.52 45.56 -27.92
C ALA F 53 -21.38 44.58 -27.64
N VAL F 54 -20.19 44.94 -28.11
CA VAL F 54 -19.04 44.03 -28.10
C VAL F 54 -17.83 44.75 -27.51
N ILE F 55 -17.07 44.04 -26.69
CA ILE F 55 -15.80 44.53 -26.16
C ILE F 55 -14.79 43.39 -26.20
N GLY F 56 -13.53 43.74 -26.42
CA GLY F 56 -12.46 42.76 -26.47
C GLY F 56 -11.09 43.37 -26.69
N VAL F 57 -10.18 42.60 -27.28
CA VAL F 57 -8.82 43.03 -27.54
C VAL F 57 -8.54 42.87 -29.03
N GLY F 58 -7.94 43.89 -29.64
CA GLY F 58 -7.60 43.81 -31.04
C GLY F 58 -7.07 45.14 -31.55
N VAL F 59 -6.94 45.21 -32.87
CA VAL F 59 -6.44 46.40 -33.55
C VAL F 59 -7.49 46.91 -34.53
N VAL F 60 -7.19 48.02 -35.19
CA VAL F 60 -8.09 48.64 -36.17
C VAL F 60 -7.38 48.71 -37.50
N MET F 61 -8.00 48.14 -38.54
CA MET F 61 -7.44 48.14 -39.88
C MET F 61 -8.55 48.48 -40.87
N ALA F 62 -8.31 49.48 -41.72
CA ALA F 62 -9.30 49.96 -42.68
C ALA F 62 -10.58 50.40 -41.97
N ASP F 63 -10.43 51.08 -40.83
CA ASP F 63 -11.52 51.59 -40.01
C ASP F 63 -12.42 50.49 -39.46
N ARG F 64 -12.07 49.21 -39.67
CA ARG F 64 -12.80 48.06 -39.17
C ARG F 64 -12.11 47.48 -37.94
N PRO F 65 -12.86 46.87 -37.02
CA PRO F 65 -12.24 46.32 -35.81
C PRO F 65 -11.75 44.90 -36.00
N MET F 66 -10.43 44.70 -35.87
CA MET F 66 -9.80 43.40 -35.98
C MET F 66 -9.68 42.80 -34.58
N TYR F 67 -10.48 41.79 -34.27
CA TYR F 67 -10.56 41.24 -32.93
C TYR F 67 -9.71 39.99 -32.80
N PHE F 68 -8.88 39.94 -31.75
CA PHE F 68 -8.24 38.69 -31.37
C PHE F 68 -9.20 37.83 -30.56
N ASP F 69 -9.87 38.45 -29.59
CA ASP F 69 -10.90 37.81 -28.78
C ASP F 69 -11.88 38.90 -28.37
N CYS F 70 -13.17 38.55 -28.33
CA CYS F 70 -14.19 39.52 -27.96
C CYS F 70 -15.39 38.80 -27.35
N ALA F 71 -16.23 39.57 -26.67
CA ALA F 71 -17.43 39.05 -26.05
C ALA F 71 -18.51 40.12 -26.09
N ASN F 72 -19.77 39.68 -26.14
CA ASN F 72 -20.90 40.60 -26.23
C ASN F 72 -21.59 40.71 -24.87
N GLU F 73 -22.60 41.58 -24.82
CA GLU F 73 -23.32 41.89 -23.60
C GLU F 73 -24.21 40.75 -23.12
N HIS F 74 -24.31 39.65 -23.86
CA HIS F 74 -25.16 38.54 -23.50
C HIS F 74 -24.38 37.31 -23.05
N GLY F 75 -23.08 37.45 -22.81
CA GLY F 75 -22.29 36.36 -22.27
C GLY F 75 -21.73 35.39 -23.28
N LEU F 76 -21.53 35.80 -24.52
CA LEU F 76 -20.95 34.96 -25.56
C LEU F 76 -19.61 35.52 -25.98
N ALA F 77 -18.57 34.70 -25.92
CA ALA F 77 -17.22 35.12 -26.24
C ALA F 77 -16.62 34.20 -27.31
N ILE F 78 -15.72 34.77 -28.10
CA ILE F 78 -15.03 34.04 -29.17
C ILE F 78 -13.58 34.50 -29.20
N ALA F 79 -12.68 33.58 -29.52
CA ALA F 79 -11.26 33.87 -29.57
C ALA F 79 -10.64 33.17 -30.77
N GLY F 80 -9.72 33.85 -31.43
CA GLY F 80 -9.01 33.24 -32.55
C GLY F 80 -7.59 32.81 -32.21
N LEU F 81 -7.30 31.52 -32.36
CA LEU F 81 -5.97 30.98 -32.10
C LEU F 81 -5.36 30.49 -33.40
N ASN F 82 -4.03 30.60 -33.50
CA ASN F 82 -3.35 30.28 -34.74
C ASN F 82 -3.50 28.81 -35.09
N PHE F 83 -3.79 28.53 -36.36
CA PHE F 83 -3.94 27.17 -36.83
C PHE F 83 -3.29 26.92 -38.19
N PRO F 84 -2.08 27.42 -38.47
CA PRO F 84 -1.49 27.17 -39.80
C PRO F 84 -1.05 25.73 -39.93
N GLY F 85 -0.92 25.28 -41.17
CA GLY F 85 -0.65 23.89 -41.46
C GLY F 85 -1.88 23.00 -41.47
N TYR F 86 -3.02 23.50 -41.01
CA TYR F 86 -4.25 22.72 -40.97
C TYR F 86 -5.42 23.55 -41.47
N ALA F 87 -5.58 24.76 -40.93
CA ALA F 87 -6.68 25.63 -41.34
C ALA F 87 -6.55 25.98 -42.82
N SER F 88 -7.58 25.65 -43.60
CA SER F 88 -7.62 25.95 -45.02
C SER F 88 -9.00 26.49 -45.37
N PHE F 89 -9.03 27.63 -46.05
CA PHE F 89 -10.26 28.35 -46.34
C PHE F 89 -10.49 28.44 -47.84
N VAL F 90 -11.67 28.93 -48.19
CA VAL F 90 -12.01 29.28 -49.57
C VAL F 90 -11.62 30.73 -49.81
N HIS F 91 -11.35 31.06 -51.06
CA HIS F 91 -10.92 32.42 -51.41
C HIS F 91 -12.01 33.24 -52.08
N GLU F 92 -13.06 32.60 -52.57
CA GLU F 92 -14.21 33.26 -53.19
C GLU F 92 -15.47 32.74 -52.52
N PRO F 93 -16.57 33.50 -52.59
CA PRO F 93 -17.79 33.11 -51.86
C PRO F 93 -18.51 31.97 -52.59
N VAL F 94 -19.60 31.53 -51.98
CA VAL F 94 -20.53 30.60 -52.60
C VAL F 94 -21.95 31.09 -52.33
N GLU F 95 -22.75 31.22 -53.39
CA GLU F 95 -24.11 31.72 -53.23
C GLU F 95 -24.96 30.75 -52.44
N GLY F 96 -25.95 31.29 -51.74
CA GLY F 96 -26.84 30.50 -50.92
C GLY F 96 -26.35 30.25 -49.51
N THR F 97 -25.13 30.66 -49.18
CA THR F 97 -24.57 30.51 -47.85
C THR F 97 -24.16 31.86 -47.29
N GLU F 98 -24.06 31.93 -45.97
CA GLU F 98 -23.64 33.15 -45.27
C GLU F 98 -22.13 33.24 -45.34
N ASN F 99 -21.63 33.89 -46.40
CA ASN F 99 -20.19 34.06 -46.56
C ASN F 99 -19.67 35.10 -45.58
N VAL F 100 -18.73 34.69 -44.73
CA VAL F 100 -18.14 35.56 -43.72
C VAL F 100 -16.63 35.54 -43.91
N ALA F 101 -16.01 36.73 -43.92
CA ALA F 101 -14.56 36.81 -44.01
C ALA F 101 -13.92 36.32 -42.73
N THR F 102 -12.69 35.83 -42.86
CA THR F 102 -12.00 35.24 -41.71
C THR F 102 -11.72 36.29 -40.64
N PHE F 103 -11.29 37.49 -41.03
CA PHE F 103 -10.92 38.49 -40.04
C PHE F 103 -12.13 39.05 -39.31
N GLU F 104 -13.28 39.13 -39.99
CA GLU F 104 -14.48 39.68 -39.38
C GLU F 104 -15.28 38.65 -38.60
N PHE F 105 -14.94 37.37 -38.72
CA PHE F 105 -15.67 36.30 -38.03
C PHE F 105 -15.82 36.52 -36.53
N PRO F 106 -14.76 36.89 -35.77
CA PRO F 106 -14.97 37.12 -34.33
C PRO F 106 -15.97 38.23 -34.03
N LEU F 107 -15.96 39.29 -34.83
CA LEU F 107 -16.94 40.36 -34.64
C LEU F 107 -18.32 39.93 -35.11
N TRP F 108 -18.39 39.23 -36.24
CA TRP F 108 -19.68 38.81 -36.78
C TRP F 108 -20.40 37.85 -35.84
N VAL F 109 -19.65 37.02 -35.12
CA VAL F 109 -20.28 36.09 -34.18
C VAL F 109 -20.75 36.82 -32.92
N ALA F 110 -19.93 37.75 -32.42
CA ALA F 110 -20.25 38.42 -31.17
C ALA F 110 -21.43 39.37 -31.31
N ARG F 111 -21.55 40.04 -32.47
CA ARG F 111 -22.54 41.11 -32.60
C ARG F 111 -23.94 40.60 -32.91
N ASN F 112 -24.08 39.40 -33.47
CA ASN F 112 -25.36 38.94 -33.98
C ASN F 112 -25.94 37.74 -33.26
N PHE F 113 -25.21 37.11 -32.35
CA PHE F 113 -25.65 35.87 -31.72
C PHE F 113 -25.54 35.99 -30.21
N ASP F 114 -26.43 35.28 -29.52
CA ASP F 114 -26.57 35.40 -28.07
C ASP F 114 -26.21 34.13 -27.32
N SER F 115 -25.89 33.04 -28.00
CA SER F 115 -25.58 31.79 -27.32
C SER F 115 -24.81 30.88 -28.26
N VAL F 116 -24.16 29.86 -27.67
CA VAL F 116 -23.45 28.87 -28.48
C VAL F 116 -24.45 28.02 -29.26
N ASP F 117 -25.61 27.75 -28.68
CA ASP F 117 -26.66 27.03 -29.41
C ASP F 117 -27.06 27.78 -30.67
N GLU F 118 -27.11 29.11 -30.60
CA GLU F 118 -27.45 29.90 -31.77
C GLU F 118 -26.35 29.83 -32.82
N VAL F 119 -25.10 30.07 -32.43
CA VAL F 119 -24.02 30.11 -33.39
C VAL F 119 -23.74 28.74 -33.98
N GLU F 120 -23.93 27.67 -33.19
CA GLU F 120 -23.77 26.33 -33.76
C GLU F 120 -24.84 26.03 -34.79
N GLU F 121 -26.06 26.54 -34.58
CA GLU F 121 -27.12 26.35 -35.57
C GLU F 121 -26.81 27.08 -36.86
N THR F 122 -26.45 28.37 -36.75
CA THR F 122 -26.19 29.17 -37.94
C THR F 122 -24.98 28.67 -38.72
N LEU F 123 -23.97 28.14 -38.02
CA LEU F 123 -22.74 27.69 -38.66
C LEU F 123 -22.96 26.57 -39.65
N ARG F 124 -24.12 25.91 -39.62
CA ARG F 124 -24.43 24.86 -40.58
C ARG F 124 -24.53 25.38 -42.00
N ASN F 125 -24.63 26.69 -42.19
CA ASN F 125 -24.70 27.29 -43.53
C ASN F 125 -23.83 28.55 -43.56
N VAL F 126 -22.60 28.42 -43.07
CA VAL F 126 -21.64 29.52 -43.06
C VAL F 126 -20.43 29.10 -43.90
N THR F 127 -19.94 30.03 -44.71
CA THR F 127 -18.75 29.82 -45.53
C THR F 127 -17.70 30.84 -45.12
N LEU F 128 -16.59 30.35 -44.54
CA LEU F 128 -15.50 31.21 -44.12
C LEU F 128 -14.59 31.47 -45.31
N VAL F 129 -14.52 32.72 -45.77
CA VAL F 129 -13.78 33.10 -46.96
C VAL F 129 -12.49 33.80 -46.54
N SER F 130 -11.39 33.44 -47.19
CA SER F 130 -10.08 34.02 -46.91
C SER F 130 -9.76 35.03 -48.00
N GLN F 131 -9.93 36.32 -47.67
CA GLN F 131 -9.58 37.41 -48.58
C GLN F 131 -8.12 37.79 -48.29
N ILE F 132 -7.22 37.35 -49.16
CA ILE F 132 -5.78 37.53 -48.96
C ILE F 132 -5.33 38.75 -49.74
N VAL F 133 -4.82 39.76 -49.03
CA VAL F 133 -4.20 40.90 -49.72
C VAL F 133 -2.97 40.41 -50.47
N PRO F 134 -2.66 40.95 -51.65
CA PRO F 134 -1.55 40.40 -52.44
C PRO F 134 -0.21 40.43 -51.73
N GLY F 135 0.09 41.51 -51.01
CA GLY F 135 1.37 41.63 -50.35
C GLY F 135 1.45 40.91 -49.02
N GLN F 136 0.36 40.91 -48.26
CA GLN F 136 0.37 40.36 -46.92
C GLN F 136 0.11 38.85 -46.95
N GLN F 137 0.53 38.18 -45.87
CA GLN F 137 0.29 36.76 -45.68
C GLN F 137 -1.04 36.55 -44.98
N GLU F 138 -1.76 35.51 -45.40
CA GLU F 138 -3.11 35.27 -44.90
C GLU F 138 -3.08 34.66 -43.50
N SER F 139 -4.07 35.02 -42.70
CA SER F 139 -4.23 34.43 -41.39
C SER F 139 -4.83 33.02 -41.51
N LEU F 140 -4.35 32.11 -40.68
CA LEU F 140 -4.85 30.74 -40.63
C LEU F 140 -5.18 30.42 -39.18
N LEU F 141 -6.44 30.60 -38.81
CA LEU F 141 -6.89 30.46 -37.42
C LEU F 141 -7.94 29.38 -37.29
N HIS F 142 -8.12 28.94 -36.05
CA HIS F 142 -9.31 28.21 -35.63
C HIS F 142 -9.87 28.91 -34.40
N TRP F 143 -11.17 28.79 -34.20
CA TRP F 143 -11.87 29.66 -33.25
C TRP F 143 -12.43 28.87 -32.08
N PHE F 144 -12.38 29.49 -30.90
CA PHE F 144 -12.84 28.92 -29.64
C PHE F 144 -14.00 29.76 -29.14
N ILE F 145 -15.22 29.24 -29.23
CA ILE F 145 -16.45 29.97 -28.92
C ILE F 145 -17.09 29.33 -27.70
N GLY F 146 -17.48 30.14 -26.73
CA GLY F 146 -18.12 29.63 -25.53
C GLY F 146 -19.01 30.67 -24.88
N ASP F 147 -19.96 30.17 -24.08
CA ASP F 147 -20.84 31.04 -23.30
C ASP F 147 -20.96 30.53 -21.87
N GLY F 148 -22.10 30.80 -21.23
CA GLY F 148 -22.28 30.38 -19.85
C GLY F 148 -22.57 28.91 -19.65
N LYS F 149 -22.77 28.16 -20.74
CA LYS F 149 -23.14 26.76 -20.65
C LYS F 149 -22.08 25.81 -21.20
N ARG F 150 -21.49 26.13 -22.34
CA ARG F 150 -20.59 25.20 -23.02
C ARG F 150 -19.73 25.97 -24.00
N SER F 151 -18.91 25.24 -24.75
CA SER F 151 -17.99 25.84 -25.71
C SER F 151 -17.85 24.93 -26.92
N ILE F 152 -17.54 25.54 -28.07
CA ILE F 152 -17.36 24.82 -29.32
C ILE F 152 -16.08 25.30 -29.98
N VAL F 153 -15.60 24.51 -30.94
CA VAL F 153 -14.36 24.80 -31.66
C VAL F 153 -14.65 24.70 -33.15
N VAL F 154 -14.36 25.77 -33.89
CA VAL F 154 -14.58 25.84 -35.33
C VAL F 154 -13.22 25.71 -36.01
N GLU F 155 -12.99 24.57 -36.66
CA GLU F 155 -11.75 24.29 -37.36
C GLU F 155 -12.07 24.15 -38.85
N GLN F 156 -12.05 25.27 -39.57
CA GLN F 156 -12.26 25.25 -41.02
C GLN F 156 -11.02 24.69 -41.69
N MET F 157 -11.14 23.50 -42.27
CA MET F 157 -10.01 22.80 -42.87
C MET F 157 -10.30 22.54 -44.35
N ALA F 158 -9.49 21.66 -44.95
CA ALA F 158 -9.65 21.35 -46.36
C ALA F 158 -10.83 20.43 -46.61
N ASP F 159 -11.03 19.41 -45.76
CA ASP F 159 -12.13 18.47 -45.91
C ASP F 159 -13.48 19.06 -45.55
N GLY F 160 -13.53 20.31 -45.11
CA GLY F 160 -14.76 20.94 -44.69
C GLY F 160 -14.54 21.71 -43.41
N MET F 161 -15.64 22.22 -42.86
CA MET F 161 -15.60 22.99 -41.62
C MET F 161 -16.15 22.15 -40.49
N HIS F 162 -15.31 21.90 -39.47
CA HIS F 162 -15.65 21.02 -38.36
C HIS F 162 -16.05 21.85 -37.15
N VAL F 163 -17.15 21.46 -36.51
CA VAL F 163 -17.56 21.98 -35.22
C VAL F 163 -17.50 20.84 -34.22
N HIS F 164 -16.72 21.02 -33.16
CA HIS F 164 -16.64 20.04 -32.09
C HIS F 164 -17.29 20.60 -30.83
N HIS F 165 -17.87 19.71 -30.04
CA HIS F 165 -18.32 20.06 -28.70
C HIS F 165 -17.12 19.95 -27.76
N ASP F 166 -16.69 21.08 -27.22
CA ASP F 166 -15.47 21.16 -26.41
C ASP F 166 -15.81 20.79 -24.97
N ASP F 167 -15.78 19.50 -24.66
CA ASP F 167 -16.14 19.04 -23.33
C ASP F 167 -15.06 19.31 -22.29
N VAL F 168 -13.83 19.61 -22.71
CA VAL F 168 -12.79 20.03 -21.76
C VAL F 168 -12.69 21.54 -21.62
N ASP F 169 -13.38 22.30 -22.48
CA ASP F 169 -13.50 23.75 -22.36
C ASP F 169 -12.15 24.46 -22.47
N VAL F 170 -11.22 23.89 -23.24
CA VAL F 170 -9.92 24.52 -23.52
C VAL F 170 -9.59 24.31 -24.98
N LEU F 171 -8.69 25.15 -25.49
CA LEU F 171 -8.21 25.01 -26.86
C LEU F 171 -6.83 25.65 -26.98
N THR F 172 -5.95 25.01 -27.74
CA THR F 172 -4.65 25.60 -28.04
C THR F 172 -4.44 25.70 -29.55
N ASN F 173 -3.34 25.15 -30.05
CA ASN F 173 -3.04 25.22 -31.48
C ASN F 173 -3.02 23.85 -32.13
N GLN F 174 -2.06 23.63 -33.03
CA GLN F 174 -1.99 22.38 -33.78
C GLN F 174 -1.68 21.20 -32.86
N PRO F 175 -2.12 19.99 -33.22
CA PRO F 175 -2.87 19.61 -34.44
C PRO F 175 -4.38 19.74 -34.25
N THR F 176 -5.16 18.85 -34.87
CA THR F 176 -6.61 18.96 -34.83
C THR F 176 -7.15 18.72 -33.43
N PHE F 177 -8.37 19.21 -33.22
CA PHE F 177 -9.01 19.06 -31.92
C PHE F 177 -9.27 17.60 -31.56
N ASP F 178 -9.48 16.76 -32.57
CA ASP F 178 -9.70 15.34 -32.30
C ASP F 178 -8.44 14.67 -31.79
N PHE F 179 -7.27 15.09 -32.29
CA PHE F 179 -6.02 14.56 -31.77
C PHE F 179 -5.87 14.85 -30.29
N HIS F 180 -6.13 16.10 -29.89
CA HIS F 180 -5.97 16.50 -28.49
C HIS F 180 -6.87 15.69 -27.57
N MET F 181 -8.12 15.48 -27.96
CA MET F 181 -9.06 14.76 -27.11
C MET F 181 -8.66 13.30 -26.96
N GLU F 182 -8.17 12.69 -28.05
CA GLU F 182 -7.63 11.33 -27.94
C GLU F 182 -6.38 11.32 -27.08
N ASN F 183 -5.55 12.36 -27.20
CA ASN F 183 -4.30 12.41 -26.46
C ASN F 183 -4.54 12.52 -24.95
N LEU F 184 -5.68 13.07 -24.55
CA LEU F 184 -6.00 13.15 -23.13
C LEU F 184 -6.15 11.77 -22.51
N ARG F 185 -6.52 10.77 -23.31
CA ARG F 185 -6.72 9.43 -22.78
C ARG F 185 -5.43 8.82 -22.24
N ASN F 186 -4.28 9.34 -22.66
CA ASN F 186 -3.01 8.86 -22.11
C ASN F 186 -2.86 9.23 -20.64
N TYR F 187 -3.47 10.34 -20.22
CA TYR F 187 -3.26 10.91 -18.89
C TYR F 187 -4.47 10.70 -17.97
N MET F 188 -5.34 9.75 -18.31
CA MET F 188 -6.58 9.55 -17.56
C MET F 188 -6.37 8.97 -16.17
N CYS F 189 -5.17 8.49 -15.86
CA CYS F 189 -4.89 7.98 -14.52
C CYS F 189 -4.29 9.04 -13.61
N VAL F 190 -3.92 10.20 -14.14
CA VAL F 190 -3.44 11.30 -13.32
C VAL F 190 -4.53 11.71 -12.34
N SER F 191 -4.14 11.90 -11.08
CA SER F 191 -5.08 12.26 -10.03
C SER F 191 -4.59 13.51 -9.29
N ASN F 192 -5.53 14.23 -8.70
CA ASN F 192 -5.21 15.34 -7.82
C ASN F 192 -5.27 14.96 -6.35
N GLU F 193 -5.64 13.71 -6.05
CA GLU F 193 -5.59 13.22 -4.69
C GLU F 193 -4.14 12.91 -4.29
N MET F 194 -3.90 12.94 -2.98
CA MET F 194 -2.60 12.55 -2.46
C MET F 194 -2.32 11.09 -2.80
N ALA F 195 -1.15 10.83 -3.37
CA ALA F 195 -0.82 9.49 -3.84
C ALA F 195 -0.88 8.49 -2.70
N GLU F 196 -1.69 7.45 -2.87
CA GLU F 196 -1.86 6.45 -1.82
C GLU F 196 -0.59 5.60 -1.70
N PRO F 197 -0.14 5.31 -0.48
CA PRO F 197 1.06 4.47 -0.33
C PRO F 197 0.80 3.07 -0.86
N THR F 198 1.82 2.50 -1.49
CA THR F 198 1.72 1.18 -2.10
C THR F 198 3.05 0.46 -1.91
N SER F 199 3.21 -0.66 -2.61
CA SER F 199 4.40 -1.48 -2.48
C SER F 199 4.74 -2.10 -3.82
N TRP F 200 6.03 -2.14 -4.13
CA TRP F 200 6.57 -2.93 -5.23
C TRP F 200 7.42 -4.02 -4.59
N GLY F 201 6.90 -5.23 -4.55
CA GLY F 201 7.60 -6.30 -3.85
C GLY F 201 7.64 -6.03 -2.37
N LYS F 202 8.85 -5.97 -1.81
CA LYS F 202 9.04 -5.72 -0.39
C LYS F 202 9.38 -4.27 -0.10
N ALA F 203 9.32 -3.39 -1.10
CA ALA F 203 9.65 -1.99 -0.96
C ALA F 203 8.37 -1.17 -0.82
N SER F 204 8.29 -0.38 0.24
CA SER F 204 7.16 0.50 0.46
C SER F 204 7.41 1.83 -0.24
N LEU F 205 6.39 2.32 -0.95
CA LEU F 205 6.48 3.57 -1.69
C LEU F 205 5.46 4.55 -1.11
N THR F 206 5.94 5.67 -0.60
CA THR F 206 5.11 6.77 -0.17
C THR F 206 5.55 8.05 -0.89
N ALA F 207 4.63 9.00 -0.96
CA ALA F 207 4.91 10.27 -1.62
C ALA F 207 5.63 11.22 -0.66
N TRP F 208 6.51 12.05 -1.23
CA TRP F 208 7.15 13.09 -0.43
C TRP F 208 6.13 14.11 0.06
N GLY F 209 5.10 14.37 -0.73
CA GLY F 209 4.08 15.35 -0.40
C GLY F 209 3.08 15.47 -1.53
N ALA F 210 2.48 16.64 -1.69
CA ALA F 210 1.47 16.82 -2.73
C ALA F 210 2.11 16.85 -4.10
N GLY F 211 1.32 16.47 -5.11
CA GLY F 211 1.72 16.57 -6.50
C GLY F 211 2.16 15.28 -7.15
N VAL F 212 2.35 14.21 -6.38
CA VAL F 212 2.84 12.97 -6.97
C VAL F 212 1.76 12.29 -7.80
N GLY F 213 0.51 12.38 -7.37
CA GLY F 213 -0.58 11.85 -8.18
C GLY F 213 -0.72 12.55 -9.52
N MET F 214 -0.23 13.78 -9.62
CA MET F 214 -0.24 14.54 -10.87
C MET F 214 0.89 14.12 -11.80
N HIS F 215 1.82 13.28 -11.36
CA HIS F 215 2.98 12.93 -12.18
C HIS F 215 2.54 12.25 -13.47
N GLY F 216 3.13 12.68 -14.58
CA GLY F 216 2.72 12.26 -15.90
C GLY F 216 2.27 13.41 -16.78
N ILE F 217 1.72 14.46 -16.18
CA ILE F 217 1.33 15.65 -16.92
C ILE F 217 2.57 16.31 -17.51
N PRO F 218 2.62 16.58 -18.82
CA PRO F 218 3.81 17.20 -19.39
C PRO F 218 3.93 18.66 -19.00
N GLY F 219 5.17 19.17 -19.09
CA GLY F 219 5.44 20.52 -18.64
C GLY F 219 6.02 21.44 -19.70
N ASP F 220 6.24 20.92 -20.91
CA ASP F 220 6.74 21.75 -21.99
C ASP F 220 5.63 22.62 -22.55
N VAL F 221 6.02 23.69 -23.24
CA VAL F 221 5.08 24.69 -23.73
C VAL F 221 4.68 24.43 -25.18
N SER F 222 4.85 23.20 -25.67
CA SER F 222 4.33 22.86 -26.98
C SER F 222 2.80 22.87 -26.94
N SER F 223 2.21 22.98 -28.13
CA SER F 223 0.75 23.07 -28.22
C SER F 223 0.05 21.83 -27.67
N PRO F 224 0.42 20.60 -28.03
CA PRO F 224 -0.25 19.44 -27.44
C PRO F 224 -0.03 19.33 -25.93
N SER F 225 1.14 19.70 -25.43
CA SER F 225 1.41 19.59 -24.01
C SER F 225 0.62 20.62 -23.22
N ARG F 226 0.57 21.87 -23.70
CA ARG F 226 -0.23 22.88 -23.03
C ARG F 226 -1.71 22.50 -23.00
N PHE F 227 -2.19 21.84 -24.06
CA PHE F 227 -3.58 21.39 -24.09
C PHE F 227 -3.85 20.42 -22.94
N VAL F 228 -2.96 19.44 -22.75
CA VAL F 228 -3.13 18.48 -21.67
C VAL F 228 -3.07 19.18 -20.31
N ARG F 229 -2.09 20.06 -20.13
CA ARG F 229 -1.90 20.70 -18.83
C ARG F 229 -3.04 21.64 -18.49
N VAL F 230 -3.53 22.40 -19.47
CA VAL F 230 -4.61 23.34 -19.18
C VAL F 230 -5.95 22.63 -19.07
N ALA F 231 -6.13 21.50 -19.74
CA ALA F 231 -7.35 20.73 -19.56
C ALA F 231 -7.39 20.11 -18.17
N TYR F 232 -6.24 19.67 -17.65
CA TYR F 232 -6.21 19.11 -16.31
C TYR F 232 -6.54 20.16 -15.27
N THR F 233 -5.95 21.35 -15.39
CA THR F 233 -6.19 22.41 -14.40
C THR F 233 -7.63 22.90 -14.47
N ASN F 234 -8.16 23.09 -15.68
CA ASN F 234 -9.53 23.56 -15.82
C ASN F 234 -10.52 22.57 -15.24
N ALA F 235 -10.26 21.28 -15.39
CA ALA F 235 -11.21 20.27 -14.94
C ALA F 235 -11.19 20.06 -13.43
N HIS F 236 -10.05 20.30 -12.79
CA HIS F 236 -9.90 20.00 -11.36
C HIS F 236 -9.97 21.24 -10.47
N TYR F 237 -10.09 22.43 -11.05
CA TYR F 237 -10.22 23.64 -10.24
C TYR F 237 -11.56 23.64 -9.54
N PRO F 238 -11.59 23.80 -8.22
CA PRO F 238 -12.89 23.90 -7.52
C PRO F 238 -13.68 25.11 -8.00
N GLN F 239 -14.96 24.91 -8.25
CA GLN F 239 -15.78 25.99 -8.77
C GLN F 239 -16.01 27.05 -7.69
N GLN F 240 -16.16 28.29 -8.14
CA GLN F 240 -16.28 29.43 -7.25
C GLN F 240 -17.63 30.11 -7.46
N ASN F 241 -18.09 30.81 -6.41
CA ASN F 241 -19.42 31.38 -6.40
C ASN F 241 -19.45 32.88 -6.67
N ASP F 242 -18.36 33.60 -6.41
CA ASP F 242 -18.33 35.05 -6.55
C ASP F 242 -17.45 35.44 -7.74
N GLU F 243 -17.40 36.75 -8.02
CA GLU F 243 -16.69 37.25 -9.18
C GLU F 243 -15.18 37.29 -8.94
N ALA F 244 -14.75 37.68 -7.73
CA ALA F 244 -13.33 37.82 -7.45
C ALA F 244 -12.60 36.50 -7.60
N ALA F 245 -13.10 35.45 -6.94
CA ALA F 245 -12.44 34.15 -7.00
C ALA F 245 -12.44 33.59 -8.42
N ASN F 246 -13.54 33.78 -9.15
CA ASN F 246 -13.63 33.23 -10.50
C ASN F 246 -12.70 33.94 -11.47
N VAL F 247 -12.46 35.24 -11.26
CA VAL F 247 -11.47 35.94 -12.08
C VAL F 247 -10.06 35.48 -11.72
N SER F 248 -9.80 35.27 -10.43
CA SER F 248 -8.52 34.71 -10.02
C SER F 248 -8.35 33.28 -10.55
N ARG F 249 -9.44 32.52 -10.59
CA ARG F 249 -9.37 31.17 -11.16
C ARG F 249 -9.01 31.21 -12.64
N LEU F 250 -9.59 32.15 -13.38
CA LEU F 250 -9.34 32.22 -14.82
C LEU F 250 -7.88 32.51 -15.11
N PHE F 251 -7.29 33.47 -14.39
CA PHE F 251 -5.91 33.86 -14.67
C PHE F 251 -4.91 32.83 -14.12
N HIS F 252 -5.25 32.17 -13.01
CA HIS F 252 -4.38 31.10 -12.52
C HIS F 252 -4.42 29.90 -13.44
N THR F 253 -5.59 29.56 -13.97
CA THR F 253 -5.70 28.45 -14.91
C THR F 253 -4.88 28.72 -16.17
N LEU F 254 -5.05 29.91 -16.76
CA LEU F 254 -4.27 30.25 -17.95
C LEU F 254 -2.79 30.41 -17.61
N GLY F 255 -2.48 30.78 -16.37
CA GLY F 255 -1.09 30.88 -15.97
C GLY F 255 -0.35 29.56 -15.95
N SER F 256 -1.08 28.45 -15.79
CA SER F 256 -0.46 27.13 -15.78
C SER F 256 0.16 26.77 -17.11
N VAL F 257 -0.20 27.46 -18.19
CA VAL F 257 0.39 27.22 -19.50
C VAL F 257 1.03 28.51 -20.02
N GLN F 258 1.55 29.32 -19.12
CA GLN F 258 2.20 30.56 -19.53
C GLN F 258 3.55 30.28 -20.16
N MET F 259 3.91 31.08 -21.17
CA MET F 259 5.17 30.96 -21.87
C MET F 259 6.13 32.01 -21.33
N VAL F 260 7.11 31.58 -20.54
CA VAL F 260 8.09 32.46 -19.92
C VAL F 260 9.25 32.67 -20.89
N ASP F 261 9.87 33.84 -20.81
CA ASP F 261 10.99 34.16 -21.68
C ASP F 261 12.13 33.15 -21.51
N GLY F 262 12.69 32.71 -22.63
CA GLY F 262 13.75 31.73 -22.63
C GLY F 262 13.30 30.28 -22.71
N MET F 263 11.99 30.03 -22.70
CA MET F 263 11.51 28.65 -22.67
C MET F 263 11.49 28.01 -24.05
N ALA F 264 11.13 28.75 -25.08
CA ALA F 264 10.99 28.19 -26.42
C ALA F 264 11.17 29.28 -27.47
N LYS F 265 11.76 28.90 -28.60
CA LYS F 265 12.08 29.82 -29.68
C LYS F 265 11.23 29.52 -30.90
N MET F 266 10.83 30.58 -31.61
CA MET F 266 10.14 30.42 -32.88
C MET F 266 11.14 30.06 -33.98
N GLY F 267 10.61 29.77 -35.16
CA GLY F 267 11.47 29.43 -36.29
C GLY F 267 12.43 30.55 -36.67
N ASP F 268 12.00 31.80 -36.50
CA ASP F 268 12.88 32.92 -36.78
C ASP F 268 14.02 33.02 -35.77
N GLY F 269 13.85 32.47 -34.57
CA GLY F 269 14.88 32.51 -33.54
C GLY F 269 14.55 33.34 -32.34
N GLN F 270 13.38 33.99 -32.31
CA GLN F 270 12.99 34.82 -31.18
C GLN F 270 12.20 33.99 -30.17
N PHE F 271 12.16 34.49 -28.93
CA PHE F 271 11.48 33.81 -27.84
C PHE F 271 10.01 34.20 -27.80
N GLU F 272 9.13 33.21 -27.84
CA GLU F 272 7.69 33.44 -27.78
C GLU F 272 7.25 33.43 -26.32
N ARG F 273 6.62 34.51 -25.89
CA ARG F 273 6.17 34.65 -24.50
C ARG F 273 4.69 35.01 -24.47
N THR F 274 4.10 34.86 -23.29
CA THR F 274 2.72 35.26 -23.04
C THR F 274 2.68 36.77 -22.92
N LEU F 275 2.39 37.45 -24.03
CA LEU F 275 2.45 38.90 -24.04
C LEU F 275 1.32 39.52 -23.22
N PHE F 276 0.11 38.96 -23.30
CA PHE F 276 -0.98 39.41 -22.47
C PHE F 276 -1.93 38.26 -22.20
N THR F 277 -2.73 38.42 -21.15
CA THR F 277 -3.76 37.45 -20.79
C THR F 277 -5.07 38.21 -20.61
N SER F 278 -5.98 38.06 -21.56
CA SER F 278 -7.26 38.75 -21.55
C SER F 278 -8.35 37.80 -21.11
N GLY F 279 -9.27 38.30 -20.26
CA GLY F 279 -10.37 37.51 -19.79
C GLY F 279 -11.69 38.27 -19.93
N TYR F 280 -12.79 37.53 -19.72
CA TYR F 280 -14.12 38.11 -19.78
C TYR F 280 -14.98 37.53 -18.66
N SER F 281 -15.85 38.38 -18.11
CA SER F 281 -16.84 37.96 -17.11
C SER F 281 -18.22 38.38 -17.59
N SER F 282 -19.19 37.49 -17.43
CA SER F 282 -20.58 37.80 -17.76
C SER F 282 -21.42 38.14 -16.54
N LYS F 283 -20.94 37.81 -15.33
CA LYS F 283 -21.67 38.21 -14.12
C LYS F 283 -21.66 39.71 -13.93
N THR F 284 -20.65 40.40 -14.48
CA THR F 284 -20.54 41.84 -14.39
C THR F 284 -20.33 42.52 -15.74
N ASN F 285 -20.21 41.74 -16.83
CA ASN F 285 -19.95 42.27 -18.17
C ASN F 285 -18.72 43.18 -18.16
N THR F 286 -17.59 42.59 -17.79
CA THR F 286 -16.33 43.31 -17.61
C THR F 286 -15.21 42.53 -18.28
N TYR F 287 -14.34 43.25 -18.99
CA TYR F 287 -13.17 42.66 -19.64
C TYR F 287 -11.93 42.93 -18.79
N TYR F 288 -11.15 41.89 -18.54
CA TYR F 288 -9.93 41.98 -17.74
C TYR F 288 -8.71 41.76 -18.62
N MET F 289 -7.55 42.14 -18.10
CA MET F 289 -6.32 42.04 -18.88
C MET F 289 -5.11 42.27 -17.98
N ASN F 290 -4.01 41.62 -18.34
CA ASN F 290 -2.69 41.94 -17.81
C ASN F 290 -1.67 41.59 -18.88
N THR F 291 -0.42 42.00 -18.65
CA THR F 291 0.64 41.80 -19.64
C THR F 291 1.83 41.10 -19.01
N TYR F 292 2.80 40.77 -19.87
CA TYR F 292 4.03 40.13 -19.40
C TYR F 292 4.77 41.03 -18.42
N ASP F 293 4.72 42.34 -18.62
CA ASP F 293 5.45 43.27 -17.77
C ASP F 293 4.61 43.79 -16.60
N ASP F 294 3.30 43.77 -16.71
CA ASP F 294 2.41 44.19 -15.62
C ASP F 294 1.41 43.07 -15.35
N PRO F 295 1.64 42.25 -14.32
CA PRO F 295 0.73 41.13 -14.05
C PRO F 295 -0.58 41.54 -13.38
N ALA F 296 -0.68 42.79 -12.91
CA ALA F 296 -1.90 43.22 -12.24
C ALA F 296 -3.09 43.20 -13.20
N ILE F 297 -4.22 42.73 -12.71
CA ILE F 297 -5.42 42.57 -13.52
C ILE F 297 -6.18 43.90 -13.53
N ARG F 298 -6.32 44.49 -14.71
CA ARG F 298 -7.04 45.75 -14.88
C ARG F 298 -8.43 45.49 -15.42
N SER F 299 -9.42 46.17 -14.85
CA SER F 299 -10.81 45.97 -15.23
C SER F 299 -11.23 46.98 -16.30
N TYR F 300 -11.99 46.50 -17.28
CA TYR F 300 -12.51 47.31 -18.38
C TYR F 300 -13.99 47.02 -18.49
N ALA F 301 -14.80 47.76 -17.72
CA ALA F 301 -16.23 47.49 -17.64
C ALA F 301 -16.95 48.01 -18.88
N MET F 302 -18.01 47.28 -19.25
CA MET F 302 -18.87 47.73 -20.35
C MET F 302 -19.74 48.91 -19.93
N ALA F 303 -20.07 49.00 -18.64
CA ALA F 303 -20.90 50.09 -18.16
C ALA F 303 -20.20 51.44 -18.23
N ASP F 304 -18.87 51.46 -18.31
CA ASP F 304 -18.11 52.69 -18.34
C ASP F 304 -17.92 53.24 -19.76
N TYR F 305 -18.64 52.70 -20.74
CA TYR F 305 -18.59 53.20 -22.11
C TYR F 305 -20.00 53.33 -22.65
N ASP F 306 -20.19 54.29 -23.56
CA ASP F 306 -21.50 54.52 -24.17
C ASP F 306 -21.66 53.58 -25.36
N MET F 307 -22.49 52.56 -25.20
CA MET F 307 -22.64 51.53 -26.22
C MET F 307 -23.53 51.94 -27.37
N ASP F 308 -24.17 53.12 -27.30
CA ASP F 308 -25.02 53.60 -28.38
C ASP F 308 -24.29 54.54 -29.33
N SER F 309 -23.00 54.79 -29.12
CA SER F 309 -22.22 55.62 -30.01
C SER F 309 -22.01 54.91 -31.36
N SER F 310 -21.53 55.66 -32.34
CA SER F 310 -21.33 55.14 -33.69
C SER F 310 -19.86 55.14 -34.11
N GLU F 311 -18.94 55.43 -33.19
CA GLU F 311 -17.52 55.44 -33.47
C GLU F 311 -16.82 54.39 -32.62
N LEU F 312 -15.72 53.84 -33.14
CA LEU F 312 -14.96 52.84 -32.42
C LEU F 312 -14.12 53.51 -31.32
N ILE F 313 -13.99 52.83 -30.19
CA ILE F 313 -13.27 53.35 -29.03
C ILE F 313 -12.05 52.47 -28.78
N SER F 314 -10.91 53.09 -28.51
CA SER F 314 -9.69 52.40 -28.12
C SER F 314 -9.24 52.92 -26.76
N VAL F 315 -8.60 52.03 -25.99
CA VAL F 315 -8.11 52.37 -24.65
C VAL F 315 -6.63 51.98 -24.61
N ALA F 316 -5.75 52.97 -24.52
CA ALA F 316 -4.32 52.72 -24.44
C ALA F 316 -3.91 52.26 -23.05
N CYS G 2 7.39 24.36 -1.85
CA CYS G 2 7.86 25.70 -2.19
C CYS G 2 9.01 25.66 -3.18
N THR G 3 9.44 26.85 -3.60
CA THR G 3 10.49 26.99 -4.60
C THR G 3 11.30 28.25 -4.29
N GLY G 4 12.62 28.13 -4.32
CA GLY G 4 13.50 29.27 -4.18
C GLY G 4 14.30 29.49 -5.44
N VAL G 5 14.51 30.75 -5.80
CA VAL G 5 15.19 31.11 -7.04
C VAL G 5 16.12 32.29 -6.77
N ARG G 6 17.30 32.26 -7.38
CA ARG G 6 18.27 33.34 -7.29
C ARG G 6 18.95 33.54 -8.64
N PHE G 7 19.24 34.78 -8.98
CA PHE G 7 19.99 35.12 -10.19
C PHE G 7 20.56 36.52 -10.02
N SER G 8 21.30 36.97 -11.02
CA SER G 8 21.99 38.24 -10.94
C SER G 8 21.92 38.95 -12.29
N ASP G 9 22.19 40.26 -12.26
CA ASP G 9 22.26 41.07 -13.46
C ASP G 9 23.71 41.12 -13.95
N ASP G 10 24.05 42.12 -14.77
CA ASP G 10 25.42 42.25 -15.23
C ASP G 10 26.32 42.87 -14.18
N GLU G 11 25.79 43.76 -13.34
CA GLU G 11 26.55 44.44 -12.31
C GLU G 11 26.63 43.66 -11.01
N GLY G 12 26.16 42.41 -11.00
CA GLY G 12 26.32 41.57 -9.82
C GLY G 12 25.38 41.88 -8.67
N ASN G 13 24.18 42.35 -8.95
CA ASN G 13 23.19 42.56 -7.90
C ASN G 13 22.42 41.27 -7.63
N THR G 14 21.78 41.22 -6.47
CA THR G 14 21.05 40.04 -6.01
C THR G 14 19.58 40.17 -6.38
N TYR G 15 19.02 39.10 -6.95
CA TYR G 15 17.59 38.97 -7.15
C TYR G 15 17.17 37.60 -6.60
N PHE G 16 16.36 37.62 -5.55
CA PHE G 16 16.11 36.44 -4.73
C PHE G 16 14.62 36.37 -4.42
N GLY G 17 13.98 35.26 -4.77
CA GLY G 17 12.55 35.11 -4.56
C GLY G 17 12.19 33.71 -4.12
N ARG G 18 10.95 33.57 -3.66
CA ARG G 18 10.45 32.30 -3.17
C ARG G 18 8.95 32.19 -3.42
N ASN G 19 8.50 30.96 -3.64
CA ASN G 19 7.08 30.62 -3.59
C ASN G 19 6.77 30.04 -2.23
N LEU G 20 5.54 30.28 -1.75
CA LEU G 20 5.07 29.66 -0.51
C LEU G 20 3.84 28.82 -0.85
N ASP G 21 4.03 27.51 -0.96
CA ASP G 21 2.96 26.57 -1.26
C ASP G 21 2.49 25.92 0.03
N TRP G 22 1.21 26.03 0.32
CA TRP G 22 0.62 25.52 1.55
C TRP G 22 -0.89 25.52 1.38
N SER G 23 -1.59 24.97 2.39
CA SER G 23 -3.05 24.93 2.36
C SER G 23 -3.65 26.17 3.05
N PHE G 24 -3.35 26.36 4.32
CA PHE G 24 -3.80 27.52 5.06
C PHE G 24 -2.69 28.56 5.15
N SER G 25 -3.03 29.74 5.65
CA SER G 25 -2.10 30.84 5.82
C SER G 25 -1.73 30.99 7.29
N TYR G 26 -0.54 31.53 7.53
CA TYR G 26 0.00 31.69 8.88
C TYR G 26 -0.12 33.12 9.40
N GLY G 27 -0.77 34.01 8.66
CA GLY G 27 -0.82 35.41 9.06
C GLY G 27 0.47 36.17 8.82
N GLU G 28 1.30 35.70 7.90
CA GLU G 28 2.56 36.34 7.60
C GLU G 28 2.35 37.71 6.98
N THR G 29 3.38 38.56 7.08
CA THR G 29 3.35 39.90 6.50
C THR G 29 4.78 40.39 6.38
N ILE G 30 4.94 41.52 5.68
CA ILE G 30 6.25 42.13 5.54
C ILE G 30 6.74 42.58 6.90
N LEU G 31 7.88 42.05 7.34
CA LEU G 31 8.47 42.39 8.62
C LEU G 31 9.79 43.13 8.41
N VAL G 32 9.97 44.22 9.15
CA VAL G 32 11.17 45.04 9.07
C VAL G 32 11.82 45.04 10.45
N THR G 33 12.94 44.33 10.58
CA THR G 33 13.71 44.33 11.81
C THR G 33 14.81 45.36 11.69
N PRO G 34 14.76 46.46 12.45
CA PRO G 34 15.77 47.52 12.28
C PRO G 34 17.05 47.19 13.04
N ARG G 35 18.09 47.97 12.70
CA ARG G 35 19.40 47.74 13.30
C ARG G 35 19.38 47.94 14.82
N GLY G 36 18.61 48.93 15.28
CA GLY G 36 18.53 49.21 16.71
C GLY G 36 17.69 48.24 17.50
N TYR G 37 17.06 47.26 16.85
CA TYR G 37 16.29 46.26 17.58
C TYR G 37 17.24 45.32 18.31
N HIS G 38 17.06 45.19 19.62
CA HIS G 38 17.93 44.36 20.44
C HIS G 38 17.35 42.95 20.51
N TYR G 39 18.15 41.96 20.11
CA TYR G 39 17.75 40.56 20.16
C TYR G 39 18.87 39.74 20.77
N ASP G 40 18.54 38.94 21.78
CA ASP G 40 19.48 38.01 22.39
C ASP G 40 19.21 36.62 21.84
N THR G 41 20.23 36.03 21.21
CA THR G 41 20.09 34.68 20.68
C THR G 41 19.78 33.70 21.81
N VAL G 42 19.14 32.59 21.46
CA VAL G 42 18.60 31.68 22.47
C VAL G 42 19.74 30.98 23.20
N PHE G 43 20.83 30.67 22.51
CA PHE G 43 21.92 29.89 23.10
C PHE G 43 23.24 30.67 23.12
N GLY G 44 23.18 32.00 22.99
CA GLY G 44 24.37 32.81 23.13
C GLY G 44 25.24 32.91 21.88
N ALA G 45 24.69 32.64 20.70
CA ALA G 45 25.47 32.77 19.48
C ALA G 45 25.83 34.22 19.24
N GLY G 46 27.03 34.43 18.69
CA GLY G 46 27.54 35.78 18.47
C GLY G 46 27.24 36.30 17.08
N GLY G 47 27.41 37.61 16.94
CA GLY G 47 27.19 38.27 15.67
C GLY G 47 27.84 39.63 15.63
N LYS G 48 27.55 40.36 14.56
CA LYS G 48 28.11 41.70 14.38
C LYS G 48 27.65 42.63 15.50
N ALA G 49 28.56 43.49 15.97
CA ALA G 49 28.22 44.43 17.02
C ALA G 49 27.17 45.43 16.55
N LYS G 50 27.30 45.90 15.31
CA LYS G 50 26.28 46.74 14.68
C LYS G 50 25.52 45.90 13.67
N PRO G 51 24.42 45.27 14.07
CA PRO G 51 23.73 44.35 13.16
C PRO G 51 23.13 45.08 11.97
N ASN G 52 23.18 44.42 10.81
CA ASN G 52 22.64 45.01 9.59
C ASN G 52 21.11 45.06 9.65
N ALA G 53 20.55 45.96 8.85
CA ALA G 53 19.11 46.02 8.71
C ALA G 53 18.62 44.87 7.85
N VAL G 54 17.41 44.39 8.14
CA VAL G 54 16.85 43.23 7.46
C VAL G 54 15.35 43.42 7.25
N ILE G 55 14.88 43.09 6.06
CA ILE G 55 13.47 43.16 5.71
C ILE G 55 13.09 41.84 5.02
N GLY G 56 11.87 41.37 5.30
CA GLY G 56 11.40 40.13 4.73
C GLY G 56 9.95 39.83 5.05
N VAL G 57 9.59 38.54 5.06
CA VAL G 57 8.22 38.11 5.31
C VAL G 57 8.23 37.13 6.47
N GLY G 58 7.33 37.34 7.42
CA GLY G 58 7.23 36.44 8.56
C GLY G 58 6.13 36.87 9.50
N VAL G 59 6.13 36.26 10.68
CA VAL G 59 5.21 36.60 11.75
C VAL G 59 6.03 37.01 12.98
N VAL G 60 5.33 37.51 13.98
CA VAL G 60 5.95 37.95 15.24
C VAL G 60 5.32 37.16 16.38
N MET G 61 6.14 36.34 17.05
CA MET G 61 5.71 35.55 18.19
C MET G 61 6.64 35.83 19.36
N ALA G 62 6.06 36.22 20.50
CA ALA G 62 6.83 36.60 21.69
C ALA G 62 7.81 37.73 21.39
N ASP G 63 7.38 38.65 20.52
CA ASP G 63 8.18 39.81 20.11
C ASP G 63 9.53 39.39 19.51
N ARG G 64 9.55 38.26 18.82
CA ARG G 64 10.72 37.84 18.05
C ARG G 64 10.31 37.63 16.61
N PRO G 65 11.03 38.19 15.64
CA PRO G 65 10.62 38.05 14.24
C PRO G 65 10.92 36.67 13.67
N MET G 66 9.90 35.82 13.58
CA MET G 66 10.03 34.50 12.98
C MET G 66 9.93 34.66 11.47
N TYR G 67 11.08 34.66 10.80
CA TYR G 67 11.16 34.99 9.39
C TYR G 67 10.91 33.77 8.52
N PHE G 68 9.99 33.91 7.56
CA PHE G 68 9.86 32.91 6.50
C PHE G 68 11.02 33.03 5.53
N ASP G 69 11.45 34.26 5.27
CA ASP G 69 12.52 34.60 4.33
C ASP G 69 12.84 36.07 4.54
N CYS G 70 14.10 36.43 4.30
CA CYS G 70 14.53 37.80 4.55
C CYS G 70 15.86 38.05 3.87
N ALA G 71 16.17 39.34 3.70
CA ALA G 71 17.44 39.79 3.15
C ALA G 71 17.90 41.01 3.93
N ASN G 72 19.20 41.30 3.85
CA ASN G 72 19.77 42.43 4.57
C ASN G 72 20.16 43.54 3.60
N GLU G 73 20.81 44.58 4.13
CA GLU G 73 21.15 45.77 3.36
C GLU G 73 22.33 45.56 2.43
N HIS G 74 22.95 44.38 2.43
CA HIS G 74 24.15 44.14 1.65
C HIS G 74 23.95 43.10 0.56
N GLY G 75 22.73 42.61 0.38
CA GLY G 75 22.41 41.72 -0.72
C GLY G 75 22.38 40.25 -0.41
N LEU G 76 22.49 39.86 0.86
CA LEU G 76 22.42 38.46 1.25
C LEU G 76 20.99 38.11 1.65
N ALA G 77 20.52 36.96 1.17
CA ALA G 77 19.14 36.55 1.39
C ALA G 77 19.07 35.08 1.78
N ILE G 78 18.12 34.76 2.65
CA ILE G 78 17.90 33.39 3.13
C ILE G 78 16.40 33.12 3.09
N ALA G 79 16.05 31.86 2.83
CA ALA G 79 14.66 31.43 2.86
C ALA G 79 14.55 30.04 3.48
N GLY G 80 13.49 29.82 4.24
CA GLY G 80 13.25 28.53 4.84
C GLY G 80 12.18 27.71 4.13
N LEU G 81 12.54 26.51 3.68
CA LEU G 81 11.64 25.64 2.95
C LEU G 81 11.46 24.32 3.71
N ASN G 82 10.29 23.73 3.58
CA ASN G 82 9.98 22.53 4.34
C ASN G 82 10.84 21.35 3.88
N PHE G 83 11.31 20.57 4.84
CA PHE G 83 12.15 19.42 4.56
C PHE G 83 11.88 18.24 5.49
N PRO G 84 10.62 17.92 5.81
CA PRO G 84 10.37 16.85 6.78
C PRO G 84 10.71 15.49 6.19
N GLY G 85 10.99 14.54 7.08
CA GLY G 85 11.48 13.24 6.69
C GLY G 85 12.96 13.18 6.37
N TYR G 86 13.63 14.31 6.27
CA TYR G 86 15.05 14.39 5.99
C TYR G 86 15.78 15.33 6.95
N ALA G 87 15.14 16.43 7.35
CA ALA G 87 15.75 17.33 8.32
C ALA G 87 15.76 16.68 9.70
N SER G 88 16.86 16.87 10.42
CA SER G 88 17.02 16.30 11.75
C SER G 88 17.99 17.17 12.54
N PHE G 89 17.55 17.64 13.71
CA PHE G 89 18.34 18.56 14.51
C PHE G 89 18.49 18.01 15.93
N VAL G 90 19.55 18.45 16.61
CA VAL G 90 19.71 18.17 18.02
C VAL G 90 18.82 19.11 18.82
N HIS G 91 18.38 18.66 19.99
CA HIS G 91 17.47 19.42 20.83
C HIS G 91 18.17 20.08 22.02
N GLU G 92 19.47 19.88 22.16
CA GLU G 92 20.26 20.51 23.22
C GLU G 92 21.55 21.05 22.63
N PRO G 93 22.03 22.20 23.12
CA PRO G 93 23.25 22.78 22.57
C PRO G 93 24.48 21.97 22.95
N VAL G 94 25.52 22.11 22.13
CA VAL G 94 26.80 21.44 22.34
C VAL G 94 27.87 22.50 22.57
N GLU G 95 28.71 22.28 23.57
CA GLU G 95 29.74 23.25 23.93
C GLU G 95 30.80 23.36 22.84
N GLY G 96 31.34 24.57 22.69
CA GLY G 96 32.34 24.84 21.68
C GLY G 96 31.80 25.28 20.34
N THR G 97 30.51 25.06 20.08
CA THR G 97 29.90 25.39 18.82
C THR G 97 29.06 26.66 18.94
N GLU G 98 28.76 27.27 17.79
CA GLU G 98 27.87 28.42 17.72
C GLU G 98 26.45 27.90 17.60
N ASN G 99 25.80 27.69 18.75
CA ASN G 99 24.47 27.10 18.78
C ASN G 99 23.43 28.13 18.36
N VAL G 100 22.70 27.81 17.28
CA VAL G 100 21.67 28.68 16.72
C VAL G 100 20.37 27.88 16.65
N ALA G 101 19.29 28.48 17.15
CA ALA G 101 17.98 27.85 17.03
C ALA G 101 17.50 27.90 15.58
N THR G 102 16.68 26.91 15.21
CA THR G 102 16.20 26.83 13.83
C THR G 102 15.36 28.05 13.46
N PHE G 103 14.51 28.51 14.37
CA PHE G 103 13.61 29.61 14.03
C PHE G 103 14.36 30.93 13.92
N GLU G 104 15.46 31.09 14.65
CA GLU G 104 16.26 32.30 14.56
C GLU G 104 17.34 32.23 13.49
N PHE G 105 17.49 31.08 12.85
CA PHE G 105 18.54 30.93 11.84
C PHE G 105 18.44 31.92 10.69
N PRO G 106 17.27 32.23 10.12
CA PRO G 106 17.25 33.25 9.06
C PRO G 106 17.60 34.64 9.57
N LEU G 107 17.08 35.04 10.73
CA LEU G 107 17.40 36.35 11.28
C LEU G 107 18.87 36.44 11.69
N TRP G 108 19.41 35.36 12.23
CA TRP G 108 20.82 35.34 12.63
C TRP G 108 21.73 35.52 11.42
N VAL G 109 21.40 34.86 10.31
CA VAL G 109 22.24 34.95 9.12
C VAL G 109 22.17 36.36 8.52
N ALA G 110 20.97 36.94 8.48
CA ALA G 110 20.80 38.23 7.81
C ALA G 110 21.44 39.37 8.60
N ARG G 111 21.43 39.30 9.93
CA ARG G 111 21.88 40.40 10.77
C ARG G 111 23.36 40.38 11.08
N ASN G 112 24.09 39.31 10.73
CA ASN G 112 25.48 39.17 11.15
C ASN G 112 26.42 38.72 10.02
N PHE G 113 25.94 38.66 8.78
CA PHE G 113 26.78 38.23 7.67
C PHE G 113 26.45 39.05 6.44
N ASP G 114 27.41 39.11 5.52
CA ASP G 114 27.33 40.00 4.36
C ASP G 114 27.47 39.33 3.01
N SER G 115 27.75 38.03 2.95
CA SER G 115 27.88 37.33 1.68
C SER G 115 27.79 35.84 1.94
N VAL G 116 27.60 35.09 0.85
CA VAL G 116 27.52 33.63 0.94
C VAL G 116 28.84 33.05 1.45
N ASP G 117 29.96 33.65 1.03
CA ASP G 117 31.27 33.17 1.47
C ASP G 117 31.41 33.28 2.99
N GLU G 118 30.83 34.32 3.59
CA GLU G 118 30.91 34.48 5.03
C GLU G 118 30.05 33.45 5.74
N VAL G 119 28.87 33.13 5.19
CA VAL G 119 28.00 32.14 5.81
C VAL G 119 28.61 30.75 5.71
N GLU G 120 29.19 30.43 4.54
CA GLU G 120 29.78 29.10 4.35
C GLU G 120 30.92 28.85 5.33
N GLU G 121 31.72 29.88 5.61
CA GLU G 121 32.84 29.72 6.52
C GLU G 121 32.36 29.51 7.95
N THR G 122 31.40 30.31 8.40
CA THR G 122 30.91 30.20 9.77
C THR G 122 30.16 28.89 10.00
N LEU G 123 29.51 28.36 8.97
CA LEU G 123 28.68 27.18 9.14
C LEU G 123 29.47 25.96 9.59
N ARG G 124 30.79 25.95 9.40
CA ARG G 124 31.61 24.84 9.86
C ARG G 124 31.68 24.74 11.39
N ASN G 125 31.17 25.72 12.11
CA ASN G 125 31.13 25.69 13.57
C ASN G 125 29.74 25.87 14.16
N VAL G 126 28.71 25.96 13.32
CA VAL G 126 27.35 26.23 13.78
C VAL G 126 26.64 24.92 14.10
N THR G 127 25.90 24.91 15.20
CA THR G 127 25.03 23.80 15.57
C THR G 127 23.58 24.30 15.50
N LEU G 128 22.80 23.73 14.59
CA LEU G 128 21.40 24.10 14.41
C LEU G 128 20.55 23.32 15.40
N VAL G 129 20.06 24.00 16.44
CA VAL G 129 19.35 23.37 17.54
C VAL G 129 17.85 23.50 17.31
N SER G 130 17.11 22.46 17.68
CA SER G 130 15.65 22.45 17.61
C SER G 130 15.08 22.66 19.01
N GLN G 131 14.51 23.83 19.26
CA GLN G 131 13.84 24.13 20.51
C GLN G 131 12.35 24.20 20.22
N ILE G 132 11.64 23.11 20.48
CA ILE G 132 10.22 23.02 20.19
C ILE G 132 9.44 23.78 21.25
N VAL G 133 8.54 24.66 20.81
CA VAL G 133 7.65 25.36 21.74
C VAL G 133 6.78 24.33 22.46
N PRO G 134 6.59 24.44 23.77
CA PRO G 134 5.81 23.41 24.49
C PRO G 134 4.42 23.23 23.88
N GLY G 135 4.11 21.98 23.54
CA GLY G 135 2.82 21.62 22.98
C GLY G 135 2.69 21.79 21.49
N GLN G 136 3.73 22.22 20.80
CA GLN G 136 3.67 22.48 19.37
C GLN G 136 4.46 21.43 18.60
N GLN G 137 4.33 21.49 17.28
CA GLN G 137 5.01 20.56 16.39
C GLN G 137 6.40 21.06 16.04
N GLU G 138 7.31 20.13 15.80
CA GLU G 138 8.70 20.46 15.51
C GLU G 138 8.84 20.93 14.07
N SER G 139 9.51 22.06 13.87
CA SER G 139 9.77 22.59 12.54
C SER G 139 11.00 21.91 11.94
N LEU G 140 10.84 21.38 10.73
CA LEU G 140 11.91 20.64 10.04
C LEU G 140 12.09 21.26 8.66
N LEU G 141 13.10 22.11 8.52
CA LEU G 141 13.32 22.85 7.29
C LEU G 141 14.72 22.62 6.76
N HIS G 142 14.94 23.11 5.53
CA HIS G 142 16.26 23.35 4.99
C HIS G 142 16.26 24.74 4.35
N TRP G 143 17.43 25.35 4.25
CA TRP G 143 17.52 26.77 3.93
C TRP G 143 18.26 27.01 2.63
N PHE G 144 17.92 28.12 1.98
CA PHE G 144 18.44 28.49 0.66
C PHE G 144 19.05 29.88 0.78
N ILE G 145 20.37 29.96 0.82
CA ILE G 145 21.10 31.21 1.01
C ILE G 145 21.71 31.62 -0.33
N GLY G 146 21.59 32.90 -0.67
CA GLY G 146 22.18 33.40 -1.89
C GLY G 146 22.46 34.89 -1.79
N ASP G 147 23.36 35.35 -2.66
CA ASP G 147 23.69 36.77 -2.76
C ASP G 147 23.89 37.09 -4.24
N GLY G 148 24.66 38.14 -4.52
CA GLY G 148 24.87 38.55 -5.91
C GLY G 148 25.77 37.63 -6.69
N LYS G 149 26.54 36.77 -6.02
CA LYS G 149 27.51 35.92 -6.69
C LYS G 149 26.97 34.51 -6.93
N ARG G 150 26.56 33.82 -5.87
CA ARG G 150 26.17 32.42 -5.96
C ARG G 150 25.11 32.15 -4.90
N SER G 151 24.80 30.87 -4.71
CA SER G 151 23.85 30.47 -3.68
C SER G 151 24.24 29.09 -3.14
N ILE G 152 23.91 28.85 -1.87
CA ILE G 152 24.21 27.58 -1.23
C ILE G 152 22.93 27.02 -0.63
N VAL G 153 22.98 25.73 -0.30
CA VAL G 153 21.86 25.00 0.29
C VAL G 153 22.34 24.36 1.59
N VAL G 154 21.62 24.64 2.67
CA VAL G 154 21.95 24.11 4.00
C VAL G 154 20.86 23.11 4.38
N GLU G 155 21.22 21.83 4.41
CA GLU G 155 20.31 20.77 4.83
C GLU G 155 20.96 20.04 6.00
N GLN G 156 20.41 20.22 7.19
CA GLN G 156 20.91 19.58 8.40
C GLN G 156 20.14 18.28 8.61
N MET G 157 20.84 17.15 8.50
CA MET G 157 20.24 15.83 8.61
C MET G 157 20.86 15.07 9.78
N ALA G 158 20.40 13.83 9.99
CA ALA G 158 20.83 13.05 11.13
C ALA G 158 22.30 12.65 11.05
N ASP G 159 22.90 12.69 9.86
CA ASP G 159 24.30 12.33 9.69
C ASP G 159 25.23 13.54 9.70
N GLY G 160 24.69 14.75 9.84
CA GLY G 160 25.51 15.94 9.85
C GLY G 160 24.92 17.09 9.06
N MET G 161 25.63 18.22 9.01
CA MET G 161 25.18 19.38 8.27
C MET G 161 25.80 19.37 6.88
N HIS G 162 24.95 19.37 5.86
CA HIS G 162 25.39 19.40 4.47
C HIS G 162 25.17 20.80 3.90
N VAL G 163 26.22 21.36 3.30
CA VAL G 163 26.17 22.66 2.64
C VAL G 163 26.61 22.46 1.21
N HIS G 164 25.68 22.59 0.27
CA HIS G 164 25.94 22.34 -1.14
C HIS G 164 26.14 23.64 -1.90
N HIS G 165 26.91 23.56 -2.98
CA HIS G 165 27.08 24.68 -3.90
C HIS G 165 25.97 24.60 -4.94
N ASP G 166 24.95 25.44 -4.79
CA ASP G 166 23.78 25.41 -5.66
C ASP G 166 24.15 25.99 -7.02
N ASP G 167 24.50 25.12 -7.96
CA ASP G 167 24.93 25.57 -9.28
C ASP G 167 23.77 26.01 -10.16
N VAL G 168 22.56 25.50 -9.90
CA VAL G 168 21.38 25.92 -10.66
C VAL G 168 20.62 27.06 -9.99
N ASP G 169 21.01 27.44 -8.76
CA ASP G 169 20.41 28.57 -8.05
C ASP G 169 18.91 28.36 -7.88
N VAL G 170 18.55 27.22 -7.31
CA VAL G 170 17.16 26.78 -7.28
C VAL G 170 17.02 25.73 -6.19
N LEU G 171 15.93 25.80 -5.43
CA LEU G 171 15.70 24.81 -4.35
C LEU G 171 14.19 24.55 -4.17
N THR G 172 13.82 23.29 -3.93
CA THR G 172 12.40 22.95 -3.67
C THR G 172 12.32 22.30 -2.30
N ASN G 173 11.74 21.12 -2.22
CA ASN G 173 11.63 20.41 -0.93
C ASN G 173 12.36 19.07 -1.01
N GLN G 174 11.70 17.99 -0.62
CA GLN G 174 12.31 16.67 -0.59
C GLN G 174 12.47 16.12 -2.01
N PRO G 175 13.43 15.20 -2.22
CA PRO G 175 14.38 14.64 -1.25
C PRO G 175 15.65 15.48 -1.14
N THR G 176 16.80 14.82 -0.99
CA THR G 176 18.04 15.53 -0.76
C THR G 176 18.47 16.31 -2.01
N PHE G 177 19.29 17.34 -1.78
CA PHE G 177 19.74 18.18 -2.88
C PHE G 177 20.58 17.40 -3.88
N ASP G 178 21.34 16.41 -3.41
CA ASP G 178 22.12 15.59 -4.32
C ASP G 178 21.23 14.78 -5.25
N PHE G 179 20.05 14.37 -4.78
CA PHE G 179 19.12 13.66 -5.64
C PHE G 179 18.67 14.56 -6.80
N HIS G 180 18.23 15.78 -6.47
CA HIS G 180 17.73 16.68 -7.51
C HIS G 180 18.79 16.96 -8.57
N MET G 181 20.03 17.23 -8.14
CA MET G 181 21.09 17.50 -9.10
C MET G 181 21.39 16.28 -9.96
N GLU G 182 21.38 15.09 -9.37
CA GLU G 182 21.51 13.88 -10.16
C GLU G 182 20.32 13.72 -11.10
N ASN G 183 19.12 14.01 -10.60
CA ASN G 183 17.92 13.87 -11.41
C ASN G 183 17.95 14.79 -12.63
N LEU G 184 18.64 15.94 -12.52
CA LEU G 184 18.70 16.89 -13.62
C LEU G 184 19.31 16.28 -14.87
N ARG G 185 20.19 15.28 -14.70
CA ARG G 185 20.88 14.70 -15.85
C ARG G 185 19.94 13.92 -16.77
N ASN G 186 18.76 13.53 -16.28
CA ASN G 186 17.78 12.87 -17.15
C ASN G 186 17.33 13.80 -18.26
N TYR G 187 17.34 15.11 -18.02
CA TYR G 187 16.77 16.11 -18.92
C TYR G 187 17.85 16.96 -19.59
N MET G 188 19.07 16.43 -19.71
CA MET G 188 20.16 17.21 -20.27
C MET G 188 20.06 17.38 -21.79
N CYS G 189 19.11 16.71 -22.44
CA CYS G 189 18.91 16.86 -23.88
C CYS G 189 17.79 17.84 -24.22
N VAL G 190 17.03 18.31 -23.23
CA VAL G 190 16.01 19.32 -23.46
C VAL G 190 16.66 20.61 -23.92
N SER G 191 16.02 21.32 -24.84
CA SER G 191 16.57 22.56 -25.38
C SER G 191 15.43 23.52 -25.72
N ASN G 192 15.69 24.81 -25.50
CA ASN G 192 14.74 25.86 -25.85
C ASN G 192 14.88 26.32 -27.31
N GLU G 193 15.55 25.52 -28.14
CA GLU G 193 15.69 25.82 -29.56
C GLU G 193 14.51 25.24 -30.34
N MET G 194 14.27 25.82 -31.52
CA MET G 194 13.28 25.26 -32.42
C MET G 194 13.69 23.85 -32.81
N ALA G 195 12.77 22.90 -32.61
CA ALA G 195 13.07 21.49 -32.84
C ALA G 195 13.56 21.27 -34.28
N GLU G 196 14.78 20.77 -34.41
CA GLU G 196 15.38 20.57 -35.71
C GLU G 196 14.62 19.50 -36.48
N PRO G 197 14.15 19.79 -37.70
CA PRO G 197 13.46 18.76 -38.49
C PRO G 197 14.38 17.57 -38.74
N THR G 198 13.80 16.38 -38.63
CA THR G 198 14.55 15.13 -38.71
C THR G 198 13.72 14.11 -39.47
N SER G 199 14.20 12.87 -39.49
CA SER G 199 13.52 11.78 -40.19
C SER G 199 13.71 10.49 -39.42
N TRP G 200 12.63 9.72 -39.31
CA TRP G 200 12.66 8.36 -38.78
C TRP G 200 12.37 7.43 -39.95
N GLY G 201 13.43 6.91 -40.57
CA GLY G 201 13.27 6.14 -41.78
C GLY G 201 12.83 7.02 -42.93
N LYS G 202 11.70 6.70 -43.54
CA LYS G 202 11.16 7.48 -44.65
C LYS G 202 10.15 8.53 -44.22
N ALA G 203 9.94 8.70 -42.92
CA ALA G 203 8.95 9.64 -42.39
C ALA G 203 9.65 10.91 -41.92
N SER G 204 9.17 12.06 -42.39
CA SER G 204 9.70 13.35 -41.96
C SER G 204 8.95 13.82 -40.72
N LEU G 205 9.70 14.40 -39.79
CA LEU G 205 9.15 14.91 -38.53
C LEU G 205 9.46 16.39 -38.40
N THR G 206 8.42 17.21 -38.28
CA THR G 206 8.58 18.63 -38.01
C THR G 206 7.74 19.00 -36.79
N ALA G 207 8.10 20.11 -36.17
CA ALA G 207 7.39 20.61 -35.00
C ALA G 207 6.21 21.47 -35.42
N TRP G 208 5.11 21.36 -34.66
CA TRP G 208 3.97 22.25 -34.90
C TRP G 208 4.39 23.70 -34.69
N GLY G 209 5.12 23.98 -33.62
CA GLY G 209 5.58 25.31 -33.32
C GLY G 209 6.59 25.32 -32.20
N ALA G 210 6.54 26.33 -31.34
CA ALA G 210 7.48 26.45 -30.24
C ALA G 210 7.18 25.41 -29.16
N GLY G 211 8.23 25.03 -28.43
CA GLY G 211 8.09 24.20 -27.25
C GLY G 211 8.35 22.73 -27.43
N VAL G 212 8.41 22.24 -28.68
CA VAL G 212 8.59 20.82 -28.90
C VAL G 212 9.95 20.35 -28.37
N GLY G 213 10.99 21.18 -28.55
CA GLY G 213 12.28 20.85 -27.99
C GLY G 213 12.30 20.77 -26.48
N MET G 214 11.33 21.39 -25.82
CA MET G 214 11.21 21.36 -24.38
C MET G 214 10.55 20.08 -23.87
N HIS G 215 10.09 19.21 -24.77
CA HIS G 215 9.44 17.97 -24.36
C HIS G 215 10.36 17.14 -23.48
N GLY G 216 9.78 16.57 -22.42
CA GLY G 216 10.52 15.85 -21.40
C GLY G 216 10.48 16.52 -20.04
N ILE G 217 10.34 17.85 -20.02
CA ILE G 217 10.20 18.60 -18.77
C ILE G 217 8.89 18.19 -18.11
N PRO G 218 8.91 17.72 -16.87
CA PRO G 218 7.67 17.35 -16.20
C PRO G 218 6.83 18.57 -15.86
N GLY G 219 5.53 18.34 -15.70
CA GLY G 219 4.59 19.42 -15.46
C GLY G 219 3.82 19.34 -14.16
N ASP G 220 4.04 18.28 -13.39
CA ASP G 220 3.35 18.14 -12.12
C ASP G 220 3.99 19.06 -11.07
N VAL G 221 3.32 19.17 -9.92
CA VAL G 221 3.74 20.09 -8.88
C VAL G 221 4.42 19.37 -7.72
N SER G 222 4.93 18.16 -7.94
CA SER G 222 5.73 17.51 -6.92
C SER G 222 7.07 18.23 -6.78
N SER G 223 7.69 18.04 -5.61
CA SER G 223 8.94 18.73 -5.33
C SER G 223 10.05 18.39 -6.33
N PRO G 224 10.30 17.13 -6.70
CA PRO G 224 11.32 16.88 -7.72
C PRO G 224 10.99 17.47 -9.08
N SER G 225 9.74 17.32 -9.53
CA SER G 225 9.38 17.85 -10.85
C SER G 225 9.44 19.37 -10.87
N ARG G 226 9.01 20.02 -9.78
CA ARG G 226 9.11 21.47 -9.70
C ARG G 226 10.57 21.91 -9.76
N PHE G 227 11.46 21.16 -9.10
CA PHE G 227 12.89 21.45 -9.16
C PHE G 227 13.38 21.43 -10.61
N VAL G 228 13.05 20.37 -11.34
CA VAL G 228 13.52 20.24 -12.72
C VAL G 228 12.96 21.37 -13.58
N ARG G 229 11.69 21.71 -13.39
CA ARG G 229 11.06 22.74 -14.23
C ARG G 229 11.57 24.13 -13.89
N VAL G 230 11.81 24.40 -12.59
CA VAL G 230 12.26 25.75 -12.22
C VAL G 230 13.76 25.90 -12.46
N ALA G 231 14.53 24.81 -12.40
CA ALA G 231 15.95 24.89 -12.77
C ALA G 231 16.11 25.15 -14.27
N TYR G 232 15.25 24.54 -15.08
CA TYR G 232 15.31 24.76 -16.52
C TYR G 232 14.98 26.21 -16.87
N THR G 233 13.95 26.77 -16.23
CA THR G 233 13.51 28.12 -16.56
C THR G 233 14.54 29.16 -16.11
N ASN G 234 15.11 28.99 -14.92
CA ASN G 234 16.10 29.95 -14.43
C ASN G 234 17.36 29.93 -15.27
N ALA G 235 17.72 28.76 -15.83
CA ALA G 235 18.95 28.67 -16.62
C ALA G 235 18.80 29.25 -18.01
N HIS G 236 17.58 29.33 -18.55
CA HIS G 236 17.37 29.75 -19.92
C HIS G 236 16.75 31.15 -20.04
N TYR G 237 16.32 31.75 -18.95
CA TYR G 237 15.85 33.13 -18.99
C TYR G 237 17.01 34.06 -19.34
N PRO G 238 16.92 34.81 -20.44
CA PRO G 238 18.04 35.70 -20.80
C PRO G 238 18.24 36.78 -19.75
N GLN G 239 19.49 37.23 -19.63
CA GLN G 239 19.84 38.18 -18.58
C GLN G 239 19.20 39.54 -18.85
N GLN G 240 18.75 40.19 -17.78
CA GLN G 240 18.17 41.52 -17.83
C GLN G 240 19.04 42.47 -17.01
N ASN G 241 19.26 43.68 -17.53
CA ASN G 241 20.16 44.65 -16.92
C ASN G 241 19.41 45.88 -16.39
N ASP G 242 18.23 45.66 -15.80
CA ASP G 242 17.50 46.75 -15.16
C ASP G 242 16.57 46.15 -14.11
N GLU G 243 16.08 47.03 -13.23
CA GLU G 243 15.30 46.56 -12.08
C GLU G 243 13.92 46.07 -12.51
N ALA G 244 13.30 46.75 -13.49
CA ALA G 244 11.96 46.38 -13.91
C ALA G 244 11.93 44.98 -14.50
N ALA G 245 12.76 44.73 -15.52
CA ALA G 245 12.77 43.43 -16.18
C ALA G 245 13.32 42.33 -15.27
N ASN G 246 14.15 42.66 -14.29
CA ASN G 246 14.68 41.63 -13.39
C ASN G 246 13.66 41.21 -12.35
N VAL G 247 12.88 42.16 -11.84
CA VAL G 247 11.82 41.82 -10.89
C VAL G 247 10.73 41.00 -11.59
N SER G 248 10.40 41.36 -12.84
CA SER G 248 9.43 40.58 -13.59
C SER G 248 9.98 39.19 -13.91
N ARG G 249 11.29 39.09 -14.17
CA ARG G 249 11.88 37.79 -14.46
C ARG G 249 11.81 36.87 -13.24
N LEU G 250 12.05 37.43 -12.05
CA LEU G 250 12.01 36.63 -10.83
C LEU G 250 10.61 36.07 -10.58
N PHE G 251 9.58 36.88 -10.80
CA PHE G 251 8.22 36.43 -10.52
C PHE G 251 7.68 35.51 -11.61
N HIS G 252 8.15 35.67 -12.85
CA HIS G 252 7.77 34.73 -13.90
C HIS G 252 8.48 33.39 -13.72
N THR G 253 9.76 33.41 -13.35
CA THR G 253 10.48 32.18 -13.11
C THR G 253 9.84 31.38 -11.98
N LEU G 254 9.47 32.06 -10.89
CA LEU G 254 8.77 31.39 -9.80
C LEU G 254 7.37 30.97 -10.23
N GLY G 255 6.75 31.70 -11.15
CA GLY G 255 5.44 31.34 -11.64
C GLY G 255 5.41 30.06 -12.44
N SER G 256 6.54 29.66 -13.03
CA SER G 256 6.60 28.43 -13.80
C SER G 256 6.36 27.19 -12.94
N VAL G 257 6.43 27.33 -11.61
CA VAL G 257 6.18 26.22 -10.70
C VAL G 257 5.10 26.62 -9.72
N GLN G 258 4.16 27.46 -10.17
CA GLN G 258 3.05 27.88 -9.34
C GLN G 258 2.10 26.72 -9.09
N MET G 259 1.57 26.65 -7.88
CA MET G 259 0.59 25.63 -7.49
C MET G 259 -0.80 26.23 -7.56
N VAL G 260 -1.57 25.84 -8.58
CA VAL G 260 -2.92 26.34 -8.79
C VAL G 260 -3.89 25.50 -7.97
N ASP G 261 -4.98 26.14 -7.52
CA ASP G 261 -5.99 25.45 -6.74
C ASP G 261 -6.58 24.28 -7.54
N GLY G 262 -6.79 23.16 -6.85
CA GLY G 262 -7.31 21.96 -7.48
C GLY G 262 -6.26 21.04 -8.08
N MET G 263 -4.99 21.45 -8.10
CA MET G 263 -3.96 20.66 -8.76
C MET G 263 -3.55 19.46 -7.93
N ALA G 264 -3.41 19.62 -6.61
CA ALA G 264 -2.91 18.54 -5.78
C ALA G 264 -3.33 18.75 -4.33
N LYS G 265 -3.89 17.70 -3.73
CA LYS G 265 -4.26 17.71 -2.31
C LYS G 265 -3.08 17.29 -1.47
N MET G 266 -3.00 17.85 -0.26
CA MET G 266 -2.04 17.41 0.73
C MET G 266 -2.66 16.29 1.57
N GLY G 267 -1.81 15.64 2.38
CA GLY G 267 -2.28 14.55 3.22
C GLY G 267 -3.39 14.93 4.17
N ASP G 268 -3.51 16.22 4.49
CA ASP G 268 -4.63 16.70 5.29
C ASP G 268 -5.96 16.45 4.59
N GLY G 269 -6.03 16.79 3.31
CA GLY G 269 -7.25 16.64 2.54
C GLY G 269 -7.56 17.86 1.71
N GLN G 270 -6.84 18.95 1.97
CA GLN G 270 -7.07 20.22 1.30
C GLN G 270 -6.02 20.44 0.21
N PHE G 271 -6.28 21.44 -0.63
CA PHE G 271 -5.41 21.74 -1.76
C PHE G 271 -4.26 22.65 -1.32
N GLU G 272 -3.07 22.33 -1.81
CA GLU G 272 -1.89 23.16 -1.59
C GLU G 272 -1.78 24.16 -2.73
N ARG G 273 -1.72 25.44 -2.39
CA ARG G 273 -1.67 26.51 -3.37
C ARG G 273 -0.53 27.47 -3.06
N THR G 274 -0.01 28.11 -4.10
CA THR G 274 0.98 29.18 -3.95
C THR G 274 0.29 30.39 -3.33
N LEU G 275 0.38 30.50 -2.00
CA LEU G 275 -0.32 31.58 -1.31
C LEU G 275 0.26 32.94 -1.66
N PHE G 276 1.58 33.11 -1.48
CA PHE G 276 2.24 34.35 -1.87
C PHE G 276 3.56 34.02 -2.55
N THR G 277 4.10 35.01 -3.25
CA THR G 277 5.41 34.93 -3.89
C THR G 277 6.20 36.15 -3.46
N SER G 278 7.15 35.96 -2.56
CA SER G 278 8.01 37.05 -2.11
C SER G 278 9.25 37.15 -2.97
N GLY G 279 9.87 38.33 -2.95
CA GLY G 279 11.07 38.57 -3.73
C GLY G 279 11.93 39.63 -3.08
N TYR G 280 13.17 39.73 -3.56
CA TYR G 280 14.11 40.71 -3.05
C TYR G 280 15.06 41.11 -4.16
N SER G 281 15.44 42.39 -4.15
CA SER G 281 16.43 42.93 -5.07
C SER G 281 17.42 43.77 -4.30
N SER G 282 18.71 43.58 -4.59
CA SER G 282 19.76 44.33 -3.93
C SER G 282 20.17 45.59 -4.68
N LYS G 283 19.80 45.71 -5.96
CA LYS G 283 20.10 46.92 -6.72
C LYS G 283 19.42 48.14 -6.12
N THR G 284 18.21 47.94 -5.58
CA THR G 284 17.47 49.02 -4.93
C THR G 284 17.18 48.74 -3.47
N ASN G 285 17.52 47.55 -2.98
CA ASN G 285 17.19 47.12 -1.61
C ASN G 285 15.70 47.29 -1.34
N THR G 286 14.92 46.46 -2.04
CA THR G 286 13.47 46.51 -2.00
C THR G 286 12.91 45.10 -1.97
N TYR G 287 11.90 44.88 -1.14
CA TYR G 287 11.22 43.60 -1.07
C TYR G 287 9.93 43.66 -1.86
N TYR G 288 9.65 42.60 -2.62
CA TYR G 288 8.46 42.51 -3.46
C TYR G 288 7.62 41.32 -3.02
N MET G 289 6.32 41.40 -3.33
CA MET G 289 5.40 40.36 -2.91
C MET G 289 4.07 40.52 -3.63
N ASN G 290 3.50 39.40 -4.07
CA ASN G 290 2.10 39.32 -4.48
C ASN G 290 1.47 38.12 -3.80
N THR G 291 0.15 37.99 -3.94
CA THR G 291 -0.60 36.91 -3.31
C THR G 291 -1.39 36.14 -4.36
N TYR G 292 -2.00 35.04 -3.90
CA TYR G 292 -2.81 34.21 -4.78
C TYR G 292 -4.03 34.97 -5.30
N ASP G 293 -4.60 35.85 -4.48
CA ASP G 293 -5.80 36.59 -4.85
C ASP G 293 -5.52 37.95 -5.45
N ASP G 294 -4.25 38.31 -5.65
CA ASP G 294 -3.90 39.56 -6.32
C ASP G 294 -2.50 39.45 -6.91
N PRO G 295 -2.38 39.44 -8.25
CA PRO G 295 -1.06 39.33 -8.87
C PRO G 295 -0.25 40.62 -8.86
N ALA G 296 -0.79 41.71 -8.30
CA ALA G 296 -0.06 42.97 -8.29
C ALA G 296 1.13 42.88 -7.36
N ILE G 297 2.31 43.20 -7.89
CA ILE G 297 3.56 43.11 -7.13
C ILE G 297 3.76 44.42 -6.38
N ARG G 298 3.63 44.35 -5.05
CA ARG G 298 3.84 45.52 -4.20
C ARG G 298 5.31 45.65 -3.83
N SER G 299 5.75 46.90 -3.65
CA SER G 299 7.13 47.20 -3.33
C SER G 299 7.26 47.57 -1.86
N TYR G 300 8.40 47.17 -1.26
CA TYR G 300 8.71 47.46 0.15
C TYR G 300 10.21 47.76 0.23
N ALA G 301 10.56 49.01 -0.06
CA ALA G 301 11.95 49.43 -0.07
C ALA G 301 12.45 49.63 1.36
N MET G 302 13.78 49.54 1.50
CA MET G 302 14.41 49.73 2.79
C MET G 302 14.59 51.21 3.13
N ALA G 303 14.64 52.08 2.12
CA ALA G 303 14.73 53.52 2.31
C ALA G 303 13.40 54.16 2.70
N ASP G 304 12.45 53.36 3.19
CA ASP G 304 11.15 53.86 3.63
C ASP G 304 10.90 53.56 5.10
N TYR G 305 11.91 53.13 5.84
CA TYR G 305 11.78 52.83 7.26
C TYR G 305 13.01 53.33 7.99
N ASP G 306 12.80 53.77 9.24
CA ASP G 306 13.90 54.21 10.08
C ASP G 306 14.61 52.97 10.61
N MET G 307 15.75 52.63 10.00
CA MET G 307 16.49 51.44 10.39
C MET G 307 17.30 51.63 11.66
N ASP G 308 17.24 52.81 12.28
CA ASP G 308 17.83 53.03 13.59
C ASP G 308 16.83 52.82 14.72
N SER G 309 15.58 52.48 14.40
CA SER G 309 14.56 52.24 15.41
C SER G 309 14.86 50.97 16.19
N SER G 310 14.14 50.79 17.30
CA SER G 310 14.38 49.68 18.20
C SER G 310 13.21 48.70 18.30
N GLU G 311 12.15 48.88 17.51
CA GLU G 311 11.00 48.01 17.55
C GLU G 311 10.71 47.46 16.15
N LEU G 312 10.04 46.33 16.11
CA LEU G 312 9.73 45.66 14.85
C LEU G 312 8.53 46.32 14.17
N ILE G 313 8.54 46.29 12.84
CA ILE G 313 7.51 46.91 12.01
C ILE G 313 6.89 45.86 11.12
N SER G 314 5.56 45.79 11.11
CA SER G 314 4.81 44.87 10.25
C SER G 314 3.94 45.69 9.31
N VAL G 315 3.95 45.32 8.02
CA VAL G 315 3.19 46.04 7.02
C VAL G 315 1.99 45.20 6.58
N ALA G 316 0.87 45.36 7.26
CA ALA G 316 -0.34 44.60 6.94
C ALA G 316 -0.93 45.05 5.61
N CYS H 2 -0.87 -5.66 -30.01
CA CYS H 2 -0.19 -6.14 -31.21
C CYS H 2 0.61 -5.06 -31.90
N THR H 3 1.70 -5.48 -32.55
CA THR H 3 2.59 -4.57 -33.24
C THR H 3 3.04 -5.21 -34.54
N GLY H 4 3.12 -4.41 -35.60
CA GLY H 4 3.58 -4.87 -36.89
C GLY H 4 4.84 -4.13 -37.32
N VAL H 5 5.75 -4.84 -37.96
CA VAL H 5 7.06 -4.31 -38.34
C VAL H 5 7.41 -4.76 -39.74
N ARG H 6 7.93 -3.85 -40.56
CA ARG H 6 8.46 -4.16 -41.86
C ARG H 6 9.79 -3.44 -42.07
N PHE H 7 10.73 -4.11 -42.71
CA PHE H 7 11.98 -3.50 -43.14
C PHE H 7 12.58 -4.35 -44.26
N SER H 8 13.68 -3.87 -44.83
CA SER H 8 14.32 -4.54 -45.95
C SER H 8 15.82 -4.52 -45.78
N ASP H 9 16.51 -5.33 -46.58
CA ASP H 9 17.95 -5.41 -46.56
C ASP H 9 18.53 -4.55 -47.69
N ASP H 10 19.80 -4.79 -48.03
CA ASP H 10 20.46 -4.03 -49.09
C ASP H 10 20.02 -4.45 -50.49
N GLU H 11 19.24 -5.52 -50.62
CA GLU H 11 18.80 -6.01 -51.93
C GLU H 11 17.28 -6.07 -52.05
N GLY H 12 16.56 -5.29 -51.24
CA GLY H 12 15.13 -5.20 -51.40
C GLY H 12 14.35 -6.45 -51.03
N ASN H 13 14.88 -7.27 -50.14
CA ASN H 13 14.14 -8.43 -49.65
C ASN H 13 13.10 -7.99 -48.62
N THR H 14 12.04 -8.79 -48.50
CA THR H 14 10.95 -8.49 -47.58
C THR H 14 11.23 -9.09 -46.21
N TYR H 15 11.11 -8.25 -45.17
CA TYR H 15 11.20 -8.71 -43.79
C TYR H 15 9.99 -8.16 -43.03
N PHE H 16 9.15 -9.05 -42.52
CA PHE H 16 7.82 -8.71 -42.04
C PHE H 16 7.52 -9.54 -40.80
N GLY H 17 6.97 -8.89 -39.77
CA GLY H 17 6.70 -9.59 -38.53
C GLY H 17 5.64 -8.90 -37.70
N ARG H 18 5.09 -9.65 -36.74
CA ARG H 18 4.08 -9.12 -35.86
C ARG H 18 4.16 -9.79 -34.49
N ASN H 19 3.72 -9.05 -33.47
CA ASN H 19 3.43 -9.60 -32.15
C ASN H 19 1.95 -9.88 -32.04
N LEU H 20 1.59 -10.97 -31.36
CA LEU H 20 0.20 -11.24 -31.02
C LEU H 20 0.06 -11.11 -29.50
N ASP H 21 -0.60 -10.05 -29.07
CA ASP H 21 -0.79 -9.76 -27.65
C ASP H 21 -2.24 -10.02 -27.29
N TRP H 22 -2.46 -10.97 -26.38
CA TRP H 22 -3.80 -11.36 -25.98
C TRP H 22 -3.71 -12.09 -24.65
N SER H 23 -4.87 -12.47 -24.12
CA SER H 23 -4.97 -13.17 -22.85
C SER H 23 -5.24 -14.67 -23.01
N PHE H 24 -5.43 -15.14 -24.24
CA PHE H 24 -5.61 -16.57 -24.49
C PHE H 24 -5.34 -16.84 -25.96
N SER H 25 -4.88 -18.05 -26.26
CA SER H 25 -4.60 -18.47 -27.62
C SER H 25 -5.86 -19.01 -28.27
N TYR H 26 -6.14 -18.55 -29.49
CA TYR H 26 -7.30 -19.00 -30.25
C TYR H 26 -7.11 -20.37 -30.89
N GLY H 27 -6.04 -21.08 -30.55
CA GLY H 27 -5.72 -22.33 -31.22
C GLY H 27 -4.95 -22.14 -32.51
N GLU H 28 -4.27 -21.02 -32.68
CA GLU H 28 -3.56 -20.72 -33.91
C GLU H 28 -2.36 -21.63 -34.10
N THR H 29 -1.91 -21.73 -35.35
CA THR H 29 -0.77 -22.56 -35.72
C THR H 29 -0.32 -22.15 -37.12
N ILE H 30 0.85 -22.66 -37.52
CA ILE H 30 1.35 -22.40 -38.86
C ILE H 30 0.41 -23.01 -39.88
N LEU H 31 -0.05 -22.18 -40.82
CA LEU H 31 -1.03 -22.58 -41.82
C LEU H 31 -0.42 -22.43 -43.21
N VAL H 32 -0.42 -23.52 -43.97
CA VAL H 32 0.13 -23.54 -45.33
C VAL H 32 -1.01 -23.79 -46.31
N THR H 33 -1.21 -22.86 -47.24
CA THR H 33 -2.21 -23.01 -48.28
C THR H 33 -1.50 -23.18 -49.62
N PRO H 34 -1.43 -24.39 -50.18
CA PRO H 34 -0.69 -24.59 -51.43
C PRO H 34 -1.42 -23.98 -52.61
N ARG H 35 -0.70 -23.89 -53.73
CA ARG H 35 -1.26 -23.26 -54.93
C ARG H 35 -2.48 -24.01 -55.45
N GLY H 36 -2.48 -25.33 -55.33
CA GLY H 36 -3.59 -26.12 -55.82
C GLY H 36 -4.79 -26.20 -54.90
N TYR H 37 -4.74 -25.57 -53.74
CA TYR H 37 -5.92 -25.52 -52.87
C TYR H 37 -7.02 -24.71 -53.54
N HIS H 38 -8.21 -25.28 -53.62
CA HIS H 38 -9.34 -24.64 -54.29
C HIS H 38 -10.14 -23.85 -53.25
N TYR H 39 -9.95 -22.53 -53.25
CA TYR H 39 -10.73 -21.64 -52.39
C TYR H 39 -11.73 -20.87 -53.24
N ASP H 40 -13.00 -20.95 -52.85
CA ASP H 40 -14.05 -20.13 -53.44
C ASP H 40 -14.32 -18.95 -52.51
N THR H 41 -14.33 -17.75 -53.07
CA THR H 41 -14.63 -16.57 -52.28
C THR H 41 -16.07 -16.60 -51.79
N VAL H 42 -16.39 -15.68 -50.87
CA VAL H 42 -17.72 -15.63 -50.29
C VAL H 42 -18.63 -14.63 -51.00
N PHE H 43 -18.06 -13.68 -51.75
CA PHE H 43 -18.85 -12.67 -52.46
C PHE H 43 -18.39 -12.51 -53.90
N GLY H 44 -17.90 -13.59 -54.50
CA GLY H 44 -17.48 -13.55 -55.90
C GLY H 44 -16.31 -12.61 -56.16
N ALA H 45 -15.31 -12.61 -55.31
CA ALA H 45 -14.17 -11.74 -55.48
C ALA H 45 -13.24 -12.25 -56.57
N GLY H 46 -12.65 -11.32 -57.32
CA GLY H 46 -11.73 -11.70 -58.36
C GLY H 46 -10.47 -12.34 -57.82
N GLY H 47 -9.74 -12.99 -58.72
CA GLY H 47 -8.52 -13.66 -58.33
C GLY H 47 -7.62 -13.91 -59.53
N LYS H 48 -6.62 -14.76 -59.31
CA LYS H 48 -5.67 -15.16 -60.33
C LYS H 48 -5.84 -16.64 -60.64
N ALA H 49 -5.68 -16.99 -61.93
CA ALA H 49 -5.86 -18.39 -62.33
C ALA H 49 -4.84 -19.30 -61.65
N LYS H 50 -3.58 -18.89 -61.64
CA LYS H 50 -2.54 -19.63 -60.92
C LYS H 50 -2.19 -18.88 -59.64
N PRO H 51 -2.82 -19.22 -58.52
CA PRO H 51 -2.60 -18.44 -57.29
C PRO H 51 -1.22 -18.68 -56.72
N ASN H 52 -0.86 -17.81 -55.77
CA ASN H 52 0.45 -17.85 -55.13
C ASN H 52 0.44 -18.79 -53.94
N ALA H 53 1.60 -19.37 -53.66
CA ALA H 53 1.78 -20.18 -52.45
C ALA H 53 1.86 -19.26 -51.24
N VAL H 54 0.95 -19.45 -50.28
CA VAL H 54 0.83 -18.56 -49.14
C VAL H 54 0.99 -19.37 -47.85
N ILE H 55 1.75 -18.81 -46.91
CA ILE H 55 2.01 -19.41 -45.61
C ILE H 55 1.81 -18.34 -44.54
N GLY H 56 1.53 -18.80 -43.32
CA GLY H 56 1.36 -17.87 -42.22
C GLY H 56 0.90 -18.56 -40.96
N VAL H 57 0.23 -17.80 -40.10
CA VAL H 57 -0.31 -18.30 -38.84
C VAL H 57 -1.81 -18.01 -38.82
N GLY H 58 -2.60 -19.01 -38.46
CA GLY H 58 -4.03 -18.83 -38.38
C GLY H 58 -4.72 -20.12 -38.00
N VAL H 59 -6.04 -20.10 -38.07
CA VAL H 59 -6.87 -21.27 -37.80
C VAL H 59 -7.71 -21.57 -39.03
N VAL H 60 -8.26 -22.78 -39.08
CA VAL H 60 -9.10 -23.22 -40.17
C VAL H 60 -10.51 -23.42 -39.64
N MET H 61 -11.47 -22.73 -40.26
CA MET H 61 -12.88 -22.86 -39.91
C MET H 61 -13.69 -22.97 -41.21
N ALA H 62 -14.62 -23.92 -41.24
CA ALA H 62 -15.36 -24.24 -42.46
C ALA H 62 -14.41 -24.57 -43.60
N ASP H 63 -13.32 -25.25 -43.27
CA ASP H 63 -12.27 -25.63 -44.21
C ASP H 63 -11.64 -24.43 -44.92
N ARG H 64 -11.82 -23.23 -44.38
CA ARG H 64 -11.26 -22.02 -44.97
C ARG H 64 -10.14 -21.50 -44.08
N PRO H 65 -8.95 -21.22 -44.64
CA PRO H 65 -7.82 -20.76 -43.83
C PRO H 65 -7.97 -19.29 -43.46
N MET H 66 -8.23 -19.02 -42.20
CA MET H 66 -8.40 -17.66 -41.69
C MET H 66 -7.11 -17.27 -40.98
N TYR H 67 -6.36 -16.36 -41.58
CA TYR H 67 -5.00 -16.06 -41.16
C TYR H 67 -4.96 -14.91 -40.17
N PHE H 68 -4.12 -15.07 -39.14
CA PHE H 68 -3.75 -13.92 -38.31
C PHE H 68 -2.81 -13.01 -39.09
N ASP H 69 -1.84 -13.60 -39.79
CA ASP H 69 -0.89 -12.92 -40.65
C ASP H 69 -0.33 -13.94 -41.62
N CYS H 70 0.04 -13.49 -42.82
CA CYS H 70 0.50 -14.41 -43.85
C CYS H 70 1.30 -13.66 -44.91
N ALA H 71 1.95 -14.43 -45.77
CA ALA H 71 2.72 -13.88 -46.88
C ALA H 71 2.73 -14.89 -48.02
N ASN H 72 3.21 -14.47 -49.18
CA ASN H 72 3.27 -15.33 -50.37
C ASN H 72 4.71 -15.51 -50.83
N GLU H 73 4.86 -16.11 -52.02
CA GLU H 73 6.17 -16.45 -52.55
C GLU H 73 6.90 -15.27 -53.16
N HIS H 74 6.19 -14.18 -53.47
CA HIS H 74 6.78 -13.04 -54.15
C HIS H 74 7.06 -11.87 -53.22
N GLY H 75 7.00 -12.09 -51.90
CA GLY H 75 7.45 -11.11 -50.94
C GLY H 75 6.40 -10.18 -50.39
N LEU H 76 5.12 -10.48 -50.57
CA LEU H 76 4.04 -9.63 -50.06
C LEU H 76 3.44 -10.27 -48.82
N ALA H 77 3.29 -9.48 -47.76
CA ALA H 77 2.81 -9.95 -46.47
C ALA H 77 1.73 -9.02 -45.94
N ILE H 78 0.82 -9.59 -45.15
CA ILE H 78 -0.30 -8.87 -44.57
C ILE H 78 -0.53 -9.38 -43.15
N ALA H 79 -0.78 -8.45 -42.22
CA ALA H 79 -1.09 -8.80 -40.84
C ALA H 79 -2.35 -8.06 -40.40
N GLY H 80 -3.12 -8.73 -39.54
CA GLY H 80 -4.34 -8.15 -39.01
C GLY H 80 -4.26 -7.83 -37.53
N LEU H 81 -4.39 -6.56 -37.18
CA LEU H 81 -4.31 -6.10 -35.80
C LEU H 81 -5.68 -5.56 -35.37
N ASN H 82 -5.95 -5.64 -34.07
CA ASN H 82 -7.26 -5.27 -33.55
C ASN H 82 -7.50 -3.78 -33.68
N PHE H 83 -8.74 -3.42 -34.02
CA PHE H 83 -9.13 -2.02 -34.18
C PHE H 83 -10.54 -1.72 -33.69
N PRO H 84 -10.99 -2.26 -32.55
CA PRO H 84 -12.38 -2.00 -32.14
C PRO H 84 -12.56 -0.57 -31.66
N GLY H 85 -13.75 -0.03 -31.90
CA GLY H 85 -14.06 1.35 -31.62
C GLY H 85 -13.72 2.31 -32.75
N TYR H 86 -13.06 1.83 -33.79
CA TYR H 86 -12.70 2.67 -34.94
C TYR H 86 -13.00 1.98 -36.26
N ALA H 87 -12.76 0.67 -36.36
CA ALA H 87 -13.14 -0.07 -37.54
C ALA H 87 -14.66 -0.13 -37.67
N SER H 88 -15.15 -0.08 -38.90
CA SER H 88 -16.58 -0.13 -39.16
C SER H 88 -16.80 -0.59 -40.59
N PHE H 89 -17.56 -1.66 -40.77
CA PHE H 89 -17.74 -2.28 -42.08
C PHE H 89 -19.20 -2.25 -42.50
N VAL H 90 -19.42 -2.59 -43.76
CA VAL H 90 -20.76 -2.85 -44.27
C VAL H 90 -21.08 -4.33 -44.05
N HIS H 91 -22.37 -4.65 -43.98
CA HIS H 91 -22.81 -6.01 -43.74
C HIS H 91 -23.39 -6.68 -44.97
N GLU H 92 -23.57 -5.96 -46.08
CA GLU H 92 -24.03 -6.51 -47.34
C GLU H 92 -23.16 -5.98 -48.47
N PRO H 93 -22.86 -6.80 -49.48
CA PRO H 93 -21.92 -6.38 -50.52
C PRO H 93 -22.52 -5.28 -51.41
N VAL H 94 -21.64 -4.70 -52.23
CA VAL H 94 -22.01 -3.63 -53.14
C VAL H 94 -21.84 -4.13 -54.57
N GLU H 95 -22.76 -3.71 -55.44
CA GLU H 95 -22.73 -4.16 -56.83
C GLU H 95 -21.58 -3.50 -57.58
N GLY H 96 -20.94 -4.27 -58.45
CA GLY H 96 -19.85 -3.78 -59.27
C GLY H 96 -18.51 -3.69 -58.56
N THR H 97 -18.45 -3.98 -57.27
CA THR H 97 -17.20 -3.90 -56.51
C THR H 97 -16.56 -5.29 -56.39
N GLU H 98 -15.31 -5.29 -55.97
CA GLU H 98 -14.63 -6.52 -55.57
C GLU H 98 -14.91 -6.70 -54.08
N ASN H 99 -15.86 -7.58 -53.77
CA ASN H 99 -16.35 -7.74 -52.40
C ASN H 99 -15.57 -8.86 -51.72
N VAL H 100 -14.83 -8.51 -50.68
CA VAL H 100 -14.01 -9.43 -49.92
C VAL H 100 -14.49 -9.44 -48.48
N ALA H 101 -14.59 -10.64 -47.90
CA ALA H 101 -14.95 -10.74 -46.49
C ALA H 101 -13.76 -10.34 -45.61
N THR H 102 -14.07 -9.93 -44.38
CA THR H 102 -13.03 -9.47 -43.47
C THR H 102 -12.05 -10.60 -43.14
N PHE H 103 -12.57 -11.80 -42.86
CA PHE H 103 -11.72 -12.92 -42.47
C PHE H 103 -10.90 -13.46 -43.63
N GLU H 104 -11.36 -13.28 -44.86
CA GLU H 104 -10.64 -13.77 -46.04
C GLU H 104 -9.77 -12.69 -46.67
N PHE H 105 -9.80 -11.47 -46.15
CA PHE H 105 -8.98 -10.41 -46.71
C PHE H 105 -7.49 -10.73 -46.72
N PRO H 106 -6.89 -11.31 -45.67
CA PRO H 106 -5.46 -11.67 -45.79
C PRO H 106 -5.21 -12.78 -46.80
N LEU H 107 -6.06 -13.82 -46.82
CA LEU H 107 -5.91 -14.88 -47.80
C LEU H 107 -6.09 -14.36 -49.22
N TRP H 108 -6.92 -13.33 -49.39
CA TRP H 108 -7.17 -12.77 -50.71
C TRP H 108 -5.92 -12.09 -51.26
N VAL H 109 -5.41 -11.08 -50.56
CA VAL H 109 -4.28 -10.31 -51.07
C VAL H 109 -3.01 -11.15 -51.14
N ALA H 110 -2.92 -12.22 -50.35
CA ALA H 110 -1.74 -13.06 -50.40
C ALA H 110 -1.73 -13.96 -51.63
N ARG H 111 -2.90 -14.41 -52.07
CA ARG H 111 -2.97 -15.35 -53.18
C ARG H 111 -2.85 -14.66 -54.54
N ASN H 112 -3.35 -13.43 -54.67
CA ASN H 112 -3.58 -12.83 -55.98
C ASN H 112 -2.62 -11.70 -56.34
N PHE H 113 -1.88 -11.15 -55.39
CA PHE H 113 -1.07 -9.97 -55.65
C PHE H 113 0.37 -10.21 -55.22
N ASP H 114 1.29 -9.54 -55.93
CA ASP H 114 2.72 -9.75 -55.74
C ASP H 114 3.46 -8.50 -55.30
N SER H 115 2.75 -7.41 -55.00
CA SER H 115 3.38 -6.18 -54.56
C SER H 115 2.32 -5.29 -53.92
N VAL H 116 2.77 -4.37 -53.06
CA VAL H 116 1.84 -3.44 -52.43
C VAL H 116 1.30 -2.42 -53.43
N ASP H 117 2.03 -2.15 -54.51
CA ASP H 117 1.51 -1.26 -55.55
C ASP H 117 0.29 -1.86 -56.21
N GLU H 118 0.27 -3.19 -56.37
CA GLU H 118 -0.91 -3.85 -56.90
C GLU H 118 -2.07 -3.79 -55.91
N VAL H 119 -1.78 -3.93 -54.62
CA VAL H 119 -2.84 -3.95 -53.61
C VAL H 119 -3.49 -2.58 -53.49
N GLU H 120 -2.68 -1.51 -53.48
CA GLU H 120 -3.24 -0.17 -53.35
C GLU H 120 -4.07 0.20 -54.57
N GLU H 121 -3.63 -0.20 -55.76
CA GLU H 121 -4.40 0.08 -56.97
C GLU H 121 -5.70 -0.72 -56.99
N THR H 122 -5.72 -1.90 -56.38
CA THR H 122 -6.93 -2.71 -56.35
C THR H 122 -7.91 -2.25 -55.28
N LEU H 123 -7.41 -1.71 -54.17
CA LEU H 123 -8.27 -1.31 -53.06
C LEU H 123 -9.23 -0.18 -53.43
N ARG H 124 -9.00 0.49 -54.56
CA ARG H 124 -9.91 1.55 -54.99
C ARG H 124 -11.30 1.01 -55.26
N ASN H 125 -11.39 -0.22 -55.80
CA ASN H 125 -12.66 -0.86 -56.11
C ASN H 125 -12.88 -2.11 -55.26
N VAL H 126 -12.57 -2.00 -53.97
CA VAL H 126 -12.76 -3.10 -53.03
C VAL H 126 -13.72 -2.63 -51.94
N THR H 127 -14.69 -3.47 -51.61
CA THR H 127 -15.61 -3.23 -50.50
C THR H 127 -15.43 -4.35 -49.49
N LEU H 128 -14.94 -4.00 -48.30
CA LEU H 128 -14.74 -4.98 -47.24
C LEU H 128 -16.06 -5.18 -46.49
N VAL H 129 -16.55 -6.41 -46.50
CA VAL H 129 -17.85 -6.75 -45.94
C VAL H 129 -17.65 -7.63 -44.72
N SER H 130 -18.32 -7.30 -43.63
CA SER H 130 -18.28 -8.07 -42.39
C SER H 130 -19.62 -8.79 -42.24
N GLN H 131 -19.65 -10.06 -42.60
CA GLN H 131 -20.85 -10.87 -42.44
C GLN H 131 -21.18 -11.02 -40.96
N ILE H 132 -22.31 -10.46 -40.53
CA ILE H 132 -22.67 -10.40 -39.12
C ILE H 132 -23.19 -11.77 -38.70
N VAL H 133 -22.38 -12.53 -37.97
CA VAL H 133 -22.83 -13.76 -37.36
C VAL H 133 -23.81 -13.39 -36.25
N PRO H 134 -24.86 -14.19 -36.01
CA PRO H 134 -25.91 -13.79 -35.05
C PRO H 134 -25.40 -13.64 -33.61
N GLY H 135 -24.76 -14.68 -33.09
CA GLY H 135 -24.31 -14.70 -31.71
C GLY H 135 -22.85 -14.43 -31.48
N GLN H 136 -22.10 -14.06 -32.52
CA GLN H 136 -20.66 -13.86 -32.41
C GLN H 136 -20.32 -12.38 -32.50
N GLN H 137 -19.36 -11.94 -31.68
CA GLN H 137 -18.86 -10.58 -31.76
C GLN H 137 -18.07 -10.41 -33.06
N GLU H 138 -18.42 -9.39 -33.84
CA GLU H 138 -17.78 -9.21 -35.14
C GLU H 138 -16.34 -8.74 -34.97
N SER H 139 -15.45 -9.32 -35.76
CA SER H 139 -14.03 -8.98 -35.70
C SER H 139 -13.80 -7.65 -36.42
N LEU H 140 -13.33 -6.67 -35.67
CA LEU H 140 -13.02 -5.34 -36.20
C LEU H 140 -11.51 -5.16 -36.19
N LEU H 141 -10.90 -5.20 -37.37
CA LEU H 141 -9.45 -5.10 -37.50
C LEU H 141 -9.07 -4.00 -38.46
N HIS H 142 -7.79 -3.63 -38.42
CA HIS H 142 -7.11 -2.92 -39.49
C HIS H 142 -5.89 -3.75 -39.88
N TRP H 143 -5.33 -3.47 -41.06
CA TRP H 143 -4.34 -4.36 -41.64
C TRP H 143 -3.06 -3.62 -41.99
N PHE H 144 -1.95 -4.33 -41.83
CA PHE H 144 -0.61 -3.83 -42.12
C PHE H 144 -0.05 -4.64 -43.29
N ILE H 145 0.14 -3.99 -44.43
CA ILE H 145 0.58 -4.65 -45.66
C ILE H 145 1.89 -4.03 -46.11
N GLY H 146 2.86 -4.88 -46.43
CA GLY H 146 4.14 -4.39 -46.93
C GLY H 146 4.85 -5.45 -47.72
N ASP H 147 5.82 -5.02 -48.52
CA ASP H 147 6.70 -5.94 -49.24
C ASP H 147 8.16 -5.53 -49.06
N GLY H 148 8.97 -5.73 -50.11
CA GLY H 148 10.37 -5.37 -50.04
C GLY H 148 10.67 -3.89 -50.21
N LYS H 149 9.68 -3.09 -50.59
CA LYS H 149 9.89 -1.67 -50.88
C LYS H 149 9.20 -0.76 -49.87
N ARG H 150 7.92 -0.95 -49.60
CA ARG H 150 7.17 -0.04 -48.76
C ARG H 150 6.05 -0.79 -48.06
N SER H 151 5.36 -0.09 -47.15
CA SER H 151 4.23 -0.64 -46.42
C SER H 151 3.06 0.32 -46.50
N ILE H 152 1.86 -0.21 -46.28
CA ILE H 152 0.63 0.57 -46.25
C ILE H 152 -0.23 0.10 -45.10
N VAL H 153 -1.16 0.97 -44.68
CA VAL H 153 -2.11 0.69 -43.63
C VAL H 153 -3.50 0.98 -44.17
N VAL H 154 -4.37 -0.04 -44.17
CA VAL H 154 -5.75 0.13 -44.58
C VAL H 154 -6.64 0.13 -43.33
N GLU H 155 -7.43 1.18 -43.18
CA GLU H 155 -8.32 1.34 -42.03
C GLU H 155 -9.72 1.62 -42.54
N GLN H 156 -10.61 0.64 -42.42
CA GLN H 156 -11.99 0.78 -42.85
C GLN H 156 -12.82 1.33 -41.70
N MET H 157 -13.24 2.58 -41.80
CA MET H 157 -14.01 3.25 -40.77
C MET H 157 -15.36 3.67 -41.33
N ALA H 158 -16.21 4.21 -40.46
CA ALA H 158 -17.57 4.59 -40.83
C ALA H 158 -17.63 5.73 -41.84
N ASP H 159 -16.49 6.32 -42.20
CA ASP H 159 -16.46 7.41 -43.17
C ASP H 159 -15.66 7.05 -44.42
N GLY H 160 -15.47 5.76 -44.68
CA GLY H 160 -14.79 5.29 -45.86
C GLY H 160 -13.56 4.46 -45.51
N MET H 161 -12.88 4.03 -46.57
CA MET H 161 -11.65 3.26 -46.45
C MET H 161 -10.45 4.20 -46.58
N HIS H 162 -9.62 4.23 -45.55
CA HIS H 162 -8.42 5.05 -45.54
C HIS H 162 -7.19 4.17 -45.78
N VAL H 163 -6.38 4.53 -46.76
CA VAL H 163 -5.15 3.82 -47.09
C VAL H 163 -4.00 4.79 -46.92
N HIS H 164 -3.12 4.50 -45.97
CA HIS H 164 -2.02 5.38 -45.62
C HIS H 164 -0.69 4.79 -46.05
N HIS H 165 0.23 5.67 -46.45
CA HIS H 165 1.62 5.28 -46.70
C HIS H 165 2.32 5.18 -45.35
N ASP H 166 2.55 3.95 -44.89
CA ASP H 166 3.20 3.74 -43.60
C ASP H 166 4.67 4.11 -43.69
N ASP H 167 4.99 5.39 -43.51
CA ASP H 167 6.34 5.88 -43.70
C ASP H 167 7.31 5.41 -42.62
N VAL H 168 6.82 4.86 -41.51
CA VAL H 168 7.67 4.30 -40.46
C VAL H 168 7.60 2.79 -40.40
N ASP H 169 6.75 2.16 -41.20
CA ASP H 169 6.70 0.70 -41.33
C ASP H 169 6.33 0.02 -40.01
N VAL H 170 5.49 0.66 -39.20
CA VAL H 170 5.03 0.07 -37.95
C VAL H 170 3.53 0.32 -37.80
N LEU H 171 2.87 -0.59 -37.09
CA LEU H 171 1.45 -0.46 -36.80
C LEU H 171 1.16 -1.08 -35.44
N THR H 172 0.24 -0.47 -34.70
CA THR H 172 -0.24 -1.06 -33.46
C THR H 172 -1.77 -1.12 -33.47
N ASN H 173 -2.41 -0.54 -32.46
CA ASN H 173 -3.87 -0.59 -32.40
C ASN H 173 -4.47 0.81 -32.40
N GLN H 174 -5.39 1.08 -31.48
CA GLN H 174 -6.08 2.35 -31.46
C GLN H 174 -5.15 3.47 -30.98
N PRO H 175 -5.38 4.72 -31.39
CA PRO H 175 -6.45 5.20 -32.28
C PRO H 175 -6.06 5.13 -33.76
N THR H 176 -6.47 6.11 -34.56
CA THR H 176 -6.23 6.06 -36.00
C THR H 176 -4.76 6.32 -36.32
N PHE H 177 -4.38 5.92 -37.53
CA PHE H 177 -2.99 6.05 -37.96
C PHE H 177 -2.56 7.51 -38.04
N ASP H 178 -3.50 8.42 -38.38
CA ASP H 178 -3.16 9.83 -38.41
C ASP H 178 -2.81 10.35 -37.02
N PHE H 179 -3.47 9.84 -35.98
CA PHE H 179 -3.11 10.21 -34.62
C PHE H 179 -1.69 9.75 -34.29
N HIS H 180 -1.36 8.52 -34.66
CA HIS H 180 -0.05 7.95 -34.32
C HIS H 180 1.08 8.73 -34.98
N MET H 181 0.90 9.11 -36.25
CA MET H 181 1.97 9.84 -36.94
C MET H 181 2.08 11.27 -36.44
N GLU H 182 0.97 11.88 -36.06
CA GLU H 182 1.05 13.17 -35.39
C GLU H 182 1.70 13.04 -34.01
N ASN H 183 1.47 11.91 -33.34
CA ASN H 183 2.04 11.73 -32.00
C ASN H 183 3.56 11.55 -32.05
N LEU H 184 4.09 11.04 -33.17
CA LEU H 184 5.53 10.87 -33.29
C LEU H 184 6.26 12.21 -33.19
N ARG H 185 5.59 13.29 -33.58
CA ARG H 185 6.23 14.60 -33.58
C ARG H 185 6.58 15.10 -32.19
N ASN H 186 5.95 14.55 -31.15
CA ASN H 186 6.30 14.94 -29.78
C ASN H 186 7.70 14.46 -29.40
N TYR H 187 8.17 13.38 -30.04
CA TYR H 187 9.43 12.75 -29.68
C TYR H 187 10.50 12.96 -30.75
N MET H 188 10.37 14.00 -31.57
CA MET H 188 11.30 14.22 -32.66
C MET H 188 12.69 14.65 -32.20
N CYS H 189 12.86 14.98 -30.91
CA CYS H 189 14.14 15.44 -30.40
C CYS H 189 14.98 14.34 -29.77
N VAL H 190 14.47 13.11 -29.66
CA VAL H 190 15.27 12.04 -29.09
C VAL H 190 16.37 11.65 -30.08
N SER H 191 17.42 11.03 -29.54
CA SER H 191 18.59 10.67 -30.33
C SER H 191 19.17 9.36 -29.84
N ASN H 192 19.59 8.53 -30.78
CA ASN H 192 20.33 7.31 -30.43
C ASN H 192 21.82 7.56 -30.25
N GLU H 193 22.26 8.81 -30.35
CA GLU H 193 23.66 9.17 -30.12
C GLU H 193 23.87 9.48 -28.65
N MET H 194 25.13 9.37 -28.23
CA MET H 194 25.50 9.73 -26.87
C MET H 194 25.15 11.19 -26.60
N ALA H 195 24.52 11.44 -25.45
CA ALA H 195 24.09 12.79 -25.10
C ALA H 195 25.31 13.69 -24.91
N GLU H 196 25.36 14.77 -25.67
CA GLU H 196 26.50 15.69 -25.58
C GLU H 196 26.43 16.49 -24.29
N PRO H 197 27.55 16.66 -23.58
CA PRO H 197 27.55 17.45 -22.36
C PRO H 197 27.08 18.88 -22.61
N THR H 198 26.48 19.47 -21.58
CA THR H 198 26.00 20.84 -21.65
C THR H 198 26.00 21.42 -20.23
N SER H 199 25.32 22.54 -20.06
CA SER H 199 25.26 23.19 -18.76
C SER H 199 23.95 23.96 -18.62
N TRP H 200 23.39 23.95 -17.42
CA TRP H 200 22.25 24.78 -17.04
C TRP H 200 22.77 25.83 -16.07
N GLY H 201 23.10 27.00 -16.59
CA GLY H 201 23.76 28.01 -15.77
C GLY H 201 25.16 27.58 -15.41
N LYS H 202 25.45 27.43 -14.12
CA LYS H 202 26.75 26.97 -13.66
C LYS H 202 26.86 25.46 -13.57
N ALA H 203 25.74 24.74 -13.66
CA ALA H 203 25.72 23.31 -13.40
C ALA H 203 26.12 22.55 -14.66
N SER H 204 27.23 21.83 -14.60
CA SER H 204 27.62 20.94 -15.68
C SER H 204 26.72 19.71 -15.70
N LEU H 205 26.20 19.36 -16.87
CA LEU H 205 25.31 18.21 -17.03
C LEU H 205 25.94 17.24 -18.02
N THR H 206 26.22 16.03 -17.55
CA THR H 206 26.78 14.97 -18.37
C THR H 206 25.97 13.69 -18.17
N ALA H 207 25.98 12.83 -19.18
CA ALA H 207 25.23 11.59 -19.13
C ALA H 207 25.95 10.56 -18.28
N TRP H 208 25.19 9.81 -17.48
CA TRP H 208 25.78 8.69 -16.75
C TRP H 208 26.42 7.69 -17.70
N GLY H 209 25.77 7.44 -18.83
CA GLY H 209 26.25 6.52 -19.83
C GLY H 209 25.41 6.57 -21.09
N ALA H 210 25.09 5.42 -21.65
CA ALA H 210 24.29 5.33 -22.86
C ALA H 210 22.80 5.40 -22.54
N GLY H 211 22.02 5.86 -23.52
CA GLY H 211 20.58 5.87 -23.42
C GLY H 211 19.97 7.18 -22.96
N VAL H 212 20.76 8.12 -22.45
CA VAL H 212 20.21 9.37 -21.95
C VAL H 212 19.58 10.17 -23.09
N GLY H 213 20.22 10.16 -24.26
CA GLY H 213 19.65 10.84 -25.41
C GLY H 213 18.32 10.26 -25.86
N MET H 214 18.05 8.99 -25.52
CA MET H 214 16.79 8.35 -25.82
C MET H 214 15.69 8.73 -24.84
N HIS H 215 16.03 9.40 -23.74
CA HIS H 215 15.04 9.76 -22.72
C HIS H 215 13.89 10.55 -23.35
N GLY H 216 12.66 10.16 -22.99
CA GLY H 216 11.46 10.71 -23.59
C GLY H 216 10.59 9.65 -24.23
N ILE H 217 11.19 8.56 -24.71
CA ILE H 217 10.41 7.46 -25.29
C ILE H 217 9.57 6.81 -24.20
N PRO H 218 8.26 6.63 -24.39
CA PRO H 218 7.45 5.97 -23.36
C PRO H 218 7.75 4.49 -23.27
N GLY H 219 7.55 3.94 -22.07
CA GLY H 219 7.88 2.55 -21.81
C GLY H 219 6.70 1.67 -21.47
N ASP H 220 5.50 2.23 -21.48
CA ASP H 220 4.32 1.44 -21.18
C ASP H 220 3.87 0.68 -22.44
N VAL H 221 2.98 -0.28 -22.23
CA VAL H 221 2.56 -1.20 -23.29
C VAL H 221 1.21 -0.80 -23.88
N SER H 222 0.76 0.43 -23.65
CA SER H 222 -0.45 0.88 -24.32
C SER H 222 -0.20 1.03 -25.83
N SER H 223 -1.29 1.04 -26.59
CA SER H 223 -1.16 1.06 -28.05
C SER H 223 -0.43 2.29 -28.57
N PRO H 224 -0.76 3.53 -28.16
CA PRO H 224 0.02 4.67 -28.68
C PRO H 224 1.47 4.65 -28.25
N SER H 225 1.78 4.22 -27.02
CA SER H 225 3.17 4.19 -26.57
C SER H 225 3.97 3.14 -27.32
N ARG H 226 3.38 1.97 -27.57
CA ARG H 226 4.08 0.92 -28.31
C ARG H 226 4.38 1.34 -29.74
N PHE H 227 3.49 2.12 -30.36
CA PHE H 227 3.76 2.66 -31.69
C PHE H 227 5.00 3.53 -31.67
N VAL H 228 5.11 4.43 -30.69
CA VAL H 228 6.24 5.35 -30.63
C VAL H 228 7.54 4.60 -30.36
N ARG H 229 7.50 3.63 -29.45
CA ARG H 229 8.72 2.89 -29.11
C ARG H 229 9.18 2.03 -30.28
N VAL H 230 8.24 1.34 -30.94
CA VAL H 230 8.64 0.46 -32.05
C VAL H 230 8.98 1.26 -33.30
N ALA H 231 8.39 2.44 -33.48
CA ALA H 231 8.78 3.28 -34.61
C ALA H 231 10.21 3.78 -34.42
N TYR H 232 10.59 4.08 -33.19
CA TYR H 232 11.95 4.53 -32.91
C TYR H 232 12.95 3.41 -33.14
N THR H 233 12.65 2.22 -32.62
CA THR H 233 13.58 1.10 -32.77
C THR H 233 13.73 0.71 -34.23
N ASN H 234 12.63 0.68 -34.98
CA ASN H 234 12.69 0.27 -36.39
C ASN H 234 13.47 1.26 -37.23
N ALA H 235 13.44 2.55 -36.87
CA ALA H 235 14.07 3.57 -37.69
C ALA H 235 15.57 3.72 -37.43
N HIS H 236 16.06 3.24 -36.28
CA HIS H 236 17.45 3.40 -35.93
C HIS H 236 18.23 2.09 -35.93
N TYR H 237 17.58 0.96 -36.16
CA TYR H 237 18.29 -0.30 -36.29
C TYR H 237 19.13 -0.28 -37.55
N PRO H 238 20.45 -0.47 -37.46
CA PRO H 238 21.27 -0.46 -38.67
C PRO H 238 20.89 -1.58 -39.63
N GLN H 239 20.96 -1.28 -40.93
CA GLN H 239 20.62 -2.27 -41.94
C GLN H 239 21.58 -3.45 -41.87
N GLN H 240 21.03 -4.65 -42.07
CA GLN H 240 21.79 -5.88 -41.96
C GLN H 240 21.91 -6.54 -43.33
N ASN H 241 23.07 -7.15 -43.59
CA ASN H 241 23.37 -7.66 -44.92
C ASN H 241 22.79 -9.05 -45.15
N ASP H 242 23.08 -9.99 -44.26
CA ASP H 242 22.72 -11.38 -44.46
C ASP H 242 21.32 -11.65 -43.91
N GLU H 243 20.93 -12.93 -43.86
CA GLU H 243 19.59 -13.33 -43.47
C GLU H 243 19.47 -13.57 -41.97
N ALA H 244 20.46 -14.21 -41.35
CA ALA H 244 20.40 -14.47 -39.92
C ALA H 244 20.39 -13.18 -39.11
N ALA H 245 21.09 -12.16 -39.59
CA ALA H 245 21.11 -10.87 -38.88
C ALA H 245 19.78 -10.14 -39.02
N ASN H 246 19.08 -10.32 -40.13
CA ASN H 246 17.82 -9.62 -40.35
C ASN H 246 16.68 -10.27 -39.58
N VAL H 247 16.61 -11.60 -39.58
CA VAL H 247 15.60 -12.29 -38.77
C VAL H 247 15.80 -11.97 -37.29
N SER H 248 17.05 -11.85 -36.86
CA SER H 248 17.33 -11.41 -35.50
C SER H 248 16.85 -9.98 -35.29
N ARG H 249 17.09 -9.11 -36.28
CA ARG H 249 16.62 -7.73 -36.17
C ARG H 249 15.10 -7.67 -36.07
N LEU H 250 14.40 -8.50 -36.84
CA LEU H 250 12.94 -8.48 -36.81
C LEU H 250 12.40 -8.88 -35.44
N PHE H 251 13.07 -9.80 -34.75
CA PHE H 251 12.59 -10.26 -33.46
C PHE H 251 13.06 -9.38 -32.30
N HIS H 252 14.26 -8.81 -32.40
CA HIS H 252 14.69 -7.86 -31.38
C HIS H 252 13.89 -6.56 -31.47
N THR H 253 13.49 -6.16 -32.67
CA THR H 253 12.67 -4.96 -32.80
C THR H 253 11.27 -5.19 -32.25
N LEU H 254 10.66 -6.32 -32.61
CA LEU H 254 9.34 -6.64 -32.07
C LEU H 254 9.39 -6.88 -30.56
N GLY H 255 10.53 -7.33 -30.05
CA GLY H 255 10.68 -7.54 -28.62
C GLY H 255 10.71 -6.25 -27.82
N SER H 256 10.99 -5.12 -28.46
CA SER H 256 11.03 -3.83 -27.77
C SER H 256 9.65 -3.36 -27.34
N VAL H 257 8.58 -4.07 -27.74
CA VAL H 257 7.23 -3.71 -27.31
C VAL H 257 6.51 -4.97 -26.86
N GLN H 258 7.29 -5.98 -26.44
CA GLN H 258 6.71 -7.21 -25.93
C GLN H 258 5.93 -6.94 -24.64
N MET H 259 4.91 -7.75 -24.41
CA MET H 259 4.03 -7.61 -23.25
C MET H 259 4.33 -8.75 -22.28
N VAL H 260 4.97 -8.42 -21.17
CA VAL H 260 5.39 -9.38 -20.16
C VAL H 260 4.25 -9.61 -19.18
N ASP H 261 4.15 -10.82 -18.64
CA ASP H 261 3.09 -11.16 -17.71
C ASP H 261 3.12 -10.24 -16.50
N GLY H 262 1.94 -9.76 -16.10
CA GLY H 262 1.81 -8.86 -14.98
C GLY H 262 1.95 -7.39 -15.31
N MET H 263 2.24 -7.04 -16.57
CA MET H 263 2.44 -5.65 -16.93
C MET H 263 1.12 -4.89 -17.05
N ALA H 264 0.17 -5.46 -17.78
CA ALA H 264 -1.08 -4.76 -18.07
C ALA H 264 -2.25 -5.74 -18.06
N LYS H 265 -3.27 -5.41 -17.28
CA LYS H 265 -4.51 -6.19 -17.26
C LYS H 265 -5.44 -5.71 -18.35
N MET H 266 -6.15 -6.66 -18.96
CA MET H 266 -7.20 -6.33 -19.91
C MET H 266 -8.51 -6.05 -19.17
N GLY H 267 -9.56 -5.74 -19.92
CA GLY H 267 -10.82 -5.35 -19.33
C GLY H 267 -11.48 -6.41 -18.46
N ASP H 268 -11.09 -7.68 -18.64
CA ASP H 268 -11.70 -8.79 -17.92
C ASP H 268 -10.81 -9.31 -16.80
N GLY H 269 -9.78 -8.55 -16.40
CA GLY H 269 -8.96 -8.93 -15.27
C GLY H 269 -7.81 -9.87 -15.58
N GLN H 270 -7.66 -10.31 -16.82
CA GLN H 270 -6.55 -11.15 -17.20
C GLN H 270 -5.41 -10.29 -17.76
N PHE H 271 -4.20 -10.87 -17.77
CA PHE H 271 -3.03 -10.17 -18.25
C PHE H 271 -2.83 -10.42 -19.74
N GLU H 272 -2.63 -9.34 -20.50
CA GLU H 272 -2.31 -9.45 -21.91
C GLU H 272 -0.82 -9.73 -22.07
N ARG H 273 -0.49 -10.75 -22.86
CA ARG H 273 0.90 -11.15 -23.06
C ARG H 273 1.15 -11.37 -24.54
N THR H 274 2.42 -11.25 -24.92
CA THR H 274 2.86 -11.58 -26.27
C THR H 274 2.96 -13.10 -26.37
N LEU H 275 1.88 -13.74 -26.79
CA LEU H 275 1.82 -15.19 -26.78
C LEU H 275 2.75 -15.79 -27.83
N PHE H 276 2.84 -15.16 -29.00
CA PHE H 276 3.80 -15.59 -30.01
C PHE H 276 4.24 -14.38 -30.82
N THR H 277 5.30 -14.59 -31.61
CA THR H 277 5.79 -13.57 -32.54
C THR H 277 6.08 -14.26 -33.86
N SER H 278 5.45 -13.79 -34.93
CA SER H 278 5.59 -14.38 -36.25
C SER H 278 6.45 -13.50 -37.14
N GLY H 279 7.16 -14.12 -38.07
CA GLY H 279 8.05 -13.40 -38.97
C GLY H 279 8.16 -14.09 -40.31
N TYR H 280 8.64 -13.32 -41.30
CA TYR H 280 8.77 -13.81 -42.66
C TYR H 280 9.98 -13.15 -43.32
N SER H 281 10.65 -13.91 -44.19
CA SER H 281 11.74 -13.39 -45.01
C SER H 281 11.54 -13.86 -46.43
N SER H 282 11.60 -12.92 -47.37
CA SER H 282 11.42 -13.25 -48.78
C SER H 282 12.68 -13.81 -49.41
N LYS H 283 13.86 -13.41 -48.91
CA LYS H 283 15.11 -13.92 -49.43
C LYS H 283 15.17 -15.44 -49.36
N THR H 284 14.53 -16.04 -48.35
CA THR H 284 14.46 -17.48 -48.21
C THR H 284 13.05 -18.03 -48.30
N ASN H 285 12.02 -17.17 -48.39
CA ASN H 285 10.62 -17.59 -48.44
C ASN H 285 10.28 -18.48 -47.25
N THR H 286 10.64 -18.02 -46.05
CA THR H 286 10.55 -18.80 -44.83
C THR H 286 9.81 -18.03 -43.76
N TYR H 287 8.92 -18.72 -43.05
CA TYR H 287 8.24 -18.16 -41.89
C TYR H 287 9.01 -18.48 -40.62
N TYR H 288 8.84 -17.63 -39.61
CA TYR H 288 9.52 -17.79 -38.34
C TYR H 288 8.52 -17.57 -37.21
N MET H 289 8.80 -18.19 -36.06
CA MET H 289 7.88 -18.09 -34.94
C MET H 289 8.58 -18.54 -33.66
N ASN H 290 8.29 -17.82 -32.57
CA ASN H 290 8.59 -18.29 -31.23
C ASN H 290 7.40 -17.92 -30.34
N THR H 291 7.37 -18.49 -29.14
CA THR H 291 6.25 -18.28 -28.22
C THR H 291 6.74 -17.66 -26.92
N TYR H 292 5.76 -17.17 -26.15
CA TYR H 292 6.07 -16.61 -24.83
C TYR H 292 6.77 -17.64 -23.95
N ASP H 293 6.50 -18.91 -24.14
CA ASP H 293 7.09 -19.98 -23.34
C ASP H 293 8.26 -20.66 -24.01
N ASP H 294 8.63 -20.24 -25.22
CA ASP H 294 9.78 -20.82 -25.93
C ASP H 294 10.36 -19.75 -26.84
N PRO H 295 11.46 -19.11 -26.43
CA PRO H 295 12.06 -18.05 -27.26
C PRO H 295 12.84 -18.57 -28.46
N ALA H 296 12.96 -19.89 -28.61
CA ALA H 296 13.66 -20.46 -29.76
C ALA H 296 12.85 -20.22 -31.03
N ILE H 297 13.49 -19.57 -32.01
CA ILE H 297 12.81 -19.23 -33.26
C ILE H 297 12.83 -20.46 -34.17
N ARG H 298 11.64 -20.90 -34.58
CA ARG H 298 11.49 -22.08 -35.41
C ARG H 298 11.20 -21.67 -36.86
N SER H 299 11.89 -22.31 -37.79
CA SER H 299 11.75 -22.01 -39.21
C SER H 299 10.62 -22.83 -39.83
N TYR H 300 10.00 -22.27 -40.87
CA TYR H 300 8.93 -22.92 -41.62
C TYR H 300 9.06 -22.47 -43.07
N ALA H 301 10.00 -23.08 -43.79
CA ALA H 301 10.28 -22.71 -45.16
C ALA H 301 9.21 -23.28 -46.10
N MET H 302 8.89 -22.51 -47.14
CA MET H 302 7.91 -22.96 -48.13
C MET H 302 8.46 -24.06 -49.04
N ALA H 303 9.78 -24.19 -49.13
CA ALA H 303 10.37 -25.25 -49.95
C ALA H 303 10.19 -26.63 -49.33
N ASP H 304 10.03 -26.70 -48.00
CA ASP H 304 9.81 -27.97 -47.31
C ASP H 304 8.37 -28.45 -47.39
N TYR H 305 7.52 -27.75 -48.14
CA TYR H 305 6.12 -28.14 -48.32
C TYR H 305 5.81 -28.23 -49.80
N ASP H 306 4.86 -29.10 -50.13
CA ASP H 306 4.46 -29.33 -51.52
C ASP H 306 3.44 -28.26 -51.91
N MET H 307 3.94 -27.16 -52.49
CA MET H 307 3.09 -26.04 -52.85
C MET H 307 2.10 -26.36 -53.95
N ASP H 308 2.22 -27.52 -54.61
CA ASP H 308 1.29 -27.94 -55.64
C ASP H 308 0.26 -28.94 -55.11
N SER H 309 0.07 -29.00 -53.79
CA SER H 309 -0.89 -29.91 -53.18
C SER H 309 -2.31 -29.42 -53.47
N SER H 310 -3.30 -29.99 -52.78
CA SER H 310 -4.69 -29.64 -53.01
C SER H 310 -5.48 -29.36 -51.75
N GLU H 311 -4.93 -29.59 -50.56
CA GLU H 311 -5.63 -29.35 -49.31
C GLU H 311 -4.74 -28.56 -48.36
N LEU H 312 -5.33 -28.09 -47.27
CA LEU H 312 -4.61 -27.28 -46.29
C LEU H 312 -3.81 -28.16 -45.35
N ILE H 313 -2.62 -27.68 -44.97
CA ILE H 313 -1.74 -28.36 -44.03
C ILE H 313 -1.58 -27.48 -42.80
N SER H 314 -1.76 -28.06 -41.62
CA SER H 314 -1.70 -27.35 -40.35
C SER H 314 -0.64 -28.00 -39.47
N VAL H 315 0.47 -27.30 -39.26
CA VAL H 315 1.62 -27.84 -38.53
C VAL H 315 1.29 -27.80 -37.04
N ALA H 316 0.93 -28.95 -36.48
CA ALA H 316 0.61 -29.05 -35.06
C ALA H 316 1.81 -29.54 -34.27
C4 WSR I . 13.73 -21.45 34.69
C5 WSR I . 14.47 -21.69 36.02
C6 WSR I . 13.56 -22.45 36.97
C7 WSR I . 15.82 -22.39 35.77
C8 WSR I . 16.71 -21.66 34.73
C10 WSR I . 18.08 -22.97 36.20
C13 WSR I . 21.73 -23.87 37.16
C15 WSR I . 21.28 -26.35 37.33
C17 WSR I . 19.73 -27.27 39.05
C20 WSR I . 20.46 -23.56 39.95
C21 WSR I . 18.98 -24.41 38.05
C22 WSR I . 17.65 -24.18 38.80
C24 WSR I . 16.78 -22.66 36.97
C1 WSR I . 12.18 -18.40 33.31
C11 WSR I . 19.29 -23.25 37.08
C12 WSR I . 20.54 -23.55 36.27
C14 WSR I . 21.41 -25.04 38.11
C16 WSR I . 20.97 -27.53 38.22
C18 WSR I . 19.89 -25.98 39.85
C19 WSR I . 20.17 -24.74 38.98
C2 WSR I . 12.88 -19.67 33.09
C23 WSR I . 16.49 -23.86 37.85
C25 WSR I . 16.92 -21.38 37.82
C3 WSR I . 13.89 -20.05 34.12
C9 WSR I . 18.17 -21.86 35.16
O1 WSR I . 12.66 -20.37 32.13
O2 WSR I . 20.74 -28.73 37.38
O3 WSR I . 19.32 -30.24 38.71
O4 WSR I . 20.73 -31.11 36.97
O5 WSR I . 21.72 -30.23 38.99
S1 WSR I . 20.61 -30.16 38.05
C4 WSR J . -8.07 -29.14 -2.03
C5 WSR J . -8.18 -29.28 -3.55
C6 WSR J . -7.31 -28.22 -4.24
C7 WSR J . -7.82 -30.72 -3.97
C8 WSR J . -8.53 -31.78 -3.09
C10 WSR J . -7.96 -32.72 -5.24
C13 WSR J . -8.20 -35.84 -7.53
C15 WSR J . -5.84 -35.64 -8.40
C17 WSR J . -5.17 -33.66 -9.79
C20 WSR J . -9.03 -33.63 -9.45
C21 WSR J . -7.32 -33.05 -7.65
C22 WSR J . -7.38 -31.53 -7.82
C24 WSR J . -8.11 -31.20 -5.43
C1 WSR J . -9.47 -26.77 0.33
C11 WSR J . -8.22 -33.55 -6.50
C12 WSR J . -7.98 -35.04 -6.26
C14 WSR J . -7.32 -35.35 -8.67
C16 WSR J . -4.93 -35.13 -9.50
C18 WSR J . -6.65 -33.41 -10.10
C19 WSR J . -7.59 -33.84 -8.96
C2 WSR J . -8.30 -27.57 -0.07
C23 WSR J . -7.11 -30.77 -6.51
C25 WSR J . -9.55 -30.79 -5.81
C3 WSR J . -8.06 -27.71 -1.54
C9 WSR J . -8.76 -33.02 -3.98
O1 WSR J . -7.57 -28.09 0.74
O2 WSR J . -3.51 -35.26 -9.09
O3 WSR J . -3.38 -36.97 -10.80
O4 WSR J . -1.42 -35.75 -10.15
O5 WSR J . -2.38 -37.37 -8.64
S1 WSR J . -2.62 -36.42 -9.71
C4 WSR K . -0.20 14.56 26.00
C5 WSR K . 0.71 15.79 25.80
C6 WSR K . 0.79 16.14 24.31
C7 WSR K . 0.20 16.96 26.66
C8 WSR K . -0.17 16.51 28.11
C10 WSR K . 0.29 18.87 28.04
C13 WSR K . 0.51 22.13 30.13
C15 WSR K . -0.75 23.53 28.45
C17 WSR K . 0.16 23.98 26.19
C20 WSR K . 3.01 22.46 28.36
C21 WSR K . 1.01 21.18 27.39
C22 WSR K . 1.82 20.55 26.24
C24 WSR K . 1.11 18.20 26.92
C1 WSR K . 0.53 11.01 25.92
C11 WSR K . 0.86 20.18 28.56
C12 WSR K . -0.03 20.79 29.66
C14 WSR K . 0.63 23.11 28.97
C16 WSR K . -0.64 24.54 27.34
C18 WSR K . 1.55 23.58 26.68
C19 WSR K . 1.55 22.57 27.85
C2 WSR K . -0.44 12.08 25.61
C23 WSR K . 1.24 19.21 25.77
C25 WSR K . 2.50 17.75 27.40
C3 WSR K . 0.13 13.37 25.12
C9 WSR K . 0.00 17.74 29.01
O1 WSR K . -1.63 11.93 25.78
O2 WSR K . -1.98 24.93 26.84
O3 WSR K . -3.48 26.57 25.91
O4 WSR K . -1.17 27.15 26.33
O5 WSR K . -1.74 25.65 24.53
S1 WSR K . -2.09 26.16 25.84
C4 WSR L . -35.32 -10.79 20.58
C5 WSR L . -36.51 -11.57 19.98
C6 WSR L . -36.93 -12.66 20.96
C7 WSR L . -37.63 -10.60 19.56
C8 WSR L . -37.49 -10.12 18.09
C10 WSR L . -39.71 -9.71 18.92
C13 WSR L . -43.23 -8.39 17.93
C15 WSR L . -43.43 -7.16 20.10
C17 WSR L . -43.69 -8.38 22.27
C20 WSR L . -44.01 -10.95 19.38
C21 WSR L . -41.89 -9.77 20.17
C22 WSR L . -41.33 -10.96 20.97
C24 WSR L . -39.15 -10.94 19.65
C1 WSR L . -33.32 -10.22 17.55
C11 WSR L . -41.23 -9.69 18.77
C12 WSR L . -41.71 -8.45 18.01
C14 WSR L . -43.83 -8.42 19.33
C16 WSR L . -44.00 -7.11 21.50
C18 WSR L . -44.09 -9.63 21.49
C19 WSR L . -43.44 -9.71 20.10
C2 WSR L . -33.36 -10.28 19.02
C23 WSR L . -39.79 -10.96 21.04
C25 WSR L . -39.47 -12.23 18.87
C3 WSR L . -34.61 -9.80 19.66
C9 WSR L . -38.86 -9.58 17.66
O1 WSR L . -32.42 -10.68 19.67
O2 WSR L . -43.31 -5.99 22.19
O3 WSR L . -42.98 -4.39 23.96
O4 WSR L . -45.14 -4.58 22.90
O5 WSR L . -44.35 -6.32 24.38
S1 WSR L . -43.99 -5.28 23.45
C4 WSR M . 30.02 -4.16 -17.20
C5 WSR M . 31.29 -4.67 -17.89
C6 WSR M . 32.05 -3.52 -18.54
C7 WSR M . 32.14 -5.47 -16.89
C8 WSR M . 31.28 -6.45 -16.05
C10 WSR M . 33.58 -7.16 -16.08
C13 WSR M . 36.07 -9.91 -14.93
C15 WSR M . 37.87 -8.25 -14.32
C17 WSR M . 39.00 -6.87 -16.05
C20 WSR M . 36.90 -9.59 -17.86
C21 WSR M . 36.01 -7.52 -16.65
C22 WSR M . 35.77 -6.69 -17.93
C24 WSR M . 33.32 -6.38 -17.38
C1 WSR M . 26.60 -3.72 -18.39
C11 WSR M . 34.70 -8.20 -16.18
C12 WSR M . 34.92 -8.92 -14.85
C14 WSR M . 37.35 -9.22 -15.39
C16 WSR M . 39.17 -7.58 -14.72
C18 WSR M . 38.51 -7.84 -17.12
C19 WSR M . 37.18 -8.53 -16.77
C2 WSR M . 27.72 -3.22 -17.55
C23 WSR M . 34.62 -5.68 -17.77
C25 WSR M . 32.81 -7.30 -18.52
C3 WSR M . 29.09 -3.38 -18.11
C9 WSR M . 32.20 -7.61 -15.62
O1 WSR M . 27.52 -2.73 -16.46
O2 WSR M . 39.53 -6.56 -13.71
O3 WSR M . 41.79 -6.49 -14.62
O4 WSR M . 41.41 -7.28 -12.37
O5 WSR M . 41.12 -4.94 -12.89
S1 WSR M . 41.07 -6.30 -13.38
C4 WSR N . -1.77 34.68 -32.12
C5 WSR N . -1.56 35.60 -33.34
C6 WSR N . -0.59 34.96 -34.32
C7 WSR N . -2.90 36.01 -33.98
C8 WSR N . -4.05 36.13 -32.95
C10 WSR N . -4.53 37.44 -34.94
C13 WSR N . -6.94 40.11 -36.39
C15 WSR N . -6.70 39.50 -38.83
C17 WSR N . -4.53 39.68 -40.00
C20 WSR N . -4.21 41.52 -36.60
C21 WSR N . -4.26 39.00 -36.91
C22 WSR N . -2.75 38.79 -36.79
C24 WSR N . -3.00 37.37 -34.72
C1 WSR N . -2.39 32.56 -30.03
C11 WSR N . -5.00 38.74 -35.57
C12 WSR N . -6.51 38.78 -35.79
C14 WSR N . -6.21 40.40 -37.70
C16 WSR N . -6.02 39.83 -40.14
C18 WSR N . -4.01 40.60 -38.90
C19 WSR N . -4.66 40.37 -37.53
C2 WSR N . -1.87 32.25 -31.38
C23 WSR N . -2.37 37.47 -36.10
C25 WSR N . -2.50 38.50 -33.80
C3 WSR N . -2.16 33.24 -32.46
C9 WSR N . -5.14 37.01 -33.60
O1 WSR N . -1.24 31.24 -31.61
O2 WSR N . -6.48 38.89 -41.20
O3 WSR N . -6.79 38.15 -43.48
O4 WSR N . -6.73 40.50 -42.97
O5 WSR N . -4.70 39.19 -42.85
S1 WSR N . -6.15 39.21 -42.72
C4 WSR O . 7.12 25.58 4.57
C5 WSR O . 6.27 26.13 5.72
C6 WSR O . 5.39 25.02 6.30
C7 WSR O . 7.18 26.80 6.76
C8 WSR O . 8.13 27.85 6.11
C10 WSR O . 7.82 28.33 8.45
C13 WSR O . 8.57 30.89 11.27
C15 WSR O . 9.18 29.15 12.99
C17 WSR O . 7.51 27.52 13.84
C20 WSR O . 5.61 30.25 11.84
C21 WSR O . 7.04 28.40 10.83
C22 WSR O . 5.84 27.55 10.40
C24 WSR O . 6.57 27.55 7.98
C1 WSR O . 7.72 26.11 1.72
C11 WSR O . 7.57 29.25 9.65
C12 WSR O . 8.83 30.01 10.05
C14 WSR O . 8.07 30.05 12.44
C16 WSR O . 8.72 28.35 14.20
C18 WSR O . 6.39 28.40 13.31
C19 WSR O . 6.78 29.27 12.10
C2 WSR O . 7.12 24.85 2.19
C23 WSR O . 6.11 26.70 9.16
C25 WSR O . 5.46 28.49 7.50
C3 WSR O . 6.32 24.94 3.44
C9 WSR O . 8.38 28.94 7.17
O1 WSR O . 7.28 23.81 1.59
O2 WSR O . 9.80 27.46 14.66
O3 WSR O . 10.94 26.11 16.33
O4 WSR O . 9.31 27.75 17.02
O5 WSR O . 8.61 25.73 15.89
S1 WSR O . 9.65 26.72 16.06
C4 WSR P . -6.40 -9.13 -32.29
C5 WSR P . -6.88 -10.59 -32.22
C6 WSR P . -7.81 -10.79 -31.03
C7 WSR P . -7.49 -10.99 -33.58
C8 WSR P . -6.52 -10.70 -34.76
C10 WSR P . -8.04 -12.45 -35.37
C13 WSR P . -8.99 -15.00 -38.14
C15 WSR P . -11.40 -14.27 -38.13
C17 WSR P . -12.86 -14.65 -36.16
C20 WSR P . -9.58 -16.68 -35.66
C21 WSR P . -9.87 -14.15 -35.46
C22 WSR P . -9.88 -14.14 -33.93
C24 WSR P . -7.97 -12.46 -33.83
C1 WSR P . -3.47 -8.25 -32.40
C11 WSR P . -8.47 -13.77 -36.00
C12 WSR P . -8.48 -13.70 -37.53
C14 WSR P . -10.39 -15.31 -37.64
C16 WSR P . -12.81 -14.54 -37.66
C18 WSR P . -11.87 -15.72 -35.67
C19 WSR P . -10.41 -15.47 -36.09
C2 WSR P . -4.51 -7.71 -31.51
C23 WSR P . -9.38 -12.82 -33.33
C25 WSR P . -6.93 -13.45 -33.31
C3 WSR P . -5.59 -8.65 -31.09
C9 WSR P . -6.71 -11.83 -35.79
O1 WSR P . -4.50 -6.56 -31.13
O2 WSR P . -13.65 -13.39 -38.07
O3 WSR P . -15.74 -12.28 -38.59
O4 WSR P . -15.49 -14.64 -39.03
O5 WSR P . -15.66 -13.85 -36.77
S1 WSR P . -15.24 -13.56 -38.12
#